data_2DCP
#
_entry.id   2DCP
#
_cell.length_a   1.000
_cell.length_b   1.000
_cell.length_c   1.000
_cell.angle_alpha   90.00
_cell.angle_beta   90.00
_cell.angle_gamma   90.00
#
_symmetry.space_group_name_H-M   'P 1'
#
_entity_poly.entity_id   1
_entity_poly.type   'polypeptide(L)'
_entity_poly.pdbx_seq_one_letter_code
;GSSGSSGESYWRSRMIDAVTSDEDKVAPVYKLEEICDLLRSSHVSIVKEFSEFILKRLDNKSPIVKQKALRLIKYAVGKS
GSEFRREMQRNSVAVRNLFHYKGHPDPLKGDALNKAVRETAHETISAIFSEENGSGPSSG
;
_entity_poly.pdbx_strand_id   A
#
# COMPACT_ATOMS: atom_id res chain seq x y z
N GLY A 1 9.41 -14.84 -23.11
CA GLY A 1 10.74 -15.05 -23.72
C GLY A 1 11.21 -16.45 -23.42
N SER A 2 12.35 -16.63 -22.75
CA SER A 2 12.59 -17.83 -21.96
C SER A 2 11.71 -17.69 -20.74
N SER A 3 12.16 -16.91 -19.75
CA SER A 3 11.25 -16.44 -18.74
C SER A 3 10.18 -15.60 -19.42
N GLY A 4 8.98 -15.55 -18.88
CA GLY A 4 7.83 -14.97 -19.56
C GLY A 4 6.85 -14.46 -18.53
N SER A 5 5.57 -14.70 -18.79
CA SER A 5 4.54 -14.61 -17.79
C SER A 5 4.93 -15.49 -16.59
N SER A 6 5.48 -16.68 -16.88
CA SER A 6 6.18 -17.58 -15.97
C SER A 6 7.22 -16.82 -15.13
N GLY A 7 6.86 -16.42 -13.92
CA GLY A 7 7.67 -15.51 -13.12
C GLY A 7 7.04 -15.18 -11.76
N GLU A 8 6.11 -15.98 -11.25
CA GLU A 8 5.55 -15.76 -9.93
C GLU A 8 6.58 -16.10 -8.84
N SER A 9 6.38 -15.55 -7.64
CA SER A 9 7.07 -15.91 -6.42
C SER A 9 6.10 -15.67 -5.25
N TYR A 10 6.24 -16.46 -4.19
CA TYR A 10 5.57 -16.31 -2.90
C TYR A 10 6.31 -15.33 -1.98
N TRP A 11 7.63 -15.18 -2.18
CA TRP A 11 8.45 -14.39 -1.28
C TRP A 11 8.10 -12.90 -1.32
N ARG A 12 7.59 -12.38 -2.44
CA ARG A 12 7.29 -10.96 -2.54
C ARG A 12 6.23 -10.54 -1.52
N SER A 13 5.31 -11.43 -1.15
CA SER A 13 4.28 -11.18 -0.16
C SER A 13 4.94 -10.88 1.20
N ARG A 14 6.02 -11.60 1.53
CA ARG A 14 6.74 -11.48 2.80
C ARG A 14 7.27 -10.07 3.03
N MET A 15 7.58 -9.34 1.96
CA MET A 15 8.09 -7.98 2.09
C MET A 15 6.97 -7.05 2.55
N ILE A 16 5.77 -7.19 1.98
CA ILE A 16 4.63 -6.39 2.39
C ILE A 16 4.32 -6.70 3.86
N ASP A 17 4.27 -7.99 4.23
CA ASP A 17 4.00 -8.42 5.59
C ASP A 17 4.97 -7.78 6.58
N ALA A 18 6.26 -7.75 6.23
CA ALA A 18 7.33 -7.20 7.06
C ALA A 18 7.06 -5.76 7.49
N VAL A 19 6.46 -4.96 6.61
CA VAL A 19 6.19 -3.55 6.85
C VAL A 19 4.73 -3.28 7.24
N THR A 20 3.92 -4.32 7.46
CA THR A 20 2.50 -4.19 7.81
C THR A 20 2.15 -5.01 9.06
N SER A 21 3.18 -5.44 9.81
CA SER A 21 3.07 -6.36 10.91
C SER A 21 2.29 -5.73 12.09
N ASP A 22 1.72 -6.59 12.94
CA ASP A 22 0.67 -6.27 13.89
C ASP A 22 1.25 -5.76 15.22
N GLU A 23 1.82 -4.57 15.26
CA GLU A 23 2.25 -3.91 16.50
C GLU A 23 1.95 -2.43 16.44
N ASP A 24 1.84 -1.81 17.62
CA ASP A 24 1.74 -0.37 17.83
C ASP A 24 2.99 0.42 17.36
N LYS A 25 4.05 -0.26 16.93
CA LYS A 25 5.26 0.35 16.39
C LYS A 25 5.21 0.32 14.86
N VAL A 26 5.94 1.24 14.23
CA VAL A 26 5.90 1.48 12.79
C VAL A 26 7.22 1.01 12.15
N ALA A 27 7.17 0.69 10.86
CA ALA A 27 8.33 0.28 10.10
C ALA A 27 9.18 1.50 9.71
N PRO A 28 10.51 1.36 9.56
CA PRO A 28 11.35 2.40 9.01
C PRO A 28 11.11 2.52 7.50
N VAL A 29 11.51 3.67 6.93
CA VAL A 29 11.34 3.90 5.50
C VAL A 29 12.11 2.89 4.67
N TYR A 30 13.31 2.47 5.11
CA TYR A 30 14.14 1.64 4.23
C TYR A 30 13.49 0.29 3.93
N LYS A 31 12.66 -0.24 4.85
CA LYS A 31 11.95 -1.46 4.57
C LYS A 31 10.84 -1.22 3.55
N LEU A 32 10.24 -0.01 3.47
CA LEU A 32 9.19 0.31 2.52
C LEU A 32 9.79 0.37 1.12
N GLU A 33 10.91 1.09 0.96
CA GLU A 33 11.48 1.36 -0.37
C GLU A 33 11.99 0.11 -1.06
N GLU A 34 12.33 -0.94 -0.32
CA GLU A 34 12.68 -2.24 -0.89
C GLU A 34 11.57 -2.78 -1.80
N ILE A 35 10.30 -2.58 -1.44
CA ILE A 35 9.18 -3.02 -2.25
C ILE A 35 9.14 -2.19 -3.54
N CYS A 36 9.31 -0.88 -3.39
CA CYS A 36 9.34 0.06 -4.51
C CYS A 36 10.49 -0.28 -5.47
N ASP A 37 11.60 -0.76 -4.93
CA ASP A 37 12.79 -1.17 -5.66
C ASP A 37 12.49 -2.40 -6.52
N LEU A 38 11.87 -3.42 -5.93
CA LEU A 38 11.54 -4.64 -6.65
C LEU A 38 10.63 -4.32 -7.84
N LEU A 39 9.57 -3.55 -7.63
CA LEU A 39 8.58 -3.30 -8.68
C LEU A 39 9.16 -2.55 -9.88
N ARG A 40 10.18 -1.71 -9.69
CA ARG A 40 10.93 -1.10 -10.81
C ARG A 40 11.79 -2.16 -11.49
N SER A 41 12.41 -3.01 -10.69
CA SER A 41 13.26 -4.11 -11.13
C SER A 41 12.45 -5.26 -11.78
N SER A 42 11.12 -5.23 -11.73
CA SER A 42 10.23 -6.34 -12.07
C SER A 42 9.22 -5.95 -13.16
N HIS A 43 8.67 -6.96 -13.83
CA HIS A 43 7.68 -6.84 -14.90
C HIS A 43 6.25 -6.63 -14.38
N VAL A 44 5.29 -6.40 -15.28
CA VAL A 44 3.88 -6.22 -14.93
C VAL A 44 3.33 -7.44 -14.19
N SER A 45 3.71 -8.66 -14.59
CA SER A 45 3.26 -9.90 -13.96
C SER A 45 3.63 -9.96 -12.45
N ILE A 46 4.52 -9.06 -12.01
CA ILE A 46 5.02 -8.98 -10.66
C ILE A 46 4.32 -7.82 -9.92
N VAL A 47 4.06 -6.72 -10.62
CA VAL A 47 3.26 -5.62 -10.09
C VAL A 47 1.91 -6.19 -9.66
N LYS A 48 1.27 -7.02 -10.50
CA LYS A 48 -0.01 -7.65 -10.23
C LYS A 48 0.02 -8.30 -8.85
N GLU A 49 0.99 -9.20 -8.69
CA GLU A 49 1.23 -10.02 -7.51
C GLU A 49 1.30 -9.14 -6.28
N PHE A 50 2.25 -8.20 -6.33
CA PHE A 50 2.56 -7.26 -5.27
C PHE A 50 1.37 -6.41 -4.87
N SER A 51 0.70 -5.81 -5.86
CA SER A 51 -0.34 -4.84 -5.62
C SER A 51 -1.39 -5.50 -4.75
N GLU A 52 -1.89 -6.68 -5.13
CA GLU A 52 -2.81 -7.43 -4.29
C GLU A 52 -2.32 -7.60 -2.85
N PHE A 53 -1.07 -7.99 -2.59
CA PHE A 53 -0.59 -8.13 -1.20
C PHE A 53 -0.68 -6.84 -0.39
N ILE A 54 -0.53 -5.71 -1.07
CA ILE A 54 -0.61 -4.38 -0.50
C ILE A 54 -2.07 -4.02 -0.24
N LEU A 55 -2.93 -4.28 -1.22
CA LEU A 55 -4.33 -3.87 -1.25
C LEU A 55 -5.11 -4.70 -0.23
N LYS A 56 -4.93 -6.03 -0.26
CA LYS A 56 -5.59 -6.99 0.63
C LYS A 56 -5.22 -6.72 2.10
N ARG A 57 -4.24 -5.86 2.38
CA ARG A 57 -3.89 -5.38 3.71
C ARG A 57 -4.94 -4.43 4.25
N LEU A 58 -5.61 -3.66 3.40
CA LEU A 58 -6.73 -2.81 3.80
C LEU A 58 -7.95 -3.67 4.12
N ASP A 59 -8.05 -4.82 3.49
CA ASP A 59 -9.06 -5.84 3.74
C ASP A 59 -8.73 -6.70 4.97
N ASN A 60 -7.64 -6.42 5.69
CA ASN A 60 -7.20 -7.22 6.84
C ASN A 60 -7.80 -6.65 8.14
N LYS A 61 -8.07 -7.48 9.14
CA LYS A 61 -8.90 -7.08 10.30
C LYS A 61 -8.05 -6.61 11.48
N SER A 62 -7.50 -5.40 11.38
CA SER A 62 -6.76 -4.71 12.42
C SER A 62 -6.73 -3.23 12.04
N PRO A 63 -6.64 -2.30 12.99
CA PRO A 63 -6.29 -0.92 12.71
C PRO A 63 -4.87 -0.81 12.09
N ILE A 64 -3.89 -1.49 12.67
CA ILE A 64 -2.45 -1.28 12.46
C ILE A 64 -2.08 -1.62 11.03
N VAL A 65 -2.39 -2.85 10.67
CA VAL A 65 -2.12 -3.45 9.38
C VAL A 65 -2.60 -2.52 8.27
N LYS A 66 -3.70 -1.81 8.52
CA LYS A 66 -4.26 -0.95 7.49
C LYS A 66 -3.37 0.29 7.40
N GLN A 67 -3.22 1.03 8.51
CA GLN A 67 -2.46 2.28 8.52
C GLN A 67 -1.06 2.08 7.93
N LYS A 68 -0.42 0.95 8.24
CA LYS A 68 0.90 0.64 7.71
C LYS A 68 0.91 0.59 6.18
N ALA A 69 -0.06 -0.09 5.56
CA ALA A 69 -0.22 -0.06 4.11
C ALA A 69 -0.42 1.38 3.64
N LEU A 70 -1.17 2.23 4.36
CA LEU A 70 -1.46 3.60 3.93
C LEU A 70 -0.24 4.52 4.07
N ARG A 71 0.82 4.10 4.76
CA ARG A 71 2.12 4.77 4.69
C ARG A 71 2.93 4.22 3.53
N LEU A 72 2.89 2.91 3.30
CA LEU A 72 3.60 2.23 2.21
C LEU A 72 3.12 2.70 0.85
N ILE A 73 1.80 2.67 0.60
CA ILE A 73 1.21 2.73 -0.74
C ILE A 73 1.69 3.99 -1.43
N LYS A 74 1.23 5.15 -0.96
CA LYS A 74 1.57 6.47 -1.48
C LYS A 74 3.05 6.61 -1.81
N TYR A 75 3.92 6.18 -0.88
CA TYR A 75 5.36 6.24 -1.06
C TYR A 75 5.77 5.48 -2.32
N ALA A 76 5.28 4.26 -2.52
CA ALA A 76 5.58 3.47 -3.70
C ALA A 76 4.85 3.99 -4.95
N VAL A 77 3.62 4.50 -4.84
CA VAL A 77 2.82 5.00 -5.96
C VAL A 77 3.59 6.11 -6.69
N GLY A 78 4.25 6.98 -5.93
CA GLY A 78 5.05 8.05 -6.49
C GLY A 78 6.48 7.62 -6.80
N LYS A 79 6.80 6.33 -6.99
CA LYS A 79 8.15 5.85 -7.30
C LYS A 79 8.21 4.71 -8.32
N SER A 80 7.36 3.71 -8.15
CA SER A 80 7.35 2.43 -8.84
C SER A 80 7.22 2.61 -10.36
N GLY A 81 6.01 2.86 -10.88
CA GLY A 81 5.82 2.95 -12.32
C GLY A 81 4.36 3.06 -12.71
N SER A 82 4.15 3.15 -14.03
CA SER A 82 2.85 3.26 -14.67
C SER A 82 1.96 2.10 -14.25
N GLU A 83 2.44 0.86 -14.38
CA GLU A 83 1.67 -0.34 -14.04
C GLU A 83 1.14 -0.21 -12.61
N PHE A 84 2.06 -0.07 -11.64
CA PHE A 84 1.72 -0.08 -10.22
C PHE A 84 0.70 1.00 -9.86
N ARG A 85 0.85 2.23 -10.39
CA ARG A 85 -0.07 3.29 -10.00
C ARG A 85 -1.49 2.91 -10.42
N ARG A 86 -1.68 2.38 -11.62
CA ARG A 86 -3.01 2.04 -12.13
C ARG A 86 -3.54 0.80 -11.43
N GLU A 87 -2.69 -0.14 -11.02
CA GLU A 87 -3.10 -1.28 -10.19
C GLU A 87 -3.64 -0.85 -8.83
N MET A 88 -3.12 0.24 -8.25
CA MET A 88 -3.70 0.85 -7.07
C MET A 88 -5.05 1.49 -7.41
N GLN A 89 -5.18 2.18 -8.55
CA GLN A 89 -6.45 2.78 -9.00
C GLN A 89 -7.53 1.70 -9.21
N ARG A 90 -7.17 0.51 -9.68
CA ARG A 90 -8.10 -0.61 -9.83
C ARG A 90 -8.75 -1.00 -8.50
N ASN A 91 -8.12 -0.73 -7.36
CA ASN A 91 -8.44 -1.38 -6.09
C ASN A 91 -8.45 -0.37 -4.93
N SER A 92 -8.78 0.88 -5.25
CA SER A 92 -8.59 2.03 -4.37
C SER A 92 -9.73 2.16 -3.36
N VAL A 93 -10.84 1.49 -3.67
CA VAL A 93 -12.05 1.49 -2.88
C VAL A 93 -11.78 1.03 -1.45
N ALA A 94 -10.87 0.08 -1.25
CA ALA A 94 -10.64 -0.48 0.06
C ALA A 94 -10.05 0.59 0.98
N VAL A 95 -9.10 1.35 0.44
CA VAL A 95 -8.46 2.49 1.08
C VAL A 95 -9.53 3.54 1.37
N ARG A 96 -10.32 3.90 0.36
CA ARG A 96 -11.42 4.87 0.50
C ARG A 96 -12.38 4.44 1.61
N ASN A 97 -12.66 3.15 1.73
CA ASN A 97 -13.56 2.56 2.73
C ASN A 97 -13.07 2.80 4.17
N LEU A 98 -11.86 3.31 4.35
CA LEU A 98 -11.28 3.61 5.65
C LEU A 98 -11.31 5.10 5.97
N PHE A 99 -11.76 5.98 5.08
CA PHE A 99 -11.83 7.43 5.32
C PHE A 99 -12.55 7.74 6.64
N HIS A 100 -13.49 6.88 7.03
CA HIS A 100 -14.27 7.04 8.24
C HIS A 100 -14.26 5.74 9.06
N TYR A 101 -13.14 5.02 9.05
CA TYR A 101 -12.92 3.86 9.89
C TYR A 101 -13.00 4.28 11.36
N LYS A 102 -13.55 3.40 12.19
CA LYS A 102 -13.60 3.56 13.64
C LYS A 102 -13.27 2.25 14.33
N GLY A 103 -13.99 1.16 14.07
CA GLY A 103 -13.84 -0.04 14.88
C GLY A 103 -13.97 0.35 16.36
N HIS A 104 -13.03 -0.09 17.20
CA HIS A 104 -13.13 -0.05 18.65
C HIS A 104 -11.89 0.60 19.28
N PRO A 105 -11.99 1.19 20.49
CA PRO A 105 -10.89 1.89 21.12
C PRO A 105 -9.95 0.94 21.89
N ASP A 106 -8.75 1.44 22.18
CA ASP A 106 -7.70 0.81 22.98
C ASP A 106 -7.79 1.28 24.44
N PRO A 107 -7.39 0.48 25.45
CA PRO A 107 -7.37 0.90 26.84
C PRO A 107 -6.46 2.09 27.12
N LEU A 108 -5.40 2.29 26.33
CA LEU A 108 -4.46 3.37 26.59
C LEU A 108 -4.46 4.26 25.38
N LYS A 109 -4.27 3.71 24.18
CA LYS A 109 -4.20 4.54 22.97
C LYS A 109 -5.54 5.14 22.57
N GLY A 110 -6.65 4.71 23.20
CA GLY A 110 -7.97 5.18 22.87
C GLY A 110 -8.24 4.93 21.41
N ASP A 111 -8.76 5.94 20.73
CA ASP A 111 -9.08 5.95 19.32
C ASP A 111 -7.86 6.06 18.41
N ALA A 112 -6.66 6.35 18.93
CA ALA A 112 -5.55 6.76 18.09
C ALA A 112 -5.19 5.74 17.02
N LEU A 113 -5.24 4.44 17.33
CA LEU A 113 -4.92 3.38 16.38
C LEU A 113 -5.87 3.41 15.19
N ASN A 114 -7.18 3.51 15.44
CA ASN A 114 -8.16 3.51 14.36
C ASN A 114 -8.18 4.85 13.63
N LYS A 115 -8.02 5.94 14.35
CA LYS A 115 -7.95 7.27 13.78
C LYS A 115 -6.75 7.38 12.84
N ALA A 116 -5.61 6.81 13.21
CA ALA A 116 -4.43 6.79 12.36
C ALA A 116 -4.75 6.16 11.00
N VAL A 117 -5.61 5.14 10.94
CA VAL A 117 -6.11 4.63 9.67
C VAL A 117 -6.91 5.73 8.95
N ARG A 118 -7.88 6.32 9.67
CA ARG A 118 -8.97 7.06 9.08
C ARG A 118 -8.50 8.31 8.35
N GLU A 119 -7.41 8.92 8.80
CA GLU A 119 -6.83 10.09 8.16
C GLU A 119 -5.92 9.65 7.02
N THR A 120 -4.98 8.72 7.27
CA THR A 120 -3.91 8.36 6.33
C THR A 120 -4.47 7.87 4.99
N ALA A 121 -5.70 7.33 4.98
CA ALA A 121 -6.32 6.89 3.74
C ALA A 121 -6.52 8.05 2.75
N HIS A 122 -6.78 9.27 3.23
CA HIS A 122 -6.95 10.45 2.40
C HIS A 122 -5.65 10.73 1.63
N GLU A 123 -4.52 10.80 2.33
CA GLU A 123 -3.19 10.97 1.74
C GLU A 123 -2.91 9.88 0.72
N THR A 124 -3.36 8.65 1.00
CA THR A 124 -3.17 7.54 0.11
C THR A 124 -3.90 7.83 -1.20
N ILE A 125 -5.19 8.18 -1.19
CA ILE A 125 -5.92 8.52 -2.41
C ILE A 125 -5.28 9.72 -3.13
N SER A 126 -4.74 10.69 -2.39
CA SER A 126 -3.99 11.81 -2.94
C SER A 126 -2.79 11.36 -3.80
N ALA A 127 -2.28 10.15 -3.57
CA ALA A 127 -1.24 9.52 -4.35
C ALA A 127 -1.80 8.55 -5.40
N ILE A 128 -2.80 7.71 -5.08
CA ILE A 128 -3.37 6.75 -6.03
C ILE A 128 -3.85 7.50 -7.29
N PHE A 129 -4.50 8.65 -7.10
CA PHE A 129 -5.01 9.52 -8.16
C PHE A 129 -4.27 10.86 -8.12
N SER A 130 -2.97 10.79 -7.82
CA SER A 130 -2.01 11.85 -8.08
C SER A 130 -2.08 12.23 -9.56
N GLU A 131 -1.71 13.47 -9.88
CA GLU A 131 -1.55 13.94 -11.24
C GLU A 131 -0.11 14.41 -11.41
N GLU A 132 0.48 14.08 -12.56
CA GLU A 132 1.79 14.53 -13.00
C GLU A 132 1.81 16.05 -12.91
N ASN A 133 2.64 16.61 -12.01
CA ASN A 133 2.74 18.04 -11.75
C ASN A 133 1.35 18.69 -11.58
N GLY A 134 0.42 18.02 -10.92
CA GLY A 134 -1.00 18.40 -10.87
C GLY A 134 -1.34 19.53 -9.89
N SER A 135 -0.37 20.02 -9.11
CA SER A 135 -0.53 21.20 -8.28
C SER A 135 0.50 22.24 -8.72
N GLY A 136 0.40 23.46 -8.18
CA GLY A 136 1.01 24.65 -8.78
C GLY A 136 -0.11 25.64 -9.07
N PRO A 137 -0.96 25.41 -10.08
CA PRO A 137 -2.07 26.31 -10.38
C PRO A 137 -3.26 26.12 -9.43
N SER A 138 -3.28 25.03 -8.64
CA SER A 138 -4.26 24.83 -7.57
C SER A 138 -4.14 25.98 -6.56
N SER A 139 -5.28 26.44 -6.05
CA SER A 139 -5.36 27.52 -5.08
C SER A 139 -6.22 27.05 -3.91
N GLY A 140 -5.68 27.11 -2.69
CA GLY A 140 -6.36 26.66 -1.49
C GLY A 140 -6.18 25.17 -1.38
N GLY A 1 6.41 -34.34 -16.14
CA GLY A 1 7.31 -33.39 -15.49
C GLY A 1 7.62 -32.20 -16.39
N SER A 2 7.97 -31.07 -15.78
CA SER A 2 8.30 -29.83 -16.46
C SER A 2 9.26 -29.02 -15.59
N SER A 3 9.78 -27.93 -16.11
CA SER A 3 10.45 -26.87 -15.38
C SER A 3 9.95 -25.54 -15.95
N GLY A 4 10.12 -24.45 -15.22
CA GLY A 4 9.61 -23.16 -15.62
C GLY A 4 9.66 -22.19 -14.46
N SER A 5 8.97 -21.07 -14.61
CA SER A 5 8.72 -20.07 -13.58
C SER A 5 7.31 -19.54 -13.84
N SER A 6 6.88 -18.52 -13.11
CA SER A 6 5.79 -17.63 -13.47
C SER A 6 6.14 -16.27 -12.89
N GLY A 7 5.21 -15.32 -12.86
CA GLY A 7 5.43 -14.08 -12.14
C GLY A 7 5.31 -14.27 -10.63
N GLU A 8 4.69 -15.36 -10.19
CA GLU A 8 4.31 -15.53 -8.80
C GLU A 8 5.51 -15.96 -7.97
N SER A 9 5.55 -15.48 -6.73
CA SER A 9 6.44 -15.93 -5.67
C SER A 9 5.76 -15.54 -4.36
N TYR A 10 5.43 -16.52 -3.52
CA TYR A 10 5.02 -16.29 -2.14
C TYR A 10 5.93 -15.28 -1.43
N TRP A 11 7.26 -15.38 -1.63
CA TRP A 11 8.21 -14.49 -0.98
C TRP A 11 8.00 -13.00 -1.33
N ARG A 12 7.38 -12.70 -2.48
CA ARG A 12 7.04 -11.33 -2.87
C ARG A 12 6.03 -10.72 -1.90
N SER A 13 5.18 -11.54 -1.27
CA SER A 13 4.21 -11.10 -0.28
C SER A 13 4.93 -10.84 1.05
N ARG A 14 5.97 -11.62 1.34
CA ARG A 14 6.74 -11.54 2.59
C ARG A 14 7.38 -10.18 2.77
N MET A 15 7.75 -9.49 1.67
CA MET A 15 8.30 -8.15 1.76
C MET A 15 7.25 -7.17 2.26
N ILE A 16 6.01 -7.33 1.82
CA ILE A 16 4.88 -6.53 2.29
C ILE A 16 4.64 -6.90 3.76
N ASP A 17 4.52 -8.19 4.07
CA ASP A 17 4.26 -8.68 5.42
C ASP A 17 5.33 -8.26 6.43
N ALA A 18 6.57 -8.04 5.97
CA ALA A 18 7.68 -7.55 6.78
C ALA A 18 7.44 -6.12 7.26
N VAL A 19 6.75 -5.27 6.50
CA VAL A 19 6.44 -3.90 6.88
C VAL A 19 5.04 -3.74 7.42
N THR A 20 4.14 -4.71 7.24
CA THR A 20 2.75 -4.58 7.67
C THR A 20 2.44 -5.29 8.99
N SER A 21 3.39 -5.95 9.65
CA SER A 21 3.08 -6.84 10.77
C SER A 21 2.34 -6.14 11.91
N ASP A 22 1.50 -6.86 12.64
CA ASP A 22 0.86 -6.37 13.85
C ASP A 22 1.89 -6.08 14.93
N GLU A 23 2.11 -4.80 15.22
CA GLU A 23 2.97 -4.26 16.25
C GLU A 23 2.36 -2.95 16.73
N ASP A 24 2.92 -2.34 17.78
CA ASP A 24 2.47 -1.02 18.23
C ASP A 24 2.98 0.13 17.34
N LYS A 25 4.10 -0.08 16.61
CA LYS A 25 4.90 0.98 16.02
C LYS A 25 5.07 0.77 14.52
N VAL A 26 5.31 1.87 13.79
CA VAL A 26 5.52 1.88 12.35
C VAL A 26 6.85 1.20 11.99
N ALA A 27 6.98 0.79 10.73
CA ALA A 27 8.23 0.29 10.15
C ALA A 27 9.06 1.47 9.58
N PRO A 28 10.39 1.31 9.44
CA PRO A 28 11.26 2.36 8.92
C PRO A 28 11.07 2.52 7.42
N VAL A 29 11.53 3.66 6.89
CA VAL A 29 11.38 3.94 5.47
C VAL A 29 12.18 2.94 4.63
N TYR A 30 13.35 2.49 5.09
CA TYR A 30 14.20 1.62 4.27
C TYR A 30 13.58 0.25 4.01
N LYS A 31 12.64 -0.20 4.84
CA LYS A 31 11.93 -1.44 4.55
C LYS A 31 10.78 -1.22 3.58
N LEU A 32 10.29 0.01 3.41
CA LEU A 32 9.17 0.34 2.52
C LEU A 32 9.70 0.58 1.11
N GLU A 33 10.83 1.29 0.97
CA GLU A 33 11.37 1.66 -0.33
C GLU A 33 11.77 0.43 -1.15
N GLU A 34 12.23 -0.63 -0.48
CA GLU A 34 12.68 -1.87 -1.11
C GLU A 34 11.58 -2.54 -1.94
N ILE A 35 10.32 -2.36 -1.57
CA ILE A 35 9.20 -2.88 -2.35
C ILE A 35 9.10 -2.06 -3.64
N CYS A 36 9.28 -0.74 -3.55
CA CYS A 36 9.32 0.12 -4.72
C CYS A 36 10.49 -0.27 -5.61
N ASP A 37 11.64 -0.62 -5.03
CA ASP A 37 12.83 -1.06 -5.75
C ASP A 37 12.50 -2.27 -6.61
N LEU A 38 11.91 -3.29 -5.98
CA LEU A 38 11.53 -4.49 -6.70
C LEU A 38 10.56 -4.19 -7.83
N LEU A 39 9.49 -3.44 -7.57
CA LEU A 39 8.51 -3.10 -8.58
C LEU A 39 9.17 -2.36 -9.75
N ARG A 40 10.06 -1.38 -9.51
CA ARG A 40 10.76 -0.68 -10.60
C ARG A 40 11.59 -1.67 -11.43
N SER A 41 12.14 -2.70 -10.80
CA SER A 41 12.95 -3.72 -11.45
C SER A 41 12.12 -4.72 -12.26
N SER A 42 10.79 -4.71 -12.21
CA SER A 42 10.01 -5.92 -12.48
C SER A 42 8.85 -5.71 -13.46
N HIS A 43 8.46 -6.80 -14.12
CA HIS A 43 7.42 -6.88 -15.14
C HIS A 43 6.04 -6.69 -14.51
N VAL A 44 5.03 -6.32 -15.30
CA VAL A 44 3.67 -6.05 -14.83
C VAL A 44 3.03 -7.26 -14.12
N SER A 45 3.34 -8.50 -14.52
CA SER A 45 2.89 -9.69 -13.81
C SER A 45 3.39 -9.65 -12.35
N ILE A 46 4.60 -9.16 -12.11
CA ILE A 46 5.19 -9.05 -10.78
C ILE A 46 4.60 -7.84 -10.05
N VAL A 47 4.21 -6.77 -10.75
CA VAL A 47 3.50 -5.65 -10.13
C VAL A 47 2.20 -6.21 -9.54
N LYS A 48 1.50 -7.09 -10.26
CA LYS A 48 0.23 -7.64 -9.83
C LYS A 48 0.35 -8.54 -8.60
N GLU A 49 1.44 -9.30 -8.46
CA GLU A 49 1.74 -9.96 -7.19
C GLU A 49 1.75 -8.91 -6.08
N PHE A 50 2.60 -7.91 -6.23
CA PHE A 50 2.81 -6.92 -5.21
C PHE A 50 1.57 -6.13 -4.88
N SER A 51 0.80 -5.70 -5.88
CA SER A 51 -0.38 -4.88 -5.68
C SER A 51 -1.32 -5.65 -4.78
N GLU A 52 -1.67 -6.89 -5.12
CA GLU A 52 -2.55 -7.70 -4.29
C GLU A 52 -2.00 -7.77 -2.86
N PHE A 53 -0.73 -8.11 -2.65
CA PHE A 53 -0.21 -8.27 -1.29
C PHE A 53 -0.28 -6.97 -0.48
N ILE A 54 -0.30 -5.81 -1.13
CA ILE A 54 -0.54 -4.51 -0.52
C ILE A 54 -2.04 -4.31 -0.27
N LEU A 55 -2.87 -4.45 -1.30
CA LEU A 55 -4.28 -4.04 -1.27
C LEU A 55 -5.03 -4.89 -0.26
N LYS A 56 -4.75 -6.19 -0.24
CA LYS A 56 -5.33 -7.17 0.68
C LYS A 56 -5.06 -6.80 2.14
N ARG A 57 -4.11 -5.91 2.44
CA ARG A 57 -3.85 -5.49 3.81
C ARG A 57 -4.94 -4.59 4.35
N LEU A 58 -5.59 -3.80 3.50
CA LEU A 58 -6.66 -2.92 3.93
C LEU A 58 -7.93 -3.74 4.17
N ASP A 59 -8.03 -4.90 3.51
CA ASP A 59 -9.03 -5.95 3.67
C ASP A 59 -8.87 -6.72 4.99
N ASN A 60 -7.96 -6.31 5.87
CA ASN A 60 -7.64 -6.98 7.13
C ASN A 60 -8.51 -6.43 8.29
N LYS A 61 -8.22 -6.82 9.53
CA LYS A 61 -9.08 -6.69 10.71
C LYS A 61 -8.42 -5.93 11.87
N SER A 62 -7.20 -5.42 11.70
CA SER A 62 -6.45 -4.71 12.74
C SER A 62 -6.08 -3.31 12.22
N PRO A 63 -6.03 -2.29 13.09
CA PRO A 63 -5.76 -0.92 12.70
C PRO A 63 -4.32 -0.77 12.18
N ILE A 64 -3.34 -1.35 12.87
CA ILE A 64 -1.92 -1.11 12.58
C ILE A 64 -1.57 -1.74 11.24
N VAL A 65 -1.97 -2.99 11.03
CA VAL A 65 -1.78 -3.67 9.75
C VAL A 65 -2.32 -2.81 8.60
N LYS A 66 -3.41 -2.06 8.84
CA LYS A 66 -3.99 -1.23 7.77
C LYS A 66 -3.08 -0.02 7.57
N GLN A 67 -2.81 0.75 8.64
CA GLN A 67 -2.07 2.01 8.56
C GLN A 67 -0.66 1.77 7.99
N LYS A 68 0.00 0.67 8.35
CA LYS A 68 1.30 0.28 7.81
C LYS A 68 1.25 0.16 6.27
N ALA A 69 0.23 -0.48 5.68
CA ALA A 69 0.09 -0.51 4.23
C ALA A 69 -0.16 0.88 3.68
N LEU A 70 -1.02 1.69 4.31
CA LEU A 70 -1.33 3.03 3.82
C LEU A 70 -0.05 3.86 3.62
N ARG A 71 0.84 3.93 4.62
CA ARG A 71 2.11 4.63 4.46
C ARG A 71 3.04 4.03 3.41
N LEU A 72 2.97 2.72 3.15
CA LEU A 72 3.73 2.09 2.07
C LEU A 72 3.26 2.61 0.72
N ILE A 73 1.94 2.75 0.53
CA ILE A 73 1.35 2.80 -0.79
C ILE A 73 1.83 4.09 -1.43
N LYS A 74 1.40 5.22 -0.88
CA LYS A 74 1.66 6.54 -1.41
C LYS A 74 3.12 6.79 -1.76
N TYR A 75 4.03 6.25 -0.96
CA TYR A 75 5.45 6.41 -1.15
C TYR A 75 5.87 5.69 -2.44
N ALA A 76 5.51 4.41 -2.60
CA ALA A 76 5.83 3.64 -3.80
C ALA A 76 5.05 4.12 -5.04
N VAL A 77 3.80 4.56 -4.90
CA VAL A 77 2.95 5.00 -6.02
C VAL A 77 3.68 6.02 -6.90
N GLY A 78 4.32 7.01 -6.28
CA GLY A 78 4.95 8.12 -6.98
C GLY A 78 6.31 7.78 -7.60
N LYS A 79 6.67 6.49 -7.69
CA LYS A 79 8.00 6.00 -8.05
C LYS A 79 7.94 4.75 -8.92
N SER A 80 7.07 3.80 -8.57
CA SER A 80 7.06 2.44 -9.07
C SER A 80 6.87 2.35 -10.59
N GLY A 81 6.05 3.21 -11.21
CA GLY A 81 5.77 3.21 -12.63
C GLY A 81 4.26 3.21 -12.91
N SER A 82 3.88 3.45 -14.17
CA SER A 82 2.47 3.48 -14.55
C SER A 82 1.79 2.14 -14.28
N GLU A 83 2.48 1.03 -14.54
CA GLU A 83 1.98 -0.33 -14.37
C GLU A 83 1.40 -0.52 -12.97
N PHE A 84 2.12 -0.07 -11.94
CA PHE A 84 1.68 -0.13 -10.56
C PHE A 84 0.65 0.95 -10.24
N ARG A 85 0.77 2.14 -10.83
CA ARG A 85 -0.13 3.23 -10.46
C ARG A 85 -1.55 2.78 -10.80
N ARG A 86 -1.77 2.17 -11.97
CA ARG A 86 -3.10 1.75 -12.38
C ARG A 86 -3.67 0.65 -11.49
N GLU A 87 -2.89 -0.35 -11.07
CA GLU A 87 -3.44 -1.40 -10.21
C GLU A 87 -3.91 -0.80 -8.88
N MET A 88 -3.16 0.15 -8.32
CA MET A 88 -3.55 0.90 -7.13
C MET A 88 -4.83 1.72 -7.39
N GLN A 89 -4.98 2.38 -8.55
CA GLN A 89 -6.22 3.08 -8.94
C GLN A 89 -7.40 2.11 -8.96
N ARG A 90 -7.30 1.01 -9.72
CA ARG A 90 -8.37 0.04 -9.89
C ARG A 90 -8.91 -0.44 -8.55
N ASN A 91 -8.03 -0.70 -7.57
CA ASN A 91 -8.38 -1.32 -6.30
C ASN A 91 -8.34 -0.31 -5.15
N SER A 92 -8.38 0.99 -5.45
CA SER A 92 -8.31 2.09 -4.48
C SER A 92 -9.39 2.04 -3.41
N VAL A 93 -10.51 1.36 -3.66
CA VAL A 93 -11.64 1.26 -2.76
C VAL A 93 -11.24 0.76 -1.38
N ALA A 94 -10.26 -0.14 -1.30
CA ALA A 94 -9.89 -0.76 -0.04
C ALA A 94 -9.44 0.29 0.97
N VAL A 95 -8.74 1.32 0.47
CA VAL A 95 -8.30 2.49 1.20
C VAL A 95 -9.50 3.40 1.45
N ARG A 96 -10.24 3.75 0.40
CA ARG A 96 -11.34 4.70 0.44
C ARG A 96 -12.40 4.31 1.47
N ASN A 97 -12.70 3.02 1.59
CA ASN A 97 -13.63 2.47 2.56
C ASN A 97 -13.23 2.80 4.01
N LEU A 98 -11.93 2.96 4.28
CA LEU A 98 -11.39 3.24 5.60
C LEU A 98 -11.37 4.72 5.96
N PHE A 99 -11.77 5.64 5.07
CA PHE A 99 -11.87 7.07 5.38
C PHE A 99 -12.67 7.32 6.66
N HIS A 100 -13.60 6.41 6.96
CA HIS A 100 -14.52 6.51 8.08
C HIS A 100 -14.42 5.29 9.00
N TYR A 101 -13.29 4.57 8.95
CA TYR A 101 -13.02 3.48 9.87
C TYR A 101 -12.86 4.04 11.28
N LYS A 102 -13.40 3.34 12.27
CA LYS A 102 -13.40 3.75 13.67
C LYS A 102 -13.17 2.56 14.58
N GLY A 103 -13.83 1.45 14.30
CA GLY A 103 -13.66 0.25 15.10
C GLY A 103 -14.23 0.53 16.50
N HIS A 104 -13.39 0.40 17.52
CA HIS A 104 -13.76 0.45 18.94
C HIS A 104 -12.70 1.26 19.70
N PRO A 105 -12.99 1.73 20.92
CA PRO A 105 -11.99 2.35 21.79
C PRO A 105 -10.92 1.35 22.21
N ASP A 106 -10.02 1.77 23.10
CA ASP A 106 -8.84 0.99 23.48
C ASP A 106 -8.61 1.12 24.99
N PRO A 107 -7.97 0.15 25.68
CA PRO A 107 -7.53 0.33 27.05
C PRO A 107 -6.65 1.56 27.30
N LEU A 108 -5.91 2.07 26.30
CA LEU A 108 -5.04 3.23 26.45
C LEU A 108 -5.08 4.17 25.24
N LYS A 109 -5.14 3.63 24.01
CA LYS A 109 -4.92 4.42 22.80
C LYS A 109 -6.08 5.36 22.48
N GLY A 110 -7.21 5.29 23.20
CA GLY A 110 -8.33 6.21 23.11
C GLY A 110 -8.69 6.58 21.67
N ASP A 111 -8.94 5.58 20.82
CA ASP A 111 -9.47 5.74 19.47
C ASP A 111 -8.45 6.39 18.51
N ALA A 112 -7.16 6.47 18.90
CA ALA A 112 -6.07 6.98 18.07
C ALA A 112 -5.76 6.04 16.91
N LEU A 113 -5.62 4.74 17.18
CA LEU A 113 -5.08 3.77 16.22
C LEU A 113 -5.92 3.74 14.94
N ASN A 114 -7.24 3.70 15.09
CA ASN A 114 -8.18 3.80 13.99
C ASN A 114 -8.17 5.18 13.34
N LYS A 115 -7.98 6.27 14.09
CA LYS A 115 -7.86 7.59 13.48
C LYS A 115 -6.65 7.60 12.56
N ALA A 116 -5.52 7.03 13.00
CA ALA A 116 -4.31 6.93 12.20
C ALA A 116 -4.62 6.24 10.86
N VAL A 117 -5.37 5.14 10.87
CA VAL A 117 -5.87 4.52 9.64
C VAL A 117 -6.69 5.55 8.83
N ARG A 118 -7.75 6.11 9.44
CA ARG A 118 -8.78 6.84 8.73
C ARG A 118 -8.18 7.99 7.94
N GLU A 119 -7.29 8.76 8.57
CA GLU A 119 -6.71 9.93 7.95
C GLU A 119 -5.64 9.51 6.94
N THR A 120 -4.80 8.52 7.27
CA THR A 120 -3.79 8.09 6.32
C THR A 120 -4.44 7.56 5.04
N ALA A 121 -5.67 7.05 5.10
CA ALA A 121 -6.37 6.65 3.89
C ALA A 121 -6.62 7.86 2.98
N HIS A 122 -6.95 9.03 3.53
CA HIS A 122 -7.11 10.26 2.76
C HIS A 122 -5.78 10.62 2.10
N GLU A 123 -4.68 10.64 2.88
CA GLU A 123 -3.32 10.88 2.38
C GLU A 123 -3.01 9.95 1.20
N THR A 124 -3.40 8.68 1.34
CA THR A 124 -3.12 7.66 0.36
C THR A 124 -3.84 7.97 -0.96
N ILE A 125 -5.13 8.33 -0.96
CA ILE A 125 -5.84 8.63 -2.22
C ILE A 125 -5.22 9.84 -2.93
N SER A 126 -4.74 10.85 -2.19
CA SER A 126 -4.00 11.97 -2.76
C SER A 126 -2.70 11.55 -3.48
N ALA A 127 -2.28 10.29 -3.36
CA ALA A 127 -1.17 9.69 -4.08
C ALA A 127 -1.69 8.69 -5.12
N ILE A 128 -2.70 7.86 -4.84
CA ILE A 128 -3.22 6.90 -5.82
C ILE A 128 -3.63 7.63 -7.10
N PHE A 129 -4.15 8.84 -6.99
CA PHE A 129 -4.56 9.67 -8.13
C PHE A 129 -3.76 10.98 -8.14
N SER A 130 -2.51 10.97 -7.65
CA SER A 130 -1.58 12.05 -7.92
C SER A 130 -1.44 12.17 -9.44
N GLU A 131 -1.60 13.38 -9.95
CA GLU A 131 -1.46 13.72 -11.34
C GLU A 131 0.01 13.58 -11.77
N GLU A 132 0.33 13.93 -13.01
CA GLU A 132 1.64 13.81 -13.61
C GLU A 132 2.03 15.15 -14.21
N ASN A 133 3.32 15.36 -14.50
CA ASN A 133 3.77 16.59 -15.12
C ASN A 133 3.52 16.47 -16.63
N GLY A 134 2.26 16.51 -17.01
CA GLY A 134 1.75 16.35 -18.37
C GLY A 134 0.92 17.59 -18.69
N SER A 135 1.37 18.33 -19.71
CA SER A 135 0.82 19.58 -20.17
C SER A 135 -0.56 19.39 -20.82
N GLY A 136 -1.61 19.38 -20.01
CA GLY A 136 -2.97 19.10 -20.44
C GLY A 136 -3.80 18.71 -19.22
N PRO A 137 -3.65 17.48 -18.69
CA PRO A 137 -4.38 17.06 -17.51
C PRO A 137 -3.94 17.84 -16.25
N SER A 138 -2.66 18.18 -16.09
CA SER A 138 -2.20 19.00 -14.98
C SER A 138 -2.47 20.50 -15.26
N SER A 139 -1.99 21.37 -14.38
CA SER A 139 -2.08 22.82 -14.47
C SER A 139 -0.86 23.45 -13.78
N GLY A 140 -0.73 24.77 -13.87
CA GLY A 140 0.36 25.55 -13.31
C GLY A 140 -0.13 26.96 -13.04
N GLY A 1 7.53 -30.42 -11.52
CA GLY A 1 8.89 -30.06 -11.96
C GLY A 1 9.06 -28.56 -11.98
N SER A 2 9.22 -27.96 -13.17
CA SER A 2 9.20 -26.52 -13.35
C SER A 2 7.78 -26.09 -13.72
N SER A 3 7.58 -24.78 -13.72
CA SER A 3 6.32 -24.12 -14.04
C SER A 3 6.67 -22.85 -14.81
N GLY A 4 6.73 -22.96 -16.13
CA GLY A 4 6.79 -21.84 -17.05
C GLY A 4 5.44 -21.15 -17.05
N SER A 5 5.19 -20.39 -15.99
CA SER A 5 3.96 -19.66 -15.72
C SER A 5 4.35 -18.60 -14.71
N SER A 6 4.97 -17.52 -15.18
CA SER A 6 5.41 -16.41 -14.35
C SER A 6 4.19 -15.83 -13.62
N GLY A 7 4.39 -15.32 -12.40
CA GLY A 7 3.31 -14.81 -11.56
C GLY A 7 3.47 -15.33 -10.14
N GLU A 8 2.34 -15.36 -9.42
CA GLU A 8 2.01 -16.13 -8.23
C GLU A 8 3.23 -16.47 -7.39
N SER A 9 3.85 -15.42 -6.86
CA SER A 9 5.01 -15.51 -6.02
C SER A 9 4.62 -15.33 -4.56
N TYR A 10 5.59 -15.66 -3.72
CA TYR A 10 5.43 -15.79 -2.30
C TYR A 10 6.31 -14.77 -1.60
N TRP A 11 7.58 -14.68 -1.99
CA TRP A 11 8.52 -13.78 -1.34
C TRP A 11 8.14 -12.31 -1.52
N ARG A 12 7.45 -11.99 -2.61
CA ARG A 12 6.94 -10.64 -2.82
C ARG A 12 5.91 -10.29 -1.74
N SER A 13 5.14 -11.24 -1.18
CA SER A 13 4.19 -10.95 -0.11
C SER A 13 5.00 -10.60 1.13
N ARG A 14 6.06 -11.36 1.44
CA ARG A 14 6.81 -11.20 2.68
C ARG A 14 7.33 -9.78 2.88
N MET A 15 7.66 -9.08 1.80
CA MET A 15 8.17 -7.72 1.91
C MET A 15 7.06 -6.80 2.41
N ILE A 16 5.89 -6.87 1.76
CA ILE A 16 4.71 -6.12 2.15
C ILE A 16 4.37 -6.45 3.60
N ASP A 17 4.38 -7.74 3.93
CA ASP A 17 4.01 -8.30 5.22
C ASP A 17 4.90 -7.75 6.34
N ALA A 18 6.22 -7.75 6.13
CA ALA A 18 7.19 -7.30 7.11
C ALA A 18 7.02 -5.82 7.46
N VAL A 19 6.65 -4.98 6.49
CA VAL A 19 6.39 -3.57 6.77
C VAL A 19 5.02 -3.38 7.42
N THR A 20 4.18 -4.41 7.52
CA THR A 20 2.87 -4.39 8.14
C THR A 20 2.77 -5.46 9.24
N SER A 21 3.75 -5.55 10.14
CA SER A 21 3.53 -6.34 11.35
C SER A 21 2.49 -5.58 12.16
N ASP A 22 1.43 -6.27 12.55
CA ASP A 22 0.34 -5.86 13.42
C ASP A 22 0.84 -5.49 14.83
N GLU A 23 1.51 -4.35 14.94
CA GLU A 23 2.31 -3.97 16.09
C GLU A 23 2.36 -2.45 16.16
N ASP A 24 2.03 -1.89 17.31
CA ASP A 24 1.94 -0.45 17.57
C ASP A 24 3.22 0.32 17.24
N LYS A 25 4.38 -0.35 17.31
CA LYS A 25 5.66 0.23 16.94
C LYS A 25 5.80 0.19 15.41
N VAL A 26 6.09 1.34 14.82
CA VAL A 26 6.27 1.50 13.38
C VAL A 26 7.58 0.84 12.89
N ALA A 27 7.68 0.64 11.57
CA ALA A 27 8.85 0.16 10.85
C ALA A 27 9.63 1.34 10.22
N PRO A 28 10.88 1.17 9.77
CA PRO A 28 11.67 2.25 9.19
C PRO A 28 11.26 2.56 7.74
N VAL A 29 11.75 3.68 7.18
CA VAL A 29 11.51 3.98 5.76
C VAL A 29 12.27 3.00 4.86
N TYR A 30 13.50 2.59 5.21
CA TYR A 30 14.33 1.80 4.30
C TYR A 30 13.68 0.47 3.93
N LYS A 31 12.90 -0.15 4.83
CA LYS A 31 12.19 -1.37 4.48
C LYS A 31 11.04 -1.11 3.48
N LEU A 32 10.54 0.12 3.32
CA LEU A 32 9.44 0.45 2.41
C LEU A 32 10.00 0.66 1.01
N GLU A 33 11.13 1.37 0.91
CA GLU A 33 11.72 1.73 -0.38
C GLU A 33 12.14 0.48 -1.16
N GLU A 34 12.53 -0.58 -0.43
CA GLU A 34 12.84 -1.90 -0.97
C GLU A 34 11.72 -2.47 -1.86
N ILE A 35 10.45 -2.20 -1.54
CA ILE A 35 9.33 -2.71 -2.33
C ILE A 35 9.27 -1.96 -3.66
N CYS A 36 9.47 -0.64 -3.63
CA CYS A 36 9.53 0.18 -4.83
C CYS A 36 10.62 -0.36 -5.76
N ASP A 37 11.80 -0.64 -5.20
CA ASP A 37 12.94 -1.13 -5.96
C ASP A 37 12.53 -2.33 -6.82
N LEU A 38 11.90 -3.33 -6.20
CA LEU A 38 11.51 -4.53 -6.90
C LEU A 38 10.52 -4.24 -8.02
N LEU A 39 9.47 -3.48 -7.72
CA LEU A 39 8.42 -3.15 -8.69
C LEU A 39 8.99 -2.38 -9.89
N ARG A 40 10.01 -1.55 -9.70
CA ARG A 40 10.69 -0.87 -10.81
C ARG A 40 11.55 -1.83 -11.62
N SER A 41 12.19 -2.81 -10.97
CA SER A 41 12.93 -3.88 -11.66
C SER A 41 12.00 -4.79 -12.47
N SER A 42 10.78 -5.00 -11.98
CA SER A 42 9.88 -6.05 -12.40
C SER A 42 9.19 -5.80 -13.74
N HIS A 43 8.71 -6.90 -14.33
CA HIS A 43 7.64 -6.91 -15.30
C HIS A 43 6.29 -6.67 -14.61
N VAL A 44 5.25 -6.37 -15.41
CA VAL A 44 3.91 -6.11 -14.93
C VAL A 44 3.32 -7.27 -14.10
N SER A 45 3.68 -8.54 -14.37
CA SER A 45 3.19 -9.65 -13.57
C SER A 45 3.44 -9.40 -12.07
N ILE A 46 4.67 -9.01 -11.74
CA ILE A 46 5.11 -8.89 -10.36
C ILE A 46 4.38 -7.72 -9.69
N VAL A 47 4.06 -6.67 -10.46
CA VAL A 47 3.24 -5.56 -9.99
C VAL A 47 1.91 -6.11 -9.48
N LYS A 48 1.28 -7.02 -10.22
CA LYS A 48 -0.06 -7.52 -9.93
C LYS A 48 -0.03 -8.31 -8.62
N GLU A 49 0.95 -9.20 -8.46
CA GLU A 49 1.20 -9.91 -7.20
C GLU A 49 1.32 -8.90 -6.07
N PHE A 50 2.29 -7.98 -6.18
CA PHE A 50 2.60 -7.01 -5.14
C PHE A 50 1.40 -6.16 -4.78
N SER A 51 0.65 -5.69 -5.79
CA SER A 51 -0.48 -4.82 -5.60
C SER A 51 -1.50 -5.55 -4.75
N GLU A 52 -1.97 -6.73 -5.17
CA GLU A 52 -2.82 -7.58 -4.31
C GLU A 52 -2.27 -7.68 -2.90
N PHE A 53 -0.99 -8.03 -2.67
CA PHE A 53 -0.50 -8.22 -1.32
C PHE A 53 -0.60 -6.94 -0.48
N ILE A 54 -0.55 -5.76 -1.10
CA ILE A 54 -0.78 -4.49 -0.44
C ILE A 54 -2.28 -4.30 -0.18
N LEU A 55 -3.11 -4.42 -1.23
CA LEU A 55 -4.52 -4.05 -1.18
C LEU A 55 -5.26 -4.96 -0.21
N LYS A 56 -4.92 -6.26 -0.19
CA LYS A 56 -5.53 -7.21 0.75
C LYS A 56 -5.14 -6.91 2.18
N ARG A 57 -4.04 -6.21 2.45
CA ARG A 57 -3.69 -5.80 3.80
C ARG A 57 -4.72 -4.83 4.36
N LEU A 58 -5.48 -4.12 3.52
CA LEU A 58 -6.55 -3.24 3.99
C LEU A 58 -7.76 -4.03 4.45
N ASP A 59 -7.99 -5.23 3.90
CA ASP A 59 -9.10 -6.10 4.29
C ASP A 59 -8.86 -6.73 5.67
N ASN A 60 -7.62 -6.73 6.16
CA ASN A 60 -7.19 -7.53 7.32
C ASN A 60 -7.85 -7.05 8.63
N LYS A 61 -8.15 -7.98 9.53
CA LYS A 61 -8.70 -7.72 10.86
C LYS A 61 -7.58 -7.29 11.84
N SER A 62 -7.11 -6.05 11.73
CA SER A 62 -6.37 -5.32 12.75
C SER A 62 -6.45 -3.84 12.35
N PRO A 63 -6.53 -2.89 13.27
CA PRO A 63 -6.36 -1.48 12.93
C PRO A 63 -4.95 -1.21 12.37
N ILE A 64 -3.92 -1.75 13.02
CA ILE A 64 -2.54 -1.29 12.82
C ILE A 64 -2.05 -1.68 11.45
N VAL A 65 -2.29 -2.93 11.08
CA VAL A 65 -1.89 -3.47 9.81
C VAL A 65 -2.38 -2.60 8.65
N LYS A 66 -3.54 -1.94 8.84
CA LYS A 66 -4.15 -1.15 7.77
C LYS A 66 -3.32 0.11 7.60
N GLN A 67 -3.11 0.85 8.70
CA GLN A 67 -2.34 2.09 8.64
C GLN A 67 -0.94 1.84 8.07
N LYS A 68 -0.33 0.71 8.45
CA LYS A 68 0.98 0.33 7.94
C LYS A 68 0.98 0.12 6.42
N ALA A 69 -0.04 -0.50 5.82
CA ALA A 69 -0.15 -0.57 4.37
C ALA A 69 -0.30 0.82 3.76
N LEU A 70 -1.20 1.65 4.33
CA LEU A 70 -1.53 2.97 3.78
C LEU A 70 -0.28 3.84 3.61
N ARG A 71 0.60 3.90 4.61
CA ARG A 71 1.84 4.68 4.49
C ARG A 71 2.80 4.12 3.44
N LEU A 72 2.81 2.80 3.18
CA LEU A 72 3.63 2.25 2.10
C LEU A 72 3.15 2.79 0.77
N ILE A 73 1.82 2.81 0.55
CA ILE A 73 1.24 2.93 -0.78
C ILE A 73 1.75 4.24 -1.36
N LYS A 74 1.34 5.34 -0.76
CA LYS A 74 1.72 6.70 -1.17
C LYS A 74 3.21 6.96 -1.37
N TYR A 75 4.10 6.16 -0.78
CA TYR A 75 5.54 6.34 -0.92
C TYR A 75 6.08 5.50 -2.09
N ALA A 76 5.48 4.36 -2.42
CA ALA A 76 5.87 3.61 -3.63
C ALA A 76 5.11 4.11 -4.86
N VAL A 77 3.83 4.48 -4.72
CA VAL A 77 3.07 5.25 -5.68
C VAL A 77 3.86 6.54 -5.92
N GLY A 78 4.10 6.81 -7.18
CA GLY A 78 4.81 7.97 -7.70
C GLY A 78 6.27 7.67 -8.00
N LYS A 79 6.72 6.43 -7.78
CA LYS A 79 8.10 6.00 -7.98
C LYS A 79 8.12 4.74 -8.81
N SER A 80 7.34 3.75 -8.42
CA SER A 80 7.14 2.45 -9.02
C SER A 80 6.55 2.45 -10.45
N GLY A 81 6.70 3.52 -11.23
CA GLY A 81 6.37 3.50 -12.64
C GLY A 81 4.87 3.67 -12.89
N SER A 82 4.44 3.25 -14.08
CA SER A 82 3.11 3.53 -14.60
C SER A 82 2.17 2.34 -14.60
N GLU A 83 2.64 1.10 -14.44
CA GLU A 83 1.74 -0.04 -14.26
C GLU A 83 1.20 0.00 -12.83
N PHE A 84 2.10 0.04 -11.84
CA PHE A 84 1.73 -0.03 -10.42
C PHE A 84 0.72 1.05 -10.03
N ARG A 85 0.85 2.26 -10.60
CA ARG A 85 -0.07 3.32 -10.23
C ARG A 85 -1.47 2.91 -10.62
N ARG A 86 -1.67 2.36 -11.83
CA ARG A 86 -2.99 1.99 -12.29
C ARG A 86 -3.52 0.78 -11.50
N GLU A 87 -2.68 -0.16 -11.08
CA GLU A 87 -3.16 -1.30 -10.29
C GLU A 87 -3.59 -0.89 -8.89
N MET A 88 -3.01 0.19 -8.35
CA MET A 88 -3.53 0.86 -7.18
C MET A 88 -4.87 1.54 -7.51
N GLN A 89 -5.00 2.30 -8.61
CA GLN A 89 -6.26 2.92 -9.05
C GLN A 89 -7.39 1.89 -9.19
N ARG A 90 -7.13 0.76 -9.88
CA ARG A 90 -8.10 -0.30 -10.11
C ARG A 90 -8.58 -0.97 -8.83
N ASN A 91 -7.93 -0.73 -7.70
CA ASN A 91 -8.32 -1.30 -6.41
C ASN A 91 -8.35 -0.19 -5.34
N SER A 92 -8.50 1.08 -5.77
CA SER A 92 -8.43 2.26 -4.91
C SER A 92 -9.55 2.30 -3.88
N VAL A 93 -10.66 1.61 -4.15
CA VAL A 93 -11.75 1.46 -3.19
C VAL A 93 -11.26 0.84 -1.89
N ALA A 94 -10.25 -0.03 -1.95
CA ALA A 94 -9.75 -0.74 -0.78
C ALA A 94 -9.23 0.22 0.28
N VAL A 95 -8.81 1.40 -0.15
CA VAL A 95 -8.33 2.49 0.68
C VAL A 95 -9.49 3.43 0.98
N ARG A 96 -10.26 3.84 -0.03
CA ARG A 96 -11.40 4.76 0.16
C ARG A 96 -12.35 4.26 1.23
N ASN A 97 -12.63 2.95 1.26
CA ASN A 97 -13.55 2.34 2.23
C ASN A 97 -13.12 2.55 3.69
N LEU A 98 -11.86 2.89 3.94
CA LEU A 98 -11.27 3.03 5.27
C LEU A 98 -11.14 4.48 5.73
N PHE A 99 -11.47 5.43 4.87
CA PHE A 99 -11.55 6.87 5.19
C PHE A 99 -12.33 7.08 6.48
N HIS A 100 -13.37 6.26 6.69
CA HIS A 100 -14.23 6.33 7.84
C HIS A 100 -14.16 4.98 8.54
N TYR A 101 -13.14 4.79 9.38
CA TYR A 101 -12.99 3.60 10.21
C TYR A 101 -12.93 4.01 11.68
N LYS A 102 -13.84 3.44 12.47
CA LYS A 102 -14.01 3.70 13.89
C LYS A 102 -13.68 2.49 14.76
N GLY A 103 -14.17 1.31 14.40
CA GLY A 103 -13.78 0.09 15.08
C GLY A 103 -14.20 0.12 16.55
N HIS A 104 -13.25 -0.19 17.43
CA HIS A 104 -13.43 -0.33 18.88
C HIS A 104 -12.37 0.55 19.59
N PRO A 105 -12.59 0.95 20.85
CA PRO A 105 -11.67 1.78 21.60
C PRO A 105 -10.43 1.01 22.02
N ASP A 106 -9.55 1.70 22.74
CA ASP A 106 -8.30 1.19 23.27
C ASP A 106 -8.04 1.80 24.66
N PRO A 107 -7.35 1.08 25.57
CA PRO A 107 -7.23 1.47 26.98
C PRO A 107 -6.32 2.67 27.22
N LEU A 108 -5.28 2.82 26.41
CA LEU A 108 -4.32 3.92 26.47
C LEU A 108 -4.32 4.70 25.17
N LYS A 109 -4.55 4.02 24.04
CA LYS A 109 -4.46 4.64 22.73
C LYS A 109 -5.76 5.33 22.32
N GLY A 110 -6.79 5.29 23.17
CA GLY A 110 -8.04 6.02 23.07
C GLY A 110 -8.46 6.39 21.65
N ASP A 111 -9.00 5.42 20.91
CA ASP A 111 -9.60 5.61 19.57
C ASP A 111 -8.59 6.17 18.54
N ALA A 112 -7.28 6.14 18.81
CA ALA A 112 -6.27 6.65 17.90
C ALA A 112 -5.86 5.59 16.86
N LEU A 113 -5.89 4.30 17.20
CA LEU A 113 -5.44 3.22 16.30
C LEU A 113 -6.27 3.26 15.02
N ASN A 114 -7.59 3.32 15.16
CA ASN A 114 -8.48 3.43 14.01
C ASN A 114 -8.37 4.79 13.31
N LYS A 115 -8.20 5.88 14.06
CA LYS A 115 -8.04 7.21 13.46
C LYS A 115 -6.77 7.27 12.62
N ALA A 116 -5.69 6.62 13.04
CA ALA A 116 -4.47 6.56 12.26
C ALA A 116 -4.74 5.96 10.88
N VAL A 117 -5.54 4.89 10.80
CA VAL A 117 -6.04 4.36 9.53
C VAL A 117 -6.80 5.46 8.78
N ARG A 118 -7.85 6.03 9.41
CA ARG A 118 -8.83 6.93 8.79
C ARG A 118 -8.13 8.05 8.00
N GLU A 119 -7.13 8.70 8.60
CA GLU A 119 -6.54 9.90 8.01
C GLU A 119 -5.48 9.53 6.99
N THR A 120 -4.68 8.50 7.26
CA THR A 120 -3.65 8.08 6.31
C THR A 120 -4.32 7.66 5.00
N ALA A 121 -5.54 7.10 5.06
CA ALA A 121 -6.25 6.64 3.88
C ALA A 121 -6.57 7.78 2.92
N HIS A 122 -6.95 8.95 3.45
CA HIS A 122 -7.19 10.14 2.62
C HIS A 122 -5.93 10.42 1.79
N GLU A 123 -4.78 10.39 2.44
CA GLU A 123 -3.52 10.73 1.79
C GLU A 123 -2.98 9.63 0.88
N THR A 124 -3.34 8.37 1.12
CA THR A 124 -3.08 7.33 0.16
C THR A 124 -3.77 7.67 -1.18
N ILE A 125 -5.03 8.12 -1.18
CA ILE A 125 -5.73 8.49 -2.42
C ILE A 125 -5.09 9.72 -3.07
N SER A 126 -4.55 10.64 -2.27
CA SER A 126 -3.77 11.78 -2.78
C SER A 126 -2.51 11.33 -3.54
N ALA A 127 -2.07 10.09 -3.40
CA ALA A 127 -0.98 9.50 -4.18
C ALA A 127 -1.53 8.63 -5.32
N ILE A 128 -2.52 7.77 -5.07
CA ILE A 128 -3.11 6.89 -6.10
C ILE A 128 -3.47 7.72 -7.35
N PHE A 129 -4.14 8.86 -7.14
CA PHE A 129 -4.55 9.78 -8.20
C PHE A 129 -3.73 11.07 -8.17
N SER A 130 -2.48 10.99 -7.71
CA SER A 130 -1.45 11.94 -8.11
C SER A 130 -1.38 11.92 -9.63
N GLU A 131 -0.92 13.00 -10.25
CA GLU A 131 -0.80 13.12 -11.70
C GLU A 131 0.63 13.52 -12.01
N GLU A 132 1.45 12.51 -12.24
CA GLU A 132 2.85 12.67 -12.66
C GLU A 132 2.88 12.97 -14.17
N ASN A 133 2.13 13.98 -14.60
CA ASN A 133 2.05 14.50 -15.98
C ASN A 133 1.87 13.39 -17.02
N GLY A 134 0.99 12.44 -16.75
CA GLY A 134 0.75 11.27 -17.57
C GLY A 134 -0.69 11.23 -18.04
N SER A 135 -1.13 10.02 -18.37
CA SER A 135 -2.48 9.59 -18.75
C SER A 135 -3.14 10.30 -19.94
N GLY A 136 -2.52 11.34 -20.49
CA GLY A 136 -3.07 12.20 -21.52
C GLY A 136 -2.76 13.64 -21.15
N PRO A 137 -1.51 14.11 -21.32
CA PRO A 137 -1.12 15.45 -20.90
C PRO A 137 -1.71 16.55 -21.78
N SER A 138 -2.18 16.25 -22.99
CA SER A 138 -2.80 17.25 -23.84
C SER A 138 -4.19 17.61 -23.30
N SER A 139 -4.42 18.90 -23.09
CA SER A 139 -5.74 19.47 -23.06
C SER A 139 -6.36 19.35 -24.46
N GLY A 140 -7.68 19.53 -24.57
CA GLY A 140 -8.43 19.30 -25.79
C GLY A 140 -8.53 17.80 -26.02
N GLY A 1 22.83 -14.73 -7.97
CA GLY A 1 21.50 -15.12 -8.44
C GLY A 1 21.47 -15.26 -9.94
N SER A 2 21.05 -14.20 -10.65
CA SER A 2 21.05 -14.00 -12.09
C SER A 2 20.96 -15.30 -12.91
N SER A 3 19.74 -15.80 -13.07
CA SER A 3 19.46 -17.02 -13.83
C SER A 3 18.08 -16.95 -14.54
N GLY A 4 17.35 -15.85 -14.41
CA GLY A 4 15.98 -15.70 -14.88
C GLY A 4 15.02 -15.66 -13.70
N SER A 5 13.73 -15.61 -13.98
CA SER A 5 12.67 -16.04 -13.08
C SER A 5 11.54 -16.58 -13.95
N SER A 6 10.50 -17.14 -13.34
CA SER A 6 9.29 -17.54 -14.06
C SER A 6 8.33 -16.34 -13.98
N GLY A 7 7.77 -16.04 -12.81
CA GLY A 7 6.90 -14.89 -12.59
C GLY A 7 6.38 -14.95 -11.17
N GLU A 8 5.21 -15.57 -11.04
CA GLU A 8 4.44 -15.77 -9.82
C GLU A 8 5.30 -16.27 -8.67
N SER A 9 5.54 -15.40 -7.69
CA SER A 9 6.40 -15.66 -6.55
C SER A 9 5.71 -15.21 -5.27
N TYR A 10 5.33 -16.18 -4.45
CA TYR A 10 4.84 -16.00 -3.10
C TYR A 10 5.75 -15.09 -2.28
N TRP A 11 7.09 -15.15 -2.45
CA TRP A 11 8.00 -14.32 -1.65
C TRP A 11 7.76 -12.82 -1.82
N ARG A 12 7.11 -12.39 -2.91
CA ARG A 12 6.75 -10.98 -3.09
C ARG A 12 5.81 -10.53 -1.95
N SER A 13 4.96 -11.41 -1.42
CA SER A 13 4.08 -11.12 -0.30
C SER A 13 4.89 -10.80 0.94
N ARG A 14 5.92 -11.60 1.21
CA ARG A 14 6.73 -11.51 2.43
C ARG A 14 7.39 -10.14 2.55
N MET A 15 7.66 -9.46 1.43
CA MET A 15 8.25 -8.12 1.44
C MET A 15 7.28 -7.14 2.07
N ILE A 16 6.02 -7.18 1.61
CA ILE A 16 4.93 -6.32 2.05
C ILE A 16 4.66 -6.64 3.52
N ASP A 17 4.45 -7.93 3.81
CA ASP A 17 4.03 -8.40 5.13
C ASP A 17 5.03 -7.96 6.20
N ALA A 18 6.32 -8.02 5.87
CA ALA A 18 7.41 -7.76 6.77
C ALA A 18 7.49 -6.30 7.27
N VAL A 19 6.81 -5.33 6.65
CA VAL A 19 6.64 -3.99 7.24
C VAL A 19 5.24 -3.78 7.83
N THR A 20 4.25 -4.61 7.45
CA THR A 20 2.89 -4.53 7.97
C THR A 20 2.76 -5.45 9.20
N SER A 21 3.83 -5.69 9.96
CA SER A 21 3.81 -6.43 11.21
C SER A 21 2.82 -5.77 12.18
N ASP A 22 1.94 -6.57 12.78
CA ASP A 22 0.99 -6.25 13.83
C ASP A 22 1.74 -5.81 15.09
N GLU A 23 2.12 -4.54 15.17
CA GLU A 23 2.95 -3.97 16.22
C GLU A 23 2.69 -2.46 16.32
N ASP A 24 2.59 -1.94 17.56
CA ASP A 24 2.34 -0.53 17.86
C ASP A 24 3.43 0.38 17.26
N LYS A 25 4.68 -0.10 17.18
CA LYS A 25 5.81 0.67 16.68
C LYS A 25 5.67 0.82 15.18
N VAL A 26 6.23 1.87 14.60
CA VAL A 26 6.11 2.13 13.17
C VAL A 26 7.45 1.74 12.50
N ALA A 27 7.42 0.94 11.43
CA ALA A 27 8.62 0.47 10.74
C ALA A 27 9.41 1.64 10.14
N PRO A 28 10.72 1.50 9.88
CA PRO A 28 11.51 2.56 9.25
C PRO A 28 11.22 2.62 7.75
N VAL A 29 11.58 3.73 7.12
CA VAL A 29 11.34 3.95 5.69
C VAL A 29 12.20 3.01 4.83
N TYR A 30 13.41 2.64 5.26
CA TYR A 30 14.29 1.83 4.41
C TYR A 30 13.71 0.44 4.12
N LYS A 31 12.79 -0.06 4.96
CA LYS A 31 12.07 -1.30 4.70
C LYS A 31 10.90 -1.07 3.75
N LEU A 32 10.39 0.17 3.58
CA LEU A 32 9.34 0.49 2.63
C LEU A 32 9.92 0.65 1.22
N GLU A 33 11.02 1.38 1.09
CA GLU A 33 11.55 1.83 -0.22
C GLU A 33 12.02 0.66 -1.10
N GLU A 34 12.41 -0.46 -0.51
CA GLU A 34 12.89 -1.64 -1.23
C GLU A 34 11.76 -2.26 -2.06
N ILE A 35 10.51 -2.15 -1.60
CA ILE A 35 9.37 -2.68 -2.33
C ILE A 35 9.10 -1.78 -3.55
N CYS A 36 9.55 -0.53 -3.52
CA CYS A 36 9.46 0.28 -4.72
C CYS A 36 10.38 -0.32 -5.79
N ASP A 37 11.56 -0.76 -5.35
CA ASP A 37 12.61 -1.33 -6.18
C ASP A 37 12.09 -2.56 -6.93
N LEU A 38 11.49 -3.51 -6.21
CA LEU A 38 10.93 -4.71 -6.83
C LEU A 38 9.89 -4.34 -7.86
N LEU A 39 8.90 -3.51 -7.50
CA LEU A 39 7.80 -3.18 -8.39
C LEU A 39 8.32 -2.51 -9.67
N ARG A 40 9.37 -1.69 -9.55
CA ARG A 40 10.01 -1.01 -10.67
C ARG A 40 10.72 -2.04 -11.54
N SER A 41 11.58 -2.86 -10.94
CA SER A 41 12.42 -3.83 -11.63
C SER A 41 11.60 -4.96 -12.25
N SER A 42 10.40 -5.22 -11.74
CA SER A 42 9.54 -6.29 -12.17
C SER A 42 9.00 -6.08 -13.59
N HIS A 43 8.33 -7.10 -14.11
CA HIS A 43 7.35 -6.99 -15.19
C HIS A 43 5.96 -6.74 -14.59
N VAL A 44 5.00 -6.33 -15.41
CA VAL A 44 3.65 -5.97 -14.95
C VAL A 44 2.98 -7.12 -14.19
N SER A 45 3.23 -8.38 -14.56
CA SER A 45 2.63 -9.53 -13.89
C SER A 45 2.96 -9.53 -12.38
N ILE A 46 4.17 -9.12 -12.01
CA ILE A 46 4.61 -9.15 -10.61
C ILE A 46 4.01 -7.97 -9.85
N VAL A 47 3.88 -6.80 -10.51
CA VAL A 47 3.17 -5.64 -9.96
C VAL A 47 1.80 -6.13 -9.51
N LYS A 48 1.08 -6.89 -10.36
CA LYS A 48 -0.29 -7.31 -10.13
C LYS A 48 -0.45 -8.26 -8.96
N GLU A 49 0.63 -8.82 -8.42
CA GLU A 49 0.59 -9.66 -7.22
C GLU A 49 1.04 -8.85 -6.02
N PHE A 50 2.10 -8.05 -6.16
CA PHE A 50 2.52 -7.15 -5.11
C PHE A 50 1.38 -6.21 -4.72
N SER A 51 0.65 -5.69 -5.71
CA SER A 51 -0.50 -4.85 -5.51
C SER A 51 -1.47 -5.58 -4.60
N GLU A 52 -1.84 -6.83 -4.93
CA GLU A 52 -2.71 -7.63 -4.07
C GLU A 52 -2.19 -7.70 -2.64
N PHE A 53 -0.92 -8.07 -2.40
CA PHE A 53 -0.45 -8.23 -1.03
C PHE A 53 -0.54 -6.91 -0.24
N ILE A 54 -0.52 -5.76 -0.93
CA ILE A 54 -0.77 -4.44 -0.37
C ILE A 54 -2.26 -4.21 -0.16
N LEU A 55 -3.10 -4.42 -1.18
CA LEU A 55 -4.50 -4.00 -1.15
C LEU A 55 -5.27 -4.87 -0.16
N LYS A 56 -5.02 -6.18 -0.18
CA LYS A 56 -5.66 -7.16 0.70
C LYS A 56 -5.39 -6.83 2.16
N ARG A 57 -4.29 -6.13 2.46
CA ARG A 57 -3.97 -5.65 3.79
C ARG A 57 -5.09 -4.77 4.36
N LEU A 58 -5.78 -4.02 3.50
CA LEU A 58 -6.83 -3.10 3.91
C LEU A 58 -8.12 -3.82 4.25
N ASP A 59 -8.24 -5.10 3.90
CA ASP A 59 -9.36 -5.97 4.27
C ASP A 59 -9.07 -6.72 5.58
N ASN A 60 -7.88 -6.55 6.17
CA ASN A 60 -7.43 -7.33 7.33
C ASN A 60 -7.99 -6.75 8.65
N LYS A 61 -8.04 -7.55 9.71
CA LYS A 61 -8.78 -7.24 10.94
C LYS A 61 -7.80 -6.81 12.05
N SER A 62 -7.21 -5.63 11.85
CA SER A 62 -6.43 -4.90 12.84
C SER A 62 -6.46 -3.43 12.39
N PRO A 63 -6.47 -2.45 13.30
CA PRO A 63 -6.18 -1.06 12.95
C PRO A 63 -4.78 -0.92 12.34
N ILE A 64 -3.79 -1.56 12.95
CA ILE A 64 -2.37 -1.30 12.73
C ILE A 64 -2.00 -1.71 11.31
N VAL A 65 -2.38 -2.94 10.96
CA VAL A 65 -2.08 -3.53 9.68
C VAL A 65 -2.65 -2.65 8.56
N LYS A 66 -3.75 -1.93 8.82
CA LYS A 66 -4.31 -1.08 7.78
C LYS A 66 -3.34 0.08 7.61
N GLN A 67 -3.11 0.84 8.69
CA GLN A 67 -2.31 2.07 8.68
C GLN A 67 -0.95 1.81 8.04
N LYS A 68 -0.33 0.67 8.35
CA LYS A 68 0.98 0.31 7.81
C LYS A 68 0.95 0.17 6.28
N ALA A 69 -0.09 -0.43 5.70
CA ALA A 69 -0.21 -0.47 4.24
C ALA A 69 -0.46 0.93 3.68
N LEU A 70 -1.33 1.73 4.33
CA LEU A 70 -1.75 3.02 3.79
C LEU A 70 -0.56 3.94 3.53
N ARG A 71 0.31 4.14 4.53
CA ARG A 71 1.52 4.94 4.34
C ARG A 71 2.47 4.31 3.32
N LEU A 72 2.56 2.98 3.30
CA LEU A 72 3.38 2.27 2.33
C LEU A 72 2.90 2.59 0.91
N ILE A 73 1.59 2.72 0.66
CA ILE A 73 1.06 2.84 -0.69
C ILE A 73 1.59 4.11 -1.29
N LYS A 74 1.17 5.28 -0.81
CA LYS A 74 1.57 6.58 -1.35
C LYS A 74 3.06 6.66 -1.67
N TYR A 75 3.92 6.26 -0.72
CA TYR A 75 5.35 6.26 -0.90
C TYR A 75 5.74 5.32 -2.03
N ALA A 76 5.12 4.14 -2.07
CA ALA A 76 5.25 3.19 -3.16
C ALA A 76 4.49 3.56 -4.43
N VAL A 77 3.78 4.67 -4.51
CA VAL A 77 3.18 5.15 -5.75
C VAL A 77 4.05 6.23 -6.38
N GLY A 78 4.71 7.06 -5.57
CA GLY A 78 5.47 8.20 -6.02
C GLY A 78 6.74 7.86 -6.81
N LYS A 79 7.07 6.59 -7.05
CA LYS A 79 8.40 6.14 -7.51
C LYS A 79 8.29 4.93 -8.45
N SER A 80 7.43 3.95 -8.11
CA SER A 80 7.51 2.57 -8.56
C SER A 80 7.20 2.35 -10.04
N GLY A 81 6.80 3.39 -10.79
CA GLY A 81 6.62 3.33 -12.23
C GLY A 81 5.17 3.62 -12.65
N SER A 82 4.89 3.30 -13.91
CA SER A 82 3.59 3.44 -14.55
C SER A 82 2.68 2.28 -14.18
N GLU A 83 3.18 1.05 -14.22
CA GLU A 83 2.32 -0.13 -14.08
C GLU A 83 1.66 -0.11 -12.69
N PHE A 84 2.46 0.06 -11.63
CA PHE A 84 1.98 0.05 -10.26
C PHE A 84 0.97 1.16 -9.96
N ARG A 85 1.16 2.37 -10.51
CA ARG A 85 0.26 3.47 -10.13
C ARG A 85 -1.15 3.14 -10.60
N ARG A 86 -1.29 2.61 -11.82
CA ARG A 86 -2.59 2.22 -12.37
C ARG A 86 -3.15 1.02 -11.64
N GLU A 87 -2.33 0.05 -11.22
CA GLU A 87 -2.78 -1.06 -10.37
C GLU A 87 -3.41 -0.55 -9.08
N MET A 88 -2.80 0.40 -8.39
CA MET A 88 -3.41 0.99 -7.21
C MET A 88 -4.75 1.66 -7.55
N GLN A 89 -4.88 2.36 -8.68
CA GLN A 89 -6.18 2.91 -9.11
C GLN A 89 -7.21 1.80 -9.25
N ARG A 90 -6.88 0.70 -9.95
CA ARG A 90 -7.82 -0.38 -10.25
C ARG A 90 -8.54 -0.88 -9.01
N ASN A 91 -7.87 -0.89 -7.85
CA ASN A 91 -8.40 -1.46 -6.62
C ASN A 91 -8.41 -0.49 -5.44
N SER A 92 -8.30 0.83 -5.69
CA SER A 92 -8.21 1.88 -4.67
C SER A 92 -9.38 1.91 -3.68
N VAL A 93 -10.49 1.25 -4.01
CA VAL A 93 -11.66 1.12 -3.16
C VAL A 93 -11.29 0.61 -1.76
N ALA A 94 -10.35 -0.32 -1.65
CA ALA A 94 -10.04 -0.93 -0.37
C ALA A 94 -9.61 0.13 0.66
N VAL A 95 -8.78 1.06 0.21
CA VAL A 95 -8.32 2.22 0.96
C VAL A 95 -9.48 3.19 1.17
N ARG A 96 -10.21 3.53 0.11
CA ARG A 96 -11.33 4.48 0.14
C ARG A 96 -12.38 4.07 1.17
N ASN A 97 -12.65 2.77 1.31
CA ASN A 97 -13.61 2.20 2.26
C ASN A 97 -13.22 2.47 3.72
N LEU A 98 -11.98 2.90 4.00
CA LEU A 98 -11.46 3.10 5.35
C LEU A 98 -11.37 4.57 5.75
N PHE A 99 -11.77 5.48 4.87
CA PHE A 99 -11.83 6.92 5.16
C PHE A 99 -12.57 7.21 6.47
N HIS A 100 -13.50 6.35 6.90
CA HIS A 100 -14.27 6.52 8.13
C HIS A 100 -14.21 5.28 9.03
N TYR A 101 -13.07 4.56 9.00
CA TYR A 101 -12.86 3.39 9.84
C TYR A 101 -12.84 3.76 11.32
N LYS A 102 -13.24 2.83 12.19
CA LYS A 102 -13.66 3.17 13.56
C LYS A 102 -13.46 2.12 14.64
N GLY A 103 -13.31 0.87 14.22
CA GLY A 103 -13.13 -0.35 15.00
C GLY A 103 -13.77 -0.31 16.40
N HIS A 104 -12.94 -0.40 17.45
CA HIS A 104 -13.33 -0.31 18.86
C HIS A 104 -12.33 0.62 19.57
N PRO A 105 -12.72 1.25 20.70
CA PRO A 105 -11.85 2.13 21.47
C PRO A 105 -10.80 1.34 22.25
N ASP A 106 -10.03 2.06 23.06
CA ASP A 106 -8.72 1.59 23.50
C ASP A 106 -8.40 2.02 24.94
N PRO A 107 -7.57 1.26 25.66
CA PRO A 107 -7.30 1.45 27.09
C PRO A 107 -6.35 2.61 27.40
N LEU A 108 -5.57 3.05 26.42
CA LEU A 108 -4.59 4.12 26.53
C LEU A 108 -4.46 4.95 25.25
N LYS A 109 -4.82 4.37 24.10
CA LYS A 109 -4.63 4.99 22.80
C LYS A 109 -5.80 5.88 22.42
N GLY A 110 -6.87 5.94 23.21
CA GLY A 110 -8.07 6.75 23.00
C GLY A 110 -8.48 6.82 21.53
N ASP A 111 -8.87 5.67 20.96
CA ASP A 111 -9.33 5.47 19.58
C ASP A 111 -8.36 5.87 18.46
N ALA A 112 -7.15 6.34 18.81
CA ALA A 112 -6.19 6.89 17.86
C ALA A 112 -5.65 5.86 16.87
N LEU A 113 -5.48 4.60 17.27
CA LEU A 113 -4.96 3.53 16.39
C LEU A 113 -5.90 3.37 15.20
N ASN A 114 -7.21 3.42 15.43
CA ASN A 114 -8.21 3.32 14.37
C ASN A 114 -8.40 4.66 13.68
N LYS A 115 -8.17 5.78 14.39
CA LYS A 115 -8.19 7.10 13.78
C LYS A 115 -7.12 7.19 12.70
N ALA A 116 -5.90 6.71 12.96
CA ALA A 116 -4.76 6.80 12.07
C ALA A 116 -5.07 6.18 10.70
N VAL A 117 -5.74 5.02 10.69
CA VAL A 117 -6.27 4.37 9.49
C VAL A 117 -7.03 5.40 8.63
N ARG A 118 -7.92 6.17 9.24
CA ARG A 118 -8.80 7.10 8.57
C ARG A 118 -7.98 8.22 7.91
N GLU A 119 -7.08 8.88 8.64
CA GLU A 119 -6.36 10.05 8.13
C GLU A 119 -5.46 9.61 6.97
N THR A 120 -4.68 8.56 7.22
CA THR A 120 -3.66 8.10 6.33
C THR A 120 -4.29 7.57 5.04
N ALA A 121 -5.55 7.09 5.06
CA ALA A 121 -6.25 6.64 3.86
C ALA A 121 -6.57 7.79 2.90
N HIS A 122 -7.01 8.94 3.41
CA HIS A 122 -7.26 10.13 2.57
C HIS A 122 -5.98 10.51 1.83
N GLU A 123 -4.88 10.53 2.58
CA GLU A 123 -3.54 10.81 2.11
C GLU A 123 -3.12 9.82 1.02
N THR A 124 -3.45 8.53 1.17
CA THR A 124 -3.11 7.50 0.21
C THR A 124 -3.76 7.78 -1.15
N ILE A 125 -5.08 8.03 -1.22
CA ILE A 125 -5.77 8.18 -2.51
C ILE A 125 -5.19 9.35 -3.29
N SER A 126 -4.83 10.40 -2.57
CA SER A 126 -4.20 11.58 -3.13
C SER A 126 -2.92 11.24 -3.90
N ALA A 127 -2.17 10.21 -3.48
CA ALA A 127 -1.02 9.69 -4.20
C ALA A 127 -1.44 8.74 -5.32
N ILE A 128 -2.40 7.82 -5.09
CA ILE A 128 -2.88 6.87 -6.11
C ILE A 128 -3.20 7.64 -7.40
N PHE A 129 -3.89 8.77 -7.30
CA PHE A 129 -4.34 9.58 -8.42
C PHE A 129 -3.49 10.86 -8.58
N SER A 130 -2.26 10.88 -8.04
CA SER A 130 -1.26 11.92 -8.30
C SER A 130 -0.77 11.74 -9.74
N GLU A 131 -1.60 12.11 -10.71
CA GLU A 131 -1.34 11.93 -12.12
C GLU A 131 -2.17 12.98 -12.86
N GLU A 132 -1.52 13.98 -13.43
CA GLU A 132 -2.19 15.09 -14.08
C GLU A 132 -2.78 14.63 -15.41
N ASN A 133 -4.10 14.40 -15.43
CA ASN A 133 -4.92 14.03 -16.59
C ASN A 133 -6.36 14.46 -16.31
N GLY A 134 -7.21 14.48 -17.34
CA GLY A 134 -8.61 14.89 -17.24
C GLY A 134 -8.91 15.90 -18.34
N SER A 135 -9.45 15.43 -19.46
CA SER A 135 -9.68 16.17 -20.69
C SER A 135 -10.82 17.19 -20.53
N GLY A 136 -10.57 18.24 -19.75
CA GLY A 136 -11.56 19.24 -19.36
C GLY A 136 -11.05 19.99 -18.13
N PRO A 137 -11.10 19.39 -16.93
CA PRO A 137 -10.68 20.04 -15.69
C PRO A 137 -9.16 20.22 -15.61
N SER A 138 -8.38 19.18 -15.91
CA SER A 138 -6.94 19.31 -16.09
C SER A 138 -6.67 20.04 -17.42
N SER A 139 -5.44 20.46 -17.65
CA SER A 139 -5.01 21.06 -18.90
C SER A 139 -3.51 20.82 -19.07
N GLY A 140 -2.92 21.32 -20.16
CA GLY A 140 -1.52 21.16 -20.51
C GLY A 140 -1.32 21.87 -21.81
N GLY A 1 23.03 -8.81 -15.92
CA GLY A 1 23.03 -9.61 -17.15
C GLY A 1 21.69 -9.49 -17.86
N SER A 2 21.28 -10.54 -18.55
CA SER A 2 19.86 -10.75 -18.81
C SER A 2 19.18 -11.10 -17.48
N SER A 3 17.86 -11.07 -17.45
CA SER A 3 17.06 -11.66 -16.39
C SER A 3 17.16 -13.20 -16.42
N GLY A 4 16.46 -13.86 -15.51
CA GLY A 4 16.18 -15.29 -15.59
C GLY A 4 14.88 -15.43 -16.39
N SER A 5 13.87 -16.06 -15.81
CA SER A 5 12.56 -16.18 -16.42
C SER A 5 11.52 -15.41 -15.59
N SER A 6 10.28 -15.43 -16.06
CA SER A 6 9.11 -14.90 -15.38
C SER A 6 8.56 -15.98 -14.42
N GLY A 7 7.52 -15.64 -13.67
CA GLY A 7 6.85 -16.53 -12.75
C GLY A 7 6.19 -15.74 -11.63
N GLU A 8 5.23 -16.36 -10.93
CA GLU A 8 4.61 -15.80 -9.73
C GLU A 8 5.47 -16.13 -8.51
N SER A 9 5.19 -15.50 -7.37
CA SER A 9 6.02 -15.61 -6.18
C SER A 9 5.17 -15.82 -4.93
N TYR A 10 5.83 -16.22 -3.85
CA TYR A 10 5.32 -16.12 -2.49
C TYR A 10 6.12 -15.09 -1.68
N TRP A 11 7.44 -15.00 -1.88
CA TRP A 11 8.27 -14.14 -1.05
C TRP A 11 7.97 -12.65 -1.23
N ARG A 12 7.42 -12.23 -2.38
CA ARG A 12 7.01 -10.84 -2.59
C ARG A 12 5.94 -10.46 -1.57
N SER A 13 5.03 -11.39 -1.22
CA SER A 13 4.02 -11.19 -0.20
C SER A 13 4.70 -10.93 1.15
N ARG A 14 5.77 -11.66 1.45
CA ARG A 14 6.47 -11.58 2.73
C ARG A 14 7.17 -10.25 2.92
N MET A 15 7.50 -9.53 1.86
CA MET A 15 8.04 -8.19 1.99
C MET A 15 6.94 -7.28 2.53
N ILE A 16 5.75 -7.32 1.92
CA ILE A 16 4.60 -6.54 2.36
C ILE A 16 4.28 -6.91 3.82
N ASP A 17 4.31 -8.20 4.13
CA ASP A 17 3.99 -8.75 5.45
C ASP A 17 4.91 -8.16 6.52
N ALA A 18 6.22 -8.09 6.25
CA ALA A 18 7.24 -7.61 7.19
C ALA A 18 7.31 -6.08 7.30
N VAL A 19 6.55 -5.35 6.49
CA VAL A 19 6.38 -3.90 6.67
C VAL A 19 4.98 -3.58 7.19
N THR A 20 4.22 -4.62 7.55
CA THR A 20 2.89 -4.50 8.12
C THR A 20 2.84 -5.37 9.39
N SER A 21 3.91 -5.41 10.18
CA SER A 21 3.93 -6.13 11.45
C SER A 21 2.95 -5.45 12.42
N ASP A 22 2.19 -6.22 13.18
CA ASP A 22 1.27 -5.77 14.21
C ASP A 22 2.09 -5.23 15.40
N GLU A 23 2.49 -3.97 15.34
CA GLU A 23 3.24 -3.24 16.35
C GLU A 23 2.86 -1.78 16.06
N ASP A 24 2.40 -1.03 17.06
CA ASP A 24 1.92 0.35 16.85
C ASP A 24 3.04 1.27 16.32
N LYS A 25 4.29 0.96 16.66
CA LYS A 25 5.46 1.63 16.15
C LYS A 25 5.51 1.45 14.64
N VAL A 26 5.58 2.57 13.94
CA VAL A 26 5.51 2.59 12.50
C VAL A 26 6.88 2.11 11.93
N ALA A 27 6.87 1.52 10.73
CA ALA A 27 8.05 0.95 10.10
C ALA A 27 9.02 2.05 9.64
N PRO A 28 10.32 1.74 9.52
CA PRO A 28 11.29 2.66 8.95
C PRO A 28 11.14 2.75 7.43
N VAL A 29 11.66 3.82 6.85
CA VAL A 29 11.65 4.01 5.40
C VAL A 29 12.39 2.86 4.70
N TYR A 30 13.51 2.39 5.25
CA TYR A 30 14.38 1.47 4.52
C TYR A 30 13.72 0.12 4.24
N LYS A 31 12.78 -0.32 5.07
CA LYS A 31 12.06 -1.55 4.77
C LYS A 31 11.08 -1.34 3.62
N LEU A 32 10.56 -0.13 3.41
CA LEU A 32 9.50 0.16 2.46
C LEU A 32 10.11 0.40 1.07
N GLU A 33 11.28 1.03 1.01
CA GLU A 33 11.90 1.38 -0.27
C GLU A 33 12.24 0.13 -1.08
N GLU A 34 12.55 -0.97 -0.38
CA GLU A 34 12.84 -2.28 -0.96
C GLU A 34 11.67 -2.80 -1.81
N ILE A 35 10.42 -2.61 -1.37
CA ILE A 35 9.25 -3.07 -2.12
C ILE A 35 9.19 -2.33 -3.45
N CYS A 36 9.35 -1.00 -3.41
CA CYS A 36 9.33 -0.20 -4.62
C CYS A 36 10.55 -0.45 -5.50
N ASP A 37 11.66 -0.91 -4.91
CA ASP A 37 12.86 -1.28 -5.64
C ASP A 37 12.58 -2.50 -6.51
N LEU A 38 11.92 -3.50 -5.92
CA LEU A 38 11.57 -4.71 -6.63
C LEU A 38 10.66 -4.41 -7.80
N LEU A 39 9.62 -3.62 -7.58
CA LEU A 39 8.63 -3.29 -8.60
C LEU A 39 9.27 -2.56 -9.78
N ARG A 40 10.32 -1.75 -9.56
CA ARG A 40 11.08 -1.15 -10.66
C ARG A 40 11.97 -2.19 -11.38
N SER A 41 12.39 -3.23 -10.68
CA SER A 41 13.17 -4.34 -11.22
C SER A 41 12.30 -5.40 -11.94
N SER A 42 10.97 -5.25 -12.01
CA SER A 42 10.07 -6.37 -12.29
C SER A 42 9.22 -6.20 -13.55
N HIS A 43 8.64 -7.32 -14.00
CA HIS A 43 7.55 -7.36 -14.97
C HIS A 43 6.26 -6.88 -14.33
N VAL A 44 5.29 -6.43 -15.15
CA VAL A 44 3.99 -5.98 -14.66
C VAL A 44 3.29 -7.08 -13.86
N SER A 45 3.43 -8.35 -14.23
CA SER A 45 2.82 -9.44 -13.48
C SER A 45 3.25 -9.45 -12.02
N ILE A 46 4.52 -9.18 -11.72
CA ILE A 46 4.99 -9.08 -10.34
C ILE A 46 4.32 -7.88 -9.66
N VAL A 47 4.13 -6.76 -10.38
CA VAL A 47 3.40 -5.62 -9.87
C VAL A 47 1.99 -6.05 -9.46
N LYS A 48 1.29 -6.82 -10.29
CA LYS A 48 -0.10 -7.24 -10.04
C LYS A 48 -0.19 -7.97 -8.71
N GLU A 49 0.72 -8.92 -8.47
CA GLU A 49 0.76 -9.69 -7.23
C GLU A 49 1.07 -8.77 -6.06
N PHE A 50 2.11 -7.95 -6.17
CA PHE A 50 2.48 -7.01 -5.12
C PHE A 50 1.31 -6.11 -4.74
N SER A 51 0.62 -5.59 -5.76
CA SER A 51 -0.53 -4.71 -5.58
C SER A 51 -1.56 -5.45 -4.76
N GLU A 52 -2.01 -6.63 -5.19
CA GLU A 52 -2.89 -7.48 -4.37
C GLU A 52 -2.39 -7.56 -2.92
N PHE A 53 -1.13 -7.92 -2.67
CA PHE A 53 -0.67 -8.10 -1.31
C PHE A 53 -0.81 -6.82 -0.48
N ILE A 54 -0.60 -5.65 -1.08
CA ILE A 54 -0.79 -4.36 -0.43
C ILE A 54 -2.28 -4.16 -0.16
N LEU A 55 -3.11 -4.30 -1.19
CA LEU A 55 -4.52 -3.95 -1.17
C LEU A 55 -5.27 -4.84 -0.17
N LYS A 56 -5.06 -6.16 -0.23
CA LYS A 56 -5.73 -7.12 0.65
C LYS A 56 -5.38 -6.87 2.11
N ARG A 57 -4.27 -6.19 2.42
CA ARG A 57 -3.96 -5.81 3.78
C ARG A 57 -5.04 -4.90 4.31
N LEU A 58 -5.64 -4.00 3.53
CA LEU A 58 -6.59 -3.01 4.07
C LEU A 58 -7.90 -3.67 4.52
N ASP A 59 -8.17 -4.89 4.05
CA ASP A 59 -9.34 -5.67 4.42
C ASP A 59 -9.23 -6.25 5.84
N ASN A 60 -8.04 -6.24 6.46
CA ASN A 60 -7.78 -6.88 7.75
C ASN A 60 -8.50 -6.14 8.91
N LYS A 61 -8.75 -6.80 10.04
CA LYS A 61 -9.41 -6.22 11.21
C LYS A 61 -8.55 -5.14 11.85
N SER A 62 -7.34 -5.49 12.28
CA SER A 62 -6.38 -4.71 13.04
C SER A 62 -6.15 -3.30 12.44
N PRO A 63 -6.30 -2.22 13.21
CA PRO A 63 -6.06 -0.88 12.72
C PRO A 63 -4.58 -0.63 12.40
N ILE A 64 -3.67 -1.29 13.12
CA ILE A 64 -2.22 -1.08 13.02
C ILE A 64 -1.81 -1.43 11.61
N VAL A 65 -2.09 -2.66 11.22
CA VAL A 65 -1.76 -3.18 9.92
C VAL A 65 -2.35 -2.30 8.82
N LYS A 66 -3.53 -1.68 9.08
CA LYS A 66 -4.16 -0.83 8.06
C LYS A 66 -3.22 0.34 7.79
N GLN A 67 -2.95 1.12 8.84
CA GLN A 67 -2.13 2.32 8.78
C GLN A 67 -0.76 1.98 8.18
N LYS A 68 -0.22 0.78 8.43
CA LYS A 68 1.04 0.36 7.86
C LYS A 68 0.99 0.19 6.34
N ALA A 69 -0.03 -0.47 5.77
CA ALA A 69 -0.10 -0.50 4.32
C ALA A 69 -0.31 0.91 3.76
N LEU A 70 -0.95 1.83 4.49
CA LEU A 70 -1.25 3.15 3.95
C LEU A 70 0.06 3.86 3.64
N ARG A 71 0.96 4.13 4.60
CA ARG A 71 2.18 4.89 4.26
C ARG A 71 3.03 4.24 3.16
N LEU A 72 2.96 2.91 3.00
CA LEU A 72 3.67 2.20 1.95
C LEU A 72 3.12 2.56 0.57
N ILE A 73 1.82 2.83 0.44
CA ILE A 73 1.17 2.99 -0.85
C ILE A 73 1.71 4.25 -1.48
N LYS A 74 1.30 5.43 -0.99
CA LYS A 74 1.72 6.72 -1.52
C LYS A 74 3.22 6.80 -1.79
N TYR A 75 4.04 6.25 -0.88
CA TYR A 75 5.48 6.21 -1.00
C TYR A 75 5.88 5.56 -2.33
N ALA A 76 5.43 4.33 -2.59
CA ALA A 76 5.73 3.64 -3.82
C ALA A 76 4.95 4.18 -5.04
N VAL A 77 3.72 4.69 -4.87
CA VAL A 77 2.92 5.22 -5.98
C VAL A 77 3.64 6.40 -6.64
N GLY A 78 4.31 7.24 -5.84
CA GLY A 78 5.10 8.37 -6.32
C GLY A 78 6.45 7.97 -6.91
N LYS A 79 6.70 6.67 -7.16
CA LYS A 79 8.01 6.14 -7.51
C LYS A 79 7.92 5.07 -8.57
N SER A 80 7.33 3.91 -8.24
CA SER A 80 7.38 2.65 -8.96
C SER A 80 7.23 2.89 -10.46
N GLY A 81 6.03 3.24 -10.90
CA GLY A 81 5.76 3.54 -12.28
C GLY A 81 4.30 3.32 -12.60
N SER A 82 3.94 3.55 -13.87
CA SER A 82 2.59 3.40 -14.36
C SER A 82 2.04 2.02 -14.02
N GLU A 83 2.86 0.97 -14.18
CA GLU A 83 2.45 -0.42 -13.99
C GLU A 83 2.00 -0.76 -12.56
N PHE A 84 2.36 0.07 -11.58
CA PHE A 84 1.85 -0.04 -10.22
C PHE A 84 0.72 0.94 -9.95
N ARG A 85 0.72 2.09 -10.62
CA ARG A 85 -0.23 3.13 -10.24
C ARG A 85 -1.64 2.68 -10.59
N ARG A 86 -1.88 2.13 -11.79
CA ARG A 86 -3.24 1.81 -12.22
C ARG A 86 -3.81 0.64 -11.42
N GLU A 87 -2.99 -0.34 -11.02
CA GLU A 87 -3.42 -1.42 -10.12
C GLU A 87 -3.98 -0.84 -8.81
N MET A 88 -3.31 0.19 -8.26
CA MET A 88 -3.81 0.91 -7.08
C MET A 88 -5.10 1.65 -7.41
N GLN A 89 -5.22 2.32 -8.56
CA GLN A 89 -6.43 3.04 -9.01
C GLN A 89 -7.64 2.09 -9.06
N ARG A 90 -7.48 0.93 -9.71
CA ARG A 90 -8.53 -0.07 -9.85
C ARG A 90 -9.10 -0.50 -8.51
N ASN A 91 -8.26 -0.64 -7.49
CA ASN A 91 -8.68 -1.09 -6.15
C ASN A 91 -8.49 0.03 -5.12
N SER A 92 -8.63 1.28 -5.56
CA SER A 92 -8.56 2.45 -4.71
C SER A 92 -9.62 2.37 -3.59
N VAL A 93 -10.72 1.67 -3.87
CA VAL A 93 -11.80 1.43 -2.93
C VAL A 93 -11.31 0.83 -1.61
N ALA A 94 -10.31 -0.06 -1.65
CA ALA A 94 -9.85 -0.75 -0.46
C ALA A 94 -9.33 0.25 0.59
N VAL A 95 -8.84 1.40 0.12
CA VAL A 95 -8.35 2.49 0.94
C VAL A 95 -9.51 3.42 1.28
N ARG A 96 -10.26 3.89 0.27
CA ARG A 96 -11.40 4.81 0.38
C ARG A 96 -12.42 4.33 1.41
N ASN A 97 -12.64 3.02 1.49
CA ASN A 97 -13.56 2.39 2.44
C ASN A 97 -13.11 2.53 3.91
N LEU A 98 -12.00 3.21 4.19
CA LEU A 98 -11.49 3.53 5.52
C LEU A 98 -11.54 5.01 5.85
N PHE A 99 -12.03 5.88 4.95
CA PHE A 99 -12.22 7.30 5.24
C PHE A 99 -12.94 7.53 6.58
N HIS A 100 -13.85 6.62 6.95
CA HIS A 100 -14.67 6.74 8.16
C HIS A 100 -14.47 5.55 9.10
N TYR A 101 -13.34 4.85 8.99
CA TYR A 101 -13.07 3.68 9.80
C TYR A 101 -12.96 4.06 11.27
N LYS A 102 -13.64 3.29 12.12
CA LYS A 102 -13.67 3.50 13.57
C LYS A 102 -13.35 2.23 14.32
N GLY A 103 -14.01 1.11 14.02
CA GLY A 103 -13.69 -0.16 14.66
C GLY A 103 -13.84 -0.08 16.19
N HIS A 104 -13.07 -0.90 16.91
CA HIS A 104 -13.10 -0.94 18.37
C HIS A 104 -12.11 0.06 18.96
N PRO A 105 -12.36 0.53 20.19
CA PRO A 105 -11.37 1.20 21.01
C PRO A 105 -10.38 0.18 21.58
N ASP A 106 -9.28 0.66 22.14
CA ASP A 106 -8.15 -0.12 22.61
C ASP A 106 -7.82 0.24 24.06
N PRO A 107 -7.21 -0.66 24.84
CA PRO A 107 -6.97 -0.46 26.27
C PRO A 107 -5.98 0.65 26.63
N LEU A 108 -5.12 1.07 25.71
CA LEU A 108 -4.10 2.08 25.92
C LEU A 108 -4.04 3.07 24.78
N LYS A 109 -4.42 2.64 23.57
CA LYS A 109 -4.45 3.54 22.44
C LYS A 109 -5.82 4.20 22.27
N GLY A 110 -6.82 3.80 23.06
CA GLY A 110 -8.19 4.26 22.93
C GLY A 110 -8.63 4.12 21.49
N ASP A 111 -9.01 5.24 20.90
CA ASP A 111 -9.55 5.37 19.56
C ASP A 111 -8.53 6.06 18.64
N ALA A 112 -7.24 6.13 19.04
CA ALA A 112 -6.23 6.83 18.26
C ALA A 112 -5.89 6.01 17.03
N LEU A 113 -5.78 4.69 17.20
CA LEU A 113 -5.32 3.78 16.15
C LEU A 113 -6.20 3.90 14.91
N ASN A 114 -7.52 3.82 15.07
CA ASN A 114 -8.43 3.96 13.94
C ASN A 114 -8.44 5.37 13.35
N LYS A 115 -8.26 6.41 14.15
CA LYS A 115 -8.15 7.76 13.58
C LYS A 115 -6.87 7.86 12.73
N ALA A 116 -5.76 7.26 13.18
CA ALA A 116 -4.53 7.18 12.40
C ALA A 116 -4.75 6.42 11.10
N VAL A 117 -5.59 5.36 11.09
CA VAL A 117 -6.09 4.75 9.86
C VAL A 117 -6.78 5.84 9.02
N ARG A 118 -7.83 6.48 9.55
CA ARG A 118 -8.80 7.26 8.79
C ARG A 118 -8.15 8.42 8.05
N GLU A 119 -7.29 9.17 8.72
CA GLU A 119 -6.69 10.36 8.11
C GLU A 119 -5.60 9.96 7.12
N THR A 120 -4.72 9.03 7.53
CA THR A 120 -3.62 8.59 6.66
C THR A 120 -4.18 8.01 5.37
N ALA A 121 -5.40 7.47 5.42
CA ALA A 121 -6.08 6.97 4.27
C ALA A 121 -6.21 8.08 3.24
N HIS A 122 -6.72 9.29 3.57
CA HIS A 122 -6.93 10.39 2.63
C HIS A 122 -5.71 10.63 1.74
N GLU A 123 -4.54 10.68 2.35
CA GLU A 123 -3.28 10.93 1.66
C GLU A 123 -2.90 9.82 0.67
N THR A 124 -3.43 8.62 0.84
CA THR A 124 -3.24 7.54 -0.10
C THR A 124 -3.91 7.85 -1.43
N ILE A 125 -5.22 8.15 -1.47
CA ILE A 125 -5.93 8.44 -2.71
C ILE A 125 -5.30 9.64 -3.41
N SER A 126 -4.91 10.62 -2.60
CA SER A 126 -4.06 11.73 -2.99
C SER A 126 -2.88 11.31 -3.90
N ALA A 127 -2.25 10.16 -3.63
CA ALA A 127 -1.16 9.61 -4.41
C ALA A 127 -1.63 8.59 -5.48
N ILE A 128 -2.63 7.75 -5.19
CA ILE A 128 -3.17 6.73 -6.12
C ILE A 128 -3.43 7.35 -7.49
N PHE A 129 -4.13 8.49 -7.54
CA PHE A 129 -4.52 9.15 -8.78
C PHE A 129 -3.53 10.24 -9.21
N SER A 130 -2.37 10.35 -8.53
CA SER A 130 -1.30 11.25 -8.89
C SER A 130 -0.87 10.96 -10.33
N GLU A 131 -0.66 12.03 -11.10
CA GLU A 131 -0.24 12.06 -12.48
C GLU A 131 0.97 12.97 -12.59
N GLU A 132 1.64 12.97 -13.74
CA GLU A 132 2.93 13.61 -13.93
C GLU A 132 2.84 14.77 -14.92
N ASN A 133 1.77 14.82 -15.70
CA ASN A 133 1.47 15.83 -16.71
C ASN A 133 0.00 16.22 -16.56
N GLY A 134 -0.42 17.31 -17.21
CA GLY A 134 -1.74 17.89 -17.05
C GLY A 134 -2.60 17.61 -18.26
N SER A 135 -3.88 17.35 -18.04
CA SER A 135 -4.88 17.07 -19.05
C SER A 135 -6.15 17.83 -18.66
N GLY A 136 -6.13 19.15 -18.76
CA GLY A 136 -7.22 20.02 -18.38
C GLY A 136 -6.76 21.46 -18.18
N PRO A 137 -6.06 21.79 -17.09
CA PRO A 137 -5.80 23.18 -16.70
C PRO A 137 -4.71 23.90 -17.50
N SER A 138 -3.88 23.17 -18.26
CA SER A 138 -2.72 23.76 -18.92
C SER A 138 -3.06 24.21 -20.33
N SER A 139 -2.29 25.15 -20.88
CA SER A 139 -2.49 25.69 -22.22
C SER A 139 -1.17 26.29 -22.71
N GLY A 140 -1.06 26.49 -24.02
CA GLY A 140 0.10 27.00 -24.73
C GLY A 140 0.14 26.36 -26.11
N GLY A 1 19.76 -3.19 -19.24
CA GLY A 1 18.61 -2.62 -18.54
C GLY A 1 18.47 -3.28 -17.19
N SER A 2 17.51 -4.19 -17.07
CA SER A 2 17.23 -4.96 -15.86
C SER A 2 16.86 -6.40 -16.28
N SER A 3 16.67 -7.29 -15.30
CA SER A 3 16.42 -8.70 -15.56
C SER A 3 14.96 -9.07 -15.31
N GLY A 4 14.55 -10.23 -15.82
CA GLY A 4 13.30 -10.86 -15.47
C GLY A 4 13.28 -12.33 -15.83
N SER A 5 12.29 -13.01 -15.28
CA SER A 5 11.64 -14.17 -15.84
C SER A 5 10.19 -14.16 -15.33
N SER A 6 9.30 -14.94 -15.94
CA SER A 6 7.91 -15.02 -15.51
C SER A 6 7.78 -15.87 -14.26
N GLY A 7 6.66 -15.74 -13.55
CA GLY A 7 6.22 -16.67 -12.54
C GLY A 7 5.85 -15.96 -11.25
N GLU A 8 5.25 -16.72 -10.33
CA GLU A 8 4.67 -16.23 -9.09
C GLU A 8 5.53 -16.67 -7.92
N SER A 9 5.60 -15.86 -6.87
CA SER A 9 6.34 -16.09 -5.64
C SER A 9 5.52 -15.52 -4.49
N TYR A 10 5.03 -16.40 -3.62
CA TYR A 10 4.52 -16.11 -2.28
C TYR A 10 5.41 -15.09 -1.54
N TRP A 11 6.73 -15.15 -1.75
CA TRP A 11 7.65 -14.23 -1.09
C TRP A 11 7.39 -12.75 -1.41
N ARG A 12 6.69 -12.41 -2.50
CA ARG A 12 6.26 -11.03 -2.70
C ARG A 12 5.39 -10.55 -1.54
N SER A 13 4.60 -11.42 -0.89
CA SER A 13 3.83 -11.01 0.28
C SER A 13 4.79 -10.76 1.42
N ARG A 14 5.81 -11.59 1.60
CA ARG A 14 6.75 -11.50 2.72
C ARG A 14 7.61 -10.25 2.70
N MET A 15 7.62 -9.50 1.61
CA MET A 15 8.10 -8.13 1.60
C MET A 15 7.11 -7.23 2.35
N ILE A 16 5.84 -7.29 1.94
CA ILE A 16 4.75 -6.44 2.39
C ILE A 16 4.46 -6.73 3.87
N ASP A 17 4.29 -8.01 4.24
CA ASP A 17 4.05 -8.52 5.58
C ASP A 17 5.16 -8.06 6.54
N ALA A 18 6.40 -7.98 6.04
CA ALA A 18 7.56 -7.57 6.83
C ALA A 18 7.62 -6.07 7.13
N VAL A 19 6.85 -5.25 6.43
CA VAL A 19 6.68 -3.84 6.74
C VAL A 19 5.29 -3.57 7.34
N THR A 20 4.50 -4.62 7.61
CA THR A 20 3.14 -4.51 8.13
C THR A 20 2.95 -5.40 9.38
N SER A 21 4.01 -5.63 10.17
CA SER A 21 3.94 -6.42 11.39
C SER A 21 2.89 -5.83 12.33
N ASP A 22 2.05 -6.64 12.96
CA ASP A 22 1.05 -6.23 13.94
C ASP A 22 1.75 -5.79 15.23
N GLU A 23 2.07 -4.50 15.37
CA GLU A 23 2.73 -3.93 16.53
C GLU A 23 2.50 -2.41 16.55
N ASP A 24 2.63 -1.79 17.72
CA ASP A 24 2.50 -0.34 17.88
C ASP A 24 3.53 0.43 17.04
N LYS A 25 4.67 -0.19 16.73
CA LYS A 25 5.82 0.43 16.11
C LYS A 25 5.68 0.51 14.61
N VAL A 26 5.67 1.72 14.08
CA VAL A 26 5.81 1.98 12.65
C VAL A 26 7.14 1.41 12.16
N ALA A 27 7.13 0.80 10.98
CA ALA A 27 8.32 0.25 10.32
C ALA A 27 9.12 1.37 9.66
N PRO A 28 10.42 1.18 9.36
CA PRO A 28 11.29 2.25 8.87
C PRO A 28 11.07 2.52 7.38
N VAL A 29 11.43 3.72 6.92
CA VAL A 29 11.33 4.06 5.50
C VAL A 29 12.21 3.13 4.66
N TYR A 30 13.43 2.80 5.10
CA TYR A 30 14.36 2.06 4.26
C TYR A 30 13.89 0.63 3.93
N LYS A 31 12.93 0.08 4.70
CA LYS A 31 12.31 -1.18 4.35
C LYS A 31 11.13 -0.97 3.40
N LEU A 32 10.46 0.19 3.44
CA LEU A 32 9.37 0.49 2.51
C LEU A 32 9.95 0.68 1.11
N GLU A 33 11.08 1.37 0.99
CA GLU A 33 11.67 1.67 -0.33
C GLU A 33 12.17 0.40 -1.01
N GLU A 34 12.49 -0.66 -0.25
CA GLU A 34 12.84 -1.97 -0.82
C GLU A 34 11.68 -2.47 -1.73
N ILE A 35 10.43 -2.32 -1.31
CA ILE A 35 9.28 -2.79 -2.07
C ILE A 35 9.16 -1.99 -3.37
N CYS A 36 9.24 -0.65 -3.29
CA CYS A 36 9.03 0.17 -4.48
C CYS A 36 10.08 -0.13 -5.55
N ASP A 37 11.27 -0.54 -5.13
CA ASP A 37 12.37 -0.87 -6.02
C ASP A 37 12.16 -2.22 -6.70
N LEU A 38 11.61 -3.23 -6.02
CA LEU A 38 11.27 -4.46 -6.73
C LEU A 38 10.24 -4.17 -7.82
N LEU A 39 9.24 -3.35 -7.50
CA LEU A 39 8.22 -2.87 -8.41
C LEU A 39 8.76 -1.93 -9.50
N ARG A 40 10.01 -1.48 -9.43
CA ARG A 40 10.73 -0.95 -10.59
C ARG A 40 11.35 -2.10 -11.39
N SER A 41 12.21 -2.91 -10.79
CA SER A 41 13.05 -3.91 -11.46
C SER A 41 12.32 -5.16 -11.97
N SER A 42 11.00 -5.14 -12.03
CA SER A 42 10.18 -6.32 -12.31
C SER A 42 9.16 -6.04 -13.41
N HIS A 43 8.69 -7.11 -14.08
CA HIS A 43 7.62 -7.04 -15.07
C HIS A 43 6.29 -6.68 -14.40
N VAL A 44 5.30 -6.22 -15.17
CA VAL A 44 3.95 -5.96 -14.69
C VAL A 44 3.35 -7.17 -13.98
N SER A 45 3.69 -8.39 -14.40
CA SER A 45 3.08 -9.56 -13.79
C SER A 45 3.44 -9.67 -12.30
N ILE A 46 4.60 -9.14 -11.93
CA ILE A 46 5.10 -9.12 -10.57
C ILE A 46 4.43 -7.98 -9.80
N VAL A 47 4.17 -6.83 -10.45
CA VAL A 47 3.41 -5.73 -9.87
C VAL A 47 2.07 -6.31 -9.38
N LYS A 48 1.41 -7.19 -10.14
CA LYS A 48 0.11 -7.76 -9.79
C LYS A 48 0.17 -8.57 -8.48
N GLU A 49 1.16 -9.45 -8.32
CA GLU A 49 1.26 -10.19 -7.07
C GLU A 49 1.40 -9.21 -5.91
N PHE A 50 2.29 -8.25 -6.07
CA PHE A 50 2.55 -7.23 -5.09
C PHE A 50 1.31 -6.41 -4.78
N SER A 51 0.55 -5.99 -5.79
CA SER A 51 -0.54 -5.03 -5.62
C SER A 51 -1.53 -5.67 -4.68
N GLU A 52 -1.99 -6.87 -5.01
CA GLU A 52 -2.83 -7.66 -4.14
C GLU A 52 -2.28 -7.72 -2.72
N PHE A 53 -1.01 -8.09 -2.50
CA PHE A 53 -0.54 -8.23 -1.13
C PHE A 53 -0.53 -6.91 -0.35
N ILE A 54 -0.45 -5.77 -1.04
CA ILE A 54 -0.64 -4.44 -0.46
C ILE A 54 -2.13 -4.17 -0.23
N LEU A 55 -3.00 -4.45 -1.21
CA LEU A 55 -4.39 -4.04 -1.19
C LEU A 55 -5.14 -4.84 -0.13
N LYS A 56 -4.94 -6.17 -0.11
CA LYS A 56 -5.56 -7.07 0.85
C LYS A 56 -5.16 -6.75 2.29
N ARG A 57 -4.18 -5.87 2.51
CA ARG A 57 -3.79 -5.44 3.84
C ARG A 57 -4.91 -4.61 4.49
N LEU A 58 -5.69 -3.89 3.69
CA LEU A 58 -6.83 -3.12 4.15
C LEU A 58 -7.93 -4.08 4.59
N ASP A 59 -8.23 -5.04 3.73
CA ASP A 59 -9.27 -6.08 3.87
C ASP A 59 -9.01 -7.05 5.03
N ASN A 60 -7.93 -6.87 5.79
CA ASN A 60 -7.61 -7.63 7.01
C ASN A 60 -8.63 -7.32 8.14
N LYS A 61 -8.25 -7.46 9.41
CA LYS A 61 -9.08 -7.04 10.54
C LYS A 61 -8.43 -5.92 11.34
N SER A 62 -7.17 -6.11 11.74
CA SER A 62 -6.45 -5.21 12.62
C SER A 62 -6.50 -3.74 12.17
N PRO A 63 -6.59 -2.76 13.07
CA PRO A 63 -6.37 -1.35 12.76
C PRO A 63 -4.93 -1.09 12.28
N ILE A 64 -3.93 -1.71 12.89
CA ILE A 64 -2.52 -1.33 12.75
C ILE A 64 -2.05 -1.63 11.34
N VAL A 65 -2.34 -2.85 10.91
CA VAL A 65 -1.94 -3.38 9.61
C VAL A 65 -2.49 -2.50 8.49
N LYS A 66 -3.63 -1.83 8.73
CA LYS A 66 -4.17 -0.92 7.73
C LYS A 66 -3.24 0.29 7.65
N GLN A 67 -3.03 0.98 8.78
CA GLN A 67 -2.26 2.21 8.86
C GLN A 67 -0.88 2.04 8.24
N LYS A 68 -0.19 0.93 8.54
CA LYS A 68 1.13 0.65 7.99
C LYS A 68 1.09 0.64 6.45
N ALA A 69 0.22 -0.15 5.83
CA ALA A 69 0.22 -0.37 4.41
C ALA A 69 -0.21 0.88 3.63
N LEU A 70 -1.07 1.72 4.21
CA LEU A 70 -1.48 2.99 3.61
C LEU A 70 -0.28 3.89 3.30
N ARG A 71 0.63 4.09 4.27
CA ARG A 71 1.81 4.92 4.05
C ARG A 71 2.85 4.25 3.16
N LEU A 72 2.84 2.91 3.03
CA LEU A 72 3.62 2.21 2.02
C LEU A 72 3.15 2.61 0.62
N ILE A 73 1.82 2.69 0.40
CA ILE A 73 1.23 2.89 -0.92
C ILE A 73 1.75 4.21 -1.46
N LYS A 74 1.28 5.32 -0.91
CA LYS A 74 1.62 6.68 -1.35
C LYS A 74 3.12 6.97 -1.47
N TYR A 75 3.96 6.26 -0.72
CA TYR A 75 5.39 6.37 -0.91
C TYR A 75 5.73 5.79 -2.28
N ALA A 76 5.45 4.50 -2.48
CA ALA A 76 5.78 3.78 -3.70
C ALA A 76 5.05 4.31 -4.94
N VAL A 77 3.80 4.78 -4.79
CA VAL A 77 3.01 5.38 -5.83
C VAL A 77 3.74 6.66 -6.20
N GLY A 78 3.87 6.84 -7.50
CA GLY A 78 4.53 7.99 -8.09
C GLY A 78 6.05 7.80 -8.15
N LYS A 79 6.60 6.77 -7.50
CA LYS A 79 7.99 6.33 -7.70
C LYS A 79 7.99 5.26 -8.78
N SER A 80 7.47 4.06 -8.45
CA SER A 80 7.64 2.81 -9.21
C SER A 80 7.58 3.07 -10.73
N GLY A 81 6.45 3.58 -11.21
CA GLY A 81 6.23 3.70 -12.63
C GLY A 81 4.75 3.80 -12.93
N SER A 82 4.43 3.52 -14.18
CA SER A 82 3.12 3.68 -14.78
C SER A 82 2.24 2.44 -14.64
N GLU A 83 2.74 1.33 -14.09
CA GLU A 83 2.00 0.08 -13.92
C GLU A 83 1.43 0.04 -12.52
N PHE A 84 2.30 0.09 -11.51
CA PHE A 84 1.92 0.03 -10.10
C PHE A 84 0.90 1.11 -9.75
N ARG A 85 1.03 2.30 -10.34
CA ARG A 85 0.11 3.37 -10.01
C ARG A 85 -1.29 2.90 -10.37
N ARG A 86 -1.46 2.35 -11.57
CA ARG A 86 -2.75 1.91 -12.07
C ARG A 86 -3.25 0.70 -11.31
N GLU A 87 -2.40 -0.21 -10.87
CA GLU A 87 -2.84 -1.33 -10.04
C GLU A 87 -3.46 -0.83 -8.73
N MET A 88 -2.88 0.21 -8.12
CA MET A 88 -3.50 0.86 -6.96
C MET A 88 -4.86 1.48 -7.35
N GLN A 89 -4.97 2.13 -8.52
CA GLN A 89 -6.22 2.70 -9.03
C GLN A 89 -7.28 1.63 -9.30
N ARG A 90 -6.89 0.38 -9.59
CA ARG A 90 -7.88 -0.69 -9.81
C ARG A 90 -8.70 -0.94 -8.56
N ASN A 91 -8.09 -0.79 -7.39
CA ASN A 91 -8.62 -1.30 -6.12
C ASN A 91 -8.61 -0.20 -5.06
N SER A 92 -8.62 1.08 -5.48
CA SER A 92 -8.49 2.22 -4.57
C SER A 92 -9.62 2.29 -3.54
N VAL A 93 -10.77 1.65 -3.85
CA VAL A 93 -11.89 1.52 -2.94
C VAL A 93 -11.44 1.00 -1.58
N ALA A 94 -10.44 0.10 -1.54
CA ALA A 94 -10.00 -0.53 -0.32
C ALA A 94 -9.49 0.50 0.70
N VAL A 95 -9.03 1.64 0.21
CA VAL A 95 -8.56 2.76 0.99
C VAL A 95 -9.74 3.73 1.20
N ARG A 96 -10.44 4.11 0.12
CA ARG A 96 -11.58 5.04 0.17
C ARG A 96 -12.62 4.63 1.21
N ASN A 97 -12.91 3.34 1.33
CA ASN A 97 -13.97 2.82 2.20
C ASN A 97 -13.62 2.97 3.69
N LEU A 98 -12.39 3.37 4.03
CA LEU A 98 -11.85 3.43 5.39
C LEU A 98 -11.55 4.86 5.84
N PHE A 99 -11.81 5.85 4.97
CA PHE A 99 -11.81 7.28 5.29
C PHE A 99 -12.55 7.55 6.61
N HIS A 100 -13.59 6.77 6.89
CA HIS A 100 -14.48 6.96 8.02
C HIS A 100 -14.55 5.70 8.89
N TYR A 101 -13.42 5.02 9.07
CA TYR A 101 -13.29 3.87 9.96
C TYR A 101 -13.35 4.31 11.42
N LYS A 102 -13.91 3.48 12.29
CA LYS A 102 -13.85 3.63 13.74
C LYS A 102 -13.50 2.31 14.41
N GLY A 103 -14.21 1.22 14.08
CA GLY A 103 -14.18 0.02 14.90
C GLY A 103 -14.50 0.39 16.36
N HIS A 104 -13.62 0.03 17.29
CA HIS A 104 -13.77 0.25 18.73
C HIS A 104 -12.52 0.96 19.26
N PRO A 105 -12.60 1.62 20.43
CA PRO A 105 -11.42 2.15 21.09
C PRO A 105 -10.54 1.02 21.62
N ASP A 106 -9.40 1.39 22.17
CA ASP A 106 -8.34 0.53 22.65
C ASP A 106 -8.01 0.91 24.09
N PRO A 107 -7.44 0.02 24.91
CA PRO A 107 -7.27 0.24 26.34
C PRO A 107 -6.37 1.43 26.69
N LEU A 108 -5.30 1.61 25.93
CA LEU A 108 -4.31 2.67 26.12
C LEU A 108 -4.36 3.66 24.96
N LYS A 109 -4.38 3.12 23.76
CA LYS A 109 -4.35 3.92 22.54
C LYS A 109 -5.63 4.73 22.43
N GLY A 110 -6.73 4.31 23.07
CA GLY A 110 -8.03 4.91 22.91
C GLY A 110 -8.40 4.80 21.44
N ASP A 111 -8.49 5.91 20.75
CA ASP A 111 -8.81 5.93 19.33
C ASP A 111 -7.60 6.14 18.43
N ALA A 112 -6.39 6.28 18.97
CA ALA A 112 -5.21 6.67 18.18
C ALA A 112 -4.98 5.74 17.00
N LEU A 113 -5.18 4.43 17.20
CA LEU A 113 -5.03 3.40 16.18
C LEU A 113 -6.01 3.65 15.03
N ASN A 114 -7.31 3.64 15.34
CA ASN A 114 -8.32 3.78 14.29
C ASN A 114 -8.35 5.16 13.67
N LYS A 115 -8.06 6.21 14.45
CA LYS A 115 -7.85 7.54 13.91
C LYS A 115 -6.68 7.54 12.95
N ALA A 116 -5.51 7.02 13.35
CA ALA A 116 -4.35 7.01 12.46
C ALA A 116 -4.66 6.30 11.14
N VAL A 117 -5.49 5.26 11.16
CA VAL A 117 -6.04 4.70 9.93
C VAL A 117 -6.82 5.77 9.15
N ARG A 118 -7.83 6.42 9.76
CA ARG A 118 -8.88 7.14 9.05
C ARG A 118 -8.24 8.14 8.10
N GLU A 119 -7.29 8.91 8.64
CA GLU A 119 -6.68 10.04 7.97
C GLU A 119 -5.77 9.56 6.85
N THR A 120 -4.95 8.56 7.15
CA THR A 120 -3.87 8.10 6.31
C THR A 120 -4.44 7.64 4.95
N ALA A 121 -5.68 7.14 4.90
CA ALA A 121 -6.30 6.79 3.64
C ALA A 121 -6.53 7.99 2.71
N HIS A 122 -6.85 9.18 3.24
CA HIS A 122 -7.00 10.39 2.42
C HIS A 122 -5.66 10.70 1.74
N GLU A 123 -4.56 10.71 2.51
CA GLU A 123 -3.20 10.91 2.01
C GLU A 123 -2.83 9.87 0.96
N THR A 124 -3.31 8.63 1.11
CA THR A 124 -3.09 7.57 0.14
C THR A 124 -3.83 7.86 -1.17
N ILE A 125 -5.12 8.21 -1.15
CA ILE A 125 -5.88 8.43 -2.39
C ILE A 125 -5.31 9.62 -3.18
N SER A 126 -4.79 10.64 -2.50
CA SER A 126 -4.07 11.73 -3.14
C SER A 126 -2.81 11.29 -3.88
N ALA A 127 -2.28 10.10 -3.62
CA ALA A 127 -1.16 9.52 -4.35
C ALA A 127 -1.64 8.48 -5.36
N ILE A 128 -2.64 7.65 -5.06
CA ILE A 128 -3.12 6.60 -5.98
C ILE A 128 -3.40 7.20 -7.37
N PHE A 129 -4.17 8.28 -7.41
CA PHE A 129 -4.48 8.97 -8.65
C PHE A 129 -3.45 10.06 -8.92
N SER A 130 -2.95 10.71 -7.87
CA SER A 130 -2.04 11.83 -7.95
C SER A 130 -2.58 12.91 -8.90
N GLU A 131 -3.91 13.06 -8.91
CA GLU A 131 -4.65 13.83 -9.91
C GLU A 131 -6.03 14.13 -9.32
N GLU A 132 -6.50 15.37 -9.46
CA GLU A 132 -7.78 15.83 -8.91
C GLU A 132 -8.93 15.66 -9.90
N ASN A 133 -8.64 15.62 -11.21
CA ASN A 133 -9.65 15.41 -12.25
C ASN A 133 -10.37 14.08 -12.06
N GLY A 134 -11.56 13.95 -12.66
CA GLY A 134 -12.25 12.70 -12.84
C GLY A 134 -13.44 12.95 -13.78
N SER A 135 -13.76 11.97 -14.62
CA SER A 135 -14.82 12.08 -15.62
C SER A 135 -16.23 12.25 -15.01
N GLY A 136 -16.39 11.88 -13.75
CA GLY A 136 -17.62 11.97 -12.98
C GLY A 136 -17.30 11.40 -11.61
N PRO A 137 -16.81 12.22 -10.66
CA PRO A 137 -16.23 11.73 -9.41
C PRO A 137 -17.28 11.20 -8.43
N SER A 138 -18.55 11.49 -8.66
CA SER A 138 -19.64 11.16 -7.76
C SER A 138 -19.88 9.65 -7.67
N SER A 139 -20.51 9.20 -6.58
CA SER A 139 -21.07 7.86 -6.48
C SER A 139 -22.36 7.91 -5.67
N GLY A 140 -23.12 6.83 -5.67
CA GLY A 140 -24.35 6.64 -4.94
C GLY A 140 -24.71 5.19 -5.14
N GLY A 1 25.26 -17.56 -10.77
CA GLY A 1 24.62 -16.26 -10.53
C GLY A 1 23.28 -16.49 -9.88
N SER A 2 22.20 -15.99 -10.46
CA SER A 2 20.84 -16.36 -10.08
C SER A 2 20.07 -16.63 -11.36
N SER A 3 19.91 -17.91 -11.70
CA SER A 3 19.07 -18.28 -12.82
C SER A 3 17.61 -18.06 -12.42
N GLY A 4 16.77 -17.70 -13.39
CA GLY A 4 15.34 -17.51 -13.18
C GLY A 4 15.06 -16.13 -12.63
N SER A 5 14.38 -16.06 -11.49
CA SER A 5 14.08 -14.88 -10.68
C SER A 5 13.06 -13.91 -11.31
N SER A 6 12.91 -13.90 -12.64
CA SER A 6 11.67 -13.45 -13.26
C SER A 6 10.57 -14.47 -12.92
N GLY A 7 9.32 -14.07 -13.08
CA GLY A 7 8.17 -14.89 -12.71
C GLY A 7 7.73 -14.58 -11.28
N GLU A 8 6.48 -14.89 -10.99
CA GLU A 8 5.78 -14.58 -9.75
C GLU A 8 6.45 -15.29 -8.57
N SER A 9 6.39 -14.71 -7.38
CA SER A 9 6.84 -15.32 -6.14
C SER A 9 6.03 -14.77 -4.97
N TYR A 10 5.43 -15.68 -4.19
CA TYR A 10 4.83 -15.39 -2.89
C TYR A 10 5.76 -14.61 -1.98
N TRP A 11 7.08 -14.79 -2.12
CA TRP A 11 8.05 -14.03 -1.35
C TRP A 11 7.89 -12.50 -1.52
N ARG A 12 7.35 -12.03 -2.64
CA ARG A 12 7.01 -10.63 -2.84
C ARG A 12 5.99 -10.17 -1.79
N SER A 13 5.08 -11.04 -1.35
CA SER A 13 4.07 -10.77 -0.32
C SER A 13 4.77 -10.57 1.02
N ARG A 14 5.84 -11.33 1.25
CA ARG A 14 6.59 -11.28 2.49
C ARG A 14 7.24 -9.92 2.69
N MET A 15 7.64 -9.24 1.62
CA MET A 15 8.18 -7.89 1.73
C MET A 15 7.12 -6.93 2.26
N ILE A 16 5.87 -7.10 1.83
CA ILE A 16 4.76 -6.28 2.29
C ILE A 16 4.47 -6.62 3.75
N ASP A 17 4.28 -7.90 4.05
CA ASP A 17 3.86 -8.34 5.38
C ASP A 17 4.88 -7.88 6.43
N ALA A 18 6.17 -7.97 6.10
CA ALA A 18 7.30 -7.55 6.92
C ALA A 18 7.28 -6.07 7.34
N VAL A 19 6.44 -5.24 6.72
CA VAL A 19 6.26 -3.84 7.08
C VAL A 19 4.82 -3.53 7.47
N THR A 20 3.92 -4.51 7.42
CA THR A 20 2.54 -4.38 7.88
C THR A 20 2.31 -5.16 9.17
N SER A 21 3.35 -5.71 9.79
CA SER A 21 3.31 -6.59 10.95
C SER A 21 2.62 -5.83 12.09
N ASP A 22 1.38 -6.21 12.42
CA ASP A 22 0.56 -5.55 13.42
C ASP A 22 1.18 -5.74 14.80
N GLU A 23 1.84 -4.70 15.28
CA GLU A 23 2.51 -4.57 16.55
C GLU A 23 2.21 -3.15 17.03
N ASP A 24 2.65 -2.79 18.24
CA ASP A 24 2.43 -1.43 18.74
C ASP A 24 3.21 -0.35 17.97
N LYS A 25 4.25 -0.69 17.22
CA LYS A 25 5.21 0.24 16.62
C LYS A 25 5.10 0.29 15.11
N VAL A 26 5.61 1.35 14.50
CA VAL A 26 5.79 1.49 13.05
C VAL A 26 6.83 0.48 12.53
N ALA A 27 7.03 0.46 11.22
CA ALA A 27 8.19 -0.11 10.54
C ALA A 27 9.10 1.05 10.09
N PRO A 28 10.39 0.82 9.80
CA PRO A 28 11.29 1.85 9.29
C PRO A 28 11.04 2.10 7.80
N VAL A 29 11.49 3.26 7.30
CA VAL A 29 11.40 3.58 5.88
C VAL A 29 12.23 2.59 5.05
N TYR A 30 13.41 2.15 5.51
CA TYR A 30 14.28 1.32 4.68
C TYR A 30 13.64 -0.03 4.31
N LYS A 31 12.64 -0.50 5.07
CA LYS A 31 11.93 -1.72 4.68
C LYS A 31 10.77 -1.44 3.73
N LEU A 32 10.31 -0.20 3.57
CA LEU A 32 9.27 0.17 2.63
C LEU A 32 9.89 0.39 1.26
N GLU A 33 11.04 1.07 1.23
CA GLU A 33 11.64 1.62 0.02
C GLU A 33 12.10 0.54 -0.97
N GLU A 34 12.45 -0.63 -0.45
CA GLU A 34 12.87 -1.79 -1.23
C GLU A 34 11.73 -2.31 -2.13
N ILE A 35 10.47 -2.19 -1.70
CA ILE A 35 9.33 -2.66 -2.48
C ILE A 35 9.23 -1.83 -3.76
N CYS A 36 9.51 -0.53 -3.65
CA CYS A 36 9.55 0.37 -4.78
C CYS A 36 10.59 -0.09 -5.79
N ASP A 37 11.74 -0.55 -5.29
CA ASP A 37 12.82 -1.04 -6.12
C ASP A 37 12.37 -2.28 -6.90
N LEU A 38 11.81 -3.27 -6.19
CA LEU A 38 11.40 -4.51 -6.83
C LEU A 38 10.43 -4.30 -7.98
N LEU A 39 9.40 -3.47 -7.79
CA LEU A 39 8.40 -3.22 -8.81
C LEU A 39 9.05 -2.69 -10.10
N ARG A 40 10.07 -1.82 -9.99
CA ARG A 40 10.82 -1.32 -11.14
C ARG A 40 11.71 -2.42 -11.71
N SER A 41 12.31 -3.26 -10.87
CA SER A 41 13.11 -4.42 -11.24
C SER A 41 12.27 -5.59 -11.79
N SER A 42 10.99 -5.40 -12.14
CA SER A 42 10.06 -6.48 -12.44
C SER A 42 9.15 -6.24 -13.64
N HIS A 43 8.51 -7.32 -14.10
CA HIS A 43 7.43 -7.29 -15.09
C HIS A 43 6.10 -6.87 -14.44
N VAL A 44 5.12 -6.47 -15.26
CA VAL A 44 3.78 -6.09 -14.81
C VAL A 44 3.09 -7.24 -14.06
N SER A 45 3.37 -8.49 -14.44
CA SER A 45 2.81 -9.66 -13.77
C SER A 45 3.17 -9.67 -12.27
N ILE A 46 4.32 -9.10 -11.90
CA ILE A 46 4.76 -9.06 -10.51
C ILE A 46 4.23 -7.81 -9.82
N VAL A 47 4.03 -6.71 -10.56
CA VAL A 47 3.34 -5.55 -10.01
C VAL A 47 1.98 -6.01 -9.51
N LYS A 48 1.25 -6.81 -10.30
CA LYS A 48 -0.08 -7.27 -9.94
C LYS A 48 -0.03 -8.11 -8.67
N GLU A 49 0.92 -9.04 -8.55
CA GLU A 49 1.17 -9.80 -7.34
C GLU A 49 1.33 -8.86 -6.15
N PHE A 50 2.32 -7.95 -6.22
CA PHE A 50 2.64 -7.02 -5.15
C PHE A 50 1.46 -6.14 -4.76
N SER A 51 0.78 -5.60 -5.77
CA SER A 51 -0.34 -4.71 -5.59
C SER A 51 -1.36 -5.43 -4.74
N GLU A 52 -1.81 -6.63 -5.12
CA GLU A 52 -2.67 -7.45 -4.27
C GLU A 52 -2.12 -7.53 -2.84
N PHE A 53 -0.85 -7.93 -2.66
CA PHE A 53 -0.31 -8.14 -1.32
C PHE A 53 -0.38 -6.86 -0.46
N ILE A 54 -0.35 -5.68 -1.08
CA ILE A 54 -0.57 -4.39 -0.44
C ILE A 54 -2.06 -4.19 -0.18
N LEU A 55 -2.89 -4.29 -1.22
CA LEU A 55 -4.27 -3.86 -1.21
C LEU A 55 -5.08 -4.67 -0.20
N LYS A 56 -4.83 -5.98 -0.15
CA LYS A 56 -5.56 -6.95 0.68
C LYS A 56 -5.33 -6.66 2.16
N ARG A 57 -4.31 -5.86 2.51
CA ARG A 57 -4.06 -5.47 3.89
C ARG A 57 -5.18 -4.62 4.45
N LEU A 58 -5.90 -3.87 3.60
CA LEU A 58 -7.05 -3.10 4.02
C LEU A 58 -8.20 -4.01 4.39
N ASP A 59 -8.23 -5.27 3.90
CA ASP A 59 -9.22 -6.23 4.33
C ASP A 59 -8.83 -6.94 5.64
N ASN A 60 -7.65 -6.66 6.21
CA ASN A 60 -7.09 -7.42 7.33
C ASN A 60 -7.53 -6.82 8.68
N LYS A 61 -7.66 -7.65 9.72
CA LYS A 61 -8.42 -7.34 10.94
C LYS A 61 -7.49 -6.88 12.06
N SER A 62 -6.83 -5.75 11.85
CA SER A 62 -6.06 -5.04 12.87
C SER A 62 -6.21 -3.55 12.60
N PRO A 63 -6.26 -2.71 13.65
CA PRO A 63 -6.18 -1.27 13.53
C PRO A 63 -4.72 -0.79 13.41
N ILE A 64 -3.70 -1.63 13.18
CA ILE A 64 -2.33 -1.23 12.84
C ILE A 64 -1.93 -1.68 11.44
N VAL A 65 -2.28 -2.92 11.07
CA VAL A 65 -1.95 -3.48 9.76
C VAL A 65 -2.44 -2.57 8.63
N LYS A 66 -3.52 -1.81 8.86
CA LYS A 66 -4.15 -1.05 7.77
C LYS A 66 -3.27 0.16 7.48
N GLN A 67 -2.99 0.95 8.50
CA GLN A 67 -2.26 2.20 8.48
C GLN A 67 -0.84 1.95 7.98
N LYS A 68 -0.21 0.85 8.41
CA LYS A 68 1.08 0.41 7.89
C LYS A 68 1.06 0.29 6.37
N ALA A 69 0.02 -0.31 5.77
CA ALA A 69 -0.10 -0.40 4.31
C ALA A 69 -0.41 0.97 3.70
N LEU A 70 -1.25 1.79 4.33
CA LEU A 70 -1.66 3.08 3.78
C LEU A 70 -0.46 4.01 3.53
N ARG A 71 0.47 4.13 4.49
CA ARG A 71 1.70 4.90 4.26
C ARG A 71 2.57 4.26 3.16
N LEU A 72 2.65 2.93 3.13
CA LEU A 72 3.42 2.18 2.14
C LEU A 72 2.91 2.43 0.73
N ILE A 73 1.60 2.67 0.54
CA ILE A 73 1.04 2.81 -0.80
C ILE A 73 1.61 4.10 -1.35
N LYS A 74 1.19 5.24 -0.80
CA LYS A 74 1.55 6.56 -1.32
C LYS A 74 3.04 6.70 -1.59
N TYR A 75 3.90 6.12 -0.75
CA TYR A 75 5.34 6.19 -0.92
C TYR A 75 5.77 5.43 -2.18
N ALA A 76 5.27 4.21 -2.40
CA ALA A 76 5.58 3.43 -3.59
C ALA A 76 4.85 3.93 -4.85
N VAL A 77 3.76 4.68 -4.72
CA VAL A 77 3.07 5.31 -5.82
C VAL A 77 3.93 6.50 -6.29
N GLY A 78 3.70 6.83 -7.54
CA GLY A 78 4.36 7.88 -8.29
C GLY A 78 5.79 7.51 -8.66
N LYS A 79 6.30 6.35 -8.24
CA LYS A 79 7.68 5.92 -8.51
C LYS A 79 7.80 4.56 -9.19
N SER A 80 6.83 3.67 -8.97
CA SER A 80 6.82 2.32 -9.48
C SER A 80 6.20 2.22 -10.89
N GLY A 81 6.41 3.25 -11.72
CA GLY A 81 6.03 3.25 -13.12
C GLY A 81 4.54 3.44 -13.34
N SER A 82 4.12 3.39 -14.61
CA SER A 82 2.72 3.41 -14.98
C SER A 82 2.01 2.17 -14.44
N GLU A 83 2.69 1.04 -14.32
CA GLU A 83 2.06 -0.23 -14.00
C GLU A 83 1.42 -0.14 -12.60
N PHE A 84 2.25 0.08 -11.59
CA PHE A 84 1.83 0.01 -10.19
C PHE A 84 0.77 1.06 -9.86
N ARG A 85 0.87 2.26 -10.46
CA ARG A 85 -0.09 3.31 -10.11
C ARG A 85 -1.48 2.84 -10.52
N ARG A 86 -1.65 2.27 -11.71
CA ARG A 86 -2.98 1.89 -12.16
C ARG A 86 -3.46 0.66 -11.42
N GLU A 87 -2.60 -0.29 -11.05
CA GLU A 87 -3.02 -1.41 -10.21
C GLU A 87 -3.50 -0.96 -8.83
N MET A 88 -2.93 0.12 -8.30
CA MET A 88 -3.44 0.78 -7.10
C MET A 88 -4.83 1.39 -7.40
N GLN A 89 -4.98 2.19 -8.46
CA GLN A 89 -6.26 2.81 -8.87
C GLN A 89 -7.37 1.78 -9.02
N ARG A 90 -7.07 0.65 -9.69
CA ARG A 90 -8.03 -0.42 -10.00
C ARG A 90 -8.70 -0.98 -8.75
N ASN A 91 -8.05 -0.90 -7.59
CA ASN A 91 -8.50 -1.52 -6.34
C ASN A 91 -8.59 -0.46 -5.23
N SER A 92 -8.50 0.82 -5.59
CA SER A 92 -8.37 1.95 -4.67
C SER A 92 -9.58 2.14 -3.77
N VAL A 93 -10.73 1.52 -4.05
CA VAL A 93 -11.90 1.63 -3.18
C VAL A 93 -11.57 1.17 -1.76
N ALA A 94 -10.68 0.18 -1.62
CA ALA A 94 -10.35 -0.42 -0.35
C ALA A 94 -9.81 0.61 0.64
N VAL A 95 -9.03 1.56 0.14
CA VAL A 95 -8.47 2.66 0.91
C VAL A 95 -9.60 3.66 1.19
N ARG A 96 -10.32 4.06 0.15
CA ARG A 96 -11.41 5.03 0.21
C ARG A 96 -12.45 4.59 1.25
N ASN A 97 -12.69 3.29 1.40
CA ASN A 97 -13.69 2.76 2.31
C ASN A 97 -13.22 2.73 3.78
N LEU A 98 -11.94 3.05 4.02
CA LEU A 98 -11.34 3.12 5.35
C LEU A 98 -11.04 4.56 5.79
N PHE A 99 -11.36 5.53 4.93
CA PHE A 99 -11.39 6.98 5.22
C PHE A 99 -12.05 7.28 6.56
N HIS A 100 -13.12 6.56 6.87
CA HIS A 100 -13.82 6.66 8.13
C HIS A 100 -13.71 5.28 8.75
N TYR A 101 -12.66 5.05 9.53
CA TYR A 101 -12.49 3.84 10.30
C TYR A 101 -12.64 4.14 11.78
N LYS A 102 -13.24 3.19 12.51
CA LYS A 102 -13.55 3.31 13.93
C LYS A 102 -13.19 2.04 14.69
N GLY A 103 -13.39 0.89 14.06
CA GLY A 103 -13.00 -0.41 14.62
C GLY A 103 -13.56 -0.57 16.01
N HIS A 104 -12.70 -0.53 17.04
CA HIS A 104 -13.04 -0.44 18.46
C HIS A 104 -12.14 0.60 19.13
N PRO A 105 -12.53 1.12 20.31
CA PRO A 105 -11.71 2.04 21.08
C PRO A 105 -10.47 1.38 21.66
N ASP A 106 -9.75 2.12 22.51
CA ASP A 106 -8.48 1.73 23.08
C ASP A 106 -8.57 1.76 24.61
N PRO A 107 -7.70 1.01 25.31
CA PRO A 107 -7.62 1.02 26.77
C PRO A 107 -7.00 2.30 27.36
N LEU A 108 -6.20 3.04 26.58
CA LEU A 108 -5.50 4.25 26.98
C LEU A 108 -5.39 5.20 25.80
N LYS A 109 -4.97 4.69 24.64
CA LYS A 109 -4.69 5.46 23.43
C LYS A 109 -5.89 6.25 22.89
N GLY A 110 -7.10 6.05 23.40
CA GLY A 110 -8.29 6.81 23.05
C GLY A 110 -8.60 6.72 21.56
N ASP A 111 -8.81 5.50 21.06
CA ASP A 111 -9.13 5.15 19.67
C ASP A 111 -8.19 5.77 18.62
N ALA A 112 -7.01 6.23 19.05
CA ALA A 112 -5.98 6.75 18.18
C ALA A 112 -5.45 5.67 17.23
N LEU A 113 -5.55 4.37 17.60
CA LEU A 113 -5.08 3.28 16.76
C LEU A 113 -5.89 3.28 15.45
N ASN A 114 -7.21 3.12 15.57
CA ASN A 114 -8.12 3.12 14.42
C ASN A 114 -8.21 4.50 13.79
N LYS A 115 -8.21 5.59 14.55
CA LYS A 115 -8.29 6.93 13.97
C LYS A 115 -7.10 7.17 13.04
N ALA A 116 -5.90 6.66 13.36
CA ALA A 116 -4.76 6.80 12.48
C ALA A 116 -5.00 6.19 11.09
N VAL A 117 -5.77 5.10 10.97
CA VAL A 117 -6.16 4.53 9.67
C VAL A 117 -6.83 5.62 8.84
N ARG A 118 -7.84 6.26 9.44
CA ARG A 118 -8.76 7.18 8.82
C ARG A 118 -7.97 8.27 8.09
N GLU A 119 -7.01 8.91 8.77
CA GLU A 119 -6.33 10.08 8.22
C GLU A 119 -5.26 9.71 7.20
N THR A 120 -4.58 8.57 7.38
CA THR A 120 -3.60 8.12 6.41
C THR A 120 -4.30 7.71 5.11
N ALA A 121 -5.53 7.16 5.19
CA ALA A 121 -6.27 6.74 4.02
C ALA A 121 -6.54 7.91 3.07
N HIS A 122 -6.84 9.09 3.64
CA HIS A 122 -7.08 10.29 2.85
C HIS A 122 -5.84 10.60 2.01
N GLU A 123 -4.68 10.67 2.67
CA GLU A 123 -3.37 10.90 2.06
C GLU A 123 -3.07 9.92 0.93
N THR A 124 -3.39 8.65 1.14
CA THR A 124 -3.11 7.62 0.15
C THR A 124 -3.77 7.97 -1.20
N ILE A 125 -5.02 8.43 -1.21
CA ILE A 125 -5.75 8.72 -2.45
C ILE A 125 -5.15 9.89 -3.21
N SER A 126 -4.55 10.84 -2.49
CA SER A 126 -3.81 11.92 -3.13
C SER A 126 -2.71 11.37 -4.05
N ALA A 127 -2.10 10.25 -3.67
CA ALA A 127 -1.01 9.62 -4.39
C ALA A 127 -1.56 8.68 -5.47
N ILE A 128 -2.53 7.81 -5.16
CA ILE A 128 -3.09 6.84 -6.09
C ILE A 128 -3.44 7.52 -7.43
N PHE A 129 -4.12 8.67 -7.39
CA PHE A 129 -4.58 9.38 -8.59
C PHE A 129 -3.66 10.55 -8.97
N SER A 130 -2.47 10.65 -8.36
CA SER A 130 -1.46 11.66 -8.67
C SER A 130 -1.11 11.64 -10.16
N GLU A 131 -0.58 12.75 -10.65
CA GLU A 131 -0.30 12.98 -12.05
C GLU A 131 1.19 13.25 -12.31
N GLU A 132 1.92 13.76 -11.31
CA GLU A 132 3.36 13.99 -11.39
C GLU A 132 4.08 12.65 -11.48
N ASN A 133 4.91 12.51 -12.52
CA ASN A 133 5.56 11.26 -12.92
C ASN A 133 6.60 11.61 -13.99
N GLY A 134 7.56 10.73 -14.23
CA GLY A 134 8.34 10.77 -15.48
C GLY A 134 8.84 9.39 -15.85
N SER A 135 9.41 8.65 -14.89
CA SER A 135 9.70 7.22 -15.07
C SER A 135 8.35 6.51 -15.21
N GLY A 136 8.05 5.95 -16.38
CA GLY A 136 6.76 5.34 -16.66
C GLY A 136 6.47 5.33 -18.16
N PRO A 137 5.72 6.30 -18.71
CA PRO A 137 5.15 6.20 -20.05
C PRO A 137 6.19 6.32 -21.17
N SER A 138 7.41 6.78 -20.87
CA SER A 138 8.54 6.64 -21.79
C SER A 138 8.90 5.16 -22.04
N SER A 139 8.20 4.19 -21.43
CA SER A 139 8.29 2.77 -21.77
C SER A 139 7.00 2.24 -22.42
N GLY A 140 5.87 2.96 -22.44
CA GLY A 140 4.61 2.38 -22.88
C GLY A 140 3.51 3.39 -22.83
N GLY A 1 23.95 -27.05 -2.98
CA GLY A 1 23.96 -25.60 -3.21
C GLY A 1 22.53 -25.08 -3.12
N SER A 2 22.19 -24.04 -3.86
CA SER A 2 20.79 -23.68 -4.05
C SER A 2 20.53 -23.07 -5.42
N SER A 3 19.26 -22.77 -5.68
CA SER A 3 18.66 -22.30 -6.90
C SER A 3 17.37 -21.54 -6.51
N GLY A 4 16.67 -20.97 -7.48
CA GLY A 4 15.46 -20.19 -7.25
C GLY A 4 14.73 -19.96 -8.57
N SER A 5 13.54 -19.36 -8.53
CA SER A 5 12.84 -18.80 -9.68
C SER A 5 12.69 -17.29 -9.45
N SER A 6 12.40 -16.52 -10.50
CA SER A 6 12.50 -15.06 -10.48
C SER A 6 11.16 -14.37 -10.81
N GLY A 7 10.07 -15.13 -10.93
CA GLY A 7 8.71 -14.63 -11.00
C GLY A 7 7.84 -15.49 -10.08
N GLU A 8 6.60 -15.07 -9.85
CA GLU A 8 5.59 -15.69 -8.98
C GLU A 8 6.14 -16.23 -7.64
N SER A 9 7.13 -15.55 -7.05
CA SER A 9 7.69 -15.90 -5.74
C SER A 9 6.66 -15.69 -4.64
N TYR A 10 6.55 -16.67 -3.73
CA TYR A 10 5.87 -16.48 -2.45
C TYR A 10 6.57 -15.38 -1.64
N TRP A 11 7.91 -15.34 -1.67
CA TRP A 11 8.68 -14.37 -0.90
C TRP A 11 8.34 -12.91 -1.23
N ARG A 12 7.78 -12.63 -2.41
CA ARG A 12 7.26 -11.32 -2.78
C ARG A 12 6.27 -10.79 -1.75
N SER A 13 5.43 -11.68 -1.19
CA SER A 13 4.45 -11.31 -0.17
C SER A 13 5.17 -10.84 1.09
N ARG A 14 6.25 -11.54 1.45
CA ARG A 14 6.97 -11.31 2.71
C ARG A 14 7.51 -9.90 2.81
N MET A 15 7.77 -9.22 1.69
CA MET A 15 8.25 -7.86 1.75
C MET A 15 7.15 -6.97 2.33
N ILE A 16 5.95 -7.07 1.76
CA ILE A 16 4.78 -6.31 2.20
C ILE A 16 4.52 -6.71 3.66
N ASP A 17 4.39 -8.02 3.89
CA ASP A 17 4.01 -8.62 5.16
C ASP A 17 4.91 -8.17 6.30
N ALA A 18 6.22 -8.01 6.03
CA ALA A 18 7.18 -7.50 6.99
C ALA A 18 6.83 -6.07 7.41
N VAL A 19 6.74 -5.13 6.47
CA VAL A 19 6.53 -3.72 6.80
C VAL A 19 5.13 -3.42 7.32
N THR A 20 4.17 -4.34 7.13
CA THR A 20 2.81 -4.17 7.60
C THR A 20 2.60 -4.68 9.03
N SER A 21 3.62 -5.28 9.67
CA SER A 21 3.41 -6.19 10.80
C SER A 21 2.75 -5.44 11.96
N ASP A 22 1.54 -5.83 12.34
CA ASP A 22 0.74 -5.22 13.40
C ASP A 22 1.48 -5.26 14.72
N GLU A 23 2.08 -4.13 15.11
CA GLU A 23 2.67 -3.80 16.39
C GLU A 23 2.63 -2.29 16.61
N ASP A 24 2.84 -1.87 17.85
CA ASP A 24 2.91 -0.46 18.25
C ASP A 24 4.03 0.32 17.56
N LYS A 25 5.05 -0.36 17.03
CA LYS A 25 6.20 0.28 16.40
C LYS A 25 5.95 0.59 14.93
N VAL A 26 6.69 1.56 14.38
CA VAL A 26 6.83 1.74 12.94
C VAL A 26 7.82 0.73 12.35
N ALA A 27 7.96 0.72 11.02
CA ALA A 27 9.09 0.16 10.29
C ALA A 27 9.94 1.31 9.75
N PRO A 28 11.22 1.08 9.40
CA PRO A 28 12.04 2.10 8.79
C PRO A 28 11.64 2.31 7.33
N VAL A 29 12.04 3.44 6.75
CA VAL A 29 11.72 3.76 5.36
C VAL A 29 12.49 2.86 4.39
N TYR A 30 13.72 2.45 4.72
CA TYR A 30 14.49 1.64 3.79
C TYR A 30 13.79 0.31 3.49
N LYS A 31 13.07 -0.26 4.48
CA LYS A 31 12.33 -1.48 4.24
C LYS A 31 11.10 -1.22 3.38
N LEU A 32 10.56 0.00 3.30
CA LEU A 32 9.43 0.35 2.46
C LEU A 32 9.91 0.54 1.02
N GLU A 33 11.03 1.24 0.81
CA GLU A 33 11.47 1.59 -0.54
C GLU A 33 11.93 0.36 -1.31
N GLU A 34 12.37 -0.68 -0.61
CA GLU A 34 12.68 -1.99 -1.17
C GLU A 34 11.50 -2.54 -2.01
N ILE A 35 10.25 -2.28 -1.60
CA ILE A 35 9.07 -2.70 -2.35
C ILE A 35 8.96 -1.87 -3.63
N CYS A 36 9.09 -0.54 -3.53
CA CYS A 36 8.95 0.33 -4.70
C CYS A 36 10.03 0.01 -5.72
N ASP A 37 11.22 -0.39 -5.27
CA ASP A 37 12.33 -0.82 -6.09
C ASP A 37 11.95 -2.07 -6.88
N LEU A 38 11.52 -3.13 -6.20
CA LEU A 38 11.21 -4.39 -6.87
C LEU A 38 10.17 -4.17 -7.96
N LEU A 39 9.08 -3.47 -7.64
CA LEU A 39 8.05 -3.16 -8.62
C LEU A 39 8.62 -2.41 -9.80
N ARG A 40 9.51 -1.44 -9.59
CA ARG A 40 10.13 -0.68 -10.68
C ARG A 40 11.04 -1.57 -11.51
N SER A 41 11.70 -2.53 -10.87
CA SER A 41 12.59 -3.53 -11.45
C SER A 41 11.81 -4.64 -12.20
N SER A 42 10.49 -4.76 -12.04
CA SER A 42 9.74 -5.98 -12.39
C SER A 42 8.67 -5.80 -13.48
N HIS A 43 8.27 -6.95 -14.03
CA HIS A 43 7.21 -7.13 -15.01
C HIS A 43 5.81 -6.98 -14.39
N VAL A 44 4.79 -6.78 -15.24
CA VAL A 44 3.41 -6.52 -14.83
C VAL A 44 2.84 -7.66 -13.98
N SER A 45 3.13 -8.92 -14.31
CA SER A 45 2.73 -10.06 -13.52
C SER A 45 3.26 -10.05 -12.07
N ILE A 46 4.28 -9.25 -11.78
CA ILE A 46 4.81 -9.10 -10.43
C ILE A 46 4.06 -7.95 -9.75
N VAL A 47 3.81 -6.86 -10.48
CA VAL A 47 3.03 -5.72 -10.01
C VAL A 47 1.69 -6.22 -9.50
N LYS A 48 0.98 -7.04 -10.28
CA LYS A 48 -0.34 -7.57 -9.91
C LYS A 48 -0.27 -8.23 -8.53
N GLU A 49 0.67 -9.16 -8.36
CA GLU A 49 0.78 -9.94 -7.14
C GLU A 49 1.12 -9.05 -5.97
N PHE A 50 2.04 -8.11 -6.18
CA PHE A 50 2.45 -7.19 -5.15
C PHE A 50 1.27 -6.30 -4.73
N SER A 51 0.57 -5.73 -5.72
CA SER A 51 -0.57 -4.84 -5.54
C SER A 51 -1.54 -5.54 -4.64
N GLU A 52 -1.95 -6.75 -5.00
CA GLU A 52 -2.78 -7.61 -4.16
C GLU A 52 -2.28 -7.69 -2.72
N PHE A 53 -1.03 -8.09 -2.46
CA PHE A 53 -0.52 -8.22 -1.08
C PHE A 53 -0.59 -6.90 -0.30
N ILE A 54 -0.58 -5.76 -1.01
CA ILE A 54 -0.74 -4.44 -0.43
C ILE A 54 -2.20 -4.18 -0.10
N LEU A 55 -3.07 -4.30 -1.10
CA LEU A 55 -4.47 -3.87 -1.06
C LEU A 55 -5.20 -4.66 0.01
N LYS A 56 -4.99 -5.98 0.04
CA LYS A 56 -5.65 -6.92 0.93
C LYS A 56 -5.32 -6.62 2.39
N ARG A 57 -4.28 -5.82 2.68
CA ARG A 57 -4.00 -5.42 4.03
C ARG A 57 -5.12 -4.54 4.58
N LEU A 58 -5.82 -3.77 3.74
CA LEU A 58 -6.91 -2.91 4.17
C LEU A 58 -8.17 -3.71 4.48
N ASP A 59 -8.33 -4.87 3.85
CA ASP A 59 -9.41 -5.81 4.10
C ASP A 59 -9.29 -6.46 5.49
N ASN A 60 -8.17 -6.27 6.20
CA ASN A 60 -7.93 -6.96 7.46
C ASN A 60 -8.81 -6.40 8.59
N LYS A 61 -8.85 -7.08 9.74
CA LYS A 61 -9.48 -6.59 10.96
C LYS A 61 -8.56 -5.71 11.79
N SER A 62 -7.24 -5.92 11.76
CA SER A 62 -6.34 -5.18 12.65
C SER A 62 -6.29 -3.71 12.20
N PRO A 63 -6.46 -2.74 13.12
CA PRO A 63 -6.27 -1.32 12.81
C PRO A 63 -4.84 -1.06 12.34
N ILE A 64 -3.85 -1.66 12.99
CA ILE A 64 -2.45 -1.31 12.81
C ILE A 64 -2.01 -1.75 11.43
N VAL A 65 -2.30 -2.99 11.09
CA VAL A 65 -1.95 -3.56 9.81
C VAL A 65 -2.57 -2.71 8.68
N LYS A 66 -3.75 -2.12 8.92
CA LYS A 66 -4.39 -1.28 7.90
C LYS A 66 -3.52 -0.04 7.74
N GLN A 67 -3.25 0.67 8.86
CA GLN A 67 -2.45 1.89 8.85
C GLN A 67 -1.11 1.65 8.18
N LYS A 68 -0.37 0.59 8.52
CA LYS A 68 1.00 0.39 8.01
C LYS A 68 1.07 0.30 6.48
N ALA A 69 0.03 -0.20 5.79
CA ALA A 69 -0.03 -0.24 4.35
C ALA A 69 -0.14 1.18 3.76
N LEU A 70 -0.90 2.06 4.40
CA LEU A 70 -1.25 3.37 3.83
C LEU A 70 -0.01 4.22 3.53
N ARG A 71 0.95 4.29 4.46
CA ARG A 71 2.24 4.96 4.22
C ARG A 71 3.09 4.26 3.17
N LEU A 72 2.97 2.94 3.02
CA LEU A 72 3.71 2.18 2.02
C LEU A 72 3.17 2.50 0.61
N ILE A 73 1.86 2.68 0.46
CA ILE A 73 1.21 2.87 -0.83
C ILE A 73 1.75 4.16 -1.44
N LYS A 74 1.32 5.30 -0.92
CA LYS A 74 1.67 6.62 -1.45
C LYS A 74 3.16 6.91 -1.54
N TYR A 75 3.99 6.18 -0.80
CA TYR A 75 5.42 6.28 -1.00
C TYR A 75 5.78 5.65 -2.35
N ALA A 76 5.45 4.36 -2.53
CA ALA A 76 5.81 3.59 -3.72
C ALA A 76 5.11 4.10 -4.98
N VAL A 77 3.83 4.50 -4.89
CA VAL A 77 3.02 4.98 -6.01
C VAL A 77 3.78 6.01 -6.84
N GLY A 78 4.42 6.97 -6.17
CA GLY A 78 5.13 8.07 -6.80
C GLY A 78 6.51 7.70 -7.36
N LYS A 79 6.81 6.42 -7.58
CA LYS A 79 8.16 5.96 -7.98
C LYS A 79 8.09 4.84 -9.00
N SER A 80 7.23 3.87 -8.76
CA SER A 80 7.15 2.55 -9.36
C SER A 80 7.19 2.43 -10.89
N GLY A 81 6.83 3.47 -11.67
CA GLY A 81 6.84 3.45 -13.13
C GLY A 81 5.44 3.74 -13.67
N SER A 82 4.84 2.88 -14.50
CA SER A 82 3.51 3.12 -15.06
C SER A 82 2.48 2.04 -14.74
N GLU A 83 2.87 0.77 -14.57
CA GLU A 83 1.95 -0.33 -14.24
C GLU A 83 1.32 -0.13 -12.86
N PHE A 84 2.13 -0.11 -11.81
CA PHE A 84 1.68 -0.13 -10.41
C PHE A 84 0.75 1.04 -10.11
N ARG A 85 1.06 2.23 -10.65
CA ARG A 85 0.24 3.40 -10.40
C ARG A 85 -1.19 3.23 -10.91
N ARG A 86 -1.49 2.24 -11.75
CA ARG A 86 -2.85 1.99 -12.23
C ARG A 86 -3.47 0.86 -11.43
N GLU A 87 -2.71 -0.18 -11.07
CA GLU A 87 -3.22 -1.29 -10.27
C GLU A 87 -3.70 -0.85 -8.88
N MET A 88 -3.08 0.17 -8.30
CA MET A 88 -3.58 0.80 -7.08
C MET A 88 -4.91 1.52 -7.31
N GLN A 89 -5.13 2.15 -8.48
CA GLN A 89 -6.41 2.75 -8.81
C GLN A 89 -7.50 1.69 -8.92
N ARG A 90 -7.22 0.56 -9.58
CA ARG A 90 -8.23 -0.47 -9.84
C ARG A 90 -8.87 -1.00 -8.56
N ASN A 91 -8.14 -0.98 -7.45
CA ASN A 91 -8.60 -1.50 -6.16
C ASN A 91 -8.57 -0.42 -5.08
N SER A 92 -8.60 0.86 -5.46
CA SER A 92 -8.45 1.98 -4.53
C SER A 92 -9.56 2.06 -3.48
N VAL A 93 -10.71 1.41 -3.74
CA VAL A 93 -11.85 1.41 -2.83
C VAL A 93 -11.42 0.85 -1.48
N ALA A 94 -10.46 -0.06 -1.43
CA ALA A 94 -10.06 -0.66 -0.18
C ALA A 94 -9.51 0.39 0.79
N VAL A 95 -8.93 1.47 0.25
CA VAL A 95 -8.41 2.60 1.01
C VAL A 95 -9.53 3.63 1.19
N ARG A 96 -10.24 3.99 0.11
CA ARG A 96 -11.30 4.99 0.13
C ARG A 96 -12.41 4.62 1.11
N ASN A 97 -12.65 3.32 1.31
CA ASN A 97 -13.70 2.82 2.19
C ASN A 97 -13.32 2.92 3.67
N LEU A 98 -12.10 3.37 4.01
CA LEU A 98 -11.56 3.48 5.36
C LEU A 98 -11.42 4.93 5.81
N PHE A 99 -11.75 5.88 4.94
CA PHE A 99 -11.79 7.31 5.25
C PHE A 99 -12.60 7.64 6.52
N HIS A 100 -13.50 6.77 6.97
CA HIS A 100 -14.31 7.00 8.16
C HIS A 100 -14.35 5.83 9.13
N TYR A 101 -13.26 5.06 9.24
CA TYR A 101 -13.20 3.96 10.18
C TYR A 101 -13.25 4.48 11.61
N LYS A 102 -13.72 3.61 12.51
CA LYS A 102 -13.77 3.85 13.95
C LYS A 102 -13.55 2.54 14.67
N GLY A 103 -14.27 1.50 14.26
CA GLY A 103 -14.23 0.19 14.86
C GLY A 103 -14.77 0.28 16.28
N HIS A 104 -13.93 0.01 17.29
CA HIS A 104 -14.22 0.15 18.72
C HIS A 104 -12.97 0.68 19.41
N PRO A 105 -13.09 1.42 20.52
CA PRO A 105 -11.95 1.96 21.22
C PRO A 105 -11.17 0.89 21.98
N ASP A 106 -9.99 1.29 22.40
CA ASP A 106 -8.90 0.49 22.87
C ASP A 106 -8.57 0.87 24.32
N PRO A 107 -8.03 -0.04 25.14
CA PRO A 107 -7.93 0.15 26.59
C PRO A 107 -7.05 1.33 26.98
N LEU A 108 -5.95 1.54 26.25
CA LEU A 108 -4.98 2.61 26.48
C LEU A 108 -5.03 3.61 25.33
N LYS A 109 -4.98 3.10 24.09
CA LYS A 109 -4.91 3.92 22.88
C LYS A 109 -6.23 4.70 22.66
N GLY A 110 -7.31 4.30 23.34
CA GLY A 110 -8.64 4.87 23.19
C GLY A 110 -9.06 4.77 21.74
N ASP A 111 -9.08 5.87 21.02
CA ASP A 111 -9.51 5.94 19.62
C ASP A 111 -8.38 6.39 18.68
N ALA A 112 -7.12 6.34 19.13
CA ALA A 112 -5.96 6.73 18.35
C ALA A 112 -5.67 5.77 17.20
N LEU A 113 -5.75 4.45 17.42
CA LEU A 113 -5.32 3.44 16.45
C LEU A 113 -6.16 3.55 15.20
N ASN A 114 -7.50 3.53 15.36
CA ASN A 114 -8.42 3.67 14.24
C ASN A 114 -8.25 5.01 13.54
N LYS A 115 -8.05 6.10 14.29
CA LYS A 115 -7.91 7.41 13.69
C LYS A 115 -6.64 7.45 12.84
N ALA A 116 -5.53 6.91 13.33
CA ALA A 116 -4.35 6.76 12.51
C ALA A 116 -4.61 5.99 11.20
N VAL A 117 -5.61 5.10 11.13
CA VAL A 117 -6.03 4.53 9.84
C VAL A 117 -6.86 5.57 9.04
N ARG A 118 -7.72 6.37 9.67
CA ARG A 118 -8.74 7.14 8.96
C ARG A 118 -8.06 8.21 8.12
N GLU A 119 -7.16 8.98 8.74
CA GLU A 119 -6.57 10.16 8.11
C GLU A 119 -5.59 9.72 7.04
N THR A 120 -4.68 8.81 7.40
CA THR A 120 -3.61 8.34 6.53
C THR A 120 -4.15 7.84 5.18
N ALA A 121 -5.38 7.30 5.17
CA ALA A 121 -5.98 6.81 3.94
C ALA A 121 -6.29 7.94 2.95
N HIS A 122 -6.54 9.17 3.41
CA HIS A 122 -6.70 10.34 2.55
C HIS A 122 -5.40 10.61 1.81
N GLU A 123 -4.29 10.72 2.55
CA GLU A 123 -2.96 10.91 1.98
C GLU A 123 -2.63 9.82 0.96
N THR A 124 -3.08 8.59 1.19
CA THR A 124 -2.92 7.53 0.23
C THR A 124 -3.61 7.87 -1.10
N ILE A 125 -4.89 8.27 -1.11
CA ILE A 125 -5.61 8.55 -2.36
C ILE A 125 -4.99 9.74 -3.10
N SER A 126 -4.48 10.73 -2.37
CA SER A 126 -3.76 11.86 -2.96
C SER A 126 -2.59 11.39 -3.84
N ALA A 127 -2.00 10.22 -3.56
CA ALA A 127 -1.01 9.60 -4.42
C ALA A 127 -1.67 8.68 -5.46
N ILE A 128 -2.62 7.81 -5.06
CA ILE A 128 -3.20 6.83 -5.98
C ILE A 128 -3.68 7.51 -7.28
N PHE A 129 -4.24 8.71 -7.19
CA PHE A 129 -4.81 9.46 -8.31
C PHE A 129 -4.00 10.72 -8.62
N SER A 130 -2.71 10.73 -8.24
CA SER A 130 -1.79 11.79 -8.63
C SER A 130 -1.57 11.80 -10.15
N GLU A 131 -1.05 12.91 -10.65
CA GLU A 131 -0.73 13.14 -12.06
C GLU A 131 0.65 12.58 -12.42
N GLU A 132 0.95 12.53 -13.71
CA GLU A 132 2.26 12.20 -14.30
C GLU A 132 3.38 13.07 -13.72
N ASN A 133 3.16 14.39 -13.70
CA ASN A 133 4.13 15.48 -13.46
C ASN A 133 5.36 15.49 -14.39
N GLY A 134 5.64 14.38 -15.08
CA GLY A 134 6.71 14.21 -16.04
C GLY A 134 6.53 15.05 -17.30
N SER A 135 7.55 15.00 -18.16
CA SER A 135 7.82 15.86 -19.30
C SER A 135 8.13 17.32 -18.92
N GLY A 136 7.85 17.76 -17.70
CA GLY A 136 8.38 18.99 -17.17
C GLY A 136 8.09 19.08 -15.68
N PRO A 137 8.68 18.22 -14.83
CA PRO A 137 8.40 18.20 -13.40
C PRO A 137 9.05 19.37 -12.67
N SER A 138 9.96 20.11 -13.30
CA SER A 138 10.48 21.36 -12.77
C SER A 138 9.30 22.32 -12.65
N SER A 139 9.15 22.97 -11.49
CA SER A 139 8.12 23.96 -11.24
C SER A 139 8.77 25.29 -10.83
N GLY A 140 7.96 26.29 -10.48
CA GLY A 140 8.36 27.63 -10.11
C GLY A 140 7.48 28.61 -10.87
N GLY A 1 8.56 -33.80 -8.71
CA GLY A 1 7.69 -32.63 -8.79
C GLY A 1 7.71 -32.03 -10.18
N SER A 2 8.55 -31.01 -10.38
CA SER A 2 8.64 -30.24 -11.62
C SER A 2 7.26 -29.73 -12.06
N SER A 3 6.59 -29.00 -11.17
CA SER A 3 5.47 -28.13 -11.47
C SER A 3 5.74 -26.77 -10.86
N GLY A 4 5.30 -25.71 -11.52
CA GLY A 4 5.57 -24.36 -11.08
C GLY A 4 5.13 -23.35 -12.13
N SER A 5 5.58 -22.11 -12.00
CA SER A 5 5.28 -21.04 -12.92
C SER A 5 6.50 -20.12 -13.07
N SER A 6 6.41 -19.13 -13.95
CA SER A 6 7.34 -18.02 -14.03
C SER A 6 6.48 -16.75 -14.06
N GLY A 7 5.99 -16.34 -12.90
CA GLY A 7 5.16 -15.18 -12.72
C GLY A 7 5.11 -14.92 -11.22
N GLU A 8 4.15 -15.56 -10.54
CA GLU A 8 3.95 -15.51 -9.10
C GLU A 8 5.22 -15.97 -8.36
N SER A 9 5.52 -15.36 -7.22
CA SER A 9 6.39 -15.89 -6.17
C SER A 9 5.80 -15.55 -4.81
N TYR A 10 5.85 -16.50 -3.89
CA TYR A 10 5.44 -16.32 -2.51
C TYR A 10 6.34 -15.32 -1.80
N TRP A 11 7.67 -15.45 -1.92
CA TRP A 11 8.62 -14.67 -1.13
C TRP A 11 8.42 -13.17 -1.32
N ARG A 12 8.05 -12.74 -2.52
CA ARG A 12 7.72 -11.35 -2.84
C ARG A 12 6.67 -10.76 -1.88
N SER A 13 5.72 -11.55 -1.39
CA SER A 13 4.71 -11.08 -0.46
C SER A 13 5.34 -10.72 0.88
N ARG A 14 6.36 -11.45 1.31
CA ARG A 14 6.98 -11.32 2.62
C ARG A 14 7.53 -9.92 2.85
N MET A 15 7.94 -9.24 1.79
CA MET A 15 8.46 -7.88 1.87
C MET A 15 7.35 -6.96 2.35
N ILE A 16 6.17 -7.06 1.73
CA ILE A 16 4.98 -6.33 2.11
C ILE A 16 4.63 -6.75 3.54
N ASP A 17 4.44 -8.05 3.77
CA ASP A 17 3.92 -8.63 4.99
C ASP A 17 4.69 -8.09 6.19
N ALA A 18 6.03 -8.20 6.11
CA ALA A 18 6.96 -7.78 7.14
C ALA A 18 6.71 -6.33 7.56
N VAL A 19 6.75 -5.37 6.63
CA VAL A 19 6.58 -3.96 6.98
C VAL A 19 5.13 -3.62 7.38
N THR A 20 4.18 -4.53 7.18
CA THR A 20 2.79 -4.35 7.58
C THR A 20 2.45 -5.07 8.89
N SER A 21 3.46 -5.63 9.57
CA SER A 21 3.34 -6.38 10.81
C SER A 21 2.63 -5.51 11.83
N ASP A 22 1.44 -5.93 12.27
CA ASP A 22 0.61 -5.18 13.20
C ASP A 22 1.32 -5.13 14.56
N GLU A 23 1.88 -3.97 14.90
CA GLU A 23 2.56 -3.70 16.16
C GLU A 23 2.42 -2.21 16.46
N ASP A 24 2.48 -1.82 17.73
CA ASP A 24 2.64 -0.43 18.14
C ASP A 24 4.10 0.02 17.91
N LYS A 25 4.62 -0.20 16.69
CA LYS A 25 5.93 0.22 16.22
C LYS A 25 5.82 0.61 14.75
N VAL A 26 6.90 1.19 14.21
CA VAL A 26 6.95 1.72 12.87
C VAL A 26 8.17 1.11 12.20
N ALA A 27 7.97 0.53 11.01
CA ALA A 27 9.04 -0.02 10.19
C ALA A 27 9.97 1.11 9.71
N PRO A 28 11.24 0.80 9.38
CA PRO A 28 12.16 1.78 8.81
C PRO A 28 11.80 2.07 7.35
N VAL A 29 12.26 3.21 6.84
CA VAL A 29 12.03 3.57 5.45
C VAL A 29 12.71 2.59 4.50
N TYR A 30 13.91 2.10 4.81
CA TYR A 30 14.65 1.28 3.85
C TYR A 30 13.90 -0.02 3.52
N LYS A 31 13.14 -0.56 4.48
CA LYS A 31 12.36 -1.77 4.23
C LYS A 31 11.13 -1.48 3.37
N LEU A 32 10.70 -0.22 3.23
CA LEU A 32 9.59 0.16 2.36
C LEU A 32 10.08 0.40 0.94
N GLU A 33 11.22 1.09 0.77
CA GLU A 33 11.69 1.47 -0.56
C GLU A 33 12.03 0.25 -1.40
N GLU A 34 12.50 -0.81 -0.76
CA GLU A 34 12.88 -2.08 -1.36
C GLU A 34 11.78 -2.62 -2.28
N ILE A 35 10.52 -2.47 -1.88
CA ILE A 35 9.38 -2.96 -2.63
C ILE A 35 9.28 -2.19 -3.95
N CYS A 36 9.46 -0.86 -3.91
CA CYS A 36 9.47 -0.04 -5.11
C CYS A 36 10.60 -0.50 -6.03
N ASP A 37 11.77 -0.78 -5.44
CA ASP A 37 12.94 -1.20 -6.20
C ASP A 37 12.62 -2.46 -6.96
N LEU A 38 11.98 -3.45 -6.33
CA LEU A 38 11.53 -4.63 -7.04
C LEU A 38 10.53 -4.27 -8.12
N LEU A 39 9.50 -3.46 -7.84
CA LEU A 39 8.46 -3.10 -8.79
C LEU A 39 9.00 -2.35 -10.02
N ARG A 40 10.19 -1.74 -9.98
CA ARG A 40 10.90 -1.29 -11.18
C ARG A 40 11.73 -2.41 -11.80
N SER A 41 12.42 -3.20 -10.98
CA SER A 41 13.25 -4.33 -11.41
C SER A 41 12.42 -5.49 -12.00
N SER A 42 11.10 -5.43 -11.94
CA SER A 42 10.16 -6.50 -12.26
C SER A 42 9.35 -6.16 -13.51
N HIS A 43 8.54 -7.11 -13.97
CA HIS A 43 7.59 -6.92 -15.06
C HIS A 43 6.19 -6.64 -14.51
N VAL A 44 5.24 -6.22 -15.36
CA VAL A 44 3.87 -5.92 -14.96
C VAL A 44 3.19 -7.13 -14.28
N SER A 45 3.49 -8.35 -14.72
CA SER A 45 3.03 -9.58 -14.07
C SER A 45 3.31 -9.58 -12.56
N ILE A 46 4.39 -8.93 -12.12
CA ILE A 46 4.81 -8.94 -10.73
C ILE A 46 4.19 -7.77 -9.97
N VAL A 47 3.97 -6.63 -10.66
CA VAL A 47 3.23 -5.49 -10.11
C VAL A 47 1.90 -6.01 -9.58
N LYS A 48 1.23 -6.85 -10.36
CA LYS A 48 -0.07 -7.43 -10.06
C LYS A 48 -0.07 -8.09 -8.69
N GLU A 49 0.81 -9.06 -8.48
CA GLU A 49 0.83 -9.78 -7.20
C GLU A 49 1.22 -8.82 -6.07
N PHE A 50 2.20 -7.94 -6.30
CA PHE A 50 2.65 -7.02 -5.27
C PHE A 50 1.52 -6.12 -4.81
N SER A 51 0.81 -5.54 -5.78
CA SER A 51 -0.37 -4.74 -5.58
C SER A 51 -1.33 -5.55 -4.71
N GLU A 52 -1.72 -6.76 -5.12
CA GLU A 52 -2.60 -7.61 -4.33
C GLU A 52 -2.16 -7.74 -2.86
N PHE A 53 -0.88 -8.04 -2.59
CA PHE A 53 -0.36 -8.21 -1.24
C PHE A 53 -0.54 -6.94 -0.39
N ILE A 54 -0.43 -5.77 -1.02
CA ILE A 54 -0.59 -4.46 -0.42
C ILE A 54 -2.07 -4.18 -0.19
N LEU A 55 -2.89 -4.33 -1.22
CA LEU A 55 -4.29 -3.95 -1.23
C LEU A 55 -5.05 -4.76 -0.19
N LYS A 56 -4.77 -6.07 -0.12
CA LYS A 56 -5.43 -7.00 0.79
C LYS A 56 -5.17 -6.62 2.24
N ARG A 57 -4.09 -5.87 2.49
CA ARG A 57 -3.75 -5.43 3.84
C ARG A 57 -4.83 -4.53 4.44
N LEU A 58 -5.58 -3.83 3.61
CA LEU A 58 -6.67 -2.97 4.07
C LEU A 58 -7.90 -3.78 4.51
N ASP A 59 -7.89 -5.10 4.29
CA ASP A 59 -9.00 -5.99 4.55
C ASP A 59 -8.80 -6.82 5.82
N ASN A 60 -7.54 -6.91 6.26
CA ASN A 60 -7.10 -7.76 7.37
C ASN A 60 -7.63 -7.27 8.73
N LYS A 61 -7.72 -8.16 9.71
CA LYS A 61 -8.20 -7.89 11.07
C LYS A 61 -7.08 -7.32 11.93
N SER A 62 -6.96 -5.99 11.95
CA SER A 62 -6.24 -5.17 12.93
C SER A 62 -6.46 -3.72 12.51
N PRO A 63 -6.60 -2.75 13.42
CA PRO A 63 -6.46 -1.34 13.06
C PRO A 63 -5.08 -1.04 12.43
N ILE A 64 -4.01 -1.62 12.95
CA ILE A 64 -2.64 -1.15 12.70
C ILE A 64 -2.17 -1.60 11.33
N VAL A 65 -2.47 -2.87 10.99
CA VAL A 65 -2.08 -3.43 9.71
C VAL A 65 -2.56 -2.52 8.57
N LYS A 66 -3.71 -1.84 8.76
CA LYS A 66 -4.25 -1.02 7.68
C LYS A 66 -3.35 0.19 7.53
N GLN A 67 -3.19 0.97 8.60
CA GLN A 67 -2.45 2.22 8.55
C GLN A 67 -1.01 2.00 8.11
N LYS A 68 -0.41 0.86 8.47
CA LYS A 68 0.92 0.51 7.98
C LYS A 68 0.95 0.50 6.45
N ALA A 69 0.07 -0.26 5.79
CA ALA A 69 0.02 -0.31 4.34
C ALA A 69 -0.23 1.07 3.73
N LEU A 70 -1.05 1.91 4.37
CA LEU A 70 -1.34 3.25 3.87
C LEU A 70 -0.04 4.06 3.72
N ARG A 71 0.89 3.98 4.69
CA ARG A 71 2.21 4.64 4.55
C ARG A 71 2.97 4.10 3.33
N LEU A 72 3.00 2.78 3.16
CA LEU A 72 3.75 2.12 2.10
C LEU A 72 3.20 2.50 0.72
N ILE A 73 1.87 2.59 0.56
CA ILE A 73 1.22 2.80 -0.73
C ILE A 73 1.72 4.14 -1.26
N LYS A 74 1.25 5.24 -0.67
CA LYS A 74 1.63 6.59 -1.05
C LYS A 74 3.14 6.79 -1.18
N TYR A 75 3.96 6.06 -0.42
CA TYR A 75 5.39 6.17 -0.60
C TYR A 75 5.79 5.64 -1.97
N ALA A 76 5.45 4.39 -2.31
CA ALA A 76 5.83 3.77 -3.57
C ALA A 76 5.08 4.38 -4.77
N VAL A 77 3.81 4.74 -4.59
CA VAL A 77 2.95 5.33 -5.60
C VAL A 77 3.62 6.62 -6.10
N GLY A 78 3.97 6.59 -7.38
CA GLY A 78 4.56 7.71 -8.10
C GLY A 78 6.03 7.44 -8.46
N LYS A 79 6.65 6.41 -7.86
CA LYS A 79 8.06 6.04 -8.07
C LYS A 79 8.15 4.86 -9.03
N SER A 80 7.39 3.82 -8.72
CA SER A 80 7.39 2.46 -9.23
C SER A 80 7.01 2.28 -10.70
N GLY A 81 7.11 3.30 -11.55
CA GLY A 81 6.50 3.27 -12.88
C GLY A 81 4.97 3.40 -12.77
N SER A 82 4.28 3.40 -13.90
CA SER A 82 2.86 3.71 -13.95
C SER A 82 1.95 2.49 -13.95
N GLU A 83 2.47 1.28 -14.19
CA GLU A 83 1.60 0.10 -14.13
C GLU A 83 1.01 0.02 -12.72
N PHE A 84 1.88 0.10 -11.71
CA PHE A 84 1.50 0.18 -10.31
C PHE A 84 0.63 1.42 -10.01
N ARG A 85 0.85 2.57 -10.69
CA ARG A 85 0.07 3.77 -10.40
C ARG A 85 -1.39 3.55 -10.82
N ARG A 86 -1.66 2.65 -11.77
CA ARG A 86 -3.00 2.32 -12.20
C ARG A 86 -3.56 1.16 -11.39
N GLU A 87 -2.80 0.10 -11.12
CA GLU A 87 -3.26 -1.07 -10.36
C GLU A 87 -3.75 -0.65 -8.97
N MET A 88 -3.06 0.28 -8.32
CA MET A 88 -3.52 0.88 -7.07
C MET A 88 -4.91 1.52 -7.23
N GLN A 89 -5.24 2.17 -8.35
CA GLN A 89 -6.59 2.68 -8.61
C GLN A 89 -7.59 1.52 -8.69
N ARG A 90 -7.28 0.44 -9.40
CA ARG A 90 -8.21 -0.64 -9.72
C ARG A 90 -8.80 -1.27 -8.45
N ASN A 91 -8.12 -1.17 -7.31
CA ASN A 91 -8.54 -1.73 -6.03
C ASN A 91 -8.56 -0.65 -4.95
N SER A 92 -8.55 0.64 -5.31
CA SER A 92 -8.43 1.76 -4.38
C SER A 92 -9.58 1.85 -3.38
N VAL A 93 -10.70 1.18 -3.63
CA VAL A 93 -11.87 1.21 -2.77
C VAL A 93 -11.52 0.79 -1.35
N ALA A 94 -10.59 -0.14 -1.15
CA ALA A 94 -10.30 -0.63 0.19
C ALA A 94 -9.83 0.53 1.08
N VAL A 95 -8.94 1.36 0.55
CA VAL A 95 -8.44 2.57 1.18
C VAL A 95 -9.58 3.59 1.28
N ARG A 96 -10.28 3.88 0.17
CA ARG A 96 -11.36 4.88 0.14
C ARG A 96 -12.43 4.60 1.17
N ASN A 97 -12.74 3.34 1.42
CA ASN A 97 -13.70 2.91 2.43
C ASN A 97 -13.24 3.32 3.83
N LEU A 98 -11.94 3.14 4.13
CA LEU A 98 -11.36 3.41 5.45
C LEU A 98 -11.33 4.90 5.82
N PHE A 99 -11.67 5.82 4.91
CA PHE A 99 -11.85 7.25 5.20
C PHE A 99 -12.80 7.46 6.40
N HIS A 100 -13.69 6.49 6.64
CA HIS A 100 -14.73 6.53 7.64
C HIS A 100 -14.63 5.31 8.59
N TYR A 101 -13.43 4.72 8.70
CA TYR A 101 -13.17 3.65 9.66
C TYR A 101 -13.36 4.20 11.08
N LYS A 102 -13.83 3.33 11.98
CA LYS A 102 -13.98 3.65 13.39
C LYS A 102 -13.44 2.54 14.28
N GLY A 103 -13.76 1.27 14.02
CA GLY A 103 -13.45 0.20 14.96
C GLY A 103 -14.06 0.50 16.33
N HIS A 104 -13.38 0.08 17.40
CA HIS A 104 -13.79 0.35 18.79
C HIS A 104 -12.66 1.07 19.52
N PRO A 105 -12.97 1.72 20.66
CA PRO A 105 -11.97 2.38 21.48
C PRO A 105 -11.02 1.36 22.11
N ASP A 106 -10.12 1.84 22.97
CA ASP A 106 -9.04 1.09 23.57
C ASP A 106 -8.95 1.52 25.03
N PRO A 107 -8.32 0.72 25.91
CA PRO A 107 -8.20 1.03 27.33
C PRO A 107 -7.41 2.33 27.54
N LEU A 108 -6.32 2.49 26.80
CA LEU A 108 -5.35 3.58 26.92
C LEU A 108 -5.29 4.43 25.66
N LYS A 109 -5.41 3.81 24.49
CA LYS A 109 -5.32 4.58 23.24
C LYS A 109 -6.59 5.39 23.00
N GLY A 110 -7.72 5.03 23.63
CA GLY A 110 -8.97 5.78 23.62
C GLY A 110 -9.35 6.27 22.23
N ASP A 111 -9.61 5.33 21.32
CA ASP A 111 -9.97 5.57 19.92
C ASP A 111 -8.95 6.46 19.19
N ALA A 112 -7.68 6.05 19.21
CA ALA A 112 -6.60 6.69 18.44
C ALA A 112 -6.03 5.77 17.36
N LEU A 113 -5.84 4.48 17.66
CA LEU A 113 -5.31 3.49 16.71
C LEU A 113 -6.07 3.55 15.39
N ASN A 114 -7.40 3.59 15.48
CA ASN A 114 -8.32 3.57 14.35
C ASN A 114 -8.33 4.93 13.66
N LYS A 115 -8.27 6.03 14.42
CA LYS A 115 -8.23 7.40 13.90
C LYS A 115 -7.11 7.52 12.88
N ALA A 116 -5.91 7.04 13.22
CA ALA A 116 -4.76 7.11 12.32
C ALA A 116 -5.05 6.48 10.96
N VAL A 117 -5.80 5.36 10.91
CA VAL A 117 -6.21 4.73 9.65
C VAL A 117 -6.98 5.76 8.79
N ARG A 118 -7.97 6.44 9.41
CA ARG A 118 -8.90 7.35 8.75
C ARG A 118 -8.13 8.46 8.03
N GLU A 119 -7.13 9.07 8.68
CA GLU A 119 -6.42 10.22 8.10
C GLU A 119 -5.46 9.77 7.01
N THR A 120 -4.68 8.71 7.27
CA THR A 120 -3.66 8.30 6.30
C THR A 120 -4.33 7.85 4.99
N ALA A 121 -5.58 7.37 5.04
CA ALA A 121 -6.27 6.91 3.85
C ALA A 121 -6.53 8.05 2.86
N HIS A 122 -6.80 9.27 3.32
CA HIS A 122 -6.94 10.43 2.44
C HIS A 122 -5.65 10.65 1.66
N GLU A 123 -4.53 10.81 2.38
CA GLU A 123 -3.19 10.99 1.82
C GLU A 123 -2.80 9.86 0.86
N THR A 124 -3.33 8.66 1.11
CA THR A 124 -3.09 7.54 0.22
C THR A 124 -3.78 7.77 -1.11
N ILE A 125 -5.08 8.10 -1.13
CA ILE A 125 -5.81 8.34 -2.37
C ILE A 125 -5.22 9.52 -3.13
N SER A 126 -4.71 10.53 -2.41
CA SER A 126 -3.96 11.62 -3.00
C SER A 126 -2.82 11.07 -3.86
N ALA A 127 -2.05 10.07 -3.40
CA ALA A 127 -1.03 9.44 -4.24
C ALA A 127 -1.67 8.58 -5.31
N ILE A 128 -2.65 7.72 -4.98
CA ILE A 128 -3.24 6.78 -5.93
C ILE A 128 -3.67 7.49 -7.21
N PHE A 129 -4.25 8.68 -7.14
CA PHE A 129 -4.69 9.39 -8.34
C PHE A 129 -3.74 10.53 -8.70
N SER A 130 -3.13 11.20 -7.71
CA SER A 130 -2.18 12.28 -7.89
C SER A 130 -2.77 13.44 -8.73
N GLU A 131 -4.08 13.46 -8.95
CA GLU A 131 -4.77 14.22 -9.97
C GLU A 131 -6.26 14.24 -9.61
N GLU A 132 -6.95 15.25 -10.13
CA GLU A 132 -8.33 15.64 -9.86
C GLU A 132 -9.37 14.70 -10.49
N ASN A 133 -9.13 13.39 -10.43
CA ASN A 133 -10.10 12.38 -10.86
C ASN A 133 -11.37 12.50 -9.99
N GLY A 134 -12.54 12.49 -10.63
CA GLY A 134 -13.85 12.72 -10.03
C GLY A 134 -14.31 11.61 -9.08
N SER A 135 -15.45 11.82 -8.42
CA SER A 135 -15.97 10.96 -7.36
C SER A 135 -16.38 9.57 -7.83
N GLY A 136 -16.49 9.33 -9.14
CA GLY A 136 -16.88 8.04 -9.69
C GLY A 136 -18.33 7.69 -9.39
N PRO A 137 -19.30 8.43 -9.98
CA PRO A 137 -20.73 8.15 -9.83
C PRO A 137 -21.16 6.89 -10.59
N SER A 138 -20.35 6.39 -11.54
CA SER A 138 -20.60 5.14 -12.21
C SER A 138 -20.66 4.02 -11.16
N SER A 139 -21.56 3.07 -11.39
CA SER A 139 -21.89 1.98 -10.48
C SER A 139 -22.17 0.73 -11.31
N GLY A 140 -22.87 -0.24 -10.73
CA GLY A 140 -23.28 -1.47 -11.39
C GLY A 140 -24.60 -1.90 -10.83
N GLY A 1 6.38 -29.25 -21.92
CA GLY A 1 5.92 -28.09 -22.69
C GLY A 1 5.81 -26.88 -21.79
N SER A 2 4.99 -26.92 -20.74
CA SER A 2 5.00 -25.90 -19.69
C SER A 2 4.66 -26.58 -18.37
N SER A 3 5.43 -26.31 -17.31
CA SER A 3 5.19 -26.78 -15.96
C SER A 3 5.69 -25.79 -14.88
N GLY A 4 6.15 -24.60 -15.26
CA GLY A 4 6.53 -23.56 -14.33
C GLY A 4 6.41 -22.23 -15.05
N SER A 5 5.18 -21.80 -15.28
CA SER A 5 4.92 -20.46 -15.78
C SER A 5 5.13 -19.51 -14.61
N SER A 6 6.33 -18.95 -14.52
CA SER A 6 6.71 -17.99 -13.49
C SER A 6 5.97 -16.67 -13.68
N GLY A 7 6.01 -15.82 -12.66
CA GLY A 7 5.35 -14.53 -12.59
C GLY A 7 4.91 -14.34 -11.15
N GLU A 8 4.03 -15.22 -10.69
CA GLU A 8 3.43 -15.11 -9.38
C GLU A 8 4.36 -15.74 -8.32
N SER A 9 5.42 -15.04 -7.90
CA SER A 9 6.28 -15.43 -6.79
C SER A 9 5.65 -15.04 -5.46
N TYR A 10 5.30 -16.05 -4.67
CA TYR A 10 4.85 -15.95 -3.30
C TYR A 10 5.76 -15.05 -2.46
N TRP A 11 7.09 -15.18 -2.59
CA TRP A 11 8.04 -14.50 -1.70
C TRP A 11 7.88 -12.99 -1.69
N ARG A 12 7.39 -12.39 -2.79
CA ARG A 12 7.12 -10.95 -2.84
C ARG A 12 6.25 -10.56 -1.65
N SER A 13 5.25 -11.36 -1.28
CA SER A 13 4.28 -11.07 -0.24
C SER A 13 4.98 -10.85 1.10
N ARG A 14 6.02 -11.65 1.35
CA ARG A 14 6.76 -11.63 2.61
C ARG A 14 7.39 -10.26 2.86
N MET A 15 7.72 -9.51 1.80
CA MET A 15 8.25 -8.15 1.95
C MET A 15 7.18 -7.26 2.56
N ILE A 16 5.95 -7.34 2.04
CA ILE A 16 4.83 -6.53 2.49
C ILE A 16 4.47 -6.96 3.92
N ASP A 17 4.35 -8.27 4.17
CA ASP A 17 3.94 -8.81 5.46
C ASP A 17 4.91 -8.41 6.58
N ALA A 18 6.20 -8.23 6.26
CA ALA A 18 7.22 -7.82 7.21
C ALA A 18 7.03 -6.37 7.70
N VAL A 19 6.37 -5.52 6.91
CA VAL A 19 6.21 -4.10 7.22
C VAL A 19 4.79 -3.77 7.70
N THR A 20 3.95 -4.77 7.98
CA THR A 20 2.55 -4.59 8.36
C THR A 20 2.20 -5.15 9.75
N SER A 21 3.19 -5.56 10.55
CA SER A 21 2.97 -6.32 11.79
C SER A 21 2.05 -5.57 12.76
N ASP A 22 1.15 -6.26 13.48
CA ASP A 22 0.13 -5.63 14.31
C ASP A 22 0.72 -5.17 15.67
N GLU A 23 1.66 -4.24 15.60
CA GLU A 23 2.41 -3.60 16.65
C GLU A 23 2.37 -2.12 16.27
N ASP A 24 1.96 -1.24 17.17
CA ASP A 24 1.77 0.18 16.89
C ASP A 24 3.01 0.87 16.32
N LYS A 25 4.19 0.33 16.62
CA LYS A 25 5.47 0.81 16.13
C LYS A 25 5.46 0.81 14.62
N VAL A 26 5.56 2.01 14.09
CA VAL A 26 5.53 2.29 12.66
C VAL A 26 6.81 1.72 12.01
N ALA A 27 6.68 1.03 10.87
CA ALA A 27 7.86 0.49 10.19
C ALA A 27 8.71 1.63 9.64
N PRO A 28 10.04 1.50 9.61
CA PRO A 28 10.92 2.52 9.06
C PRO A 28 10.83 2.54 7.54
N VAL A 29 11.21 3.67 6.94
CA VAL A 29 11.20 3.84 5.50
C VAL A 29 12.13 2.86 4.79
N TYR A 30 13.28 2.50 5.36
CA TYR A 30 14.20 1.62 4.63
C TYR A 30 13.59 0.24 4.39
N LYS A 31 12.72 -0.25 5.28
CA LYS A 31 12.03 -1.52 5.02
C LYS A 31 10.95 -1.36 3.96
N LEU A 32 10.45 -0.14 3.70
CA LEU A 32 9.46 0.12 2.66
C LEU A 32 10.14 0.38 1.32
N GLU A 33 11.32 1.00 1.32
CA GLU A 33 11.98 1.48 0.10
C GLU A 33 12.33 0.33 -0.83
N GLU A 34 12.59 -0.85 -0.27
CA GLU A 34 12.92 -2.06 -0.99
C GLU A 34 11.74 -2.56 -1.82
N ILE A 35 10.51 -2.44 -1.31
CA ILE A 35 9.31 -2.76 -2.07
C ILE A 35 9.21 -1.80 -3.25
N CYS A 36 9.56 -0.54 -3.03
CA CYS A 36 9.57 0.51 -4.03
C CYS A 36 10.76 0.42 -4.98
N ASP A 37 11.67 -0.53 -4.75
CA ASP A 37 12.77 -0.88 -5.62
C ASP A 37 12.28 -1.96 -6.57
N LEU A 38 11.81 -3.09 -6.02
CA LEU A 38 11.39 -4.25 -6.80
C LEU A 38 10.38 -3.88 -7.87
N LEU A 39 9.35 -3.11 -7.51
CA LEU A 39 8.27 -2.77 -8.44
C LEU A 39 8.77 -1.94 -9.64
N ARG A 40 9.92 -1.28 -9.53
CA ARG A 40 10.56 -0.64 -10.67
C ARG A 40 11.17 -1.75 -11.52
N SER A 41 12.09 -2.51 -10.93
CA SER A 41 12.94 -3.48 -11.60
C SER A 41 12.22 -4.73 -12.13
N SER A 42 10.89 -4.88 -11.98
CA SER A 42 10.19 -6.11 -12.29
C SER A 42 8.98 -5.95 -13.23
N HIS A 43 8.57 -7.08 -13.81
CA HIS A 43 7.49 -7.25 -14.79
C HIS A 43 6.13 -6.96 -14.16
N VAL A 44 5.12 -6.71 -15.00
CA VAL A 44 3.77 -6.39 -14.57
C VAL A 44 3.15 -7.52 -13.73
N SER A 45 3.43 -8.79 -14.00
CA SER A 45 2.94 -9.88 -13.16
C SER A 45 3.47 -9.73 -11.72
N ILE A 46 4.72 -9.29 -11.56
CA ILE A 46 5.33 -9.06 -10.25
C ILE A 46 4.66 -7.86 -9.60
N VAL A 47 4.40 -6.79 -10.35
CA VAL A 47 3.66 -5.63 -9.84
C VAL A 47 2.33 -6.10 -9.28
N LYS A 48 1.59 -6.92 -10.02
CA LYS A 48 0.26 -7.37 -9.64
C LYS A 48 0.29 -8.15 -8.34
N GLU A 49 1.25 -9.08 -8.19
CA GLU A 49 1.46 -9.81 -6.94
C GLU A 49 1.63 -8.81 -5.81
N PHE A 50 2.59 -7.89 -5.95
CA PHE A 50 2.86 -6.89 -4.94
C PHE A 50 1.60 -6.12 -4.60
N SER A 51 0.92 -5.61 -5.62
CA SER A 51 -0.25 -4.78 -5.47
C SER A 51 -1.27 -5.51 -4.63
N GLU A 52 -1.66 -6.74 -4.99
CA GLU A 52 -2.51 -7.55 -4.11
C GLU A 52 -1.93 -7.65 -2.70
N PHE A 53 -0.67 -8.05 -2.49
CA PHE A 53 -0.16 -8.25 -1.15
C PHE A 53 -0.22 -6.98 -0.29
N ILE A 54 -0.34 -5.79 -0.92
CA ILE A 54 -0.62 -4.50 -0.33
C ILE A 54 -2.13 -4.28 -0.13
N LEU A 55 -2.92 -4.42 -1.19
CA LEU A 55 -4.34 -4.05 -1.22
C LEU A 55 -5.14 -4.94 -0.30
N LYS A 56 -4.79 -6.23 -0.27
CA LYS A 56 -5.39 -7.24 0.60
C LYS A 56 -5.21 -6.85 2.06
N ARG A 57 -4.21 -6.03 2.40
CA ARG A 57 -3.96 -5.60 3.77
C ARG A 57 -5.10 -4.71 4.26
N LEU A 58 -5.72 -3.94 3.38
CA LEU A 58 -6.80 -3.04 3.73
C LEU A 58 -8.03 -3.85 4.14
N ASP A 59 -8.25 -4.99 3.47
CA ASP A 59 -9.36 -5.91 3.71
C ASP A 59 -9.28 -6.60 5.08
N ASN A 60 -8.15 -6.47 5.77
CA ASN A 60 -7.83 -7.21 6.99
C ASN A 60 -8.57 -6.65 8.22
N LYS A 61 -8.43 -7.32 9.36
CA LYS A 61 -9.00 -6.90 10.64
C LYS A 61 -7.84 -6.59 11.59
N SER A 62 -7.33 -5.37 11.54
CA SER A 62 -6.48 -4.76 12.55
C SER A 62 -6.34 -3.29 12.15
N PRO A 63 -6.47 -2.33 13.08
CA PRO A 63 -6.15 -0.95 12.77
C PRO A 63 -4.68 -0.76 12.39
N ILE A 64 -3.79 -1.64 12.85
CA ILE A 64 -2.36 -1.44 12.67
C ILE A 64 -1.97 -1.93 11.29
N VAL A 65 -2.33 -3.18 10.98
CA VAL A 65 -2.05 -3.79 9.70
C VAL A 65 -2.60 -2.90 8.58
N LYS A 66 -3.74 -2.21 8.82
CA LYS A 66 -4.31 -1.36 7.79
C LYS A 66 -3.36 -0.17 7.62
N GLN A 67 -3.21 0.66 8.66
CA GLN A 67 -2.45 1.91 8.61
C GLN A 67 -1.04 1.68 8.05
N LYS A 68 -0.37 0.58 8.41
CA LYS A 68 0.96 0.28 7.93
C LYS A 68 1.03 0.15 6.41
N ALA A 69 -0.02 -0.32 5.74
CA ALA A 69 -0.05 -0.37 4.28
C ALA A 69 -0.06 1.05 3.70
N LEU A 70 -0.80 2.00 4.28
CA LEU A 70 -0.96 3.35 3.74
C LEU A 70 0.38 4.07 3.55
N ARG A 71 1.25 4.09 4.57
CA ARG A 71 2.56 4.73 4.43
C ARG A 71 3.42 4.04 3.37
N LEU A 72 3.22 2.73 3.16
CA LEU A 72 3.85 1.96 2.09
C LEU A 72 3.25 2.31 0.73
N ILE A 73 2.00 2.76 0.65
CA ILE A 73 1.30 3.01 -0.61
C ILE A 73 1.80 4.34 -1.12
N LYS A 74 1.38 5.46 -0.54
CA LYS A 74 1.74 6.78 -1.06
C LYS A 74 3.23 6.95 -1.34
N TYR A 75 4.13 6.29 -0.62
CA TYR A 75 5.56 6.27 -0.93
C TYR A 75 5.83 5.46 -2.21
N ALA A 76 5.39 4.20 -2.30
CA ALA A 76 5.64 3.36 -3.48
C ALA A 76 4.86 3.81 -4.73
N VAL A 77 3.72 4.48 -4.55
CA VAL A 77 3.00 5.15 -5.59
C VAL A 77 3.87 6.31 -6.04
N GLY A 78 3.62 6.71 -7.27
CA GLY A 78 4.34 7.76 -7.97
C GLY A 78 5.79 7.39 -8.29
N LYS A 79 6.29 6.20 -7.90
CA LYS A 79 7.67 5.77 -8.16
C LYS A 79 7.79 4.39 -8.79
N SER A 80 6.78 3.53 -8.62
CA SER A 80 6.77 2.16 -9.11
C SER A 80 6.30 2.10 -10.57
N GLY A 81 6.91 2.90 -11.43
CA GLY A 81 6.57 2.96 -12.86
C GLY A 81 5.10 3.31 -13.09
N SER A 82 4.56 2.91 -14.25
CA SER A 82 3.16 3.14 -14.60
C SER A 82 2.28 2.02 -14.07
N GLU A 83 2.66 0.76 -14.29
CA GLU A 83 1.85 -0.42 -14.00
C GLU A 83 1.23 -0.35 -12.59
N PHE A 84 2.06 -0.14 -11.56
CA PHE A 84 1.63 -0.10 -10.17
C PHE A 84 0.70 1.09 -9.90
N ARG A 85 0.99 2.25 -10.53
CA ARG A 85 0.17 3.44 -10.33
C ARG A 85 -1.24 3.19 -10.86
N ARG A 86 -1.48 2.18 -11.69
CA ARG A 86 -2.82 1.86 -12.16
C ARG A 86 -3.46 0.74 -11.34
N GLU A 87 -2.71 -0.27 -10.88
CA GLU A 87 -3.24 -1.31 -9.98
C GLU A 87 -3.88 -0.65 -8.75
N MET A 88 -3.16 0.28 -8.12
CA MET A 88 -3.62 0.98 -6.95
C MET A 88 -4.93 1.73 -7.21
N GLN A 89 -5.18 2.25 -8.42
CA GLN A 89 -6.44 2.86 -8.79
C GLN A 89 -7.55 1.85 -8.97
N ARG A 90 -7.28 0.70 -9.61
CA ARG A 90 -8.32 -0.31 -9.83
C ARG A 90 -8.95 -0.71 -8.52
N ASN A 91 -8.14 -0.78 -7.46
CA ASN A 91 -8.55 -1.32 -6.16
C ASN A 91 -8.48 -0.23 -5.08
N SER A 92 -8.46 1.04 -5.49
CA SER A 92 -8.42 2.25 -4.64
C SER A 92 -9.56 2.25 -3.63
N VAL A 93 -10.69 1.63 -3.97
CA VAL A 93 -11.83 1.42 -3.10
C VAL A 93 -11.43 0.87 -1.74
N ALA A 94 -10.44 -0.04 -1.67
CA ALA A 94 -10.09 -0.67 -0.41
C ALA A 94 -9.61 0.39 0.59
N VAL A 95 -8.82 1.34 0.10
CA VAL A 95 -8.31 2.48 0.84
C VAL A 95 -9.45 3.46 1.11
N ARG A 96 -10.21 3.83 0.08
CA ARG A 96 -11.33 4.76 0.17
C ARG A 96 -12.33 4.34 1.24
N ASN A 97 -12.59 3.03 1.35
CA ASN A 97 -13.58 2.52 2.28
C ASN A 97 -13.17 2.78 3.74
N LEU A 98 -11.88 2.94 4.03
CA LEU A 98 -11.40 3.23 5.37
C LEU A 98 -11.47 4.70 5.76
N PHE A 99 -11.85 5.61 4.86
CA PHE A 99 -12.07 7.03 5.18
C PHE A 99 -13.02 7.19 6.39
N HIS A 100 -13.89 6.20 6.60
CA HIS A 100 -14.93 6.21 7.62
C HIS A 100 -14.83 4.98 8.53
N TYR A 101 -13.65 4.37 8.61
CA TYR A 101 -13.39 3.34 9.61
C TYR A 101 -13.47 3.94 11.00
N LYS A 102 -13.86 3.12 11.99
CA LYS A 102 -14.01 3.55 13.37
C LYS A 102 -13.38 2.59 14.37
N GLY A 103 -13.58 1.29 14.17
CA GLY A 103 -13.09 0.27 15.06
C GLY A 103 -13.59 0.50 16.49
N HIS A 104 -12.94 -0.17 17.44
CA HIS A 104 -13.12 0.04 18.87
C HIS A 104 -11.84 0.68 19.40
N PRO A 105 -11.89 1.49 20.47
CA PRO A 105 -10.73 2.20 20.98
C PRO A 105 -9.69 1.25 21.56
N ASP A 106 -8.52 1.78 21.90
CA ASP A 106 -7.40 0.97 22.33
C ASP A 106 -7.32 0.92 23.86
N PRO A 107 -6.85 -0.17 24.47
CA PRO A 107 -6.55 -0.22 25.90
C PRO A 107 -5.56 0.84 26.38
N LEU A 108 -4.61 1.28 25.53
CA LEU A 108 -3.59 2.25 25.89
C LEU A 108 -3.55 3.42 24.92
N LYS A 109 -3.57 3.17 23.62
CA LYS A 109 -3.38 4.21 22.59
C LYS A 109 -4.54 5.21 22.52
N GLY A 110 -5.65 4.96 23.24
CA GLY A 110 -6.87 5.73 23.12
C GLY A 110 -7.54 5.41 21.80
N ASP A 111 -8.48 6.26 21.39
CA ASP A 111 -9.03 6.23 20.05
C ASP A 111 -8.05 6.95 19.11
N ALA A 112 -6.90 6.32 18.85
CA ALA A 112 -5.89 6.85 17.95
C ALA A 112 -5.55 5.91 16.79
N LEU A 113 -5.62 4.60 16.99
CA LEU A 113 -5.16 3.60 16.02
C LEU A 113 -6.12 3.53 14.83
N ASN A 114 -7.42 3.66 15.08
CA ASN A 114 -8.46 3.68 14.06
C ASN A 114 -8.55 5.07 13.43
N LYS A 115 -8.40 6.14 14.23
CA LYS A 115 -8.34 7.50 13.71
C LYS A 115 -7.25 7.60 12.65
N ALA A 116 -6.07 7.05 12.93
CA ALA A 116 -4.98 7.01 11.97
C ALA A 116 -5.38 6.26 10.71
N VAL A 117 -6.04 5.10 10.79
CA VAL A 117 -6.55 4.36 9.63
C VAL A 117 -7.40 5.27 8.74
N ARG A 118 -8.31 6.06 9.34
CA ARG A 118 -9.16 7.00 8.64
C ARG A 118 -8.28 8.05 7.94
N GLU A 119 -7.59 8.89 8.70
CA GLU A 119 -7.08 10.13 8.12
C GLU A 119 -5.91 9.87 7.19
N THR A 120 -5.12 8.84 7.46
CA THR A 120 -4.00 8.49 6.61
C THR A 120 -4.56 8.04 5.24
N ALA A 121 -5.75 7.41 5.20
CA ALA A 121 -6.33 6.87 3.98
C ALA A 121 -6.74 8.00 3.04
N HIS A 122 -7.24 9.12 3.58
CA HIS A 122 -7.51 10.32 2.80
C HIS A 122 -6.24 10.71 2.05
N GLU A 123 -5.13 10.79 2.77
CA GLU A 123 -3.84 11.15 2.21
C GLU A 123 -3.37 10.15 1.16
N THR A 124 -3.65 8.85 1.33
CA THR A 124 -3.23 7.84 0.38
C THR A 124 -3.86 8.11 -0.99
N ILE A 125 -5.16 8.40 -1.05
CA ILE A 125 -5.88 8.61 -2.32
C ILE A 125 -5.29 9.78 -3.10
N SER A 126 -4.79 10.81 -2.41
CA SER A 126 -4.01 11.87 -3.02
C SER A 126 -2.90 11.27 -3.93
N ALA A 127 -2.12 10.32 -3.41
CA ALA A 127 -1.04 9.69 -4.16
C ALA A 127 -1.56 8.72 -5.21
N ILE A 128 -2.62 7.95 -4.93
CA ILE A 128 -3.16 6.96 -5.88
C ILE A 128 -3.51 7.62 -7.22
N PHE A 129 -3.88 8.90 -7.23
CA PHE A 129 -4.23 9.62 -8.45
C PHE A 129 -3.21 10.70 -8.82
N SER A 130 -1.98 10.65 -8.27
CA SER A 130 -0.84 11.50 -8.63
C SER A 130 -0.69 11.55 -10.15
N GLU A 131 -0.82 12.75 -10.71
CA GLU A 131 -0.77 13.03 -12.14
C GLU A 131 0.66 12.95 -12.69
N GLU A 132 0.87 13.42 -13.93
CA GLU A 132 2.18 13.52 -14.55
C GLU A 132 3.00 14.59 -13.83
N ASN A 133 4.06 14.16 -13.13
CA ASN A 133 4.92 15.05 -12.36
C ASN A 133 6.26 15.29 -13.07
N GLY A 134 6.55 14.61 -14.17
CA GLY A 134 7.79 14.69 -14.92
C GLY A 134 7.91 13.46 -15.81
N SER A 135 9.05 13.31 -16.50
CA SER A 135 9.33 12.13 -17.29
C SER A 135 9.82 10.96 -16.42
N GLY A 136 10.47 11.26 -15.29
CA GLY A 136 11.12 10.27 -14.45
C GLY A 136 12.62 10.57 -14.45
N PRO A 137 13.14 11.39 -13.52
CA PRO A 137 14.52 11.84 -13.50
C PRO A 137 15.45 10.73 -13.00
N SER A 138 15.66 9.68 -13.78
CA SER A 138 16.73 8.74 -13.55
C SER A 138 17.24 8.22 -14.88
N SER A 139 18.56 8.23 -15.01
CA SER A 139 19.35 7.64 -16.08
C SER A 139 20.58 7.05 -15.39
N GLY A 140 21.17 6.03 -15.99
CA GLY A 140 22.29 5.30 -15.42
C GLY A 140 23.10 4.70 -16.54
N GLY A 1 23.46 -11.01 -17.76
CA GLY A 1 22.54 -11.98 -18.33
C GLY A 1 21.16 -11.71 -17.78
N SER A 2 20.23 -11.29 -18.63
CA SER A 2 18.89 -10.91 -18.21
C SER A 2 18.08 -12.13 -17.70
N SER A 3 16.85 -11.86 -17.30
CA SER A 3 16.00 -12.75 -16.52
C SER A 3 14.56 -12.68 -17.05
N GLY A 4 13.63 -13.31 -16.35
CA GLY A 4 12.22 -13.00 -16.44
C GLY A 4 11.41 -13.92 -15.55
N SER A 5 10.15 -13.58 -15.31
CA SER A 5 9.21 -14.40 -14.57
C SER A 5 7.79 -14.14 -15.09
N SER A 6 6.88 -15.03 -14.76
CA SER A 6 5.46 -14.86 -14.97
C SER A 6 4.77 -15.50 -13.77
N GLY A 7 3.55 -15.06 -13.48
CA GLY A 7 2.76 -15.63 -12.40
C GLY A 7 3.39 -15.35 -11.04
N GLU A 8 2.78 -15.96 -10.02
CA GLU A 8 2.81 -15.41 -8.68
C GLU A 8 3.92 -16.01 -7.84
N SER A 9 4.98 -15.25 -7.58
CA SER A 9 5.90 -15.55 -6.50
C SER A 9 5.35 -15.06 -5.17
N TYR A 10 5.06 -15.99 -4.26
CA TYR A 10 4.74 -15.73 -2.87
C TYR A 10 5.84 -14.89 -2.17
N TRP A 11 7.10 -15.05 -2.58
CA TRP A 11 8.22 -14.34 -1.97
C TRP A 11 8.04 -12.83 -2.01
N ARG A 12 7.48 -12.27 -3.10
CA ARG A 12 7.27 -10.82 -3.16
C ARG A 12 6.28 -10.34 -2.09
N SER A 13 5.49 -11.20 -1.44
CA SER A 13 4.54 -10.78 -0.43
C SER A 13 5.28 -10.55 0.88
N ARG A 14 6.37 -11.29 1.10
CA ARG A 14 7.13 -11.33 2.34
C ARG A 14 7.65 -9.95 2.72
N MET A 15 7.95 -9.13 1.71
CA MET A 15 8.45 -7.78 1.93
C MET A 15 7.31 -6.92 2.47
N ILE A 16 6.14 -6.98 1.81
CA ILE A 16 4.95 -6.26 2.23
C ILE A 16 4.60 -6.68 3.66
N ASP A 17 4.55 -7.98 3.90
CA ASP A 17 4.09 -8.61 5.14
C ASP A 17 4.90 -8.10 6.34
N ALA A 18 6.23 -8.11 6.19
CA ALA A 18 7.17 -7.71 7.22
C ALA A 18 6.97 -6.25 7.67
N VAL A 19 6.78 -5.33 6.72
CA VAL A 19 6.56 -3.92 7.03
C VAL A 19 5.10 -3.63 7.43
N THR A 20 4.21 -4.63 7.43
CA THR A 20 2.81 -4.51 7.81
C THR A 20 2.47 -5.44 8.98
N SER A 21 3.46 -5.71 9.85
CA SER A 21 3.34 -6.44 11.09
C SER A 21 2.29 -5.75 11.98
N ASP A 22 1.22 -6.46 12.34
CA ASP A 22 0.09 -5.96 13.11
C ASP A 22 0.43 -5.90 14.60
N GLU A 23 1.22 -4.89 14.97
CA GLU A 23 1.84 -4.68 16.27
C GLU A 23 2.21 -3.21 16.34
N ASP A 24 2.32 -2.67 17.55
CA ASP A 24 2.54 -1.24 17.83
C ASP A 24 3.92 -0.74 17.40
N LYS A 25 4.87 -1.62 17.10
CA LYS A 25 6.16 -1.23 16.53
C LYS A 25 5.94 -0.64 15.13
N VAL A 26 6.97 0.00 14.57
CA VAL A 26 6.93 0.58 13.24
C VAL A 26 8.08 0.03 12.43
N ALA A 27 8.24 0.54 11.22
CA ALA A 27 9.36 0.23 10.36
C ALA A 27 10.02 1.50 9.84
N PRO A 28 11.33 1.43 9.55
CA PRO A 28 12.06 2.51 8.92
C PRO A 28 11.69 2.62 7.45
N VAL A 29 11.99 3.77 6.84
CA VAL A 29 11.70 4.02 5.44
C VAL A 29 12.45 3.05 4.53
N TYR A 30 13.68 2.66 4.85
CA TYR A 30 14.48 1.86 3.93
C TYR A 30 13.89 0.47 3.71
N LYS A 31 13.08 -0.04 4.65
CA LYS A 31 12.40 -1.32 4.46
C LYS A 31 11.19 -1.16 3.53
N LEU A 32 10.62 0.04 3.43
CA LEU A 32 9.47 0.30 2.58
C LEU A 32 9.91 0.48 1.14
N GLU A 33 10.99 1.24 0.90
CA GLU A 33 11.44 1.61 -0.44
C GLU A 33 11.96 0.41 -1.25
N GLU A 34 12.37 -0.64 -0.55
CA GLU A 34 12.83 -1.89 -1.15
C GLU A 34 11.73 -2.49 -2.04
N ILE A 35 10.46 -2.37 -1.63
CA ILE A 35 9.32 -2.84 -2.39
C ILE A 35 9.25 -2.06 -3.71
N CYS A 36 9.45 -0.74 -3.62
CA CYS A 36 9.43 0.17 -4.73
C CYS A 36 10.53 -0.16 -5.74
N ASP A 37 11.67 -0.65 -5.25
CA ASP A 37 12.80 -1.05 -6.07
C ASP A 37 12.42 -2.29 -6.88
N LEU A 38 11.88 -3.32 -6.22
CA LEU A 38 11.50 -4.55 -6.91
C LEU A 38 10.51 -4.27 -8.02
N LEU A 39 9.46 -3.49 -7.72
CA LEU A 39 8.44 -3.08 -8.68
C LEU A 39 8.97 -2.21 -9.82
N ARG A 40 10.20 -1.68 -9.77
CA ARG A 40 10.85 -1.13 -10.96
C ARG A 40 11.56 -2.22 -11.74
N SER A 41 12.31 -3.09 -11.06
CA SER A 41 13.12 -4.14 -11.66
C SER A 41 12.31 -5.29 -12.27
N SER A 42 11.00 -5.34 -12.03
CA SER A 42 10.12 -6.45 -12.36
C SER A 42 9.21 -6.10 -13.55
N HIS A 43 8.60 -7.12 -14.16
CA HIS A 43 7.58 -6.95 -15.17
C HIS A 43 6.22 -6.63 -14.54
N VAL A 44 5.26 -6.17 -15.34
CA VAL A 44 3.85 -6.03 -14.95
C VAL A 44 3.32 -7.33 -14.36
N SER A 45 3.79 -8.48 -14.88
CA SER A 45 3.47 -9.81 -14.39
C SER A 45 3.79 -10.03 -12.90
N ILE A 46 4.48 -9.08 -12.24
CA ILE A 46 4.87 -9.13 -10.83
C ILE A 46 4.27 -7.93 -10.08
N VAL A 47 4.10 -6.77 -10.76
CA VAL A 47 3.45 -5.59 -10.18
C VAL A 47 2.08 -6.01 -9.64
N LYS A 48 1.31 -6.77 -10.43
CA LYS A 48 -0.04 -7.19 -10.09
C LYS A 48 -0.02 -7.82 -8.71
N GLU A 49 0.82 -8.82 -8.54
CA GLU A 49 0.88 -9.62 -7.33
C GLU A 49 1.30 -8.76 -6.16
N PHE A 50 2.33 -7.93 -6.36
CA PHE A 50 2.77 -7.02 -5.34
C PHE A 50 1.63 -6.11 -4.90
N SER A 51 0.87 -5.56 -5.87
CA SER A 51 -0.27 -4.71 -5.61
C SER A 51 -1.22 -5.48 -4.72
N GLU A 52 -1.62 -6.69 -5.11
CA GLU A 52 -2.50 -7.53 -4.30
C GLU A 52 -1.95 -7.72 -2.89
N PHE A 53 -0.68 -8.06 -2.73
CA PHE A 53 -0.07 -8.26 -1.42
C PHE A 53 -0.19 -7.01 -0.54
N ILE A 54 -0.23 -5.81 -1.13
CA ILE A 54 -0.44 -4.53 -0.46
C ILE A 54 -1.94 -4.35 -0.17
N LEU A 55 -2.78 -4.46 -1.19
CA LEU A 55 -4.19 -4.10 -1.13
C LEU A 55 -4.91 -4.94 -0.11
N LYS A 56 -4.64 -6.24 -0.09
CA LYS A 56 -5.27 -7.21 0.81
C LYS A 56 -4.98 -6.92 2.27
N ARG A 57 -3.89 -6.20 2.56
CA ARG A 57 -3.54 -5.74 3.88
C ARG A 57 -4.51 -4.68 4.38
N LEU A 58 -5.16 -3.93 3.49
CA LEU A 58 -6.18 -2.97 3.89
C LEU A 58 -7.47 -3.66 4.31
N ASP A 59 -7.66 -4.93 3.93
CA ASP A 59 -8.86 -5.69 4.24
C ASP A 59 -8.67 -6.59 5.47
N ASN A 60 -7.48 -6.56 6.07
CA ASN A 60 -7.03 -7.44 7.13
C ASN A 60 -7.58 -7.01 8.50
N LYS A 61 -7.94 -7.98 9.34
CA LYS A 61 -8.40 -7.79 10.72
C LYS A 61 -7.27 -7.26 11.60
N SER A 62 -7.34 -5.98 12.00
CA SER A 62 -6.48 -5.17 12.87
C SER A 62 -6.70 -3.70 12.47
N PRO A 63 -6.43 -2.72 13.34
CA PRO A 63 -6.23 -1.33 12.97
C PRO A 63 -4.85 -1.14 12.30
N ILE A 64 -3.77 -1.57 12.94
CA ILE A 64 -2.40 -1.13 12.62
C ILE A 64 -1.99 -1.62 11.25
N VAL A 65 -2.41 -2.85 10.93
CA VAL A 65 -2.11 -3.48 9.68
C VAL A 65 -2.50 -2.56 8.52
N LYS A 66 -3.58 -1.79 8.71
CA LYS A 66 -4.12 -0.97 7.63
C LYS A 66 -3.21 0.24 7.49
N GLN A 67 -3.00 0.98 8.58
CA GLN A 67 -2.18 2.19 8.58
C GLN A 67 -0.78 1.93 8.03
N LYS A 68 -0.18 0.78 8.37
CA LYS A 68 1.10 0.38 7.83
C LYS A 68 1.06 0.27 6.30
N ALA A 69 0.07 -0.43 5.73
CA ALA A 69 -0.06 -0.49 4.28
C ALA A 69 -0.35 0.90 3.69
N LEU A 70 -1.13 1.75 4.37
CA LEU A 70 -1.50 3.07 3.86
C LEU A 70 -0.26 3.93 3.60
N ARG A 71 0.66 4.04 4.57
CA ARG A 71 1.91 4.78 4.36
C ARG A 71 2.77 4.15 3.26
N LEU A 72 2.75 2.83 3.14
CA LEU A 72 3.54 2.10 2.14
C LEU A 72 3.02 2.38 0.72
N ILE A 73 1.70 2.60 0.55
CA ILE A 73 1.10 2.85 -0.75
C ILE A 73 1.64 4.18 -1.25
N LYS A 74 1.20 5.27 -0.67
CA LYS A 74 1.53 6.63 -1.06
C LYS A 74 3.03 6.93 -1.21
N TYR A 75 3.90 6.23 -0.48
CA TYR A 75 5.33 6.34 -0.72
C TYR A 75 5.66 5.71 -2.07
N ALA A 76 5.31 4.45 -2.26
CA ALA A 76 5.60 3.71 -3.48
C ALA A 76 4.90 4.30 -4.72
N VAL A 77 3.65 4.74 -4.56
CA VAL A 77 2.89 5.41 -5.60
C VAL A 77 3.60 6.73 -5.85
N GLY A 78 4.04 6.90 -7.09
CA GLY A 78 4.78 8.08 -7.52
C GLY A 78 6.24 7.75 -7.82
N LYS A 79 6.67 6.50 -7.60
CA LYS A 79 8.07 6.07 -7.70
C LYS A 79 8.22 4.96 -8.70
N SER A 80 7.48 3.87 -8.49
CA SER A 80 7.57 2.68 -9.32
C SER A 80 7.52 3.04 -10.80
N GLY A 81 6.36 3.47 -11.30
CA GLY A 81 6.15 3.63 -12.73
C GLY A 81 4.68 3.52 -13.09
N SER A 82 4.42 3.35 -14.39
CA SER A 82 3.11 3.45 -14.99
C SER A 82 2.24 2.22 -14.78
N GLU A 83 2.84 1.08 -14.44
CA GLU A 83 2.14 -0.17 -14.21
C GLU A 83 1.45 -0.12 -12.83
N PHE A 84 2.26 0.08 -11.79
CA PHE A 84 1.84 0.05 -10.39
C PHE A 84 0.86 1.17 -10.08
N ARG A 85 1.04 2.34 -10.71
CA ARG A 85 0.20 3.50 -10.45
C ARG A 85 -1.24 3.28 -10.91
N ARG A 86 -1.54 2.15 -11.56
CA ARG A 86 -2.85 1.83 -12.08
C ARG A 86 -3.43 0.64 -11.33
N GLU A 87 -2.63 -0.36 -10.95
CA GLU A 87 -3.13 -1.45 -10.08
C GLU A 87 -3.64 -0.94 -8.73
N MET A 88 -2.98 0.06 -8.17
CA MET A 88 -3.44 0.76 -6.98
C MET A 88 -4.80 1.44 -7.22
N GLN A 89 -5.11 1.88 -8.43
CA GLN A 89 -6.40 2.47 -8.79
C GLN A 89 -7.47 1.39 -8.96
N ARG A 90 -7.16 0.26 -9.61
CA ARG A 90 -8.11 -0.85 -9.83
C ARG A 90 -8.83 -1.21 -8.54
N ASN A 91 -8.08 -1.18 -7.44
CA ASN A 91 -8.48 -1.66 -6.13
C ASN A 91 -8.41 -0.53 -5.10
N SER A 92 -8.40 0.72 -5.54
CA SER A 92 -8.33 1.91 -4.68
C SER A 92 -9.46 1.93 -3.64
N VAL A 93 -10.55 1.21 -3.88
CA VAL A 93 -11.63 1.07 -2.94
C VAL A 93 -11.15 0.53 -1.60
N ALA A 94 -10.11 -0.32 -1.58
CA ALA A 94 -9.67 -0.96 -0.35
C ALA A 94 -9.26 0.09 0.69
N VAL A 95 -8.71 1.21 0.21
CA VAL A 95 -8.33 2.36 1.00
C VAL A 95 -9.57 3.24 1.22
N ARG A 96 -10.35 3.55 0.18
CA ARG A 96 -11.51 4.45 0.25
C ARG A 96 -12.57 3.94 1.25
N ASN A 97 -12.70 2.62 1.39
CA ASN A 97 -13.62 1.98 2.34
C ASN A 97 -13.13 2.08 3.80
N LEU A 98 -12.01 2.76 4.06
CA LEU A 98 -11.50 3.06 5.40
C LEU A 98 -11.54 4.54 5.74
N PHE A 99 -12.00 5.41 4.82
CA PHE A 99 -12.23 6.82 5.11
C PHE A 99 -13.04 6.98 6.39
N HIS A 100 -14.00 6.08 6.62
CA HIS A 100 -14.93 6.12 7.74
C HIS A 100 -14.63 5.05 8.80
N TYR A 101 -13.40 4.54 8.90
CA TYR A 101 -13.06 3.44 9.81
C TYR A 101 -13.03 3.94 11.26
N LYS A 102 -14.08 3.61 12.00
CA LYS A 102 -14.26 4.03 13.38
C LYS A 102 -13.40 3.22 14.34
N GLY A 103 -13.42 1.91 14.19
CA GLY A 103 -12.55 0.93 14.82
C GLY A 103 -12.68 0.71 16.33
N HIS A 104 -13.55 1.45 17.00
CA HIS A 104 -13.96 1.37 18.41
C HIS A 104 -12.89 1.83 19.40
N PRO A 105 -13.34 2.33 20.58
CA PRO A 105 -12.48 3.04 21.47
C PRO A 105 -11.53 2.16 22.28
N ASP A 106 -10.67 2.82 23.05
CA ASP A 106 -9.61 2.18 23.79
C ASP A 106 -9.43 2.75 25.20
N PRO A 107 -9.15 1.88 26.20
CA PRO A 107 -8.96 2.26 27.60
C PRO A 107 -7.68 3.03 27.90
N LEU A 108 -6.65 2.93 27.05
CA LEU A 108 -5.42 3.66 27.21
C LEU A 108 -4.96 4.33 25.93
N LYS A 109 -5.16 3.71 24.77
CA LYS A 109 -4.68 4.27 23.52
C LYS A 109 -5.58 5.39 23.00
N GLY A 110 -6.67 5.70 23.70
CA GLY A 110 -7.50 6.88 23.48
C GLY A 110 -7.86 7.09 22.02
N ASP A 111 -8.27 5.99 21.37
CA ASP A 111 -8.93 6.01 20.07
C ASP A 111 -7.93 6.45 18.96
N ALA A 112 -6.62 6.41 19.25
CA ALA A 112 -5.53 6.82 18.39
C ALA A 112 -5.25 5.84 17.24
N LEU A 113 -5.42 4.53 17.47
CA LEU A 113 -5.04 3.49 16.51
C LEU A 113 -5.85 3.62 15.23
N ASN A 114 -7.18 3.63 15.34
CA ASN A 114 -8.10 3.68 14.21
C ASN A 114 -8.10 5.06 13.58
N LYS A 115 -7.90 6.13 14.34
CA LYS A 115 -7.74 7.46 13.75
C LYS A 115 -6.60 7.43 12.72
N ALA A 116 -5.47 6.81 13.09
CA ALA A 116 -4.35 6.69 12.16
C ALA A 116 -4.67 5.82 10.94
N VAL A 117 -5.78 5.08 10.92
CA VAL A 117 -6.28 4.48 9.70
C VAL A 117 -7.16 5.52 8.97
N ARG A 118 -8.12 6.15 9.67
CA ARG A 118 -9.23 6.90 9.12
C ARG A 118 -8.72 8.04 8.24
N GLU A 119 -7.77 8.81 8.79
CA GLU A 119 -7.22 10.00 8.17
C GLU A 119 -6.30 9.60 7.02
N THR A 120 -5.45 8.63 7.31
CA THR A 120 -4.35 8.22 6.46
C THR A 120 -4.89 7.65 5.16
N ALA A 121 -6.08 7.07 5.18
CA ALA A 121 -6.73 6.58 3.97
C ALA A 121 -6.96 7.73 2.98
N HIS A 122 -7.52 8.86 3.45
CA HIS A 122 -7.74 10.04 2.62
C HIS A 122 -6.40 10.51 2.01
N GLU A 123 -5.38 10.57 2.86
CA GLU A 123 -4.02 10.92 2.51
C GLU A 123 -3.52 10.03 1.35
N THR A 124 -3.68 8.72 1.48
CA THR A 124 -3.18 7.75 0.52
C THR A 124 -3.88 7.87 -0.83
N ILE A 125 -5.20 8.13 -0.90
CA ILE A 125 -5.89 8.26 -2.19
C ILE A 125 -5.30 9.41 -3.01
N SER A 126 -4.89 10.47 -2.33
CA SER A 126 -4.25 11.61 -2.97
C SER A 126 -2.96 11.22 -3.72
N ALA A 127 -2.27 10.14 -3.31
CA ALA A 127 -1.18 9.52 -4.05
C ALA A 127 -1.72 8.63 -5.18
N ILE A 128 -2.71 7.76 -4.90
CA ILE A 128 -3.29 6.83 -5.89
C ILE A 128 -3.75 7.57 -7.17
N PHE A 129 -4.07 8.86 -7.08
CA PHE A 129 -4.44 9.68 -8.23
C PHE A 129 -3.58 10.96 -8.39
N SER A 130 -2.38 11.00 -7.80
CA SER A 130 -1.49 12.15 -7.92
C SER A 130 -1.11 12.39 -9.38
N GLU A 131 -0.87 13.65 -9.75
CA GLU A 131 -0.48 14.01 -11.11
C GLU A 131 0.37 15.27 -11.13
N GLU A 132 1.08 15.45 -12.25
CA GLU A 132 2.02 16.52 -12.49
C GLU A 132 1.92 16.85 -13.98
N ASN A 133 0.69 17.08 -14.46
CA ASN A 133 0.35 17.62 -15.78
C ASN A 133 -1.08 18.13 -15.66
N GLY A 134 -1.48 19.09 -16.48
CA GLY A 134 -2.86 19.53 -16.54
C GLY A 134 -3.81 18.36 -16.82
N SER A 135 -4.97 18.36 -16.17
CA SER A 135 -6.12 17.48 -16.39
C SER A 135 -7.37 18.35 -16.44
N GLY A 136 -7.37 19.29 -17.39
CA GLY A 136 -8.41 20.27 -17.59
C GLY A 136 -8.60 21.18 -16.38
N PRO A 137 -7.56 21.93 -15.97
CA PRO A 137 -7.63 22.75 -14.77
C PRO A 137 -8.65 23.90 -14.86
N SER A 138 -9.08 24.25 -16.08
CA SER A 138 -10.20 25.14 -16.36
C SER A 138 -11.49 24.65 -15.69
N SER A 139 -11.59 23.36 -15.31
CA SER A 139 -12.68 22.72 -14.58
C SER A 139 -14.01 22.64 -15.35
N GLY A 140 -14.18 23.41 -16.43
CA GLY A 140 -14.71 22.90 -17.68
C GLY A 140 -13.46 22.60 -18.47
N GLY A 1 -0.98 -16.56 -27.57
CA GLY A 1 0.41 -16.46 -28.04
C GLY A 1 1.09 -15.26 -27.39
N SER A 2 2.36 -15.01 -27.76
CA SER A 2 3.16 -13.90 -27.22
C SER A 2 3.27 -14.01 -25.68
N SER A 3 3.93 -15.05 -25.20
CA SER A 3 4.12 -15.30 -23.78
C SER A 3 5.44 -16.04 -23.58
N GLY A 4 5.89 -16.11 -22.33
CA GLY A 4 7.17 -16.65 -21.92
C GLY A 4 7.81 -15.62 -21.01
N SER A 5 7.69 -15.77 -19.69
CA SER A 5 8.26 -14.87 -18.71
C SER A 5 8.45 -15.61 -17.38
N SER A 6 9.10 -14.98 -16.40
CA SER A 6 9.15 -15.47 -15.03
C SER A 6 7.72 -15.56 -14.49
N GLY A 7 7.46 -16.48 -13.56
CA GLY A 7 6.18 -16.55 -12.89
C GLY A 7 6.03 -15.41 -11.88
N GLU A 8 4.90 -15.39 -11.20
CA GLU A 8 4.71 -14.69 -9.94
C GLU A 8 5.63 -15.28 -8.85
N SER A 9 5.61 -14.75 -7.63
CA SER A 9 6.30 -15.31 -6.46
C SER A 9 5.64 -14.89 -5.15
N TYR A 10 5.15 -15.86 -4.38
CA TYR A 10 4.61 -15.65 -3.05
C TYR A 10 5.57 -14.88 -2.16
N TRP A 11 6.90 -15.06 -2.34
CA TRP A 11 7.87 -14.34 -1.52
C TRP A 11 7.69 -12.81 -1.58
N ARG A 12 7.19 -12.26 -2.69
CA ARG A 12 6.88 -10.84 -2.79
C ARG A 12 5.97 -10.43 -1.62
N SER A 13 4.99 -11.27 -1.25
CA SER A 13 4.01 -11.02 -0.21
C SER A 13 4.71 -10.74 1.12
N ARG A 14 5.76 -11.51 1.39
CA ARG A 14 6.51 -11.47 2.64
C ARG A 14 7.11 -10.10 2.90
N MET A 15 7.38 -9.34 1.83
CA MET A 15 7.92 -8.00 1.96
C MET A 15 6.87 -7.11 2.58
N ILE A 16 5.67 -7.09 1.97
CA ILE A 16 4.56 -6.28 2.41
C ILE A 16 4.20 -6.66 3.84
N ASP A 17 4.05 -7.96 4.10
CA ASP A 17 3.71 -8.50 5.42
C ASP A 17 4.65 -7.94 6.48
N ALA A 18 5.97 -8.01 6.24
CA ALA A 18 6.98 -7.58 7.19
C ALA A 18 7.01 -6.06 7.43
N VAL A 19 6.37 -5.25 6.58
CA VAL A 19 6.22 -3.81 6.83
C VAL A 19 4.79 -3.46 7.26
N THR A 20 3.89 -4.44 7.37
CA THR A 20 2.50 -4.25 7.77
C THR A 20 2.14 -5.12 8.98
N SER A 21 3.15 -5.53 9.75
CA SER A 21 2.98 -6.36 10.94
C SER A 21 2.22 -5.53 11.97
N ASP A 22 1.12 -6.06 12.50
CA ASP A 22 0.30 -5.47 13.55
C ASP A 22 1.12 -5.36 14.86
N GLU A 23 1.82 -4.23 15.04
CA GLU A 23 2.70 -3.92 16.17
C GLU A 23 2.68 -2.41 16.43
N ASP A 24 2.85 -1.99 17.69
CA ASP A 24 2.96 -0.57 18.06
C ASP A 24 4.17 0.11 17.43
N LYS A 25 5.20 -0.69 17.12
CA LYS A 25 6.42 -0.22 16.52
C LYS A 25 6.16 0.02 15.05
N VAL A 26 6.32 1.26 14.64
CA VAL A 26 6.27 1.67 13.24
C VAL A 26 7.44 0.99 12.49
N ALA A 27 7.21 0.53 11.26
CA ALA A 27 8.29 -0.01 10.44
C ALA A 27 9.19 1.14 9.95
N PRO A 28 10.47 0.88 9.64
CA PRO A 28 11.37 1.91 9.14
C PRO A 28 11.10 2.21 7.66
N VAL A 29 11.58 3.34 7.16
CA VAL A 29 11.51 3.69 5.76
C VAL A 29 12.31 2.71 4.90
N TYR A 30 13.47 2.23 5.36
CA TYR A 30 14.32 1.39 4.50
C TYR A 30 13.62 0.12 4.08
N LYS A 31 12.81 -0.46 4.97
CA LYS A 31 12.05 -1.64 4.60
C LYS A 31 10.96 -1.28 3.60
N LEU A 32 10.40 -0.06 3.59
CA LEU A 32 9.36 0.31 2.65
C LEU A 32 9.95 0.54 1.26
N GLU A 33 11.14 1.13 1.16
CA GLU A 33 11.69 1.51 -0.15
C GLU A 33 12.02 0.27 -1.00
N GLU A 34 12.38 -0.82 -0.34
CA GLU A 34 12.66 -2.12 -0.94
C GLU A 34 11.47 -2.66 -1.77
N ILE A 35 10.24 -2.36 -1.36
CA ILE A 35 9.05 -2.78 -2.10
C ILE A 35 9.01 -2.02 -3.43
N CYS A 36 9.38 -0.74 -3.44
CA CYS A 36 9.41 0.02 -4.67
C CYS A 36 10.51 -0.55 -5.58
N ASP A 37 11.68 -0.84 -5.02
CA ASP A 37 12.83 -1.36 -5.75
C ASP A 37 12.43 -2.57 -6.59
N LEU A 38 11.76 -3.53 -5.93
CA LEU A 38 11.25 -4.69 -6.62
C LEU A 38 10.28 -4.28 -7.72
N LEU A 39 9.24 -3.49 -7.43
CA LEU A 39 8.26 -3.08 -8.44
C LEU A 39 8.87 -2.29 -9.60
N ARG A 40 10.04 -1.67 -9.42
CA ARG A 40 10.79 -1.00 -10.46
C ARG A 40 11.46 -2.05 -11.35
N SER A 41 12.15 -3.01 -10.72
CA SER A 41 12.93 -4.04 -11.40
C SER A 41 12.07 -5.15 -12.00
N SER A 42 10.81 -5.28 -11.60
CA SER A 42 10.00 -6.46 -11.92
C SER A 42 9.11 -6.22 -13.13
N HIS A 43 8.76 -7.32 -13.79
CA HIS A 43 7.73 -7.38 -14.82
C HIS A 43 6.35 -7.07 -14.24
N VAL A 44 5.40 -6.68 -15.10
CA VAL A 44 4.03 -6.34 -14.73
C VAL A 44 3.37 -7.49 -13.96
N SER A 45 3.65 -8.75 -14.32
CA SER A 45 3.13 -9.93 -13.66
C SER A 45 3.46 -9.97 -12.16
N ILE A 46 4.49 -9.26 -11.72
CA ILE A 46 4.91 -9.20 -10.32
C ILE A 46 4.32 -7.94 -9.67
N VAL A 47 4.15 -6.84 -10.42
CA VAL A 47 3.41 -5.67 -9.97
C VAL A 47 2.04 -6.14 -9.47
N LYS A 48 1.37 -6.96 -10.29
CA LYS A 48 0.04 -7.50 -10.03
C LYS A 48 -0.04 -8.08 -8.63
N GLU A 49 0.81 -9.05 -8.33
CA GLU A 49 0.85 -9.72 -7.04
C GLU A 49 1.16 -8.73 -5.92
N PHE A 50 2.16 -7.88 -6.11
CA PHE A 50 2.55 -6.91 -5.11
C PHE A 50 1.36 -6.04 -4.72
N SER A 51 0.66 -5.51 -5.72
CA SER A 51 -0.46 -4.64 -5.47
C SER A 51 -1.47 -5.41 -4.65
N GLU A 52 -1.82 -6.64 -5.04
CA GLU A 52 -2.71 -7.46 -4.23
C GLU A 52 -2.22 -7.59 -2.79
N PHE A 53 -0.98 -7.96 -2.52
CA PHE A 53 -0.51 -8.14 -1.15
C PHE A 53 -0.56 -6.85 -0.31
N ILE A 54 -0.63 -5.67 -0.96
CA ILE A 54 -0.86 -4.36 -0.35
C ILE A 54 -2.36 -4.14 -0.16
N LEU A 55 -3.16 -4.32 -1.20
CA LEU A 55 -4.58 -4.01 -1.22
C LEU A 55 -5.31 -4.88 -0.21
N LYS A 56 -4.96 -6.16 -0.16
CA LYS A 56 -5.54 -7.13 0.76
C LYS A 56 -5.28 -6.74 2.21
N ARG A 57 -4.29 -5.87 2.50
CA ARG A 57 -4.00 -5.42 3.85
C ARG A 57 -5.14 -4.59 4.41
N LEU A 58 -5.90 -3.90 3.55
CA LEU A 58 -7.01 -3.05 4.00
C LEU A 58 -8.11 -3.92 4.60
N ASP A 59 -8.31 -5.09 4.01
CA ASP A 59 -9.36 -6.05 4.34
C ASP A 59 -9.16 -6.71 5.71
N ASN A 60 -7.97 -6.57 6.30
CA ASN A 60 -7.60 -7.27 7.53
C ASN A 60 -8.09 -6.52 8.77
N LYS A 61 -8.44 -7.23 9.85
CA LYS A 61 -8.91 -6.62 11.09
C LYS A 61 -7.74 -6.23 12.00
N SER A 62 -7.44 -4.93 12.04
CA SER A 62 -6.49 -4.23 12.90
C SER A 62 -6.46 -2.81 12.37
N PRO A 63 -6.35 -1.80 13.24
CA PRO A 63 -6.07 -0.45 12.77
C PRO A 63 -4.61 -0.36 12.29
N ILE A 64 -3.69 -1.09 12.95
CA ILE A 64 -2.25 -0.98 12.74
C ILE A 64 -1.88 -1.56 11.39
N VAL A 65 -2.36 -2.78 11.11
CA VAL A 65 -2.16 -3.44 9.82
C VAL A 65 -2.59 -2.50 8.70
N LYS A 66 -3.65 -1.69 8.95
CA LYS A 66 -4.15 -0.83 7.92
C LYS A 66 -3.18 0.32 7.74
N GLN A 67 -2.99 1.11 8.80
CA GLN A 67 -2.22 2.35 8.73
C GLN A 67 -0.82 2.09 8.16
N LYS A 68 -0.20 0.96 8.54
CA LYS A 68 1.09 0.54 8.00
C LYS A 68 1.09 0.39 6.48
N ALA A 69 0.06 -0.17 5.83
CA ALA A 69 0.04 -0.23 4.37
C ALA A 69 -0.12 1.19 3.80
N LEU A 70 -0.97 2.02 4.40
CA LEU A 70 -1.33 3.34 3.87
C LEU A 70 -0.09 4.19 3.63
N ARG A 71 0.76 4.37 4.64
CA ARG A 71 2.00 5.16 4.49
C ARG A 71 3.02 4.55 3.53
N LEU A 72 2.87 3.26 3.19
CA LEU A 72 3.70 2.55 2.22
C LEU A 72 3.16 2.79 0.80
N ILE A 73 1.84 2.85 0.62
CA ILE A 73 1.20 2.95 -0.69
C ILE A 73 1.68 4.26 -1.29
N LYS A 74 1.20 5.36 -0.75
CA LYS A 74 1.58 6.70 -1.18
C LYS A 74 3.07 6.97 -1.22
N TYR A 75 3.90 6.16 -0.58
CA TYR A 75 5.34 6.28 -0.70
C TYR A 75 5.79 5.69 -2.05
N ALA A 76 5.45 4.43 -2.33
CA ALA A 76 5.81 3.74 -3.57
C ALA A 76 5.03 4.28 -4.79
N VAL A 77 3.76 4.65 -4.60
CA VAL A 77 2.95 5.37 -5.57
C VAL A 77 3.64 6.70 -5.79
N GLY A 78 4.05 6.95 -7.01
CA GLY A 78 4.82 8.09 -7.47
C GLY A 78 6.27 7.74 -7.81
N LYS A 79 6.73 6.50 -7.54
CA LYS A 79 8.13 6.10 -7.72
C LYS A 79 8.29 4.95 -8.70
N SER A 80 7.44 3.94 -8.54
CA SER A 80 7.54 2.61 -9.10
C SER A 80 7.83 2.54 -10.60
N GLY A 81 7.30 3.49 -11.37
CA GLY A 81 7.05 3.32 -12.79
C GLY A 81 5.54 3.20 -13.01
N SER A 82 5.13 3.25 -14.27
CA SER A 82 3.78 3.56 -14.67
C SER A 82 2.79 2.42 -14.48
N GLU A 83 3.23 1.20 -14.18
CA GLU A 83 2.38 0.03 -14.08
C GLU A 83 1.69 0.00 -12.71
N PHE A 84 2.49 -0.02 -11.64
CA PHE A 84 1.99 -0.13 -10.27
C PHE A 84 1.02 0.98 -9.90
N ARG A 85 1.23 2.22 -10.39
CA ARG A 85 0.34 3.31 -10.03
C ARG A 85 -1.09 2.97 -10.46
N ARG A 86 -1.25 2.38 -11.64
CA ARG A 86 -2.56 2.07 -12.18
C ARG A 86 -3.22 0.96 -11.37
N GLU A 87 -2.46 0.01 -10.86
CA GLU A 87 -2.99 -1.13 -10.10
C GLU A 87 -3.65 -0.66 -8.80
N MET A 88 -3.02 0.30 -8.12
CA MET A 88 -3.56 0.94 -6.93
C MET A 88 -4.91 1.59 -7.26
N GLN A 89 -5.06 2.22 -8.43
CA GLN A 89 -6.33 2.76 -8.89
C GLN A 89 -7.36 1.65 -9.10
N ARG A 90 -6.98 0.52 -9.74
CA ARG A 90 -7.94 -0.55 -10.07
C ARG A 90 -8.71 -0.98 -8.84
N ASN A 91 -8.03 -1.10 -7.70
CA ASN A 91 -8.56 -1.64 -6.46
C ASN A 91 -8.69 -0.56 -5.37
N SER A 92 -8.69 0.73 -5.73
CA SER A 92 -8.60 1.85 -4.78
C SER A 92 -9.73 1.90 -3.76
N VAL A 93 -10.88 1.26 -4.04
CA VAL A 93 -12.01 1.21 -3.12
C VAL A 93 -11.63 0.58 -1.80
N ALA A 94 -10.61 -0.31 -1.80
CA ALA A 94 -10.19 -0.96 -0.59
C ALA A 94 -9.69 0.08 0.42
N VAL A 95 -9.04 1.14 -0.08
CA VAL A 95 -8.54 2.24 0.73
C VAL A 95 -9.68 3.24 0.99
N ARG A 96 -10.43 3.63 -0.04
CA ARG A 96 -11.50 4.63 0.08
C ARG A 96 -12.55 4.23 1.10
N ASN A 97 -12.91 2.95 1.16
CA ASN A 97 -13.92 2.45 2.08
C ASN A 97 -13.54 2.73 3.55
N LEU A 98 -12.25 2.81 3.85
CA LEU A 98 -11.73 2.96 5.20
C LEU A 98 -11.61 4.41 5.67
N PHE A 99 -11.99 5.36 4.82
CA PHE A 99 -12.14 6.78 5.17
C PHE A 99 -13.01 6.99 6.42
N HIS A 100 -13.84 6.01 6.79
CA HIS A 100 -14.65 6.04 8.00
C HIS A 100 -14.36 4.78 8.80
N TYR A 101 -13.13 4.67 9.32
CA TYR A 101 -12.74 3.59 10.21
C TYR A 101 -12.80 4.04 11.67
N LYS A 102 -13.20 3.11 12.54
CA LYS A 102 -13.38 3.35 13.97
C LYS A 102 -13.11 2.10 14.80
N GLY A 103 -13.65 0.94 14.40
CA GLY A 103 -13.40 -0.34 15.05
C GLY A 103 -13.70 -0.29 16.55
N HIS A 104 -12.73 -0.62 17.41
CA HIS A 104 -12.83 -0.49 18.86
C HIS A 104 -11.67 0.37 19.36
N PRO A 105 -11.83 1.10 20.47
CA PRO A 105 -10.74 1.82 21.11
C PRO A 105 -9.79 0.83 21.79
N ASP A 106 -8.63 1.36 22.18
CA ASP A 106 -7.51 0.63 22.75
C ASP A 106 -7.45 0.79 24.27
N PRO A 107 -6.73 -0.09 24.98
CA PRO A 107 -6.48 0.07 26.42
C PRO A 107 -5.78 1.39 26.74
N LEU A 108 -4.74 1.74 25.97
CA LEU A 108 -3.87 2.89 26.23
C LEU A 108 -3.95 3.93 25.13
N LYS A 109 -4.13 3.52 23.87
CA LYS A 109 -4.15 4.47 22.76
C LYS A 109 -5.51 5.14 22.60
N GLY A 110 -6.53 4.70 23.35
CA GLY A 110 -7.90 5.16 23.20
C GLY A 110 -8.34 4.98 21.75
N ASP A 111 -8.93 6.00 21.15
CA ASP A 111 -9.46 5.98 19.78
C ASP A 111 -8.45 6.55 18.76
N ALA A 112 -7.15 6.62 19.09
CA ALA A 112 -6.14 7.26 18.25
C ALA A 112 -5.76 6.44 17.01
N LEU A 113 -5.40 5.16 17.19
CA LEU A 113 -4.87 4.29 16.13
C LEU A 113 -5.90 4.17 15.01
N ASN A 114 -7.17 3.96 15.38
CA ASN A 114 -8.24 3.82 14.39
C ASN A 114 -8.48 5.13 13.65
N LYS A 115 -8.38 6.29 14.32
CA LYS A 115 -8.52 7.58 13.66
C LYS A 115 -7.47 7.70 12.55
N ALA A 116 -6.23 7.28 12.80
CA ALA A 116 -5.15 7.34 11.83
C ALA A 116 -5.46 6.52 10.55
N VAL A 117 -6.25 5.44 10.63
CA VAL A 117 -6.64 4.67 9.46
C VAL A 117 -7.48 5.50 8.49
N ARG A 118 -8.33 6.40 9.00
CA ARG A 118 -9.15 7.29 8.19
C ARG A 118 -8.23 8.24 7.44
N GLU A 119 -7.50 9.09 8.16
CA GLU A 119 -6.83 10.22 7.53
C GLU A 119 -5.72 9.73 6.61
N THR A 120 -4.94 8.75 7.05
CA THR A 120 -3.87 8.26 6.21
C THR A 120 -4.45 7.68 4.91
N ALA A 121 -5.68 7.13 4.91
CA ALA A 121 -6.29 6.68 3.66
C ALA A 121 -6.63 7.86 2.75
N HIS A 122 -7.02 9.02 3.28
CA HIS A 122 -7.25 10.22 2.49
C HIS A 122 -5.97 10.56 1.73
N GLU A 123 -4.87 10.64 2.48
CA GLU A 123 -3.55 10.90 1.93
C GLU A 123 -3.15 9.86 0.89
N THR A 124 -3.57 8.61 1.08
CA THR A 124 -3.29 7.54 0.15
C THR A 124 -3.96 7.79 -1.19
N ILE A 125 -5.26 8.12 -1.22
CA ILE A 125 -6.01 8.32 -2.46
C ILE A 125 -5.41 9.47 -3.26
N SER A 126 -4.94 10.52 -2.57
CA SER A 126 -4.22 11.60 -3.22
C SER A 126 -3.03 11.09 -4.06
N ALA A 127 -2.29 10.10 -3.59
CA ALA A 127 -1.20 9.48 -4.35
C ALA A 127 -1.76 8.59 -5.46
N ILE A 128 -2.71 7.69 -5.15
CA ILE A 128 -3.30 6.75 -6.11
C ILE A 128 -3.68 7.50 -7.41
N PHE A 129 -4.33 8.66 -7.27
CA PHE A 129 -4.88 9.43 -8.37
C PHE A 129 -4.07 10.70 -8.68
N SER A 130 -2.82 10.78 -8.23
CA SER A 130 -1.89 11.88 -8.43
C SER A 130 -1.94 12.40 -9.88
N GLU A 131 -1.94 13.72 -10.04
CA GLU A 131 -2.09 14.41 -11.33
C GLU A 131 -0.89 14.29 -12.26
N GLU A 132 0.26 13.81 -11.77
CA GLU A 132 1.59 13.84 -12.41
C GLU A 132 1.52 13.91 -13.95
N ASN A 133 1.02 12.86 -14.60
CA ASN A 133 0.61 12.89 -16.00
C ASN A 133 -0.66 12.06 -16.17
N GLY A 134 -1.28 12.20 -17.35
CA GLY A 134 -2.35 11.34 -17.80
C GLY A 134 -2.37 11.29 -19.32
N SER A 135 -3.16 10.37 -19.87
CA SER A 135 -3.16 9.99 -21.28
C SER A 135 -4.51 9.46 -21.77
N GLY A 136 -5.57 9.55 -20.95
CA GLY A 136 -6.94 9.19 -21.31
C GLY A 136 -7.08 7.79 -21.90
N PRO A 137 -6.85 6.74 -21.10
CA PRO A 137 -6.85 5.37 -21.59
C PRO A 137 -8.23 4.88 -22.04
N SER A 138 -9.32 5.50 -21.59
CA SER A 138 -10.65 4.94 -21.75
C SER A 138 -11.15 5.01 -23.20
N SER A 139 -12.16 4.19 -23.47
CA SER A 139 -13.15 4.41 -24.51
C SER A 139 -13.78 5.80 -24.29
N GLY A 140 -13.81 6.62 -25.32
CA GLY A 140 -14.20 8.03 -25.29
C GLY A 140 -13.57 8.69 -26.49
N GLY A 1 -3.97 -24.10 -22.21
CA GLY A 1 -3.00 -25.07 -22.74
C GLY A 1 -2.72 -26.10 -21.67
N SER A 2 -1.52 -26.08 -21.13
CA SER A 2 -1.19 -26.43 -19.76
C SER A 2 0.24 -25.93 -19.50
N SER A 3 0.63 -25.83 -18.23
CA SER A 3 1.98 -25.61 -17.76
C SER A 3 2.02 -26.13 -16.33
N GLY A 4 2.96 -27.02 -16.01
CA GLY A 4 3.14 -27.54 -14.67
C GLY A 4 3.81 -26.55 -13.74
N SER A 5 3.81 -25.24 -14.03
CA SER A 5 4.62 -24.26 -13.33
C SER A 5 3.87 -22.94 -13.09
N SER A 6 4.52 -22.04 -12.38
CA SER A 6 4.07 -20.70 -12.02
C SER A 6 5.22 -19.74 -12.34
N GLY A 7 5.03 -18.45 -12.05
CA GLY A 7 6.07 -17.44 -11.97
C GLY A 7 5.81 -16.49 -10.80
N GLU A 8 4.92 -16.85 -9.87
CA GLU A 8 4.38 -15.96 -8.85
C GLU A 8 5.11 -16.23 -7.52
N SER A 9 6.30 -15.66 -7.29
CA SER A 9 7.00 -15.84 -6.02
C SER A 9 6.18 -15.30 -4.86
N TYR A 10 5.65 -16.20 -4.04
CA TYR A 10 5.05 -15.92 -2.75
C TYR A 10 5.95 -15.03 -1.87
N TRP A 11 7.29 -15.09 -2.04
CA TRP A 11 8.21 -14.26 -1.27
C TRP A 11 7.92 -12.76 -1.41
N ARG A 12 7.32 -12.29 -2.52
CA ARG A 12 6.89 -10.90 -2.63
C ARG A 12 5.93 -10.53 -1.49
N SER A 13 5.09 -11.46 -1.05
CA SER A 13 4.14 -11.27 0.03
C SER A 13 4.87 -11.05 1.35
N ARG A 14 6.08 -11.60 1.53
CA ARG A 14 6.86 -11.41 2.75
C ARG A 14 7.41 -9.99 2.81
N MET A 15 7.70 -9.36 1.68
CA MET A 15 8.20 -7.99 1.67
C MET A 15 7.10 -7.04 2.14
N ILE A 16 5.86 -7.27 1.72
CA ILE A 16 4.70 -6.48 2.14
C ILE A 16 4.33 -6.84 3.59
N ASP A 17 4.34 -8.12 3.96
CA ASP A 17 3.96 -8.57 5.29
C ASP A 17 4.91 -8.08 6.37
N ALA A 18 6.22 -8.08 6.08
CA ALA A 18 7.25 -7.72 7.04
C ALA A 18 7.00 -6.36 7.66
N VAL A 19 6.53 -5.42 6.85
CA VAL A 19 6.44 -4.03 7.27
C VAL A 19 5.09 -3.72 7.93
N THR A 20 4.05 -4.55 7.79
CA THR A 20 2.71 -4.27 8.29
C THR A 20 2.40 -4.98 9.61
N SER A 21 3.44 -5.27 10.39
CA SER A 21 3.36 -5.99 11.65
C SER A 21 2.37 -5.27 12.58
N ASP A 22 1.54 -6.04 13.28
CA ASP A 22 0.47 -5.62 14.20
C ASP A 22 1.04 -5.01 15.48
N GLU A 23 1.79 -3.92 15.34
CA GLU A 23 2.59 -3.34 16.40
C GLU A 23 2.58 -1.82 16.22
N ASP A 24 2.32 -1.09 17.32
CA ASP A 24 2.34 0.36 17.36
C ASP A 24 3.74 0.93 17.06
N LYS A 25 4.78 0.14 17.30
CA LYS A 25 6.13 0.49 16.91
C LYS A 25 6.18 0.47 15.38
N VAL A 26 6.62 1.58 14.81
CA VAL A 26 6.64 1.74 13.36
C VAL A 26 7.81 0.98 12.75
N ALA A 27 7.64 0.54 11.51
CA ALA A 27 8.72 -0.03 10.71
C ALA A 27 9.55 1.12 10.10
N PRO A 28 10.79 0.86 9.64
CA PRO A 28 11.66 1.87 9.05
C PRO A 28 11.31 2.12 7.58
N VAL A 29 11.83 3.20 6.98
CA VAL A 29 11.63 3.43 5.55
C VAL A 29 12.40 2.40 4.72
N TYR A 30 13.60 1.96 5.14
CA TYR A 30 14.48 1.17 4.28
C TYR A 30 13.88 -0.19 3.89
N LYS A 31 12.93 -0.71 4.66
CA LYS A 31 12.25 -1.95 4.32
C LYS A 31 11.14 -1.70 3.30
N LEU A 32 10.56 -0.50 3.24
CA LEU A 32 9.51 -0.16 2.28
C LEU A 32 10.15 0.10 0.92
N GLU A 33 11.31 0.76 0.89
CA GLU A 33 11.87 1.26 -0.34
C GLU A 33 12.43 0.14 -1.24
N GLU A 34 12.75 -1.01 -0.67
CA GLU A 34 13.19 -2.21 -1.40
C GLU A 34 12.11 -2.69 -2.39
N ILE A 35 10.83 -2.55 -2.02
CA ILE A 35 9.70 -2.92 -2.86
C ILE A 35 9.66 -1.96 -4.06
N CYS A 36 10.06 -0.70 -3.85
CA CYS A 36 10.08 0.30 -4.90
C CYS A 36 11.13 0.00 -5.95
N ASP A 37 12.20 -0.69 -5.55
CA ASP A 37 13.19 -1.18 -6.48
C ASP A 37 12.64 -2.38 -7.22
N LEU A 38 12.04 -3.36 -6.52
CA LEU A 38 11.51 -4.53 -7.19
C LEU A 38 10.50 -4.17 -8.28
N LEU A 39 9.54 -3.30 -7.98
CA LEU A 39 8.50 -2.92 -8.94
C LEU A 39 9.09 -2.18 -10.15
N ARG A 40 10.24 -1.50 -10.02
CA ARG A 40 10.95 -0.93 -11.17
C ARG A 40 11.69 -2.03 -11.93
N SER A 41 12.31 -2.95 -11.21
CA SER A 41 13.09 -4.07 -11.72
C SER A 41 12.22 -5.16 -12.40
N SER A 42 10.92 -4.94 -12.62
CA SER A 42 9.98 -6.02 -12.89
C SER A 42 8.99 -5.78 -14.03
N HIS A 43 8.41 -6.89 -14.48
CA HIS A 43 7.27 -7.04 -15.37
C HIS A 43 5.98 -6.80 -14.58
N VAL A 44 4.87 -6.55 -15.30
CA VAL A 44 3.57 -6.30 -14.70
C VAL A 44 3.11 -7.47 -13.82
N SER A 45 3.41 -8.73 -14.17
CA SER A 45 3.05 -9.90 -13.37
C SER A 45 3.55 -9.77 -11.91
N ILE A 46 4.65 -9.06 -11.69
CA ILE A 46 5.20 -8.87 -10.35
C ILE A 46 4.47 -7.71 -9.66
N VAL A 47 4.24 -6.60 -10.38
CA VAL A 47 3.46 -5.45 -9.90
C VAL A 47 2.11 -5.96 -9.39
N LYS A 48 1.45 -6.83 -10.17
CA LYS A 48 0.17 -7.40 -9.86
C LYS A 48 0.21 -8.05 -8.48
N GLU A 49 1.12 -9.00 -8.28
CA GLU A 49 1.18 -9.73 -7.03
C GLU A 49 1.43 -8.78 -5.86
N PHE A 50 2.37 -7.86 -6.04
CA PHE A 50 2.67 -6.84 -5.05
C PHE A 50 1.46 -6.01 -4.71
N SER A 51 0.72 -5.55 -5.72
CA SER A 51 -0.40 -4.65 -5.54
C SER A 51 -1.42 -5.40 -4.70
N GLU A 52 -1.80 -6.61 -5.09
CA GLU A 52 -2.69 -7.44 -4.31
C GLU A 52 -2.27 -7.60 -2.85
N PHE A 53 -0.99 -7.90 -2.56
CA PHE A 53 -0.56 -8.05 -1.18
C PHE A 53 -0.75 -6.75 -0.39
N ILE A 54 -0.54 -5.61 -1.03
CA ILE A 54 -0.71 -4.30 -0.43
C ILE A 54 -2.21 -4.05 -0.20
N LEU A 55 -3.01 -4.16 -1.25
CA LEU A 55 -4.41 -3.79 -1.26
C LEU A 55 -5.17 -4.62 -0.22
N LYS A 56 -4.92 -5.93 -0.19
CA LYS A 56 -5.61 -6.84 0.72
C LYS A 56 -5.22 -6.59 2.17
N ARG A 57 -4.13 -5.87 2.43
CA ARG A 57 -3.75 -5.43 3.77
C ARG A 57 -4.78 -4.44 4.33
N LEU A 58 -5.59 -3.79 3.49
CA LEU A 58 -6.72 -2.95 3.90
C LEU A 58 -7.98 -3.78 4.20
N ASP A 59 -7.90 -5.10 4.10
CA ASP A 59 -9.01 -6.04 4.29
C ASP A 59 -8.82 -6.89 5.55
N ASN A 60 -7.66 -6.82 6.20
CA ASN A 60 -7.37 -7.56 7.44
C ASN A 60 -7.96 -6.81 8.64
N LYS A 61 -8.43 -7.51 9.68
CA LYS A 61 -8.84 -6.88 10.94
C LYS A 61 -7.59 -6.47 11.71
N SER A 62 -7.52 -5.23 12.18
CA SER A 62 -6.44 -4.53 12.89
C SER A 62 -6.46 -3.11 12.34
N PRO A 63 -6.43 -2.08 13.19
CA PRO A 63 -6.16 -0.75 12.68
C PRO A 63 -4.70 -0.65 12.19
N ILE A 64 -3.76 -1.36 12.81
CA ILE A 64 -2.32 -1.11 12.66
C ILE A 64 -1.89 -1.54 11.27
N VAL A 65 -2.32 -2.74 10.90
CA VAL A 65 -2.01 -3.34 9.61
C VAL A 65 -2.47 -2.40 8.49
N LYS A 66 -3.63 -1.74 8.70
CA LYS A 66 -4.21 -0.91 7.66
C LYS A 66 -3.32 0.31 7.54
N GLN A 67 -3.10 1.03 8.63
CA GLN A 67 -2.38 2.30 8.62
C GLN A 67 -0.95 2.11 8.09
N LYS A 68 -0.26 1.01 8.42
CA LYS A 68 1.03 0.67 7.86
C LYS A 68 0.96 0.44 6.33
N ALA A 69 -0.05 -0.25 5.79
CA ALA A 69 -0.20 -0.37 4.34
C ALA A 69 -0.48 0.99 3.69
N LEU A 70 -1.31 1.83 4.30
CA LEU A 70 -1.72 3.11 3.74
C LEU A 70 -0.52 4.01 3.45
N ARG A 71 0.41 4.19 4.41
CA ARG A 71 1.64 4.94 4.12
C ARG A 71 2.53 4.25 3.10
N LEU A 72 2.60 2.91 3.08
CA LEU A 72 3.39 2.18 2.07
C LEU A 72 2.86 2.47 0.67
N ILE A 73 1.54 2.63 0.47
CA ILE A 73 0.96 2.84 -0.85
C ILE A 73 1.51 4.16 -1.36
N LYS A 74 1.06 5.28 -0.79
CA LYS A 74 1.50 6.62 -1.18
C LYS A 74 3.01 6.85 -1.13
N TYR A 75 3.77 5.99 -0.45
CA TYR A 75 5.21 6.02 -0.64
C TYR A 75 5.51 5.50 -2.04
N ALA A 76 5.28 4.21 -2.32
CA ALA A 76 5.62 3.58 -3.60
C ALA A 76 4.92 4.24 -4.80
N VAL A 77 3.66 4.66 -4.65
CA VAL A 77 2.91 5.36 -5.66
C VAL A 77 3.68 6.65 -5.96
N GLY A 78 4.04 6.78 -7.23
CA GLY A 78 4.79 7.92 -7.73
C GLY A 78 6.30 7.64 -7.85
N LYS A 79 6.75 6.42 -7.53
CA LYS A 79 8.15 5.99 -7.69
C LYS A 79 8.24 4.77 -8.60
N SER A 80 7.32 3.83 -8.44
CA SER A 80 7.33 2.52 -9.08
C SER A 80 7.40 2.60 -10.60
N GLY A 81 6.52 3.39 -11.20
CA GLY A 81 6.22 3.37 -12.61
C GLY A 81 4.72 3.53 -12.83
N SER A 82 4.28 3.44 -14.08
CA SER A 82 2.88 3.58 -14.41
C SER A 82 2.09 2.33 -14.03
N GLU A 83 2.64 1.12 -14.19
CA GLU A 83 1.88 -0.13 -13.99
C GLU A 83 1.25 -0.13 -12.60
N PHE A 84 2.09 0.04 -11.57
CA PHE A 84 1.68 0.07 -10.19
C PHE A 84 0.71 1.22 -9.92
N ARG A 85 0.93 2.41 -10.52
CA ARG A 85 0.06 3.54 -10.22
C ARG A 85 -1.33 3.30 -10.77
N ARG A 86 -1.50 2.39 -11.74
CA ARG A 86 -2.79 2.05 -12.31
C ARG A 86 -3.40 0.85 -11.61
N GLU A 87 -2.61 -0.15 -11.17
CA GLU A 87 -3.10 -1.23 -10.33
C GLU A 87 -3.73 -0.67 -9.05
N MET A 88 -3.04 0.24 -8.37
CA MET A 88 -3.56 0.89 -7.17
C MET A 88 -4.93 1.53 -7.41
N GLN A 89 -5.19 2.11 -8.60
CA GLN A 89 -6.49 2.65 -8.98
C GLN A 89 -7.54 1.54 -9.14
N ARG A 90 -7.21 0.44 -9.83
CA ARG A 90 -8.16 -0.65 -10.10
C ARG A 90 -8.80 -1.19 -8.81
N ASN A 91 -8.15 -1.02 -7.66
CA ASN A 91 -8.64 -1.55 -6.38
C ASN A 91 -8.72 -0.48 -5.29
N SER A 92 -8.63 0.82 -5.62
CA SER A 92 -8.51 1.92 -4.65
C SER A 92 -9.64 2.03 -3.62
N VAL A 93 -10.75 1.32 -3.82
CA VAL A 93 -11.90 1.39 -2.93
C VAL A 93 -11.55 0.92 -1.51
N ALA A 94 -10.68 -0.08 -1.33
CA ALA A 94 -10.44 -0.63 0.00
C ALA A 94 -9.89 0.45 0.94
N VAL A 95 -9.04 1.29 0.39
CA VAL A 95 -8.47 2.47 1.01
C VAL A 95 -9.58 3.52 1.21
N ARG A 96 -10.28 3.93 0.15
CA ARG A 96 -11.36 4.93 0.22
C ARG A 96 -12.35 4.60 1.34
N ASN A 97 -12.77 3.34 1.44
CA ASN A 97 -13.74 2.88 2.42
C ASN A 97 -13.24 3.05 3.86
N LEU A 98 -11.94 3.21 4.10
CA LEU A 98 -11.38 3.47 5.42
C LEU A 98 -11.40 4.94 5.81
N PHE A 99 -11.71 5.88 4.90
CA PHE A 99 -11.78 7.32 5.20
C PHE A 99 -12.55 7.59 6.50
N HIS A 100 -13.58 6.77 6.79
CA HIS A 100 -14.43 6.92 7.95
C HIS A 100 -14.51 5.66 8.81
N TYR A 101 -13.50 4.78 8.73
CA TYR A 101 -13.31 3.67 9.66
C TYR A 101 -13.22 4.22 11.09
N LYS A 102 -13.69 3.42 12.05
CA LYS A 102 -13.66 3.75 13.47
C LYS A 102 -13.37 2.55 14.35
N GLY A 103 -13.83 1.35 14.00
CA GLY A 103 -13.52 0.14 14.76
C GLY A 103 -13.97 0.27 16.22
N HIS A 104 -13.17 -0.22 17.15
CA HIS A 104 -13.51 -0.30 18.58
C HIS A 104 -12.45 0.45 19.41
N PRO A 105 -12.80 0.89 20.63
CA PRO A 105 -11.89 1.63 21.49
C PRO A 105 -10.82 0.72 22.11
N ASP A 106 -10.02 1.31 22.98
CA ASP A 106 -8.72 0.80 23.40
C ASP A 106 -8.55 0.97 24.92
N PRO A 107 -7.75 0.12 25.57
CA PRO A 107 -7.42 0.24 26.99
C PRO A 107 -6.42 1.37 27.32
N LEU A 108 -5.65 1.84 26.34
CA LEU A 108 -4.64 2.87 26.51
C LEU A 108 -4.59 3.82 25.32
N LYS A 109 -4.56 3.30 24.07
CA LYS A 109 -4.40 4.18 22.92
C LYS A 109 -5.61 5.09 22.68
N GLY A 110 -6.71 4.90 23.43
CA GLY A 110 -7.89 5.74 23.37
C GLY A 110 -8.39 5.93 21.95
N ASP A 111 -8.55 4.82 21.21
CA ASP A 111 -9.03 4.74 19.82
C ASP A 111 -8.19 5.46 18.75
N ALA A 112 -7.06 6.07 19.14
CA ALA A 112 -6.18 6.83 18.24
C ALA A 112 -5.76 5.99 17.04
N LEU A 113 -5.53 4.69 17.22
CA LEU A 113 -5.09 3.79 16.17
C LEU A 113 -6.10 3.75 15.01
N ASN A 114 -7.39 3.64 15.31
CA ASN A 114 -8.42 3.57 14.27
C ASN A 114 -8.58 4.93 13.60
N LYS A 115 -8.50 6.01 14.37
CA LYS A 115 -8.53 7.36 13.83
C LYS A 115 -7.38 7.54 12.85
N ALA A 116 -6.17 7.08 13.19
CA ALA A 116 -5.00 7.17 12.35
C ALA A 116 -5.22 6.47 11.00
N VAL A 117 -5.85 5.28 10.99
CA VAL A 117 -6.25 4.63 9.74
C VAL A 117 -7.06 5.60 8.88
N ARG A 118 -8.10 6.19 9.48
CA ARG A 118 -9.11 6.95 8.77
C ARG A 118 -8.46 8.07 7.96
N GLU A 119 -7.61 8.87 8.61
CA GLU A 119 -7.00 10.01 7.95
C GLU A 119 -5.95 9.58 6.94
N THR A 120 -5.14 8.56 7.27
CA THR A 120 -4.05 8.13 6.41
C THR A 120 -4.61 7.65 5.05
N ALA A 121 -5.84 7.17 4.99
CA ALA A 121 -6.43 6.77 3.72
C ALA A 121 -6.56 7.94 2.74
N HIS A 122 -6.73 9.18 3.22
CA HIS A 122 -6.78 10.35 2.36
C HIS A 122 -5.39 10.61 1.75
N GLU A 123 -4.32 10.42 2.53
CA GLU A 123 -2.95 10.51 2.06
C GLU A 123 -2.71 9.49 0.96
N THR A 124 -3.29 8.30 1.11
CA THR A 124 -3.19 7.28 0.11
C THR A 124 -3.84 7.72 -1.21
N ILE A 125 -5.13 8.06 -1.20
CA ILE A 125 -5.86 8.33 -2.44
C ILE A 125 -5.26 9.54 -3.17
N SER A 126 -4.78 10.52 -2.41
CA SER A 126 -4.00 11.63 -2.92
C SER A 126 -2.93 11.10 -3.90
N ALA A 127 -2.13 10.09 -3.52
CA ALA A 127 -1.09 9.52 -4.37
C ALA A 127 -1.68 8.67 -5.48
N ILE A 128 -2.67 7.81 -5.20
CA ILE A 128 -3.23 6.88 -6.18
C ILE A 128 -3.57 7.60 -7.49
N PHE A 129 -4.20 8.77 -7.42
CA PHE A 129 -4.64 9.50 -8.60
C PHE A 129 -3.78 10.71 -8.95
N SER A 130 -2.89 11.16 -8.05
CA SER A 130 -1.92 12.26 -8.19
C SER A 130 -2.37 13.30 -9.23
N GLU A 131 -3.37 14.08 -8.83
CA GLU A 131 -4.10 14.94 -9.75
C GLU A 131 -3.34 16.26 -9.94
N GLU A 132 -3.53 16.89 -11.11
CA GLU A 132 -3.09 18.25 -11.35
C GLU A 132 -3.82 19.16 -10.36
N ASN A 133 -3.12 20.15 -9.81
CA ASN A 133 -3.63 21.02 -8.76
C ASN A 133 -4.58 22.05 -9.37
N GLY A 134 -5.81 21.62 -9.63
CA GLY A 134 -6.87 22.40 -10.25
C GLY A 134 -7.94 22.79 -9.25
N SER A 135 -8.38 21.84 -8.42
CA SER A 135 -9.53 21.94 -7.50
C SER A 135 -10.82 22.53 -8.12
N GLY A 136 -10.92 22.57 -9.45
CA GLY A 136 -12.06 23.05 -10.22
C GLY A 136 -11.57 23.94 -11.36
N PRO A 137 -10.82 23.39 -12.34
CA PRO A 137 -10.16 24.20 -13.37
C PRO A 137 -11.13 24.79 -14.41
N SER A 138 -12.41 24.41 -14.40
CA SER A 138 -13.47 25.09 -15.14
C SER A 138 -14.59 25.39 -14.17
N SER A 139 -15.39 26.41 -14.48
CA SER A 139 -16.74 26.52 -13.94
C SER A 139 -17.60 25.40 -14.53
N GLY A 140 -18.78 25.23 -13.96
CA GLY A 140 -19.97 24.88 -14.70
C GLY A 140 -20.96 25.98 -14.36
N GLY A 1 16.95 -24.64 -1.12
CA GLY A 1 15.78 -25.14 -1.84
C GLY A 1 16.25 -25.77 -3.13
N SER A 2 15.78 -25.27 -4.27
CA SER A 2 16.35 -25.49 -5.59
C SER A 2 16.39 -24.13 -6.31
N SER A 3 16.80 -24.09 -7.57
CA SER A 3 16.54 -22.90 -8.40
C SER A 3 15.07 -22.93 -8.85
N GLY A 4 14.67 -21.90 -9.60
CA GLY A 4 13.35 -21.82 -10.21
C GLY A 4 13.27 -20.59 -11.08
N SER A 5 13.52 -19.42 -10.49
CA SER A 5 13.53 -18.10 -11.13
C SER A 5 12.24 -17.76 -11.90
N SER A 6 11.14 -18.48 -11.65
CA SER A 6 9.85 -18.27 -12.29
C SER A 6 9.11 -17.06 -11.69
N GLY A 7 7.95 -16.74 -12.26
CA GLY A 7 7.00 -15.79 -11.71
C GLY A 7 6.25 -16.38 -10.52
N GLU A 8 5.12 -15.75 -10.16
CA GLU A 8 4.14 -16.23 -9.17
C GLU A 8 4.75 -16.65 -7.83
N SER A 9 5.80 -15.96 -7.42
CA SER A 9 6.54 -16.17 -6.18
C SER A 9 5.65 -15.97 -4.95
N TYR A 10 6.18 -16.33 -3.77
CA TYR A 10 5.53 -16.14 -2.48
C TYR A 10 6.30 -15.15 -1.61
N TRP A 11 7.63 -15.13 -1.70
CA TRP A 11 8.42 -14.22 -0.88
C TRP A 11 8.18 -12.74 -1.24
N ARG A 12 7.60 -12.47 -2.42
CA ARG A 12 7.20 -11.13 -2.80
C ARG A 12 6.19 -10.61 -1.77
N SER A 13 5.20 -11.43 -1.41
CA SER A 13 4.17 -11.15 -0.40
C SER A 13 4.83 -10.84 0.94
N ARG A 14 5.81 -11.65 1.34
CA ARG A 14 6.46 -11.49 2.65
C ARG A 14 7.16 -10.14 2.81
N MET A 15 7.53 -9.46 1.72
CA MET A 15 8.12 -8.13 1.83
C MET A 15 7.08 -7.11 2.29
N ILE A 16 5.83 -7.27 1.85
CA ILE A 16 4.71 -6.47 2.31
C ILE A 16 4.39 -6.86 3.75
N ASP A 17 4.27 -8.17 4.00
CA ASP A 17 3.84 -8.77 5.27
C ASP A 17 4.74 -8.33 6.44
N ALA A 18 6.00 -8.03 6.15
CA ALA A 18 6.97 -7.55 7.09
C ALA A 18 6.57 -6.20 7.70
N VAL A 19 6.41 -5.17 6.88
CA VAL A 19 6.16 -3.81 7.37
C VAL A 19 4.72 -3.63 7.80
N THR A 20 3.84 -4.60 7.51
CA THR A 20 2.41 -4.54 7.77
C THR A 20 2.00 -5.46 8.93
N SER A 21 2.97 -6.10 9.61
CA SER A 21 2.71 -7.00 10.72
C SER A 21 1.94 -6.28 11.85
N ASP A 22 1.27 -7.08 12.68
CA ASP A 22 0.40 -6.69 13.78
C ASP A 22 1.21 -6.15 14.97
N GLU A 23 1.74 -4.95 14.80
CA GLU A 23 2.85 -4.40 15.57
C GLU A 23 2.61 -2.92 15.78
N ASP A 24 2.22 -2.52 16.99
CA ASP A 24 1.88 -1.14 17.31
C ASP A 24 3.03 -0.17 17.01
N LYS A 25 4.28 -0.62 17.09
CA LYS A 25 5.46 0.17 16.79
C LYS A 25 5.71 0.18 15.28
N VAL A 26 6.09 1.33 14.74
CA VAL A 26 6.21 1.53 13.30
C VAL A 26 7.39 0.75 12.70
N ALA A 27 7.40 0.61 11.37
CA ALA A 27 8.51 0.06 10.58
C ALA A 27 9.40 1.22 10.08
N PRO A 28 10.67 0.97 9.73
CA PRO A 28 11.54 1.98 9.13
C PRO A 28 11.22 2.21 7.64
N VAL A 29 11.72 3.30 7.07
CA VAL A 29 11.56 3.61 5.65
C VAL A 29 12.25 2.56 4.78
N TYR A 30 13.40 2.03 5.21
CA TYR A 30 14.20 1.17 4.34
C TYR A 30 13.51 -0.14 4.01
N LYS A 31 12.55 -0.57 4.82
CA LYS A 31 11.75 -1.77 4.58
C LYS A 31 10.52 -1.46 3.72
N LEU A 32 10.17 -0.18 3.51
CA LEU A 32 9.13 0.24 2.58
C LEU A 32 9.73 0.37 1.19
N GLU A 33 10.88 1.05 1.06
CA GLU A 33 11.44 1.45 -0.24
C GLU A 33 11.83 0.26 -1.10
N GLU A 34 12.22 -0.86 -0.48
CA GLU A 34 12.70 -2.06 -1.14
C GLU A 34 11.64 -2.65 -2.08
N ILE A 35 10.37 -2.46 -1.76
CA ILE A 35 9.24 -2.99 -2.50
C ILE A 35 9.03 -2.10 -3.73
N CYS A 36 9.12 -0.79 -3.55
CA CYS A 36 9.08 0.20 -4.60
C CYS A 36 10.17 -0.13 -5.62
N ASP A 37 11.38 -0.38 -5.11
CA ASP A 37 12.56 -0.77 -5.85
C ASP A 37 12.24 -1.97 -6.74
N LEU A 38 11.70 -3.04 -6.14
CA LEU A 38 11.40 -4.24 -6.90
C LEU A 38 10.43 -3.97 -8.02
N LEU A 39 9.33 -3.25 -7.74
CA LEU A 39 8.31 -2.96 -8.75
C LEU A 39 8.93 -2.23 -9.94
N ARG A 40 9.89 -1.33 -9.70
CA ARG A 40 10.62 -0.63 -10.77
C ARG A 40 11.50 -1.60 -11.54
N SER A 41 12.19 -2.53 -10.86
CA SER A 41 12.99 -3.54 -11.54
C SER A 41 12.17 -4.62 -12.27
N SER A 42 10.87 -4.74 -11.99
CA SER A 42 10.10 -5.90 -12.36
C SER A 42 9.39 -5.75 -13.71
N HIS A 43 8.96 -6.89 -14.25
CA HIS A 43 7.93 -7.02 -15.26
C HIS A 43 6.56 -6.68 -14.65
N VAL A 44 5.60 -6.30 -15.48
CA VAL A 44 4.25 -5.92 -15.05
C VAL A 44 3.55 -7.04 -14.25
N SER A 45 3.84 -8.32 -14.55
CA SER A 45 3.24 -9.44 -13.85
C SER A 45 3.62 -9.48 -12.35
N ILE A 46 4.72 -8.84 -11.93
CA ILE A 46 5.10 -8.78 -10.52
C ILE A 46 4.35 -7.63 -9.84
N VAL A 47 4.04 -6.55 -10.57
CA VAL A 47 3.25 -5.45 -10.03
C VAL A 47 1.91 -5.99 -9.58
N LYS A 48 1.25 -6.79 -10.43
CA LYS A 48 -0.05 -7.37 -10.13
C LYS A 48 0.04 -8.12 -8.80
N GLU A 49 1.03 -9.01 -8.71
CA GLU A 49 1.32 -9.86 -7.56
C GLU A 49 1.42 -9.00 -6.30
N PHE A 50 2.33 -8.03 -6.33
CA PHE A 50 2.57 -7.13 -5.23
C PHE A 50 1.35 -6.32 -4.85
N SER A 51 0.61 -5.81 -5.83
CA SER A 51 -0.48 -4.90 -5.57
C SER A 51 -1.49 -5.66 -4.73
N GLU A 52 -1.85 -6.87 -5.12
CA GLU A 52 -2.72 -7.72 -4.29
C GLU A 52 -2.23 -7.78 -2.84
N PHE A 53 -0.98 -8.15 -2.59
CA PHE A 53 -0.53 -8.34 -1.21
C PHE A 53 -0.67 -7.06 -0.38
N ILE A 54 -0.54 -5.89 -1.01
CA ILE A 54 -0.76 -4.58 -0.42
C ILE A 54 -2.26 -4.36 -0.19
N LEU A 55 -3.08 -4.52 -1.23
CA LEU A 55 -4.48 -4.10 -1.20
C LEU A 55 -5.25 -4.92 -0.17
N LYS A 56 -5.01 -6.23 -0.15
CA LYS A 56 -5.64 -7.16 0.77
C LYS A 56 -5.27 -6.87 2.23
N ARG A 57 -4.20 -6.11 2.47
CA ARG A 57 -3.80 -5.67 3.80
C ARG A 57 -4.78 -4.63 4.34
N LEU A 58 -5.46 -3.88 3.47
CA LEU A 58 -6.51 -2.95 3.87
C LEU A 58 -7.80 -3.67 4.20
N ASP A 59 -7.99 -4.88 3.67
CA ASP A 59 -9.17 -5.70 3.88
C ASP A 59 -9.11 -6.47 5.22
N ASN A 60 -7.99 -6.38 5.94
CA ASN A 60 -7.73 -7.20 7.13
C ASN A 60 -8.33 -6.57 8.41
N LYS A 61 -8.52 -7.38 9.45
CA LYS A 61 -9.33 -7.13 10.64
C LYS A 61 -8.73 -6.16 11.68
N SER A 62 -7.59 -5.55 11.43
CA SER A 62 -6.83 -4.81 12.44
C SER A 62 -6.73 -3.34 12.08
N PRO A 63 -6.63 -2.41 13.04
CA PRO A 63 -6.17 -1.06 12.76
C PRO A 63 -4.74 -1.06 12.19
N ILE A 64 -3.84 -1.84 12.79
CA ILE A 64 -2.39 -1.63 12.68
C ILE A 64 -1.93 -1.99 11.29
N VAL A 65 -2.36 -3.17 10.85
CA VAL A 65 -2.09 -3.72 9.54
C VAL A 65 -2.44 -2.71 8.45
N LYS A 66 -3.53 -1.98 8.67
CA LYS A 66 -4.07 -1.15 7.63
C LYS A 66 -3.20 0.08 7.52
N GLN A 67 -3.00 0.80 8.63
CA GLN A 67 -2.27 2.06 8.59
C GLN A 67 -0.87 1.83 8.02
N LYS A 68 -0.21 0.73 8.39
CA LYS A 68 1.07 0.33 7.81
C LYS A 68 1.00 0.28 6.28
N ALA A 69 0.05 -0.47 5.70
CA ALA A 69 -0.08 -0.57 4.26
C ALA A 69 -0.39 0.79 3.62
N LEU A 70 -1.19 1.64 4.29
CA LEU A 70 -1.53 2.95 3.78
C LEU A 70 -0.26 3.79 3.55
N ARG A 71 0.66 3.84 4.52
CA ARG A 71 1.92 4.60 4.34
C ARG A 71 2.74 4.01 3.20
N LEU A 72 2.78 2.69 3.10
CA LEU A 72 3.53 1.99 2.07
C LEU A 72 3.02 2.38 0.67
N ILE A 73 1.70 2.47 0.48
CA ILE A 73 1.09 2.72 -0.82
C ILE A 73 1.60 4.07 -1.30
N LYS A 74 1.13 5.14 -0.68
CA LYS A 74 1.45 6.52 -1.07
C LYS A 74 2.94 6.78 -1.24
N TYR A 75 3.81 6.08 -0.49
CA TYR A 75 5.23 6.23 -0.69
C TYR A 75 5.67 5.66 -2.05
N ALA A 76 5.25 4.43 -2.39
CA ALA A 76 5.58 3.78 -3.64
C ALA A 76 4.84 4.40 -4.84
N VAL A 77 3.61 4.85 -4.60
CA VAL A 77 2.79 5.50 -5.59
C VAL A 77 3.48 6.82 -5.93
N GLY A 78 3.86 6.93 -7.19
CA GLY A 78 4.55 8.09 -7.73
C GLY A 78 6.00 7.74 -8.13
N LYS A 79 6.46 6.49 -7.88
CA LYS A 79 7.87 6.08 -8.11
C LYS A 79 8.00 4.97 -9.15
N SER A 80 7.02 4.06 -9.22
CA SER A 80 6.99 2.83 -9.98
C SER A 80 7.12 2.90 -11.51
N GLY A 81 7.40 4.05 -12.14
CA GLY A 81 7.52 4.15 -13.59
C GLY A 81 6.19 4.10 -14.36
N SER A 82 5.05 4.02 -13.65
CA SER A 82 3.64 4.22 -14.02
C SER A 82 2.76 2.99 -13.83
N GLU A 83 3.31 1.77 -13.86
CA GLU A 83 2.55 0.52 -13.85
C GLU A 83 1.71 0.42 -12.57
N PHE A 84 2.37 0.26 -11.43
CA PHE A 84 1.75 0.06 -10.12
C PHE A 84 0.75 1.15 -9.74
N ARG A 85 0.89 2.40 -10.21
CA ARG A 85 -0.10 3.41 -9.85
C ARG A 85 -1.46 3.02 -10.44
N ARG A 86 -1.52 2.46 -11.65
CA ARG A 86 -2.80 2.09 -12.23
C ARG A 86 -3.42 0.94 -11.44
N GLU A 87 -2.66 -0.09 -11.06
CA GLU A 87 -3.13 -1.18 -10.22
C GLU A 87 -3.68 -0.67 -8.89
N MET A 88 -3.03 0.33 -8.28
CA MET A 88 -3.55 0.98 -7.08
C MET A 88 -4.87 1.72 -7.37
N GLN A 89 -5.01 2.44 -8.50
CA GLN A 89 -6.29 3.03 -8.90
C GLN A 89 -7.38 1.96 -9.02
N ARG A 90 -7.11 0.87 -9.76
CA ARG A 90 -8.07 -0.22 -10.01
C ARG A 90 -8.71 -0.72 -8.72
N ASN A 91 -7.93 -0.96 -7.66
CA ASN A 91 -8.44 -1.51 -6.40
C ASN A 91 -8.54 -0.46 -5.29
N SER A 92 -8.55 0.84 -5.64
CA SER A 92 -8.48 1.97 -4.70
C SER A 92 -9.58 2.01 -3.63
N VAL A 93 -10.65 1.24 -3.82
CA VAL A 93 -11.75 1.21 -2.88
C VAL A 93 -11.33 0.64 -1.53
N ALA A 94 -10.34 -0.26 -1.49
CA ALA A 94 -9.96 -0.91 -0.24
C ALA A 94 -9.54 0.15 0.77
N VAL A 95 -8.72 1.08 0.32
CA VAL A 95 -8.27 2.26 1.03
C VAL A 95 -9.47 3.15 1.33
N ARG A 96 -10.26 3.56 0.32
CA ARG A 96 -11.37 4.48 0.50
C ARG A 96 -12.36 4.00 1.56
N ASN A 97 -12.62 2.70 1.62
CA ASN A 97 -13.61 2.16 2.54
C ASN A 97 -13.19 2.35 4.00
N LEU A 98 -11.95 2.74 4.28
CA LEU A 98 -11.43 3.04 5.60
C LEU A 98 -11.46 4.53 5.95
N PHE A 99 -11.92 5.42 5.06
CA PHE A 99 -12.01 6.85 5.35
C PHE A 99 -12.71 7.12 6.69
N HIS A 100 -13.66 6.25 7.08
CA HIS A 100 -14.43 6.38 8.32
C HIS A 100 -14.31 5.16 9.22
N TYR A 101 -13.19 4.43 9.16
CA TYR A 101 -12.96 3.24 9.98
C TYR A 101 -12.86 3.61 11.45
N LYS A 102 -13.50 2.80 12.30
CA LYS A 102 -13.53 3.00 13.76
C LYS A 102 -13.08 1.77 14.54
N GLY A 103 -13.55 0.57 14.18
CA GLY A 103 -13.24 -0.63 14.95
C GLY A 103 -13.63 -0.45 16.41
N HIS A 104 -12.66 -0.51 17.33
CA HIS A 104 -12.82 -0.41 18.78
C HIS A 104 -11.79 0.57 19.36
N PRO A 105 -12.02 1.10 20.57
CA PRO A 105 -11.21 2.17 21.14
C PRO A 105 -9.83 1.73 21.63
N ASP A 106 -9.05 2.72 22.01
CA ASP A 106 -7.74 2.58 22.66
C ASP A 106 -7.92 2.81 24.16
N PRO A 107 -7.41 1.94 25.04
CA PRO A 107 -7.61 2.05 26.49
C PRO A 107 -6.92 3.25 27.14
N LEU A 108 -5.91 3.82 26.46
CA LEU A 108 -5.14 4.95 26.91
C LEU A 108 -4.93 5.94 25.77
N LYS A 109 -4.63 5.47 24.57
CA LYS A 109 -4.23 6.36 23.47
C LYS A 109 -5.40 7.19 22.93
N GLY A 110 -6.64 6.87 23.32
CA GLY A 110 -7.82 7.65 23.03
C GLY A 110 -8.09 7.68 21.53
N ASP A 111 -8.58 6.55 21.02
CA ASP A 111 -8.97 6.33 19.64
C ASP A 111 -7.89 6.82 18.66
N ALA A 112 -6.71 6.19 18.74
CA ALA A 112 -5.52 6.58 18.00
C ALA A 112 -5.19 5.56 16.92
N LEU A 113 -5.19 4.27 17.26
CA LEU A 113 -4.89 3.17 16.33
C LEU A 113 -5.78 3.28 15.10
N ASN A 114 -7.08 3.37 15.35
CA ASN A 114 -8.12 3.44 14.33
C ASN A 114 -8.15 4.77 13.61
N LYS A 115 -7.96 5.91 14.29
CA LYS A 115 -7.91 7.20 13.61
C LYS A 115 -6.74 7.24 12.66
N ALA A 116 -5.56 6.77 13.09
CA ALA A 116 -4.40 6.72 12.22
C ALA A 116 -4.73 6.01 10.90
N VAL A 117 -5.52 4.92 10.89
CA VAL A 117 -6.03 4.34 9.66
C VAL A 117 -6.83 5.38 8.86
N ARG A 118 -7.83 6.00 9.49
CA ARG A 118 -8.89 6.72 8.80
C ARG A 118 -8.31 7.90 8.02
N GLU A 119 -7.41 8.62 8.67
CA GLU A 119 -6.78 9.81 8.14
C GLU A 119 -5.75 9.45 7.08
N THR A 120 -4.95 8.41 7.33
CA THR A 120 -3.95 8.00 6.36
C THR A 120 -4.62 7.49 5.08
N ALA A 121 -5.86 7.00 5.14
CA ALA A 121 -6.55 6.55 3.95
C ALA A 121 -6.83 7.74 3.01
N HIS A 122 -7.20 8.90 3.55
CA HIS A 122 -7.35 10.12 2.74
C HIS A 122 -6.03 10.46 2.05
N GLU A 123 -4.95 10.50 2.83
CA GLU A 123 -3.59 10.71 2.35
C GLU A 123 -3.24 9.75 1.22
N THR A 124 -3.65 8.50 1.35
CA THR A 124 -3.34 7.48 0.39
C THR A 124 -4.01 7.78 -0.94
N ILE A 125 -5.30 8.13 -0.96
CA ILE A 125 -6.00 8.47 -2.21
C ILE A 125 -5.37 9.69 -2.88
N SER A 126 -4.87 10.67 -2.10
CA SER A 126 -4.12 11.78 -2.67
C SER A 126 -2.92 11.32 -3.51
N ALA A 127 -2.27 10.19 -3.18
CA ALA A 127 -1.22 9.57 -3.98
C ALA A 127 -1.81 8.66 -5.05
N ILE A 128 -2.83 7.83 -4.75
CA ILE A 128 -3.36 6.88 -5.74
C ILE A 128 -3.72 7.57 -7.07
N PHE A 129 -4.23 8.80 -7.00
CA PHE A 129 -4.58 9.55 -8.19
C PHE A 129 -3.66 10.76 -8.40
N SER A 130 -2.57 10.84 -7.65
CA SER A 130 -1.39 11.57 -8.09
C SER A 130 -0.91 10.92 -9.38
N GLU A 131 -0.36 11.72 -10.27
CA GLU A 131 0.30 11.26 -11.48
C GLU A 131 1.80 11.23 -11.18
N GLU A 132 2.62 11.67 -12.14
CA GLU A 132 3.97 12.12 -11.97
C GLU A 132 4.05 13.53 -12.55
N ASN A 133 5.22 14.17 -12.44
CA ASN A 133 5.57 15.38 -13.18
C ASN A 133 5.19 15.19 -14.66
N GLY A 134 4.18 15.95 -15.11
CA GLY A 134 3.50 15.70 -16.37
C GLY A 134 2.00 15.94 -16.24
N SER A 135 1.35 15.31 -15.26
CA SER A 135 -0.10 15.31 -15.02
C SER A 135 -0.97 14.78 -16.19
N GLY A 136 -0.39 14.51 -17.36
CA GLY A 136 -1.06 13.98 -18.54
C GLY A 136 -1.21 15.10 -19.57
N PRO A 137 -0.14 15.46 -20.30
CA PRO A 137 -0.10 16.61 -21.19
C PRO A 137 -0.75 16.34 -22.57
N SER A 138 -1.63 15.34 -22.66
CA SER A 138 -2.37 15.04 -23.86
C SER A 138 -3.40 16.14 -24.15
N SER A 139 -3.88 16.21 -25.40
CA SER A 139 -4.98 17.06 -25.81
C SER A 139 -5.84 16.16 -26.69
N GLY A 140 -6.99 15.73 -26.17
CA GLY A 140 -7.78 14.62 -26.71
C GLY A 140 -8.31 14.92 -28.08
N GLY A 1 17.80 -13.40 -13.36
CA GLY A 1 17.18 -14.28 -14.37
C GLY A 1 17.29 -13.64 -15.74
N SER A 2 16.92 -14.35 -16.80
CA SER A 2 16.88 -13.78 -18.15
C SER A 2 15.79 -12.70 -18.17
N SER A 3 14.52 -13.09 -18.10
CA SER A 3 13.40 -12.16 -17.95
C SER A 3 12.43 -12.58 -16.82
N GLY A 4 12.55 -13.79 -16.27
CA GLY A 4 11.55 -14.38 -15.40
C GLY A 4 10.27 -14.68 -16.18
N SER A 5 9.46 -15.63 -15.69
CA SER A 5 8.18 -15.96 -16.29
C SER A 5 7.39 -16.76 -15.24
N SER A 6 6.86 -16.05 -14.25
CA SER A 6 5.85 -16.51 -13.31
C SER A 6 5.20 -15.27 -12.70
N GLY A 7 3.98 -15.42 -12.18
CA GLY A 7 3.26 -14.37 -11.48
C GLY A 7 3.43 -14.58 -9.98
N GLU A 8 2.56 -15.38 -9.38
CA GLU A 8 2.43 -15.59 -7.95
C GLU A 8 3.77 -15.92 -7.26
N SER A 9 4.41 -14.89 -6.70
CA SER A 9 5.75 -14.93 -6.14
C SER A 9 5.71 -14.64 -4.65
N TYR A 10 5.64 -15.70 -3.83
CA TYR A 10 5.48 -15.66 -2.39
C TYR A 10 6.41 -14.65 -1.72
N TRP A 11 7.70 -14.65 -2.04
CA TRP A 11 8.62 -13.81 -1.28
C TRP A 11 8.42 -12.32 -1.53
N ARG A 12 7.72 -11.94 -2.60
CA ARG A 12 7.32 -10.55 -2.80
C ARG A 12 6.27 -10.19 -1.74
N SER A 13 5.39 -11.12 -1.33
CA SER A 13 4.38 -10.90 -0.31
C SER A 13 5.06 -10.67 1.03
N ARG A 14 6.13 -11.41 1.30
CA ARG A 14 6.86 -11.37 2.57
C ARG A 14 7.51 -10.03 2.85
N MET A 15 7.77 -9.22 1.81
CA MET A 15 8.22 -7.86 2.00
C MET A 15 7.08 -7.02 2.54
N ILE A 16 5.91 -7.09 1.86
CA ILE A 16 4.73 -6.36 2.26
C ILE A 16 4.39 -6.72 3.70
N ASP A 17 4.26 -8.02 3.98
CA ASP A 17 3.79 -8.52 5.26
C ASP A 17 4.72 -8.09 6.40
N ALA A 18 6.03 -7.98 6.13
CA ALA A 18 7.01 -7.50 7.09
C ALA A 18 6.74 -6.04 7.45
N VAL A 19 6.56 -5.15 6.46
CA VAL A 19 6.29 -3.75 6.74
C VAL A 19 4.87 -3.51 7.27
N THR A 20 4.01 -4.54 7.28
CA THR A 20 2.69 -4.53 7.90
C THR A 20 2.66 -5.53 9.07
N SER A 21 3.77 -5.68 9.81
CA SER A 21 3.83 -6.56 10.98
C SER A 21 2.88 -5.97 12.02
N ASP A 22 1.97 -6.75 12.60
CA ASP A 22 1.03 -6.31 13.64
C ASP A 22 1.85 -5.88 14.89
N GLU A 23 2.18 -4.60 14.97
CA GLU A 23 3.03 -4.00 15.98
C GLU A 23 2.62 -2.54 16.04
N ASP A 24 2.38 -2.00 17.23
CA ASP A 24 1.96 -0.62 17.44
C ASP A 24 2.96 0.38 16.82
N LYS A 25 4.26 0.04 16.81
CA LYS A 25 5.30 0.85 16.18
C LYS A 25 5.32 0.63 14.66
N VAL A 26 5.35 1.72 13.89
CA VAL A 26 5.41 1.68 12.42
C VAL A 26 6.73 1.07 11.92
N ALA A 27 6.72 0.45 10.72
CA ALA A 27 7.93 -0.08 10.08
C ALA A 27 8.84 1.07 9.59
N PRO A 28 10.15 0.82 9.41
CA PRO A 28 11.08 1.86 8.99
C PRO A 28 10.96 2.18 7.51
N VAL A 29 11.37 3.38 7.11
CA VAL A 29 11.38 3.81 5.71
C VAL A 29 12.22 2.88 4.84
N TYR A 30 13.39 2.44 5.30
CA TYR A 30 14.26 1.64 4.43
C TYR A 30 13.63 0.29 4.07
N LYS A 31 12.69 -0.23 4.87
CA LYS A 31 11.95 -1.41 4.47
C LYS A 31 10.81 -1.06 3.52
N LEU A 32 10.26 0.15 3.56
CA LEU A 32 9.16 0.55 2.68
C LEU A 32 9.68 0.81 1.27
N GLU A 33 10.86 1.45 1.15
CA GLU A 33 11.45 1.77 -0.15
C GLU A 33 11.81 0.52 -0.94
N GLU A 34 12.18 -0.56 -0.24
CA GLU A 34 12.56 -1.83 -0.86
C GLU A 34 11.44 -2.37 -1.77
N ILE A 35 10.17 -2.20 -1.39
CA ILE A 35 9.03 -2.68 -2.17
C ILE A 35 8.94 -1.85 -3.46
N CYS A 36 9.02 -0.51 -3.36
CA CYS A 36 8.94 0.34 -4.54
C CYS A 36 10.09 0.03 -5.50
N ASP A 37 11.24 -0.33 -4.94
CA ASP A 37 12.43 -0.69 -5.67
C ASP A 37 12.18 -1.96 -6.48
N LEU A 38 11.61 -3.00 -5.86
CA LEU A 38 11.37 -4.25 -6.56
C LEU A 38 10.45 -4.07 -7.74
N LEU A 39 9.42 -3.23 -7.62
CA LEU A 39 8.45 -3.01 -8.69
C LEU A 39 9.10 -2.37 -9.93
N ARG A 40 10.17 -1.58 -9.77
CA ARG A 40 10.98 -1.12 -10.91
C ARG A 40 11.84 -2.26 -11.43
N SER A 41 12.39 -3.09 -10.55
CA SER A 41 13.18 -4.27 -10.87
C SER A 41 12.29 -5.46 -11.27
N SER A 42 11.07 -5.22 -11.76
CA SER A 42 10.09 -6.25 -12.07
C SER A 42 9.38 -5.99 -13.40
N HIS A 43 8.76 -7.04 -13.94
CA HIS A 43 7.75 -6.99 -14.99
C HIS A 43 6.37 -6.74 -14.35
N VAL A 44 5.37 -6.40 -15.17
CA VAL A 44 4.00 -6.18 -14.72
C VAL A 44 3.45 -7.38 -13.97
N SER A 45 3.88 -8.60 -14.32
CA SER A 45 3.45 -9.81 -13.65
C SER A 45 3.75 -9.77 -12.15
N ILE A 46 4.82 -9.10 -11.72
CA ILE A 46 5.16 -8.99 -10.30
C ILE A 46 4.43 -7.79 -9.68
N VAL A 47 4.21 -6.72 -10.46
CA VAL A 47 3.44 -5.56 -10.01
C VAL A 47 2.09 -6.03 -9.51
N LYS A 48 1.41 -6.90 -10.27
CA LYS A 48 0.12 -7.44 -9.90
C LYS A 48 0.19 -8.04 -8.51
N GLU A 49 1.05 -9.03 -8.34
CA GLU A 49 1.24 -9.73 -7.07
C GLU A 49 1.48 -8.75 -5.94
N PHE A 50 2.47 -7.87 -6.11
CA PHE A 50 2.79 -6.87 -5.11
C PHE A 50 1.58 -6.03 -4.74
N SER A 51 0.86 -5.54 -5.74
CA SER A 51 -0.25 -4.65 -5.53
C SER A 51 -1.30 -5.40 -4.72
N GLU A 52 -1.67 -6.61 -5.12
CA GLU A 52 -2.64 -7.41 -4.39
C GLU A 52 -2.17 -7.63 -2.95
N PHE A 53 -0.92 -8.02 -2.72
CA PHE A 53 -0.39 -8.20 -1.37
C PHE A 53 -0.53 -6.90 -0.54
N ILE A 54 -0.43 -5.73 -1.17
CA ILE A 54 -0.64 -4.45 -0.52
C ILE A 54 -2.13 -4.22 -0.26
N LEU A 55 -2.96 -4.40 -1.28
CA LEU A 55 -4.35 -3.97 -1.31
C LEU A 55 -5.16 -4.80 -0.33
N LYS A 56 -4.93 -6.12 -0.35
CA LYS A 56 -5.61 -7.09 0.51
C LYS A 56 -5.36 -6.81 2.00
N ARG A 57 -4.36 -5.98 2.35
CA ARG A 57 -4.15 -5.56 3.73
C ARG A 57 -5.36 -4.83 4.27
N LEU A 58 -6.03 -4.03 3.45
CA LEU A 58 -7.16 -3.23 3.89
C LEU A 58 -8.28 -4.14 4.40
N ASP A 59 -8.38 -5.34 3.85
CA ASP A 59 -9.42 -6.30 4.22
C ASP A 59 -9.16 -7.03 5.53
N ASN A 60 -7.92 -6.95 6.04
CA ASN A 60 -7.51 -7.57 7.29
C ASN A 60 -8.22 -6.89 8.47
N LYS A 61 -7.98 -7.32 9.70
CA LYS A 61 -8.91 -7.11 10.81
C LYS A 61 -8.33 -6.26 11.94
N SER A 62 -7.38 -5.36 11.64
CA SER A 62 -6.72 -4.56 12.67
C SER A 62 -6.61 -3.10 12.26
N PRO A 63 -6.61 -2.16 13.21
CA PRO A 63 -6.26 -0.76 12.95
C PRO A 63 -4.82 -0.63 12.40
N ILE A 64 -3.90 -1.44 12.92
CA ILE A 64 -2.46 -1.31 12.72
C ILE A 64 -2.11 -1.69 11.29
N VAL A 65 -2.47 -2.91 10.93
CA VAL A 65 -2.20 -3.50 9.65
C VAL A 65 -2.77 -2.64 8.53
N LYS A 66 -3.85 -1.87 8.81
CA LYS A 66 -4.34 -0.97 7.78
C LYS A 66 -3.29 0.12 7.60
N GLN A 67 -3.11 0.96 8.63
CA GLN A 67 -2.31 2.18 8.55
C GLN A 67 -0.91 1.89 8.00
N LYS A 68 -0.31 0.76 8.38
CA LYS A 68 1.00 0.35 7.87
C LYS A 68 1.01 0.24 6.34
N ALA A 69 -0.06 -0.28 5.71
CA ALA A 69 -0.20 -0.32 4.27
C ALA A 69 -0.38 1.10 3.71
N LEU A 70 -1.26 1.93 4.28
CA LEU A 70 -1.56 3.26 3.77
C LEU A 70 -0.30 4.09 3.51
N ARG A 71 0.63 4.14 4.48
CA ARG A 71 1.91 4.85 4.29
C ARG A 71 2.79 4.21 3.23
N LEU A 72 2.82 2.87 3.16
CA LEU A 72 3.56 2.13 2.15
C LEU A 72 3.04 2.47 0.75
N ILE A 73 1.71 2.59 0.57
CA ILE A 73 1.07 2.79 -0.72
C ILE A 73 1.62 4.08 -1.29
N LYS A 74 1.17 5.21 -0.77
CA LYS A 74 1.52 6.53 -1.27
C LYS A 74 3.02 6.70 -1.51
N TYR A 75 3.86 6.23 -0.59
CA TYR A 75 5.31 6.34 -0.76
C TYR A 75 5.77 5.63 -2.04
N ALA A 76 5.36 4.36 -2.23
CA ALA A 76 5.78 3.61 -3.40
C ALA A 76 5.15 4.13 -4.69
N VAL A 77 3.87 4.51 -4.66
CA VAL A 77 3.07 4.91 -5.83
C VAL A 77 3.86 5.84 -6.75
N GLY A 78 4.48 6.87 -6.17
CA GLY A 78 5.20 7.90 -6.91
C GLY A 78 6.59 7.47 -7.44
N LYS A 79 6.92 6.16 -7.44
CA LYS A 79 8.26 5.64 -7.74
C LYS A 79 8.22 4.39 -8.61
N SER A 80 7.17 3.61 -8.43
CA SER A 80 6.94 2.25 -8.89
C SER A 80 6.65 2.13 -10.40
N GLY A 81 7.28 2.94 -11.24
CA GLY A 81 7.04 2.95 -12.68
C GLY A 81 5.64 3.50 -12.96
N SER A 82 4.96 3.01 -13.99
CA SER A 82 3.57 3.41 -14.31
C SER A 82 2.60 2.24 -14.16
N GLU A 83 3.07 0.99 -14.17
CA GLU A 83 2.21 -0.18 -14.00
C GLU A 83 1.52 -0.13 -12.64
N PHE A 84 2.31 0.01 -11.57
CA PHE A 84 1.83 -0.13 -10.19
C PHE A 84 0.77 0.89 -9.84
N ARG A 85 0.99 2.15 -10.23
CA ARG A 85 0.07 3.21 -9.83
C ARG A 85 -1.35 2.85 -10.28
N ARG A 86 -1.49 2.22 -11.46
CA ARG A 86 -2.79 1.88 -12.02
C ARG A 86 -3.43 0.68 -11.34
N GLU A 87 -2.65 -0.28 -10.85
CA GLU A 87 -3.21 -1.36 -10.04
C GLU A 87 -3.78 -0.81 -8.72
N MET A 88 -3.10 0.19 -8.14
CA MET A 88 -3.64 0.92 -7.01
C MET A 88 -4.95 1.61 -7.39
N GLN A 89 -5.02 2.31 -8.54
CA GLN A 89 -6.25 2.95 -9.01
C GLN A 89 -7.38 1.93 -9.13
N ARG A 90 -7.12 0.80 -9.80
CA ARG A 90 -8.07 -0.29 -10.01
C ARG A 90 -8.78 -0.62 -8.70
N ASN A 91 -8.01 -0.92 -7.66
CA ASN A 91 -8.55 -1.46 -6.41
C ASN A 91 -8.69 -0.41 -5.31
N SER A 92 -8.58 0.89 -5.65
CA SER A 92 -8.50 2.01 -4.72
C SER A 92 -9.70 2.17 -3.78
N VAL A 93 -10.88 1.66 -4.14
CA VAL A 93 -12.07 1.76 -3.31
C VAL A 93 -11.83 1.17 -1.94
N ALA A 94 -11.02 0.10 -1.86
CA ALA A 94 -10.78 -0.60 -0.62
C ALA A 94 -10.18 0.32 0.45
N VAL A 95 -9.37 1.29 0.02
CA VAL A 95 -8.74 2.30 0.84
C VAL A 95 -9.75 3.42 1.14
N ARG A 96 -10.44 3.93 0.11
CA ARG A 96 -11.47 4.97 0.25
C ARG A 96 -12.51 4.59 1.29
N ASN A 97 -12.95 3.34 1.27
CA ASN A 97 -13.95 2.76 2.17
C ASN A 97 -13.55 2.86 3.66
N LEU A 98 -12.28 3.14 3.97
CA LEU A 98 -11.72 3.21 5.32
C LEU A 98 -11.49 4.65 5.80
N PHE A 99 -11.76 5.64 4.95
CA PHE A 99 -11.86 7.06 5.33
C PHE A 99 -12.69 7.23 6.60
N HIS A 100 -13.73 6.41 6.75
CA HIS A 100 -14.70 6.49 7.84
C HIS A 100 -14.59 5.31 8.79
N TYR A 101 -13.39 4.75 8.94
CA TYR A 101 -13.08 3.73 9.93
C TYR A 101 -13.26 4.29 11.34
N LYS A 102 -13.39 3.37 12.29
CA LYS A 102 -13.65 3.67 13.70
C LYS A 102 -13.18 2.57 14.64
N GLY A 103 -13.20 1.31 14.19
CA GLY A 103 -12.68 0.19 14.96
C GLY A 103 -13.42 0.05 16.28
N HIS A 104 -12.69 -0.28 17.34
CA HIS A 104 -13.07 -0.14 18.75
C HIS A 104 -11.86 0.53 19.42
N PRO A 105 -12.04 1.24 20.55
CA PRO A 105 -10.94 1.92 21.22
C PRO A 105 -9.97 0.92 21.86
N ASP A 106 -8.88 1.44 22.41
CA ASP A 106 -7.72 0.70 22.89
C ASP A 106 -7.40 1.09 24.33
N PRO A 107 -6.74 0.23 25.12
CA PRO A 107 -6.52 0.42 26.57
C PRO A 107 -5.58 1.57 26.93
N LEU A 108 -4.75 1.98 25.98
CA LEU A 108 -3.67 2.95 26.17
C LEU A 108 -3.53 3.92 25.01
N LYS A 109 -3.99 3.54 23.83
CA LYS A 109 -3.99 4.43 22.69
C LYS A 109 -5.34 5.13 22.48
N GLY A 110 -6.37 4.76 23.26
CA GLY A 110 -7.72 5.27 23.10
C GLY A 110 -8.19 4.98 21.67
N ASP A 111 -8.55 5.98 20.90
CA ASP A 111 -8.98 5.84 19.51
C ASP A 111 -7.87 6.16 18.50
N ALA A 112 -6.63 6.40 18.93
CA ALA A 112 -5.57 6.86 18.04
C ALA A 112 -5.25 5.86 16.94
N LEU A 113 -5.25 4.56 17.27
CA LEU A 113 -4.80 3.49 16.39
C LEU A 113 -5.76 3.37 15.21
N ASN A 114 -7.07 3.39 15.48
CA ASN A 114 -8.09 3.37 14.43
C ASN A 114 -8.17 4.72 13.74
N LYS A 115 -8.10 5.85 14.46
CA LYS A 115 -8.20 7.16 13.85
C LYS A 115 -7.07 7.34 12.84
N ALA A 116 -5.86 6.88 13.13
CA ALA A 116 -4.75 6.94 12.20
C ALA A 116 -5.09 6.32 10.84
N VAL A 117 -5.89 5.25 10.78
CA VAL A 117 -6.36 4.69 9.50
C VAL A 117 -7.21 5.73 8.76
N ARG A 118 -8.15 6.37 9.48
CA ARG A 118 -9.26 7.09 8.86
C ARG A 118 -8.67 8.27 8.09
N GLU A 119 -7.77 9.01 8.74
CA GLU A 119 -7.19 10.23 8.22
C GLU A 119 -6.18 9.87 7.13
N THR A 120 -5.33 8.86 7.38
CA THR A 120 -4.25 8.51 6.47
C THR A 120 -4.80 7.97 5.15
N ALA A 121 -6.03 7.43 5.12
CA ALA A 121 -6.59 6.90 3.89
C ALA A 121 -6.72 8.02 2.84
N HIS A 122 -6.94 9.26 3.28
CA HIS A 122 -6.96 10.43 2.41
C HIS A 122 -5.59 10.62 1.74
N GLU A 123 -4.50 10.56 2.51
CA GLU A 123 -3.13 10.69 2.01
C GLU A 123 -2.84 9.61 0.98
N THR A 124 -3.35 8.39 1.18
CA THR A 124 -3.18 7.34 0.19
C THR A 124 -3.84 7.73 -1.14
N ILE A 125 -5.13 8.10 -1.14
CA ILE A 125 -5.85 8.38 -2.39
C ILE A 125 -5.22 9.55 -3.14
N SER A 126 -4.64 10.51 -2.42
CA SER A 126 -3.87 11.59 -3.01
C SER A 126 -2.84 11.04 -4.00
N ALA A 127 -2.08 10.00 -3.61
CA ALA A 127 -1.03 9.43 -4.45
C ALA A 127 -1.59 8.55 -5.55
N ILE A 128 -2.59 7.70 -5.25
CA ILE A 128 -3.15 6.75 -6.21
C ILE A 128 -3.53 7.45 -7.53
N PHE A 129 -4.10 8.65 -7.44
CA PHE A 129 -4.57 9.41 -8.60
C PHE A 129 -3.69 10.64 -8.85
N SER A 130 -2.49 10.69 -8.29
CA SER A 130 -1.53 11.75 -8.53
C SER A 130 -1.08 11.73 -10.01
N GLU A 131 -0.26 12.69 -10.42
CA GLU A 131 0.03 12.97 -11.82
C GLU A 131 1.54 12.91 -12.01
N GLU A 132 2.02 12.05 -12.92
CA GLU A 132 3.42 11.77 -13.19
C GLU A 132 3.59 11.09 -14.56
N ASN A 133 4.85 10.81 -14.94
CA ASN A 133 5.27 10.02 -16.09
C ASN A 133 6.44 9.12 -15.67
N GLY A 134 6.96 8.32 -16.61
CA GLY A 134 8.08 7.41 -16.38
C GLY A 134 7.53 6.02 -16.10
N SER A 135 7.45 5.22 -17.16
CA SER A 135 6.98 3.85 -17.11
C SER A 135 8.03 2.89 -16.55
N GLY A 136 7.86 1.59 -16.75
CA GLY A 136 8.83 0.58 -16.34
C GLY A 136 9.38 -0.18 -17.53
N PRO A 137 10.23 0.44 -18.38
CA PRO A 137 10.78 -0.20 -19.57
C PRO A 137 11.78 -1.30 -19.19
N SER A 138 12.96 -0.92 -18.68
CA SER A 138 13.98 -1.83 -18.19
C SER A 138 13.54 -2.40 -16.84
N SER A 139 14.06 -3.56 -16.44
CA SER A 139 13.89 -4.08 -15.09
C SER A 139 15.15 -4.79 -14.58
N GLY A 140 15.55 -5.93 -15.17
CA GLY A 140 16.70 -6.69 -14.70
C GLY A 140 17.06 -7.83 -15.64
N GLY A 1 23.19 -11.90 -19.94
CA GLY A 1 22.87 -13.28 -20.35
C GLY A 1 21.40 -13.55 -20.05
N SER A 2 21.04 -14.79 -19.70
CA SER A 2 19.79 -15.03 -19.00
C SER A 2 19.97 -14.44 -17.59
N SER A 3 18.91 -13.84 -17.04
CA SER A 3 18.91 -13.33 -15.68
C SER A 3 17.54 -13.50 -14.99
N GLY A 4 16.45 -13.69 -15.74
CA GLY A 4 15.12 -13.63 -15.17
C GLY A 4 14.10 -14.14 -16.17
N SER A 5 13.64 -15.38 -16.01
CA SER A 5 12.56 -15.93 -16.84
C SER A 5 11.48 -16.61 -15.99
N SER A 6 11.23 -16.13 -14.77
CA SER A 6 10.05 -16.46 -14.01
C SER A 6 9.53 -15.22 -13.31
N GLY A 7 8.22 -15.12 -13.17
CA GLY A 7 7.57 -14.06 -12.43
C GLY A 7 6.70 -14.60 -11.30
N GLU A 8 6.33 -15.88 -11.34
CA GLU A 8 5.65 -16.52 -10.23
C GLU A 8 6.63 -16.61 -9.05
N SER A 9 6.28 -16.04 -7.90
CA SER A 9 6.95 -16.26 -6.63
C SER A 9 5.97 -15.94 -5.49
N TYR A 10 6.33 -16.36 -4.28
CA TYR A 10 5.60 -16.14 -3.04
C TYR A 10 6.37 -15.19 -2.14
N TRP A 11 7.71 -15.31 -2.07
CA TRP A 11 8.55 -14.54 -1.15
C TRP A 11 8.34 -13.03 -1.29
N ARG A 12 7.97 -12.58 -2.48
CA ARG A 12 7.61 -11.21 -2.79
C ARG A 12 6.51 -10.66 -1.85
N SER A 13 5.63 -11.52 -1.34
CA SER A 13 4.58 -11.18 -0.39
C SER A 13 5.18 -10.81 0.96
N ARG A 14 6.25 -11.50 1.37
CA ARG A 14 6.89 -11.34 2.66
C ARG A 14 7.49 -9.96 2.81
N MET A 15 7.85 -9.30 1.70
CA MET A 15 8.39 -7.95 1.78
C MET A 15 7.30 -7.02 2.30
N ILE A 16 6.10 -7.10 1.71
CA ILE A 16 4.94 -6.33 2.15
C ILE A 16 4.62 -6.71 3.59
N ASP A 17 4.46 -8.01 3.84
CA ASP A 17 3.94 -8.52 5.11
C ASP A 17 4.80 -8.08 6.29
N ALA A 18 6.12 -8.07 6.08
CA ALA A 18 7.09 -7.67 7.06
C ALA A 18 6.88 -6.24 7.55
N VAL A 19 6.47 -5.32 6.67
CA VAL A 19 6.26 -3.92 7.02
C VAL A 19 4.81 -3.63 7.40
N THR A 20 3.90 -4.60 7.26
CA THR A 20 2.50 -4.51 7.65
C THR A 20 2.21 -5.46 8.82
N SER A 21 3.24 -5.77 9.61
CA SER A 21 3.18 -6.62 10.79
C SER A 21 2.35 -5.90 11.87
N ASP A 22 1.44 -6.60 12.53
CA ASP A 22 0.52 -6.07 13.53
C ASP A 22 1.26 -5.61 14.80
N GLU A 23 1.63 -4.33 14.88
CA GLU A 23 2.31 -3.67 15.99
C GLU A 23 2.04 -2.18 15.90
N ASP A 24 1.68 -1.53 17.02
CA ASP A 24 1.59 -0.06 17.11
C ASP A 24 2.91 0.60 16.67
N LYS A 25 4.03 -0.08 16.90
CA LYS A 25 5.35 0.31 16.44
C LYS A 25 5.47 0.16 14.92
N VAL A 26 5.52 1.30 14.24
CA VAL A 26 5.68 1.45 12.80
C VAL A 26 7.04 0.86 12.34
N ALA A 27 7.10 0.40 11.07
CA ALA A 27 8.34 -0.02 10.42
C ALA A 27 9.11 1.19 9.90
N PRO A 28 10.43 1.08 9.71
CA PRO A 28 11.26 2.14 9.13
C PRO A 28 11.08 2.22 7.61
N VAL A 29 11.45 3.37 7.05
CA VAL A 29 11.35 3.61 5.61
C VAL A 29 12.24 2.67 4.81
N TYR A 30 13.42 2.29 5.32
CA TYR A 30 14.32 1.46 4.54
C TYR A 30 13.69 0.10 4.22
N LYS A 31 12.80 -0.43 5.04
CA LYS A 31 12.12 -1.66 4.68
C LYS A 31 11.10 -1.45 3.57
N LEU A 32 10.56 -0.22 3.39
CA LEU A 32 9.52 0.11 2.42
C LEU A 32 10.13 0.33 1.03
N GLU A 33 11.27 1.03 0.95
CA GLU A 33 11.87 1.43 -0.33
C GLU A 33 12.31 0.24 -1.19
N GLU A 34 12.61 -0.88 -0.54
CA GLU A 34 13.05 -2.10 -1.18
C GLU A 34 11.94 -2.67 -2.08
N ILE A 35 10.69 -2.54 -1.66
CA ILE A 35 9.54 -2.95 -2.46
C ILE A 35 9.50 -2.07 -3.71
N CYS A 36 9.72 -0.77 -3.53
CA CYS A 36 9.73 0.22 -4.58
C CYS A 36 10.86 -0.04 -5.59
N ASP A 37 11.93 -0.74 -5.18
CA ASP A 37 13.00 -1.15 -6.09
C ASP A 37 12.53 -2.28 -6.97
N LEU A 38 12.01 -3.34 -6.33
CA LEU A 38 11.69 -4.58 -7.03
C LEU A 38 10.76 -4.31 -8.18
N LEU A 39 9.68 -3.56 -7.93
CA LEU A 39 8.65 -3.26 -8.92
C LEU A 39 9.24 -2.57 -10.16
N ARG A 40 10.15 -1.60 -9.99
CA ARG A 40 10.81 -0.96 -11.12
C ARG A 40 11.63 -1.99 -11.88
N SER A 41 12.36 -2.83 -11.16
CA SER A 41 13.17 -3.90 -11.71
C SER A 41 12.35 -5.09 -12.23
N SER A 42 11.02 -5.02 -12.28
CA SER A 42 10.15 -6.15 -12.59
C SER A 42 9.27 -5.91 -13.81
N HIS A 43 8.66 -6.99 -14.31
CA HIS A 43 7.58 -6.95 -15.30
C HIS A 43 6.24 -6.66 -14.61
N VAL A 44 5.21 -6.32 -15.40
CA VAL A 44 3.88 -5.97 -14.90
C VAL A 44 3.22 -7.12 -14.12
N SER A 45 3.49 -8.38 -14.44
CA SER A 45 2.94 -9.50 -13.69
C SER A 45 3.37 -9.44 -12.22
N ILE A 46 4.53 -8.86 -11.94
CA ILE A 46 5.04 -8.73 -10.58
C ILE A 46 4.38 -7.55 -9.89
N VAL A 47 4.11 -6.47 -10.62
CA VAL A 47 3.31 -5.36 -10.09
C VAL A 47 2.00 -5.95 -9.58
N LYS A 48 1.36 -6.81 -10.38
CA LYS A 48 0.07 -7.37 -10.03
C LYS A 48 0.16 -8.16 -8.73
N GLU A 49 1.16 -9.03 -8.59
CA GLU A 49 1.35 -9.81 -7.37
C GLU A 49 1.47 -8.85 -6.18
N PHE A 50 2.38 -7.89 -6.29
CA PHE A 50 2.67 -6.92 -5.26
C PHE A 50 1.44 -6.11 -4.88
N SER A 51 0.68 -5.63 -5.87
CA SER A 51 -0.48 -4.81 -5.59
C SER A 51 -1.41 -5.62 -4.69
N GLU A 52 -1.76 -6.84 -5.07
CA GLU A 52 -2.62 -7.68 -4.24
C GLU A 52 -2.12 -7.79 -2.81
N PHE A 53 -0.84 -8.13 -2.61
CA PHE A 53 -0.26 -8.27 -1.27
C PHE A 53 -0.45 -7.01 -0.42
N ILE A 54 -0.40 -5.83 -1.04
CA ILE A 54 -0.62 -4.54 -0.41
C ILE A 54 -2.12 -4.34 -0.17
N LEU A 55 -2.94 -4.50 -1.20
CA LEU A 55 -4.34 -4.12 -1.22
C LEU A 55 -5.14 -4.99 -0.26
N LYS A 56 -4.84 -6.29 -0.22
CA LYS A 56 -5.52 -7.24 0.66
C LYS A 56 -5.24 -6.89 2.12
N ARG A 57 -4.16 -6.18 2.42
CA ARG A 57 -3.84 -5.77 3.77
C ARG A 57 -4.91 -4.87 4.35
N LEU A 58 -5.56 -4.04 3.54
CA LEU A 58 -6.58 -3.13 4.04
C LEU A 58 -7.84 -3.91 4.44
N ASP A 59 -8.00 -5.13 3.93
CA ASP A 59 -9.09 -6.02 4.29
C ASP A 59 -8.83 -6.73 5.62
N ASN A 60 -7.55 -6.86 6.01
CA ASN A 60 -7.10 -7.66 7.14
C ASN A 60 -7.58 -7.08 8.48
N LYS A 61 -7.79 -7.93 9.49
CA LYS A 61 -8.23 -7.49 10.82
C LYS A 61 -7.12 -6.74 11.54
N SER A 62 -7.52 -5.84 12.45
CA SER A 62 -6.79 -4.93 13.35
C SER A 62 -6.78 -3.57 12.69
N PRO A 63 -6.94 -2.47 13.46
CA PRO A 63 -6.73 -1.15 12.93
C PRO A 63 -5.30 -0.96 12.38
N ILE A 64 -4.29 -1.52 13.05
CA ILE A 64 -2.88 -1.20 12.79
C ILE A 64 -2.47 -1.66 11.42
N VAL A 65 -2.91 -2.86 11.04
CA VAL A 65 -2.50 -3.46 9.80
C VAL A 65 -2.87 -2.55 8.63
N LYS A 66 -3.92 -1.73 8.83
CA LYS A 66 -4.41 -0.90 7.74
C LYS A 66 -3.40 0.23 7.55
N GLN A 67 -3.20 1.06 8.57
CA GLN A 67 -2.34 2.24 8.53
C GLN A 67 -0.94 1.90 8.03
N LYS A 68 -0.40 0.75 8.41
CA LYS A 68 0.89 0.29 7.91
C LYS A 68 0.91 0.15 6.38
N ALA A 69 -0.11 -0.44 5.75
CA ALA A 69 -0.18 -0.47 4.30
C ALA A 69 -0.39 0.94 3.74
N LEU A 70 -1.24 1.76 4.36
CA LEU A 70 -1.61 3.07 3.83
C LEU A 70 -0.38 3.96 3.59
N ARG A 71 0.51 4.08 4.58
CA ARG A 71 1.74 4.87 4.41
C ARG A 71 2.72 4.26 3.42
N LEU A 72 2.75 2.94 3.30
CA LEU A 72 3.57 2.24 2.31
C LEU A 72 3.10 2.60 0.91
N ILE A 73 1.77 2.67 0.69
CA ILE A 73 1.19 2.76 -0.64
C ILE A 73 1.73 4.05 -1.24
N LYS A 74 1.33 5.19 -0.66
CA LYS A 74 1.66 6.51 -1.18
C LYS A 74 3.15 6.71 -1.47
N TYR A 75 4.03 6.06 -0.71
CA TYR A 75 5.47 6.13 -0.92
C TYR A 75 5.83 5.38 -2.21
N ALA A 76 5.40 4.12 -2.33
CA ALA A 76 5.65 3.33 -3.52
C ALA A 76 4.95 3.87 -4.76
N VAL A 77 3.74 4.44 -4.64
CA VAL A 77 3.01 5.05 -5.75
C VAL A 77 3.85 6.15 -6.38
N GLY A 78 4.61 6.91 -5.59
CA GLY A 78 5.45 7.99 -6.09
C GLY A 78 6.71 7.50 -6.83
N LYS A 79 6.87 6.19 -7.06
CA LYS A 79 8.13 5.56 -7.45
C LYS A 79 7.97 4.44 -8.45
N SER A 80 7.03 3.53 -8.20
CA SER A 80 6.98 2.20 -8.78
C SER A 80 6.88 2.23 -10.30
N GLY A 81 6.12 3.17 -10.88
CA GLY A 81 5.93 3.27 -12.31
C GLY A 81 4.47 3.43 -12.72
N SER A 82 4.24 3.52 -14.01
CA SER A 82 2.95 3.76 -14.63
C SER A 82 1.93 2.64 -14.37
N GLU A 83 2.42 1.42 -14.26
CA GLU A 83 1.67 0.19 -14.11
C GLU A 83 1.02 0.20 -12.71
N PHE A 84 1.86 0.24 -11.67
CA PHE A 84 1.43 0.14 -10.28
C PHE A 84 0.41 1.20 -9.90
N ARG A 85 0.49 2.42 -10.45
CA ARG A 85 -0.51 3.44 -10.09
C ARG A 85 -1.90 2.97 -10.49
N ARG A 86 -2.08 2.44 -11.70
CA ARG A 86 -3.39 2.03 -12.18
C ARG A 86 -3.89 0.82 -11.39
N GLU A 87 -3.01 -0.10 -11.01
CA GLU A 87 -3.35 -1.24 -10.15
C GLU A 87 -3.84 -0.76 -8.77
N MET A 88 -3.21 0.27 -8.21
CA MET A 88 -3.69 0.89 -6.98
C MET A 88 -5.06 1.54 -7.21
N GLN A 89 -5.29 2.23 -8.34
CA GLN A 89 -6.59 2.83 -8.66
C GLN A 89 -7.70 1.79 -8.70
N ARG A 90 -7.48 0.68 -9.43
CA ARG A 90 -8.44 -0.41 -9.58
C ARG A 90 -9.05 -0.82 -8.25
N ASN A 91 -8.22 -1.00 -7.22
CA ASN A 91 -8.62 -1.54 -5.92
C ASN A 91 -8.52 -0.46 -4.84
N SER A 92 -8.67 0.81 -5.22
CA SER A 92 -8.47 1.96 -4.34
C SER A 92 -9.64 2.12 -3.40
N VAL A 93 -10.77 1.53 -3.79
CA VAL A 93 -12.00 1.48 -3.04
C VAL A 93 -11.75 0.96 -1.63
N ALA A 94 -10.94 -0.09 -1.48
CA ALA A 94 -10.64 -0.69 -0.20
C ALA A 94 -10.07 0.34 0.77
N VAL A 95 -9.12 1.13 0.28
CA VAL A 95 -8.50 2.26 0.96
C VAL A 95 -9.61 3.28 1.25
N ARG A 96 -10.33 3.74 0.21
CA ARG A 96 -11.34 4.80 0.26
C ARG A 96 -12.45 4.51 1.26
N ASN A 97 -12.80 3.25 1.45
CA ASN A 97 -13.85 2.84 2.37
C ASN A 97 -13.47 3.17 3.82
N LEU A 98 -12.17 3.23 4.12
CA LEU A 98 -11.64 3.53 5.45
C LEU A 98 -11.64 5.01 5.77
N PHE A 99 -12.05 5.91 4.86
CA PHE A 99 -12.23 7.34 5.14
C PHE A 99 -13.13 7.58 6.38
N HIS A 100 -13.93 6.60 6.78
CA HIS A 100 -14.82 6.67 7.92
C HIS A 100 -14.57 5.55 8.94
N TYR A 101 -13.43 4.85 8.89
CA TYR A 101 -13.17 3.74 9.79
C TYR A 101 -13.03 4.24 11.22
N LYS A 102 -13.47 3.44 12.20
CA LYS A 102 -13.31 3.75 13.61
C LYS A 102 -13.13 2.53 14.51
N GLY A 103 -13.71 1.41 14.13
CA GLY A 103 -13.47 0.14 14.79
C GLY A 103 -13.97 0.16 16.24
N HIS A 104 -13.07 0.26 17.23
CA HIS A 104 -13.37 0.21 18.67
C HIS A 104 -12.35 1.05 19.44
N PRO A 105 -12.64 1.43 20.70
CA PRO A 105 -11.69 2.11 21.57
C PRO A 105 -10.47 1.24 21.89
N ASP A 106 -9.52 1.81 22.63
CA ASP A 106 -8.24 1.21 22.97
C ASP A 106 -7.86 1.44 24.44
N PRO A 107 -7.04 0.56 25.04
CA PRO A 107 -6.80 0.58 26.48
C PRO A 107 -5.94 1.75 26.95
N LEU A 108 -5.10 2.32 26.08
CA LEU A 108 -4.18 3.40 26.37
C LEU A 108 -4.14 4.45 25.26
N LYS A 109 -4.43 4.07 24.03
CA LYS A 109 -4.29 4.94 22.87
C LYS A 109 -5.48 5.90 22.74
N GLY A 110 -6.61 5.57 23.35
CA GLY A 110 -7.77 6.44 23.48
C GLY A 110 -8.29 6.95 22.15
N ASP A 111 -8.88 6.06 21.34
CA ASP A 111 -9.46 6.32 20.00
C ASP A 111 -8.52 7.20 19.17
N ALA A 112 -7.32 6.65 18.93
CA ALA A 112 -6.24 7.30 18.19
C ALA A 112 -5.65 6.39 17.12
N LEU A 113 -5.68 5.07 17.32
CA LEU A 113 -5.15 4.14 16.34
C LEU A 113 -6.06 4.20 15.11
N ASN A 114 -7.34 3.91 15.30
CA ASN A 114 -8.31 3.81 14.22
C ASN A 114 -8.53 5.17 13.57
N LYS A 115 -8.38 6.25 14.33
CA LYS A 115 -8.30 7.62 13.83
C LYS A 115 -7.19 7.72 12.79
N ALA A 116 -5.96 7.31 13.14
CA ALA A 116 -4.85 7.35 12.21
C ALA A 116 -5.14 6.54 10.96
N VAL A 117 -5.78 5.36 11.04
CA VAL A 117 -6.18 4.61 9.85
C VAL A 117 -6.95 5.51 8.88
N ARG A 118 -7.97 6.22 9.38
CA ARG A 118 -8.88 7.01 8.57
C ARG A 118 -8.08 8.09 7.85
N GLU A 119 -7.37 8.91 8.62
CA GLU A 119 -6.73 10.11 8.12
C GLU A 119 -5.58 9.72 7.17
N THR A 120 -4.83 8.66 7.50
CA THR A 120 -3.76 8.17 6.66
C THR A 120 -4.31 7.67 5.32
N ALA A 121 -5.54 7.15 5.29
CA ALA A 121 -6.20 6.70 4.08
C ALA A 121 -6.45 7.86 3.12
N HIS A 122 -6.72 9.06 3.62
CA HIS A 122 -6.95 10.25 2.81
C HIS A 122 -5.65 10.63 2.07
N GLU A 123 -4.51 10.57 2.77
CA GLU A 123 -3.19 10.77 2.16
C GLU A 123 -3.02 9.79 0.99
N THR A 124 -3.32 8.52 1.23
CA THR A 124 -3.07 7.45 0.28
C THR A 124 -3.74 7.73 -1.06
N ILE A 125 -5.03 8.11 -1.09
CA ILE A 125 -5.75 8.33 -2.34
C ILE A 125 -5.12 9.47 -3.13
N SER A 126 -4.67 10.51 -2.42
CA SER A 126 -3.95 11.61 -3.02
C SER A 126 -2.74 11.13 -3.83
N ALA A 127 -2.06 10.05 -3.43
CA ALA A 127 -0.99 9.44 -4.20
C ALA A 127 -1.55 8.55 -5.31
N ILE A 128 -2.53 7.69 -5.02
CA ILE A 128 -3.14 6.77 -5.99
C ILE A 128 -3.57 7.53 -7.25
N PHE A 129 -4.08 8.75 -7.11
CA PHE A 129 -4.56 9.61 -8.20
C PHE A 129 -3.70 10.87 -8.32
N SER A 130 -2.40 10.78 -8.02
CA SER A 130 -1.43 11.80 -8.38
C SER A 130 -1.37 11.88 -9.92
N GLU A 131 -1.15 13.07 -10.49
CA GLU A 131 -1.23 13.31 -11.93
C GLU A 131 0.13 13.59 -12.57
N GLU A 132 1.23 13.38 -11.83
CA GLU A 132 2.61 13.55 -12.25
C GLU A 132 2.93 12.95 -13.62
N ASN A 133 2.32 11.81 -13.97
CA ASN A 133 2.64 11.05 -15.18
C ASN A 133 1.48 11.16 -16.17
N GLY A 134 1.25 12.36 -16.69
CA GLY A 134 0.25 12.62 -17.72
C GLY A 134 0.46 14.02 -18.29
N SER A 135 -0.16 14.30 -19.43
CA SER A 135 -0.08 15.57 -20.14
C SER A 135 -1.09 16.59 -19.58
N GLY A 136 -2.18 16.14 -18.95
CA GLY A 136 -3.13 16.98 -18.24
C GLY A 136 -4.56 16.62 -18.65
N PRO A 137 -5.11 15.51 -18.15
CA PRO A 137 -6.42 15.03 -18.55
C PRO A 137 -7.57 15.83 -17.89
N SER A 138 -7.35 16.39 -16.69
CA SER A 138 -8.28 17.21 -15.93
C SER A 138 -9.65 16.56 -15.65
N SER A 139 -9.81 15.25 -15.88
CA SER A 139 -11.09 14.54 -15.80
C SER A 139 -11.57 14.38 -14.35
N GLY A 140 -12.80 13.89 -14.22
CA GLY A 140 -13.24 13.09 -13.09
C GLY A 140 -12.98 11.66 -13.50
N GLY A 1 16.26 -14.20 -23.96
CA GLY A 1 16.97 -15.42 -24.40
C GLY A 1 15.98 -16.55 -24.66
N SER A 2 16.37 -17.81 -24.42
CA SER A 2 15.40 -18.89 -24.20
C SER A 2 14.76 -18.68 -22.81
N SER A 3 13.90 -19.56 -22.35
CA SER A 3 13.25 -19.44 -21.05
C SER A 3 13.01 -20.82 -20.41
N GLY A 4 12.61 -20.82 -19.13
CA GLY A 4 12.41 -22.00 -18.30
C GLY A 4 12.80 -21.63 -16.87
N SER A 5 11.89 -21.00 -16.14
CA SER A 5 12.04 -20.52 -14.77
C SER A 5 10.64 -20.29 -14.19
N SER A 6 10.54 -20.19 -12.86
CA SER A 6 9.32 -19.79 -12.18
C SER A 6 9.05 -18.30 -12.43
N GLY A 7 7.78 -17.89 -12.27
CA GLY A 7 7.35 -16.52 -12.43
C GLY A 7 7.28 -15.87 -11.07
N GLU A 8 6.08 -15.80 -10.49
CA GLU A 8 5.85 -15.15 -9.21
C GLU A 8 6.69 -15.79 -8.10
N SER A 9 6.92 -15.03 -7.05
CA SER A 9 7.51 -15.49 -5.81
C SER A 9 6.65 -14.95 -4.67
N TYR A 10 6.08 -15.88 -3.92
CA TYR A 10 5.40 -15.62 -2.66
C TYR A 10 6.26 -14.77 -1.72
N TRP A 11 7.59 -14.90 -1.76
CA TRP A 11 8.45 -14.07 -0.91
C TRP A 11 8.25 -12.56 -1.15
N ARG A 12 7.78 -12.14 -2.34
CA ARG A 12 7.41 -10.74 -2.56
C ARG A 12 6.31 -10.30 -1.59
N SER A 13 5.40 -11.21 -1.20
CA SER A 13 4.38 -10.97 -0.19
C SER A 13 5.07 -10.70 1.14
N ARG A 14 6.14 -11.43 1.46
CA ARG A 14 6.83 -11.35 2.74
C ARG A 14 7.51 -10.01 2.96
N MET A 15 7.83 -9.26 1.91
CA MET A 15 8.29 -7.89 2.06
C MET A 15 7.12 -7.06 2.59
N ILE A 16 5.96 -7.15 1.92
CA ILE A 16 4.75 -6.41 2.27
C ILE A 16 4.35 -6.76 3.70
N ASP A 17 4.14 -8.06 3.97
CA ASP A 17 3.64 -8.61 5.23
C ASP A 17 4.48 -8.11 6.40
N ALA A 18 5.80 -8.11 6.23
CA ALA A 18 6.74 -7.72 7.25
C ALA A 18 6.66 -6.23 7.55
N VAL A 19 6.55 -5.35 6.54
CA VAL A 19 6.40 -3.91 6.80
C VAL A 19 5.02 -3.56 7.38
N THR A 20 4.11 -4.52 7.52
CA THR A 20 2.79 -4.33 8.08
C THR A 20 2.60 -5.22 9.32
N SER A 21 3.62 -5.43 10.15
CA SER A 21 3.48 -6.26 11.35
C SER A 21 2.55 -5.52 12.33
N ASP A 22 1.61 -6.24 12.95
CA ASP A 22 0.64 -5.72 13.91
C ASP A 22 1.36 -5.42 15.22
N GLU A 23 2.07 -4.31 15.22
CA GLU A 23 2.90 -3.76 16.29
C GLU A 23 2.71 -2.25 16.14
N ASP A 24 2.34 -1.59 17.23
CA ASP A 24 2.10 -0.15 17.31
C ASP A 24 3.34 0.66 16.93
N LYS A 25 4.52 0.06 17.04
CA LYS A 25 5.78 0.64 16.64
C LYS A 25 5.80 0.82 15.12
N VAL A 26 6.21 1.99 14.64
CA VAL A 26 6.40 2.22 13.22
C VAL A 26 7.53 1.31 12.71
N ALA A 27 7.40 0.85 11.46
CA ALA A 27 8.53 0.33 10.70
C ALA A 27 9.39 1.54 10.25
N PRO A 28 10.62 1.33 9.75
CA PRO A 28 11.41 2.38 9.13
C PRO A 28 10.92 2.69 7.70
N VAL A 29 11.67 3.51 6.96
CA VAL A 29 11.45 3.77 5.53
C VAL A 29 12.29 2.83 4.67
N TYR A 30 13.52 2.48 5.08
CA TYR A 30 14.40 1.66 4.22
C TYR A 30 13.80 0.27 3.94
N LYS A 31 12.94 -0.24 4.83
CA LYS A 31 12.23 -1.49 4.57
C LYS A 31 11.09 -1.30 3.57
N LEU A 32 10.56 -0.08 3.38
CA LEU A 32 9.47 0.21 2.45
C LEU A 32 10.01 0.39 1.04
N GLU A 33 11.13 1.12 0.92
CA GLU A 33 11.69 1.53 -0.37
C GLU A 33 12.20 0.34 -1.17
N GLU A 34 12.47 -0.78 -0.48
CA GLU A 34 12.81 -2.08 -1.05
C GLU A 34 11.67 -2.58 -1.97
N ILE A 35 10.41 -2.36 -1.57
CA ILE A 35 9.23 -2.83 -2.30
C ILE A 35 9.07 -2.03 -3.59
N CYS A 36 9.15 -0.69 -3.51
CA CYS A 36 8.93 0.16 -4.67
C CYS A 36 9.98 -0.14 -5.75
N ASP A 37 11.18 -0.58 -5.33
CA ASP A 37 12.24 -0.98 -6.23
C ASP A 37 11.84 -2.20 -7.06
N LEU A 38 11.38 -3.26 -6.39
CA LEU A 38 11.06 -4.51 -7.06
C LEU A 38 10.00 -4.28 -8.12
N LEU A 39 8.90 -3.63 -7.76
CA LEU A 39 7.79 -3.33 -8.67
C LEU A 39 8.24 -2.55 -9.89
N ARG A 40 9.27 -1.71 -9.76
CA ARG A 40 9.84 -0.97 -10.87
C ARG A 40 10.58 -1.94 -11.78
N SER A 41 11.53 -2.69 -11.22
CA SER A 41 12.41 -3.60 -11.93
C SER A 41 11.71 -4.85 -12.50
N SER A 42 10.49 -5.16 -12.04
CA SER A 42 9.74 -6.35 -12.40
C SER A 42 8.96 -6.16 -13.71
N HIS A 43 8.43 -7.27 -14.23
CA HIS A 43 7.38 -7.29 -15.23
C HIS A 43 6.05 -6.91 -14.59
N VAL A 44 5.09 -6.45 -15.40
CA VAL A 44 3.74 -6.09 -14.95
C VAL A 44 3.01 -7.27 -14.30
N SER A 45 3.30 -8.52 -14.67
CA SER A 45 2.77 -9.69 -13.97
C SER A 45 3.02 -9.57 -12.45
N ILE A 46 4.25 -9.26 -12.06
CA ILE A 46 4.63 -9.21 -10.66
C ILE A 46 3.91 -8.05 -9.95
N VAL A 47 3.64 -6.94 -10.66
CA VAL A 47 2.92 -5.81 -10.12
C VAL A 47 1.57 -6.28 -9.60
N LYS A 48 0.86 -7.12 -10.37
CA LYS A 48 -0.47 -7.62 -10.01
C LYS A 48 -0.40 -8.31 -8.65
N GLU A 49 0.55 -9.23 -8.49
CA GLU A 49 0.73 -10.00 -7.26
C GLU A 49 1.07 -9.06 -6.10
N PHE A 50 2.06 -8.20 -6.27
CA PHE A 50 2.47 -7.27 -5.22
C PHE A 50 1.31 -6.36 -4.81
N SER A 51 0.57 -5.83 -5.78
CA SER A 51 -0.53 -4.93 -5.52
C SER A 51 -1.56 -5.65 -4.66
N GLU A 52 -1.93 -6.88 -5.01
CA GLU A 52 -2.81 -7.69 -4.16
C GLU A 52 -2.28 -7.76 -2.72
N PHE A 53 -1.02 -8.11 -2.49
CA PHE A 53 -0.47 -8.25 -1.14
C PHE A 53 -0.72 -6.99 -0.30
N ILE A 54 -0.62 -5.82 -0.94
CA ILE A 54 -0.84 -4.50 -0.37
C ILE A 54 -2.34 -4.25 -0.16
N LEU A 55 -3.16 -4.43 -1.19
CA LEU A 55 -4.56 -4.03 -1.17
C LEU A 55 -5.34 -4.90 -0.19
N LYS A 56 -5.04 -6.20 -0.17
CA LYS A 56 -5.65 -7.17 0.75
C LYS A 56 -5.29 -6.83 2.20
N ARG A 57 -4.21 -6.08 2.44
CA ARG A 57 -3.83 -5.60 3.76
C ARG A 57 -4.86 -4.63 4.32
N LEU A 58 -5.54 -3.86 3.46
CA LEU A 58 -6.57 -2.96 3.93
C LEU A 58 -7.82 -3.71 4.36
N ASP A 59 -8.01 -4.95 3.91
CA ASP A 59 -9.13 -5.79 4.30
C ASP A 59 -8.88 -6.51 5.63
N ASN A 60 -7.64 -6.48 6.13
CA ASN A 60 -7.20 -7.33 7.24
C ASN A 60 -7.77 -6.83 8.57
N LYS A 61 -8.20 -7.75 9.44
CA LYS A 61 -8.90 -7.46 10.69
C LYS A 61 -7.89 -7.04 11.77
N SER A 62 -7.48 -5.78 11.75
CA SER A 62 -6.65 -5.09 12.74
C SER A 62 -6.65 -3.61 12.32
N PRO A 63 -6.55 -2.65 13.24
CA PRO A 63 -6.32 -1.25 12.89
C PRO A 63 -4.93 -1.07 12.25
N ILE A 64 -3.84 -1.46 12.93
CA ILE A 64 -2.46 -1.04 12.64
C ILE A 64 -2.07 -1.38 11.20
N VAL A 65 -2.43 -2.60 10.83
CA VAL A 65 -2.12 -3.20 9.56
C VAL A 65 -2.63 -2.35 8.41
N LYS A 66 -3.69 -1.57 8.65
CA LYS A 66 -4.18 -0.68 7.62
C LYS A 66 -3.18 0.45 7.48
N GLN A 67 -2.96 1.21 8.56
CA GLN A 67 -2.10 2.41 8.55
C GLN A 67 -0.74 2.08 7.94
N LYS A 68 -0.15 0.94 8.30
CA LYS A 68 1.12 0.51 7.73
C LYS A 68 1.02 0.34 6.21
N ALA A 69 0.03 -0.37 5.67
CA ALA A 69 -0.15 -0.45 4.23
C ALA A 69 -0.38 0.94 3.63
N LEU A 70 -1.14 1.82 4.29
CA LEU A 70 -1.53 3.12 3.76
C LEU A 70 -0.28 3.99 3.53
N ARG A 71 0.59 4.11 4.54
CA ARG A 71 1.83 4.87 4.36
C ARG A 71 2.78 4.21 3.36
N LEU A 72 2.72 2.89 3.16
CA LEU A 72 3.51 2.20 2.15
C LEU A 72 3.01 2.57 0.76
N ILE A 73 1.69 2.62 0.54
CA ILE A 73 1.11 2.77 -0.79
C ILE A 73 1.60 4.11 -1.33
N LYS A 74 1.16 5.19 -0.70
CA LYS A 74 1.53 6.55 -1.08
C LYS A 74 3.03 6.76 -1.23
N TYR A 75 3.87 6.00 -0.51
CA TYR A 75 5.30 6.07 -0.71
C TYR A 75 5.72 5.40 -2.02
N ALA A 76 5.33 4.16 -2.25
CA ALA A 76 5.70 3.41 -3.45
C ALA A 76 5.04 3.97 -4.72
N VAL A 77 3.80 4.45 -4.62
CA VAL A 77 3.07 5.16 -5.63
C VAL A 77 3.88 6.42 -5.93
N GLY A 78 4.16 6.62 -7.19
CA GLY A 78 4.90 7.77 -7.71
C GLY A 78 6.33 7.40 -8.11
N LYS A 79 6.78 6.18 -7.76
CA LYS A 79 8.16 5.71 -7.87
C LYS A 79 8.22 4.40 -8.63
N SER A 80 7.36 3.47 -8.23
CA SER A 80 7.28 2.11 -8.70
C SER A 80 6.98 1.99 -10.20
N GLY A 81 6.62 3.09 -10.87
CA GLY A 81 6.42 3.14 -12.30
C GLY A 81 4.97 3.10 -12.69
N SER A 82 4.74 3.05 -14.00
CA SER A 82 3.46 3.22 -14.65
C SER A 82 2.49 2.13 -14.22
N GLU A 83 2.95 0.88 -14.27
CA GLU A 83 2.14 -0.30 -14.04
C GLU A 83 1.53 -0.24 -12.64
N PHE A 84 2.39 -0.16 -11.63
CA PHE A 84 1.97 -0.17 -10.23
C PHE A 84 0.98 0.94 -9.91
N ARG A 85 1.15 2.14 -10.48
CA ARG A 85 0.18 3.20 -10.15
C ARG A 85 -1.21 2.75 -10.54
N ARG A 86 -1.39 2.11 -11.70
CA ARG A 86 -2.71 1.80 -12.19
C ARG A 86 -3.39 0.73 -11.34
N GLU A 87 -2.70 -0.30 -10.89
CA GLU A 87 -3.34 -1.32 -10.05
C GLU A 87 -3.91 -0.70 -8.77
N MET A 88 -3.19 0.26 -8.19
CA MET A 88 -3.66 1.03 -7.04
C MET A 88 -4.89 1.87 -7.41
N GLN A 89 -4.92 2.53 -8.59
CA GLN A 89 -6.08 3.28 -9.10
C GLN A 89 -7.29 2.34 -9.18
N ARG A 90 -7.14 1.20 -9.86
CA ARG A 90 -8.21 0.21 -10.05
C ARG A 90 -8.86 -0.14 -8.71
N ASN A 91 -8.06 -0.61 -7.74
CA ASN A 91 -8.61 -1.23 -6.54
C ASN A 91 -8.75 -0.24 -5.37
N SER A 92 -8.58 1.06 -5.63
CA SER A 92 -8.45 2.16 -4.66
C SER A 92 -9.55 2.18 -3.59
N VAL A 93 -10.71 1.59 -3.89
CA VAL A 93 -11.81 1.27 -2.99
C VAL A 93 -11.32 0.87 -1.60
N ALA A 94 -10.36 -0.05 -1.53
CA ALA A 94 -9.94 -0.65 -0.26
C ALA A 94 -9.44 0.39 0.74
N VAL A 95 -8.89 1.49 0.23
CA VAL A 95 -8.40 2.64 0.98
C VAL A 95 -9.56 3.61 1.22
N ARG A 96 -10.32 3.96 0.18
CA ARG A 96 -11.47 4.85 0.22
C ARG A 96 -12.48 4.44 1.29
N ASN A 97 -12.67 3.14 1.47
CA ASN A 97 -13.57 2.57 2.48
C ASN A 97 -13.04 2.69 3.92
N LEU A 98 -11.93 3.40 4.16
CA LEU A 98 -11.34 3.60 5.47
C LEU A 98 -11.17 5.06 5.87
N PHE A 99 -11.51 6.02 5.00
CA PHE A 99 -11.49 7.46 5.33
C PHE A 99 -12.16 7.72 6.69
N HIS A 100 -13.20 6.95 7.00
CA HIS A 100 -14.03 7.08 8.20
C HIS A 100 -13.96 5.86 9.11
N TYR A 101 -12.90 5.06 9.01
CA TYR A 101 -12.71 3.84 9.78
C TYR A 101 -12.60 4.17 11.27
N LYS A 102 -13.20 3.32 12.09
CA LYS A 102 -13.14 3.43 13.54
C LYS A 102 -12.92 2.07 14.20
N GLY A 103 -13.73 1.05 13.89
CA GLY A 103 -13.61 -0.22 14.58
C GLY A 103 -14.05 -0.03 16.04
N HIS A 104 -13.17 -0.29 17.00
CA HIS A 104 -13.40 -0.10 18.43
C HIS A 104 -12.20 0.68 19.01
N PRO A 105 -12.39 1.41 20.13
CA PRO A 105 -11.29 2.05 20.83
C PRO A 105 -10.48 0.98 21.60
N ASP A 106 -9.40 1.41 22.25
CA ASP A 106 -8.44 0.54 22.92
C ASP A 106 -8.27 0.96 24.41
N PRO A 107 -7.76 0.07 25.29
CA PRO A 107 -7.79 0.24 26.75
C PRO A 107 -6.95 1.38 27.31
N LEU A 108 -6.07 1.93 26.49
CA LEU A 108 -5.20 3.06 26.80
C LEU A 108 -5.04 3.99 25.62
N LYS A 109 -5.15 3.47 24.39
CA LYS A 109 -4.94 4.25 23.19
C LYS A 109 -6.23 4.94 22.72
N GLY A 110 -7.36 4.63 23.36
CA GLY A 110 -8.70 5.00 22.92
C GLY A 110 -8.82 4.85 21.41
N ASP A 111 -9.27 5.90 20.75
CA ASP A 111 -9.55 5.93 19.32
C ASP A 111 -8.30 6.20 18.46
N ALA A 112 -7.09 6.25 19.05
CA ALA A 112 -5.92 6.74 18.33
C ALA A 112 -5.52 5.81 17.18
N LEU A 113 -5.43 4.50 17.44
CA LEU A 113 -4.92 3.53 16.47
C LEU A 113 -5.74 3.56 15.19
N ASN A 114 -7.07 3.66 15.33
CA ASN A 114 -7.96 3.79 14.18
C ASN A 114 -7.97 5.19 13.58
N LYS A 115 -7.78 6.27 14.36
CA LYS A 115 -7.55 7.60 13.79
C LYS A 115 -6.37 7.55 12.82
N ALA A 116 -5.29 6.88 13.20
CA ALA A 116 -4.13 6.72 12.34
C ALA A 116 -4.44 5.97 11.04
N VAL A 117 -5.36 4.99 11.06
CA VAL A 117 -5.88 4.42 9.81
C VAL A 117 -6.58 5.52 9.02
N ARG A 118 -7.54 6.19 9.67
CA ARG A 118 -8.59 6.92 9.00
C ARG A 118 -7.99 8.01 8.10
N GLU A 119 -7.12 8.86 8.64
CA GLU A 119 -6.76 10.08 7.91
C GLU A 119 -5.71 9.77 6.86
N THR A 120 -4.82 8.82 7.17
CA THR A 120 -3.80 8.38 6.23
C THR A 120 -4.47 7.80 4.98
N ALA A 121 -5.68 7.26 5.08
CA ALA A 121 -6.40 6.78 3.90
C ALA A 121 -6.68 7.89 2.89
N HIS A 122 -7.06 9.09 3.34
CA HIS A 122 -7.26 10.25 2.47
C HIS A 122 -5.95 10.54 1.73
N GLU A 123 -4.87 10.62 2.51
CA GLU A 123 -3.52 10.88 2.07
C GLU A 123 -3.04 9.85 1.05
N THR A 124 -3.45 8.59 1.20
CA THR A 124 -3.14 7.55 0.25
C THR A 124 -3.81 7.83 -1.09
N ILE A 125 -5.09 8.17 -1.14
CA ILE A 125 -5.77 8.43 -2.41
C ILE A 125 -5.11 9.61 -3.14
N SER A 126 -4.61 10.60 -2.40
CA SER A 126 -3.86 11.71 -2.98
C SER A 126 -2.72 11.22 -3.87
N ALA A 127 -1.99 10.17 -3.47
CA ALA A 127 -0.94 9.54 -4.27
C ALA A 127 -1.55 8.66 -5.37
N ILE A 128 -2.55 7.81 -5.04
CA ILE A 128 -3.13 6.85 -5.99
C ILE A 128 -3.47 7.53 -7.32
N PHE A 129 -4.21 8.64 -7.25
CA PHE A 129 -4.66 9.39 -8.41
C PHE A 129 -3.95 10.75 -8.49
N SER A 130 -2.75 10.84 -7.89
CA SER A 130 -1.85 11.95 -8.17
C SER A 130 -1.72 12.01 -9.69
N GLU A 131 -1.83 13.23 -10.20
CA GLU A 131 -1.50 13.57 -11.56
C GLU A 131 -0.55 14.78 -11.46
N GLU A 132 0.21 14.88 -10.36
CA GLU A 132 1.14 15.97 -10.14
C GLU A 132 2.34 15.86 -11.10
N ASN A 133 2.53 14.69 -11.72
CA ASN A 133 3.52 14.47 -12.76
C ASN A 133 3.16 15.19 -14.07
N GLY A 134 1.98 15.79 -14.23
CA GLY A 134 1.73 16.64 -15.40
C GLY A 134 0.33 17.23 -15.44
N SER A 135 0.21 18.39 -16.08
CA SER A 135 -1.04 19.12 -16.32
C SER A 135 -2.04 18.33 -17.17
N GLY A 136 -3.22 18.92 -17.40
CA GLY A 136 -3.98 18.69 -18.61
C GLY A 136 -3.67 19.84 -19.56
N PRO A 137 -2.62 19.75 -20.40
CA PRO A 137 -2.27 20.82 -21.30
C PRO A 137 -3.22 20.80 -22.50
N SER A 138 -3.15 21.83 -23.34
CA SER A 138 -3.98 21.93 -24.54
C SER A 138 -5.47 21.80 -24.18
N SER A 139 -5.85 22.41 -23.05
CA SER A 139 -7.20 22.53 -22.56
C SER A 139 -7.48 24.04 -22.59
N GLY A 140 -8.40 24.46 -23.46
CA GLY A 140 -8.67 25.82 -23.86
C GLY A 140 -9.58 25.74 -25.08
N GLY A 1 23.91 -12.38 -3.42
CA GLY A 1 23.57 -13.27 -4.53
C GLY A 1 22.71 -12.55 -5.54
N SER A 2 21.45 -12.98 -5.71
CA SER A 2 20.51 -12.43 -6.66
C SER A 2 20.30 -10.94 -6.40
N SER A 3 20.67 -10.09 -7.37
CA SER A 3 20.24 -8.70 -7.41
C SER A 3 18.74 -8.60 -7.73
N GLY A 4 18.19 -9.57 -8.44
CA GLY A 4 16.81 -9.58 -8.88
C GLY A 4 16.62 -10.47 -10.07
N SER A 5 15.36 -10.83 -10.34
CA SER A 5 15.02 -11.74 -11.41
C SER A 5 13.53 -11.59 -11.75
N SER A 6 13.18 -11.97 -12.98
CA SER A 6 11.81 -12.12 -13.45
C SER A 6 11.14 -13.31 -12.75
N GLY A 7 9.85 -13.49 -13.01
CA GLY A 7 9.04 -14.55 -12.43
C GLY A 7 8.46 -14.10 -11.10
N GLU A 8 7.14 -14.26 -10.95
CA GLU A 8 6.44 -14.09 -9.69
C GLU A 8 7.02 -15.05 -8.64
N SER A 9 6.93 -14.65 -7.38
CA SER A 9 7.59 -15.26 -6.24
C SER A 9 6.65 -15.13 -5.04
N TYR A 10 6.48 -16.20 -4.26
CA TYR A 10 5.88 -16.14 -2.93
C TYR A 10 6.61 -15.12 -2.07
N TRP A 11 7.95 -15.10 -2.11
CA TRP A 11 8.71 -14.17 -1.27
C TRP A 11 8.49 -12.70 -1.64
N ARG A 12 7.93 -12.41 -2.82
CA ARG A 12 7.50 -11.07 -3.19
C ARG A 12 6.39 -10.59 -2.23
N SER A 13 5.60 -11.49 -1.61
CA SER A 13 4.58 -11.15 -0.62
C SER A 13 5.25 -10.76 0.69
N ARG A 14 6.28 -11.52 1.07
CA ARG A 14 6.98 -11.40 2.35
C ARG A 14 7.59 -10.04 2.56
N MET A 15 7.78 -9.26 1.49
CA MET A 15 8.29 -7.91 1.61
C MET A 15 7.19 -6.99 2.13
N ILE A 16 5.98 -7.10 1.58
CA ILE A 16 4.82 -6.36 2.04
C ILE A 16 4.54 -6.79 3.48
N ASP A 17 4.59 -8.10 3.71
CA ASP A 17 4.23 -8.73 4.96
C ASP A 17 5.07 -8.21 6.10
N ALA A 18 6.39 -8.15 5.91
CA ALA A 18 7.37 -7.77 6.92
C ALA A 18 7.23 -6.34 7.43
N VAL A 19 6.54 -5.47 6.68
CA VAL A 19 6.29 -4.09 7.08
C VAL A 19 4.84 -3.91 7.53
N THR A 20 4.04 -4.98 7.52
CA THR A 20 2.62 -4.97 7.86
C THR A 20 2.30 -5.94 8.99
N SER A 21 3.31 -6.41 9.74
CA SER A 21 3.19 -7.27 10.91
C SER A 21 2.64 -6.48 12.13
N ASP A 22 1.47 -5.85 11.99
CA ASP A 22 0.52 -5.36 12.99
C ASP A 22 1.06 -5.33 14.42
N GLU A 23 1.75 -4.22 14.71
CA GLU A 23 2.56 -3.93 15.89
C GLU A 23 2.72 -2.43 16.02
N ASP A 24 2.89 -2.00 17.25
CA ASP A 24 3.02 -0.61 17.65
C ASP A 24 4.26 0.03 17.03
N LYS A 25 5.35 -0.73 16.95
CA LYS A 25 6.56 -0.34 16.24
C LYS A 25 6.18 0.01 14.81
N VAL A 26 6.48 1.22 14.39
CA VAL A 26 6.36 1.60 13.00
C VAL A 26 7.47 0.87 12.22
N ALA A 27 7.28 0.60 10.93
CA ALA A 27 8.33 -0.01 10.12
C ALA A 27 9.37 1.06 9.74
N PRO A 28 10.65 0.68 9.52
CA PRO A 28 11.67 1.60 9.03
C PRO A 28 11.47 1.89 7.54
N VAL A 29 12.01 3.02 7.08
CA VAL A 29 11.93 3.38 5.68
C VAL A 29 12.69 2.37 4.80
N TYR A 30 13.85 1.85 5.24
CA TYR A 30 14.66 0.97 4.40
C TYR A 30 13.94 -0.33 4.03
N LYS A 31 12.98 -0.77 4.86
CA LYS A 31 12.19 -1.96 4.55
C LYS A 31 11.08 -1.67 3.56
N LEU A 32 10.60 -0.43 3.45
CA LEU A 32 9.53 -0.02 2.57
C LEU A 32 10.08 0.25 1.18
N GLU A 33 11.24 0.91 1.12
CA GLU A 33 11.83 1.43 -0.11
C GLU A 33 12.19 0.29 -1.07
N GLU A 34 12.47 -0.88 -0.50
CA GLU A 34 12.84 -2.11 -1.18
C GLU A 34 11.68 -2.62 -2.06
N ILE A 35 10.42 -2.40 -1.66
CA ILE A 35 9.26 -2.79 -2.46
C ILE A 35 9.18 -1.90 -3.71
N CYS A 36 9.42 -0.60 -3.52
CA CYS A 36 9.44 0.39 -4.58
C CYS A 36 10.47 -0.02 -5.64
N ASP A 37 11.65 -0.38 -5.16
CA ASP A 37 12.78 -0.83 -5.97
C ASP A 37 12.37 -2.00 -6.86
N LEU A 38 11.71 -3.01 -6.26
CA LEU A 38 11.33 -4.18 -7.01
C LEU A 38 10.35 -3.85 -8.12
N LEU A 39 9.24 -3.19 -7.82
CA LEU A 39 8.22 -2.89 -8.82
C LEU A 39 8.81 -2.06 -9.96
N ARG A 40 9.71 -1.12 -9.65
CA ARG A 40 10.47 -0.37 -10.65
C ARG A 40 11.32 -1.24 -11.58
N SER A 41 11.58 -2.48 -11.19
CA SER A 41 12.47 -3.43 -11.83
C SER A 41 11.72 -4.70 -12.28
N SER A 42 10.39 -4.77 -12.19
CA SER A 42 9.64 -6.01 -12.35
C SER A 42 8.54 -5.90 -13.41
N HIS A 43 8.24 -7.03 -14.07
CA HIS A 43 7.19 -7.16 -15.08
C HIS A 43 5.81 -6.84 -14.49
N VAL A 44 4.85 -6.49 -15.35
CA VAL A 44 3.48 -6.17 -14.94
C VAL A 44 2.83 -7.29 -14.13
N SER A 45 3.10 -8.56 -14.44
CA SER A 45 2.55 -9.68 -13.67
C SER A 45 3.05 -9.69 -12.21
N ILE A 46 4.26 -9.15 -11.97
CA ILE A 46 4.82 -8.99 -10.64
C ILE A 46 4.12 -7.83 -9.95
N VAL A 47 3.89 -6.71 -10.66
CA VAL A 47 3.13 -5.56 -10.14
C VAL A 47 1.79 -6.07 -9.62
N LYS A 48 1.10 -6.92 -10.39
CA LYS A 48 -0.21 -7.44 -10.05
C LYS A 48 -0.16 -8.26 -8.77
N GLU A 49 0.79 -9.20 -8.68
CA GLU A 49 0.96 -10.03 -7.50
C GLU A 49 1.21 -9.15 -6.27
N PHE A 50 2.14 -8.20 -6.42
CA PHE A 50 2.50 -7.25 -5.39
C PHE A 50 1.31 -6.40 -4.95
N SER A 51 0.62 -5.81 -5.91
CA SER A 51 -0.49 -4.89 -5.70
C SER A 51 -1.49 -5.64 -4.83
N GLU A 52 -1.99 -6.80 -5.27
CA GLU A 52 -2.78 -7.71 -4.45
C GLU A 52 -2.27 -7.83 -3.01
N PHE A 53 -1.00 -8.21 -2.78
CA PHE A 53 -0.48 -8.38 -1.42
C PHE A 53 -0.57 -7.11 -0.59
N ILE A 54 -0.43 -5.94 -1.23
CA ILE A 54 -0.60 -4.65 -0.59
C ILE A 54 -2.08 -4.45 -0.30
N LEU A 55 -2.93 -4.51 -1.32
CA LEU A 55 -4.31 -4.08 -1.29
C LEU A 55 -5.09 -4.84 -0.23
N LYS A 56 -4.86 -6.15 -0.16
CA LYS A 56 -5.57 -7.07 0.73
C LYS A 56 -5.42 -6.69 2.20
N ARG A 57 -4.37 -5.95 2.56
CA ARG A 57 -4.11 -5.58 3.95
C ARG A 57 -5.29 -4.84 4.57
N LEU A 58 -6.00 -4.05 3.77
CA LEU A 58 -7.11 -3.22 4.21
C LEU A 58 -8.31 -4.06 4.62
N ASP A 59 -8.45 -5.25 4.02
CA ASP A 59 -9.55 -6.16 4.26
C ASP A 59 -9.39 -6.84 5.63
N ASN A 60 -8.15 -6.92 6.14
CA ASN A 60 -7.82 -7.59 7.39
C ASN A 60 -8.38 -6.85 8.62
N LYS A 61 -8.37 -7.49 9.79
CA LYS A 61 -9.06 -6.99 10.99
C LYS A 61 -8.09 -6.63 12.12
N SER A 62 -7.36 -5.54 11.97
CA SER A 62 -6.69 -4.80 13.04
C SER A 62 -6.61 -3.35 12.54
N PRO A 63 -6.68 -2.34 13.42
CA PRO A 63 -6.29 -0.99 13.05
C PRO A 63 -4.84 -0.93 12.53
N ILE A 64 -3.89 -1.60 13.16
CA ILE A 64 -2.48 -1.36 12.87
C ILE A 64 -2.10 -1.98 11.54
N VAL A 65 -2.61 -3.18 11.24
CA VAL A 65 -2.38 -3.81 9.96
C VAL A 65 -2.80 -2.86 8.83
N LYS A 66 -3.83 -2.01 9.06
CA LYS A 66 -4.33 -1.19 7.95
C LYS A 66 -3.32 -0.07 7.73
N GLN A 67 -3.11 0.80 8.73
CA GLN A 67 -2.23 1.98 8.59
C GLN A 67 -0.82 1.58 8.11
N LYS A 68 -0.32 0.41 8.53
CA LYS A 68 0.98 -0.08 8.09
C LYS A 68 1.08 -0.23 6.57
N ALA A 69 0.01 -0.58 5.84
CA ALA A 69 0.01 -0.58 4.39
C ALA A 69 0.05 0.86 3.86
N LEU A 70 -0.82 1.75 4.33
CA LEU A 70 -1.04 3.06 3.73
C LEU A 70 0.25 3.85 3.54
N ARG A 71 1.11 3.89 4.57
CA ARG A 71 2.42 4.53 4.47
C ARG A 71 3.28 3.93 3.35
N LEU A 72 3.24 2.61 3.16
CA LEU A 72 3.93 1.93 2.05
C LEU A 72 3.28 2.29 0.71
N ILE A 73 1.97 2.55 0.67
CA ILE A 73 1.25 2.85 -0.56
C ILE A 73 1.78 4.18 -1.05
N LYS A 74 1.39 5.29 -0.42
CA LYS A 74 1.77 6.63 -0.85
C LYS A 74 3.27 6.82 -1.07
N TYR A 75 4.13 6.09 -0.37
CA TYR A 75 5.57 6.08 -0.64
C TYR A 75 5.85 5.42 -1.99
N ALA A 76 5.45 4.16 -2.18
CA ALA A 76 5.74 3.40 -3.39
C ALA A 76 4.94 3.87 -4.61
N VAL A 77 3.79 4.51 -4.40
CA VAL A 77 3.01 5.11 -5.44
C VAL A 77 3.77 6.34 -5.92
N GLY A 78 3.65 6.53 -7.22
CA GLY A 78 4.30 7.58 -7.97
C GLY A 78 5.80 7.34 -8.12
N LYS A 79 6.31 6.15 -7.75
CA LYS A 79 7.71 5.78 -7.97
C LYS A 79 7.87 4.38 -8.52
N SER A 80 7.04 3.42 -8.10
CA SER A 80 7.06 2.02 -8.54
C SER A 80 6.81 1.82 -10.04
N GLY A 81 6.50 2.87 -10.79
CA GLY A 81 6.41 2.84 -12.25
C GLY A 81 4.98 3.02 -12.76
N SER A 82 4.87 3.03 -14.08
CA SER A 82 3.67 3.28 -14.87
C SER A 82 2.55 2.27 -14.65
N GLU A 83 2.87 1.04 -14.23
CA GLU A 83 1.85 0.01 -14.06
C GLU A 83 1.30 0.11 -12.64
N PHE A 84 2.17 0.11 -11.63
CA PHE A 84 1.76 0.17 -10.24
C PHE A 84 0.87 1.39 -9.95
N ARG A 85 1.14 2.54 -10.59
CA ARG A 85 0.32 3.73 -10.39
C ARG A 85 -1.14 3.50 -10.81
N ARG A 86 -1.43 2.52 -11.70
CA ARG A 86 -2.78 2.22 -12.15
C ARG A 86 -3.37 1.05 -11.37
N GLU A 87 -2.58 0.04 -10.98
CA GLU A 87 -3.10 -1.13 -10.26
C GLU A 87 -3.62 -0.76 -8.87
N MET A 88 -3.02 0.26 -8.26
CA MET A 88 -3.53 0.88 -7.05
C MET A 88 -4.89 1.53 -7.34
N GLN A 89 -5.03 2.29 -8.43
CA GLN A 89 -6.31 2.91 -8.83
C GLN A 89 -7.39 1.83 -9.00
N ARG A 90 -7.13 0.75 -9.74
CA ARG A 90 -8.15 -0.27 -10.03
C ARG A 90 -8.70 -0.96 -8.77
N ASN A 91 -8.00 -0.89 -7.64
CA ASN A 91 -8.41 -1.53 -6.39
C ASN A 91 -8.54 -0.49 -5.27
N SER A 92 -8.51 0.81 -5.59
CA SER A 92 -8.38 1.93 -4.64
C SER A 92 -9.53 2.05 -3.64
N VAL A 93 -10.68 1.44 -3.98
CA VAL A 93 -11.82 1.32 -3.07
C VAL A 93 -11.41 0.75 -1.73
N ALA A 94 -10.38 -0.09 -1.71
CA ALA A 94 -9.94 -0.73 -0.49
C ALA A 94 -9.47 0.29 0.55
N VAL A 95 -9.04 1.47 0.15
CA VAL A 95 -8.60 2.54 1.05
C VAL A 95 -9.71 3.56 1.21
N ARG A 96 -10.40 3.95 0.11
CA ARG A 96 -11.55 4.86 0.13
C ARG A 96 -12.58 4.43 1.17
N ASN A 97 -12.85 3.13 1.27
CA ASN A 97 -13.81 2.57 2.21
C ASN A 97 -13.50 2.89 3.69
N LEU A 98 -12.26 3.22 4.01
CA LEU A 98 -11.76 3.35 5.39
C LEU A 98 -11.61 4.78 5.86
N PHE A 99 -11.91 5.75 4.98
CA PHE A 99 -12.00 7.18 5.32
C PHE A 99 -12.83 7.38 6.61
N HIS A 100 -13.86 6.54 6.81
CA HIS A 100 -14.79 6.61 7.92
C HIS A 100 -14.69 5.42 8.87
N TYR A 101 -13.49 4.89 9.06
CA TYR A 101 -13.24 3.82 10.01
C TYR A 101 -13.21 4.34 11.45
N LYS A 102 -13.47 3.44 12.41
CA LYS A 102 -13.71 3.81 13.81
C LYS A 102 -13.30 2.71 14.80
N GLY A 103 -13.65 1.45 14.52
CA GLY A 103 -13.21 0.30 15.29
C GLY A 103 -13.66 0.33 16.75
N HIS A 104 -13.14 -0.59 17.57
CA HIS A 104 -13.34 -0.58 19.00
C HIS A 104 -12.53 0.58 19.63
N PRO A 105 -12.93 1.08 20.80
CA PRO A 105 -12.22 2.16 21.47
C PRO A 105 -10.91 1.68 22.05
N ASP A 106 -10.05 2.64 22.34
CA ASP A 106 -8.74 2.36 22.91
C ASP A 106 -8.82 2.37 24.44
N PRO A 107 -8.14 1.47 25.15
CA PRO A 107 -8.04 1.50 26.61
C PRO A 107 -7.11 2.61 27.15
N LEU A 108 -6.20 3.11 26.32
CA LEU A 108 -5.21 4.13 26.67
C LEU A 108 -5.01 5.11 25.53
N LYS A 109 -4.79 4.62 24.31
CA LYS A 109 -4.39 5.42 23.14
C LYS A 109 -5.45 6.45 22.73
N GLY A 110 -6.67 6.36 23.27
CA GLY A 110 -7.66 7.42 23.25
C GLY A 110 -8.29 7.63 21.88
N ASP A 111 -8.73 6.52 21.31
CA ASP A 111 -9.41 6.37 20.03
C ASP A 111 -8.56 6.96 18.91
N ALA A 112 -7.28 6.57 18.91
CA ALA A 112 -6.25 7.07 18.00
C ALA A 112 -5.72 5.99 17.05
N LEU A 113 -5.75 4.71 17.43
CA LEU A 113 -5.24 3.62 16.57
C LEU A 113 -6.00 3.60 15.25
N ASN A 114 -7.32 3.61 15.34
CA ASN A 114 -8.20 3.54 14.18
C ASN A 114 -8.30 4.92 13.53
N LYS A 115 -8.00 6.01 14.25
CA LYS A 115 -7.89 7.33 13.64
C LYS A 115 -6.68 7.38 12.70
N ALA A 116 -5.52 6.87 13.11
CA ALA A 116 -4.37 6.76 12.21
C ALA A 116 -4.69 5.94 10.94
N VAL A 117 -5.71 5.10 10.96
CA VAL A 117 -6.20 4.42 9.77
C VAL A 117 -7.15 5.34 8.98
N ARG A 118 -8.05 6.05 9.66
CA ARG A 118 -9.17 6.73 9.04
C ARG A 118 -8.62 7.89 8.22
N GLU A 119 -7.71 8.69 8.80
CA GLU A 119 -7.31 9.95 8.19
C GLU A 119 -6.26 9.70 7.12
N THR A 120 -5.29 8.82 7.39
CA THR A 120 -4.24 8.45 6.45
C THR A 120 -4.83 7.87 5.16
N ALA A 121 -6.05 7.31 5.21
CA ALA A 121 -6.74 6.84 4.01
C ALA A 121 -6.96 7.99 3.02
N HIS A 122 -7.31 9.19 3.49
CA HIS A 122 -7.45 10.39 2.65
C HIS A 122 -6.12 10.66 1.95
N GLU A 123 -5.04 10.77 2.74
CA GLU A 123 -3.67 11.03 2.29
C GLU A 123 -3.27 10.06 1.17
N THR A 124 -3.58 8.79 1.37
CA THR A 124 -3.22 7.72 0.46
C THR A 124 -3.88 7.93 -0.92
N ILE A 125 -5.17 8.26 -0.97
CA ILE A 125 -5.88 8.40 -2.24
C ILE A 125 -5.31 9.56 -3.07
N SER A 126 -4.84 10.63 -2.42
CA SER A 126 -4.09 11.67 -3.13
C SER A 126 -2.87 11.08 -3.87
N ALA A 127 -2.15 10.11 -3.29
CA ALA A 127 -1.04 9.47 -3.95
C ALA A 127 -1.54 8.52 -5.04
N ILE A 128 -2.57 7.70 -4.78
CA ILE A 128 -3.11 6.75 -5.76
C ILE A 128 -3.42 7.46 -7.08
N PHE A 129 -3.99 8.67 -7.03
CA PHE A 129 -4.35 9.45 -8.20
C PHE A 129 -3.39 10.64 -8.38
N SER A 130 -2.14 10.53 -7.93
CA SER A 130 -1.05 11.47 -8.22
C SER A 130 -0.86 11.52 -9.74
N GLU A 131 -1.42 12.57 -10.34
CA GLU A 131 -1.64 12.78 -11.77
C GLU A 131 -2.07 11.48 -12.45
N GLU A 132 -3.37 11.20 -12.37
CA GLU A 132 -4.07 10.20 -13.18
C GLU A 132 -3.86 10.50 -14.68
N ASN A 133 -4.35 9.62 -15.54
CA ASN A 133 -4.39 9.82 -16.98
C ASN A 133 -5.85 9.91 -17.43
N GLY A 134 -6.08 10.50 -18.60
CA GLY A 134 -7.38 10.54 -19.23
C GLY A 134 -7.69 11.94 -19.75
N SER A 135 -8.97 12.22 -19.97
CA SER A 135 -9.47 13.53 -20.41
C SER A 135 -10.87 13.85 -19.90
N GLY A 136 -11.37 13.11 -18.91
CA GLY A 136 -12.78 13.15 -18.51
C GLY A 136 -13.55 12.11 -19.33
N PRO A 137 -13.78 10.89 -18.80
CA PRO A 137 -14.37 9.81 -19.58
C PRO A 137 -15.90 9.91 -19.67
N SER A 138 -16.56 10.73 -18.86
CA SER A 138 -18.01 10.75 -18.65
C SER A 138 -18.56 12.17 -18.80
N SER A 139 -19.88 12.31 -18.91
CA SER A 139 -20.55 13.59 -19.06
C SER A 139 -20.68 14.28 -17.69
N GLY A 140 -19.60 14.90 -17.20
CA GLY A 140 -19.56 15.65 -15.97
C GLY A 140 -18.15 16.11 -15.75
N GLY A 1 7.32 -5.35 -27.80
CA GLY A 1 7.76 -6.74 -27.67
C GLY A 1 6.57 -7.63 -27.36
N SER A 2 6.72 -8.50 -26.37
CA SER A 2 5.69 -9.41 -25.90
C SER A 2 5.66 -9.28 -24.38
N SER A 3 4.78 -8.42 -23.87
CA SER A 3 4.73 -8.07 -22.45
C SER A 3 4.02 -9.19 -21.69
N GLY A 4 4.67 -10.34 -21.53
CA GLY A 4 4.15 -11.51 -20.83
C GLY A 4 5.26 -12.17 -20.02
N SER A 5 4.86 -13.06 -19.11
CA SER A 5 5.68 -13.77 -18.14
C SER A 5 4.75 -14.60 -17.28
N SER A 6 5.30 -15.40 -16.36
CA SER A 6 4.56 -15.98 -15.25
C SER A 6 5.57 -16.58 -14.28
N GLY A 7 5.36 -16.39 -12.98
CA GLY A 7 6.21 -16.90 -11.92
C GLY A 7 5.81 -16.27 -10.61
N GLU A 8 4.82 -16.81 -9.92
CA GLU A 8 4.51 -16.44 -8.54
C GLU A 8 5.71 -16.81 -7.65
N SER A 9 5.80 -16.19 -6.47
CA SER A 9 6.86 -16.39 -5.49
C SER A 9 6.24 -16.44 -4.09
N TYR A 10 7.04 -16.77 -3.08
CA TYR A 10 6.68 -16.59 -1.68
C TYR A 10 7.21 -15.26 -1.13
N TRP A 11 8.51 -14.98 -1.28
CA TRP A 11 9.14 -13.90 -0.51
C TRP A 11 8.67 -12.50 -0.91
N ARG A 12 8.11 -12.34 -2.11
CA ARG A 12 7.50 -11.08 -2.53
C ARG A 12 6.36 -10.70 -1.58
N SER A 13 5.67 -11.66 -0.96
CA SER A 13 4.58 -11.40 -0.05
C SER A 13 5.15 -10.98 1.31
N ARG A 14 6.31 -11.51 1.68
CA ARG A 14 6.96 -11.23 2.95
C ARG A 14 7.38 -9.78 3.04
N MET A 15 7.78 -9.15 1.94
CA MET A 15 8.16 -7.74 1.97
C MET A 15 6.98 -6.89 2.42
N ILE A 16 5.83 -7.11 1.77
CA ILE A 16 4.61 -6.39 2.08
C ILE A 16 4.21 -6.70 3.53
N ASP A 17 4.15 -7.97 3.93
CA ASP A 17 3.69 -8.37 5.25
C ASP A 17 4.56 -7.74 6.34
N ALA A 18 5.88 -7.84 6.19
CA ALA A 18 6.85 -7.42 7.17
C ALA A 18 6.76 -5.92 7.48
N VAL A 19 6.45 -5.08 6.49
CA VAL A 19 6.29 -3.64 6.72
C VAL A 19 4.90 -3.30 7.27
N THR A 20 4.05 -4.31 7.54
CA THR A 20 2.67 -4.15 8.00
C THR A 20 2.36 -4.83 9.32
N SER A 21 3.35 -5.44 9.99
CA SER A 21 3.15 -6.25 11.20
C SER A 21 2.38 -5.45 12.25
N ASP A 22 1.20 -5.92 12.63
CA ASP A 22 0.25 -5.25 13.52
C ASP A 22 0.74 -5.30 14.96
N GLU A 23 1.65 -4.39 15.27
CA GLU A 23 2.51 -4.36 16.46
C GLU A 23 2.52 -2.96 17.08
N ASP A 24 1.47 -2.15 16.82
CA ASP A 24 1.27 -0.70 17.07
C ASP A 24 2.31 0.26 16.51
N LYS A 25 3.55 -0.17 16.41
CA LYS A 25 4.73 0.59 16.05
C LYS A 25 4.71 1.08 14.60
N VAL A 26 5.62 1.97 14.25
CA VAL A 26 5.93 2.38 12.88
C VAL A 26 7.04 1.45 12.36
N ALA A 27 7.51 1.68 11.15
CA ALA A 27 8.59 0.92 10.51
C ALA A 27 9.52 1.89 9.78
N PRO A 28 10.77 1.50 9.49
CA PRO A 28 11.73 2.40 8.87
C PRO A 28 11.36 2.64 7.40
N VAL A 29 11.98 3.64 6.77
CA VAL A 29 11.70 3.95 5.37
C VAL A 29 12.44 2.96 4.48
N TYR A 30 13.63 2.48 4.85
CA TYR A 30 14.41 1.58 3.98
C TYR A 30 13.62 0.31 3.65
N LYS A 31 12.96 -0.29 4.65
CA LYS A 31 12.15 -1.47 4.39
C LYS A 31 10.98 -1.18 3.45
N LEU A 32 10.47 0.06 3.38
CA LEU A 32 9.40 0.43 2.45
C LEU A 32 9.98 0.63 1.05
N GLU A 33 11.14 1.27 0.94
CA GLU A 33 11.70 1.64 -0.35
C GLU A 33 12.08 0.39 -1.16
N GLU A 34 12.43 -0.69 -0.45
CA GLU A 34 12.70 -2.01 -1.01
C GLU A 34 11.53 -2.54 -1.84
N ILE A 35 10.28 -2.21 -1.51
CA ILE A 35 9.13 -2.63 -2.30
C ILE A 35 9.14 -1.86 -3.63
N CYS A 36 9.55 -0.58 -3.62
CA CYS A 36 9.68 0.23 -4.81
C CYS A 36 10.69 -0.40 -5.76
N ASP A 37 11.84 -0.82 -5.24
CA ASP A 37 12.92 -1.45 -6.00
C ASP A 37 12.36 -2.58 -6.84
N LEU A 38 11.69 -3.50 -6.16
CA LEU A 38 11.14 -4.68 -6.80
C LEU A 38 10.16 -4.25 -7.87
N LEU A 39 9.15 -3.44 -7.54
CA LEU A 39 8.10 -3.09 -8.51
C LEU A 39 8.67 -2.37 -9.73
N ARG A 40 9.64 -1.47 -9.53
CA ARG A 40 10.25 -0.66 -10.56
C ARG A 40 10.94 -1.58 -11.57
N SER A 41 11.83 -2.44 -11.10
CA SER A 41 12.58 -3.35 -11.96
C SER A 41 11.75 -4.55 -12.44
N SER A 42 10.52 -4.73 -11.96
CA SER A 42 9.64 -5.83 -12.33
C SER A 42 8.85 -5.55 -13.60
N HIS A 43 8.24 -6.61 -14.12
CA HIS A 43 7.12 -6.57 -15.04
C HIS A 43 5.82 -6.33 -14.26
N VAL A 44 4.76 -5.91 -14.96
CA VAL A 44 3.42 -5.81 -14.38
C VAL A 44 2.97 -7.14 -13.75
N SER A 45 3.38 -8.27 -14.33
CA SER A 45 3.12 -9.62 -13.85
C SER A 45 3.75 -9.91 -12.47
N ILE A 46 4.44 -8.94 -11.86
CA ILE A 46 4.88 -8.98 -10.46
C ILE A 46 4.11 -7.94 -9.63
N VAL A 47 3.87 -6.75 -10.20
CA VAL A 47 3.16 -5.63 -9.57
C VAL A 47 1.84 -6.12 -8.98
N LYS A 48 1.09 -6.93 -9.73
CA LYS A 48 -0.25 -7.32 -9.31
C LYS A 48 -0.17 -8.17 -8.05
N GLU A 49 0.79 -9.10 -7.98
CA GLU A 49 0.96 -9.95 -6.81
C GLU A 49 1.17 -9.06 -5.59
N PHE A 50 2.11 -8.12 -5.74
CA PHE A 50 2.45 -7.16 -4.71
C PHE A 50 1.27 -6.30 -4.32
N SER A 51 0.52 -5.78 -5.31
CA SER A 51 -0.58 -4.87 -5.08
C SER A 51 -1.58 -5.63 -4.25
N GLU A 52 -1.95 -6.84 -4.66
CA GLU A 52 -2.85 -7.66 -3.88
C GLU A 52 -2.38 -7.87 -2.46
N PHE A 53 -1.09 -8.16 -2.21
CA PHE A 53 -0.65 -8.30 -0.83
C PHE A 53 -0.87 -7.01 -0.04
N ILE A 54 -0.80 -5.83 -0.68
CA ILE A 54 -1.05 -4.54 -0.08
C ILE A 54 -2.54 -4.34 0.12
N LEU A 55 -3.34 -4.47 -0.93
CA LEU A 55 -4.74 -4.07 -0.94
C LEU A 55 -5.51 -4.91 0.08
N LYS A 56 -5.20 -6.21 0.16
CA LYS A 56 -5.80 -7.12 1.14
C LYS A 56 -5.51 -6.69 2.57
N ARG A 57 -4.43 -5.91 2.81
CA ARG A 57 -4.09 -5.43 4.14
C ARG A 57 -5.18 -4.49 4.66
N LEU A 58 -5.84 -3.75 3.76
CA LEU A 58 -6.82 -2.72 4.12
C LEU A 58 -8.15 -3.33 4.50
N ASP A 59 -8.41 -4.57 4.09
CA ASP A 59 -9.66 -5.27 4.37
C ASP A 59 -9.75 -5.70 5.84
N ASN A 60 -8.59 -5.80 6.51
CA ASN A 60 -8.37 -6.44 7.81
C ASN A 60 -9.00 -5.69 8.99
N LYS A 61 -9.19 -6.33 10.15
CA LYS A 61 -9.63 -5.66 11.37
C LYS A 61 -8.51 -4.89 12.07
N SER A 62 -7.32 -5.46 12.19
CA SER A 62 -6.17 -4.86 12.89
C SER A 62 -5.91 -3.44 12.36
N PRO A 63 -6.13 -2.39 13.16
CA PRO A 63 -5.98 -1.03 12.67
C PRO A 63 -4.53 -0.75 12.27
N ILE A 64 -3.59 -1.42 12.90
CA ILE A 64 -2.16 -1.16 12.75
C ILE A 64 -1.73 -1.66 11.37
N VAL A 65 -2.16 -2.89 11.04
CA VAL A 65 -1.91 -3.51 9.76
C VAL A 65 -2.42 -2.60 8.65
N LYS A 66 -3.56 -1.95 8.88
CA LYS A 66 -4.10 -1.00 7.91
C LYS A 66 -3.11 0.15 7.85
N GLN A 67 -2.93 0.84 8.97
CA GLN A 67 -2.20 2.09 9.02
C GLN A 67 -0.83 1.96 8.35
N LYS A 68 -0.12 0.86 8.64
CA LYS A 68 1.17 0.56 8.06
C LYS A 68 1.13 0.42 6.54
N ALA A 69 0.15 -0.27 5.95
CA ALA A 69 0.04 -0.41 4.50
C ALA A 69 -0.17 0.95 3.83
N LEU A 70 -0.89 1.87 4.48
CA LEU A 70 -1.31 3.11 3.82
C LEU A 70 -0.07 3.90 3.42
N ARG A 71 0.87 4.10 4.37
CA ARG A 71 2.07 4.87 4.07
C ARG A 71 3.04 4.16 3.13
N LEU A 72 2.94 2.83 3.00
CA LEU A 72 3.70 2.10 1.99
C LEU A 72 3.18 2.51 0.61
N ILE A 73 1.85 2.64 0.47
CA ILE A 73 1.23 2.87 -0.82
C ILE A 73 1.75 4.20 -1.34
N LYS A 74 1.34 5.31 -0.71
CA LYS A 74 1.72 6.67 -1.11
C LYS A 74 3.22 6.91 -1.32
N TYR A 75 4.11 6.09 -0.76
CA TYR A 75 5.53 6.23 -1.00
C TYR A 75 5.92 5.53 -2.31
N ALA A 76 5.47 4.29 -2.52
CA ALA A 76 5.76 3.52 -3.73
C ALA A 76 4.94 4.01 -4.95
N VAL A 77 3.74 4.55 -4.72
CA VAL A 77 2.93 5.20 -5.73
C VAL A 77 3.70 6.44 -6.13
N GLY A 78 4.02 6.51 -7.41
CA GLY A 78 4.76 7.61 -8.00
C GLY A 78 6.27 7.30 -8.10
N LYS A 79 6.68 6.03 -7.94
CA LYS A 79 8.08 5.57 -8.10
C LYS A 79 8.19 4.42 -9.09
N SER A 80 7.35 3.40 -8.89
CA SER A 80 7.34 2.14 -9.61
C SER A 80 7.43 2.38 -11.11
N GLY A 81 6.40 2.95 -11.71
CA GLY A 81 6.27 3.09 -13.16
C GLY A 81 4.83 3.42 -13.50
N SER A 82 4.42 3.14 -14.74
CA SER A 82 3.02 3.32 -15.14
C SER A 82 2.14 2.21 -14.54
N GLU A 83 2.72 1.09 -14.09
CA GLU A 83 1.99 -0.13 -13.82
C GLU A 83 1.26 0.03 -12.48
N PHE A 84 2.02 0.10 -11.39
CA PHE A 84 1.47 0.24 -10.04
C PHE A 84 0.60 1.50 -9.90
N ARG A 85 0.85 2.57 -10.69
CA ARG A 85 0.02 3.77 -10.57
C ARG A 85 -1.39 3.54 -11.13
N ARG A 86 -1.64 2.45 -11.86
CA ARG A 86 -2.99 2.08 -12.29
C ARG A 86 -3.53 0.91 -11.48
N GLU A 87 -2.68 -0.01 -11.02
CA GLU A 87 -3.06 -1.08 -10.10
C GLU A 87 -3.76 -0.49 -8.89
N MET A 88 -3.12 0.46 -8.18
CA MET A 88 -3.72 1.06 -7.00
C MET A 88 -5.06 1.73 -7.34
N GLN A 89 -5.22 2.33 -8.53
CA GLN A 89 -6.49 2.89 -9.00
C GLN A 89 -7.56 1.81 -9.16
N ARG A 90 -7.21 0.63 -9.70
CA ARG A 90 -8.19 -0.45 -9.90
C ARG A 90 -8.84 -0.83 -8.59
N ASN A 91 -8.05 -0.90 -7.52
CA ASN A 91 -8.45 -1.46 -6.23
C ASN A 91 -8.46 -0.35 -5.17
N SER A 92 -8.66 0.90 -5.59
CA SER A 92 -8.54 2.10 -4.76
C SER A 92 -9.61 2.19 -3.67
N VAL A 93 -10.74 1.48 -3.82
CA VAL A 93 -11.80 1.53 -2.83
C VAL A 93 -11.34 0.94 -1.50
N ALA A 94 -10.37 0.03 -1.51
CA ALA A 94 -9.94 -0.64 -0.30
C ALA A 94 -9.47 0.38 0.74
N VAL A 95 -8.78 1.41 0.26
CA VAL A 95 -8.31 2.57 1.01
C VAL A 95 -9.48 3.55 1.25
N ARG A 96 -10.25 3.92 0.22
CA ARG A 96 -11.35 4.90 0.35
C ARG A 96 -12.38 4.49 1.41
N ASN A 97 -12.64 3.18 1.52
CA ASN A 97 -13.51 2.61 2.54
C ASN A 97 -13.06 2.99 3.95
N LEU A 98 -11.75 3.16 4.17
CA LEU A 98 -11.19 3.44 5.49
C LEU A 98 -11.30 4.90 5.89
N PHE A 99 -11.72 5.82 5.00
CA PHE A 99 -11.90 7.23 5.34
C PHE A 99 -12.88 7.36 6.53
N HIS A 100 -13.77 6.39 6.68
CA HIS A 100 -14.79 6.32 7.72
C HIS A 100 -14.70 5.00 8.49
N TYR A 101 -13.48 4.46 8.63
CA TYR A 101 -13.20 3.43 9.60
C TYR A 101 -13.31 4.03 11.00
N LYS A 102 -13.77 3.24 11.96
CA LYS A 102 -13.92 3.64 13.36
C LYS A 102 -13.56 2.49 14.30
N GLY A 103 -13.99 1.27 13.99
CA GLY A 103 -13.65 0.08 14.74
C GLY A 103 -14.00 0.19 16.23
N HIS A 104 -13.46 -0.72 17.03
CA HIS A 104 -13.49 -0.62 18.49
C HIS A 104 -12.31 0.24 18.97
N PRO A 105 -12.39 0.80 20.18
CA PRO A 105 -11.23 1.41 20.82
C PRO A 105 -10.19 0.33 21.16
N ASP A 106 -9.00 0.75 21.57
CA ASP A 106 -7.83 -0.09 21.84
C ASP A 106 -7.53 -0.08 23.34
N PRO A 107 -6.78 -1.06 23.88
CA PRO A 107 -6.58 -1.23 25.32
C PRO A 107 -5.86 -0.08 26.01
N LEU A 108 -5.01 0.64 25.28
CA LEU A 108 -4.28 1.81 25.77
C LEU A 108 -4.32 2.96 24.78
N LYS A 109 -4.42 2.66 23.48
CA LYS A 109 -4.39 3.70 22.47
C LYS A 109 -5.76 4.35 22.32
N GLY A 110 -6.80 3.82 22.98
CA GLY A 110 -8.16 4.30 22.86
C GLY A 110 -8.53 4.34 21.38
N ASP A 111 -8.78 5.53 20.85
CA ASP A 111 -9.24 5.69 19.48
C ASP A 111 -8.09 6.07 18.52
N ALA A 112 -6.84 6.16 19.00
CA ALA A 112 -5.77 6.80 18.23
C ALA A 112 -5.42 5.98 16.99
N LEU A 113 -5.38 4.65 17.14
CA LEU A 113 -5.01 3.73 16.08
C LEU A 113 -5.99 3.88 14.90
N ASN A 114 -7.29 3.91 15.19
CA ASN A 114 -8.29 3.96 14.13
C ASN A 114 -8.33 5.33 13.47
N LYS A 115 -8.17 6.42 14.23
CA LYS A 115 -8.05 7.76 13.66
C LYS A 115 -6.89 7.79 12.66
N ALA A 116 -5.75 7.22 13.05
CA ALA A 116 -4.57 7.21 12.21
C ALA A 116 -4.82 6.46 10.89
N VAL A 117 -5.58 5.36 10.91
CA VAL A 117 -6.03 4.68 9.70
C VAL A 117 -6.79 5.69 8.82
N ARG A 118 -7.85 6.32 9.37
CA ARG A 118 -8.74 7.19 8.62
C ARG A 118 -7.97 8.28 7.87
N GLU A 119 -7.08 9.00 8.56
CA GLU A 119 -6.36 10.15 8.01
C GLU A 119 -5.37 9.71 6.94
N THR A 120 -4.57 8.70 7.27
CA THR A 120 -3.48 8.24 6.42
C THR A 120 -4.04 7.65 5.11
N ALA A 121 -5.31 7.20 5.12
CA ALA A 121 -5.97 6.72 3.91
C ALA A 121 -6.27 7.87 2.94
N HIS A 122 -6.71 9.03 3.43
CA HIS A 122 -6.90 10.22 2.60
C HIS A 122 -5.60 10.53 1.85
N GLU A 123 -4.50 10.62 2.61
CA GLU A 123 -3.17 10.91 2.06
C GLU A 123 -2.70 9.87 1.06
N THR A 124 -3.28 8.67 1.08
CA THR A 124 -2.97 7.68 0.09
C THR A 124 -3.71 7.97 -1.21
N ILE A 125 -5.00 8.32 -1.18
CA ILE A 125 -5.76 8.57 -2.40
C ILE A 125 -5.11 9.71 -3.17
N SER A 126 -4.61 10.72 -2.47
CA SER A 126 -3.77 11.76 -3.07
C SER A 126 -2.62 11.20 -3.91
N ALA A 127 -1.94 10.13 -3.48
CA ALA A 127 -0.90 9.44 -4.24
C ALA A 127 -1.51 8.58 -5.36
N ILE A 128 -2.54 7.76 -5.08
CA ILE A 128 -3.20 6.88 -6.06
C ILE A 128 -3.56 7.65 -7.33
N PHE A 129 -3.98 8.92 -7.18
CA PHE A 129 -4.39 9.78 -8.28
C PHE A 129 -3.48 11.01 -8.38
N SER A 130 -2.19 10.85 -8.02
CA SER A 130 -1.17 11.87 -8.20
C SER A 130 -0.91 12.12 -9.69
N GLU A 131 -0.12 13.16 -9.98
CA GLU A 131 -0.05 13.76 -11.30
C GLU A 131 0.99 13.08 -12.19
N GLU A 132 0.94 13.40 -13.49
CA GLU A 132 1.78 12.96 -14.59
C GLU A 132 3.20 13.57 -14.51
N ASN A 133 3.74 13.73 -13.30
CA ASN A 133 5.02 14.37 -13.08
C ASN A 133 6.13 13.57 -13.75
N GLY A 134 6.78 14.19 -14.74
CA GLY A 134 7.96 13.64 -15.37
C GLY A 134 9.18 13.73 -14.46
N SER A 135 10.34 13.45 -15.03
CA SER A 135 11.63 13.41 -14.36
C SER A 135 11.56 12.51 -13.13
N GLY A 136 10.90 11.36 -13.25
CA GLY A 136 11.04 10.27 -12.31
C GLY A 136 12.41 9.62 -12.50
N PRO A 137 12.61 8.85 -13.59
CA PRO A 137 13.86 8.15 -13.80
C PRO A 137 15.01 9.09 -14.19
N SER A 138 14.73 10.13 -14.99
CA SER A 138 15.69 11.17 -15.41
C SER A 138 16.94 10.58 -16.10
N SER A 139 16.86 9.33 -16.58
CA SER A 139 18.03 8.59 -17.04
C SER A 139 18.42 9.03 -18.46
N GLY A 140 19.66 8.70 -18.83
CA GLY A 140 20.23 8.83 -20.16
C GLY A 140 21.29 7.76 -20.31
N GLY A 1 27.90 -14.78 -4.97
CA GLY A 1 26.49 -15.16 -5.15
C GLY A 1 25.71 -13.96 -5.63
N SER A 2 24.50 -13.73 -5.11
CA SER A 2 23.66 -12.58 -5.44
C SER A 2 23.37 -12.46 -6.95
N SER A 3 23.27 -13.60 -7.63
CA SER A 3 22.87 -13.71 -9.02
C SER A 3 21.99 -14.96 -9.13
N GLY A 4 21.08 -14.98 -10.11
CA GLY A 4 19.96 -15.91 -10.22
C GLY A 4 18.70 -15.09 -10.41
N SER A 5 17.72 -15.64 -11.12
CA SER A 5 16.48 -14.94 -11.45
C SER A 5 15.27 -15.86 -11.44
N SER A 6 14.10 -15.27 -11.19
CA SER A 6 12.79 -15.89 -11.18
C SER A 6 11.79 -14.87 -11.75
N GLY A 7 10.50 -15.18 -11.77
CA GLY A 7 9.44 -14.24 -12.07
C GLY A 7 8.61 -14.06 -10.81
N GLU A 8 7.37 -14.54 -10.87
CA GLU A 8 6.36 -14.44 -9.82
C GLU A 8 6.83 -15.24 -8.61
N SER A 9 6.51 -14.76 -7.41
CA SER A 9 6.89 -15.34 -6.14
C SER A 9 5.97 -14.83 -5.06
N TYR A 10 5.27 -15.73 -4.38
CA TYR A 10 4.59 -15.53 -3.11
C TYR A 10 5.49 -14.79 -2.13
N TRP A 11 6.82 -15.01 -2.18
CA TRP A 11 7.75 -14.34 -1.30
C TRP A 11 7.72 -12.80 -1.43
N ARG A 12 7.27 -12.22 -2.54
CA ARG A 12 7.05 -10.77 -2.66
C ARG A 12 6.11 -10.28 -1.54
N SER A 13 5.15 -11.12 -1.11
CA SER A 13 4.25 -10.82 -0.01
C SER A 13 5.02 -10.60 1.27
N ARG A 14 6.05 -11.41 1.53
CA ARG A 14 6.73 -11.38 2.83
C ARG A 14 7.34 -10.01 3.08
N MET A 15 7.66 -9.27 2.02
CA MET A 15 8.19 -7.92 2.17
C MET A 15 7.09 -7.01 2.69
N ILE A 16 5.91 -7.06 2.05
CA ILE A 16 4.72 -6.30 2.46
C ILE A 16 4.42 -6.65 3.91
N ASP A 17 4.32 -7.95 4.18
CA ASP A 17 3.89 -8.54 5.44
C ASP A 17 4.79 -8.13 6.60
N ALA A 18 6.09 -8.03 6.34
CA ALA A 18 7.08 -7.63 7.33
C ALA A 18 6.88 -6.17 7.78
N VAL A 19 6.44 -5.29 6.89
CA VAL A 19 6.22 -3.88 7.22
C VAL A 19 4.79 -3.60 7.68
N THR A 20 3.94 -4.63 7.84
CA THR A 20 2.56 -4.49 8.26
C THR A 20 2.27 -5.30 9.54
N SER A 21 3.30 -5.58 10.36
CA SER A 21 3.12 -6.39 11.55
C SER A 21 2.12 -5.72 12.50
N ASP A 22 1.33 -6.54 13.21
CA ASP A 22 0.43 -6.09 14.27
C ASP A 22 1.26 -5.68 15.49
N GLU A 23 1.74 -4.43 15.51
CA GLU A 23 2.54 -3.84 16.57
C GLU A 23 2.36 -2.32 16.48
N ASP A 24 2.08 -1.63 17.59
CA ASP A 24 1.90 -0.16 17.59
C ASP A 24 3.15 0.59 17.10
N LYS A 25 4.32 -0.06 17.11
CA LYS A 25 5.58 0.50 16.65
C LYS A 25 5.52 0.82 15.16
N VAL A 26 6.44 1.65 14.69
CA VAL A 26 6.50 2.10 13.31
C VAL A 26 7.56 1.27 12.57
N ALA A 27 7.29 0.87 11.32
CA ALA A 27 8.31 0.31 10.45
C ALA A 27 9.22 1.44 9.96
N PRO A 28 10.51 1.18 9.71
CA PRO A 28 11.41 2.16 9.13
C PRO A 28 11.12 2.36 7.64
N VAL A 29 11.65 3.43 7.07
CA VAL A 29 11.49 3.71 5.65
C VAL A 29 12.28 2.71 4.81
N TYR A 30 13.47 2.27 5.24
CA TYR A 30 14.30 1.39 4.39
C TYR A 30 13.61 0.04 4.13
N LYS A 31 12.73 -0.40 5.03
CA LYS A 31 11.94 -1.60 4.78
C LYS A 31 10.79 -1.34 3.82
N LEU A 32 10.34 -0.11 3.60
CA LEU A 32 9.27 0.21 2.67
C LEU A 32 9.86 0.39 1.26
N GLU A 33 11.02 1.03 1.12
CA GLU A 33 11.57 1.37 -0.19
C GLU A 33 12.00 0.13 -0.97
N GLU A 34 12.36 -0.95 -0.27
CA GLU A 34 12.67 -2.22 -0.94
C GLU A 34 11.47 -2.73 -1.77
N ILE A 35 10.24 -2.47 -1.33
CA ILE A 35 9.05 -2.88 -2.06
C ILE A 35 8.93 -2.05 -3.33
N CYS A 36 9.09 -0.72 -3.22
CA CYS A 36 8.96 0.12 -4.39
C CYS A 36 10.06 -0.19 -5.40
N ASP A 37 11.24 -0.58 -4.92
CA ASP A 37 12.37 -1.00 -5.74
C ASP A 37 12.01 -2.22 -6.57
N LEU A 38 11.50 -3.29 -5.93
CA LEU A 38 11.15 -4.49 -6.66
C LEU A 38 10.11 -4.16 -7.71
N LEU A 39 9.07 -3.41 -7.35
CA LEU A 39 8.02 -2.98 -8.26
C LEU A 39 8.49 -1.99 -9.32
N ARG A 40 9.68 -1.39 -9.21
CA ARG A 40 10.26 -0.59 -10.28
C ARG A 40 11.02 -1.51 -11.23
N SER A 41 11.78 -2.44 -10.65
CA SER A 41 12.69 -3.33 -11.32
C SER A 41 11.98 -4.51 -12.00
N SER A 42 10.76 -4.84 -11.59
CA SER A 42 10.06 -6.04 -12.02
C SER A 42 9.21 -5.81 -13.27
N HIS A 43 8.82 -6.91 -13.90
CA HIS A 43 7.76 -6.96 -14.89
C HIS A 43 6.40 -6.74 -14.23
N VAL A 44 5.39 -6.36 -15.02
CA VAL A 44 4.02 -6.17 -14.59
C VAL A 44 3.46 -7.44 -13.92
N SER A 45 3.88 -8.63 -14.33
CA SER A 45 3.49 -9.90 -13.68
C SER A 45 3.70 -9.88 -12.17
N ILE A 46 4.75 -9.18 -11.70
CA ILE A 46 5.11 -9.14 -10.29
C ILE A 46 4.36 -7.98 -9.62
N VAL A 47 4.12 -6.88 -10.34
CA VAL A 47 3.27 -5.80 -9.85
C VAL A 47 1.93 -6.38 -9.43
N LYS A 48 1.35 -7.28 -10.24
CA LYS A 48 0.08 -7.91 -9.98
C LYS A 48 0.08 -8.56 -8.61
N GLU A 49 1.01 -9.50 -8.36
CA GLU A 49 1.08 -10.23 -7.10
C GLU A 49 1.24 -9.26 -5.93
N PHE A 50 2.18 -8.32 -6.07
CA PHE A 50 2.50 -7.36 -5.03
C PHE A 50 1.30 -6.48 -4.66
N SER A 51 0.60 -5.97 -5.67
CA SER A 51 -0.50 -5.04 -5.46
C SER A 51 -1.53 -5.73 -4.59
N GLU A 52 -1.93 -6.96 -4.93
CA GLU A 52 -2.79 -7.76 -4.05
C GLU A 52 -2.26 -7.85 -2.63
N PHE A 53 -1.00 -8.22 -2.39
CA PHE A 53 -0.48 -8.36 -1.03
C PHE A 53 -0.61 -7.05 -0.21
N ILE A 54 -0.59 -5.89 -0.88
CA ILE A 54 -0.84 -4.56 -0.30
C ILE A 54 -2.33 -4.37 -0.05
N LEU A 55 -3.20 -4.52 -1.08
CA LEU A 55 -4.58 -4.08 -0.97
C LEU A 55 -5.31 -4.91 0.07
N LYS A 56 -5.03 -6.22 0.09
CA LYS A 56 -5.61 -7.19 1.02
C LYS A 56 -5.26 -6.86 2.48
N ARG A 57 -4.29 -5.96 2.74
CA ARG A 57 -4.01 -5.45 4.07
C ARG A 57 -5.11 -4.52 4.55
N LEU A 58 -5.72 -3.74 3.66
CA LEU A 58 -6.77 -2.79 3.99
C LEU A 58 -8.05 -3.51 4.40
N ASP A 59 -8.28 -4.70 3.84
CA ASP A 59 -9.41 -5.57 4.14
C ASP A 59 -9.34 -6.15 5.58
N ASN A 60 -8.21 -6.02 6.28
CA ASN A 60 -7.92 -6.72 7.54
C ASN A 60 -8.61 -6.02 8.74
N LYS A 61 -8.60 -6.64 9.92
CA LYS A 61 -9.44 -6.26 11.06
C LYS A 61 -8.79 -5.20 11.96
N SER A 62 -7.52 -5.38 12.29
CA SER A 62 -6.72 -4.48 13.14
C SER A 62 -6.60 -3.09 12.54
N PRO A 63 -6.43 -2.02 13.33
CA PRO A 63 -6.14 -0.71 12.78
C PRO A 63 -4.71 -0.65 12.22
N ILE A 64 -3.74 -1.30 12.86
CA ILE A 64 -2.30 -1.11 12.61
C ILE A 64 -1.95 -1.60 11.23
N VAL A 65 -2.29 -2.86 10.97
CA VAL A 65 -2.10 -3.54 9.72
C VAL A 65 -2.56 -2.64 8.57
N LYS A 66 -3.65 -1.88 8.77
CA LYS A 66 -4.20 -1.06 7.70
C LYS A 66 -3.28 0.13 7.52
N GLN A 67 -3.09 0.92 8.58
CA GLN A 67 -2.31 2.16 8.51
C GLN A 67 -0.90 1.87 7.98
N LYS A 68 -0.30 0.75 8.37
CA LYS A 68 1.02 0.35 7.89
C LYS A 68 1.06 0.13 6.38
N ALA A 69 0.01 -0.43 5.76
CA ALA A 69 -0.07 -0.48 4.30
C ALA A 69 -0.29 0.90 3.71
N LEU A 70 -1.12 1.74 4.34
CA LEU A 70 -1.37 3.09 3.83
C LEU A 70 -0.05 3.83 3.66
N ARG A 71 0.78 3.97 4.70
CA ARG A 71 2.10 4.60 4.54
C ARG A 71 3.13 3.78 3.73
N LEU A 72 2.73 2.72 3.03
CA LEU A 72 3.52 2.13 1.95
C LEU A 72 3.01 2.51 0.56
N ILE A 73 1.76 2.97 0.41
CA ILE A 73 1.15 3.15 -0.91
C ILE A 73 1.69 4.44 -1.52
N LYS A 74 1.26 5.62 -1.07
CA LYS A 74 1.70 6.91 -1.65
C LYS A 74 3.21 7.01 -1.85
N TYR A 75 4.01 6.43 -0.94
CA TYR A 75 5.44 6.34 -1.05
C TYR A 75 5.85 5.61 -2.33
N ALA A 76 5.43 4.36 -2.51
CA ALA A 76 5.76 3.53 -3.67
C ALA A 76 5.06 3.98 -4.98
N VAL A 77 3.83 4.50 -4.88
CA VAL A 77 3.01 4.89 -6.03
C VAL A 77 3.79 5.86 -6.92
N GLY A 78 4.36 6.92 -6.33
CA GLY A 78 5.07 7.95 -7.05
C GLY A 78 6.47 7.54 -7.52
N LYS A 79 6.75 6.23 -7.68
CA LYS A 79 8.09 5.70 -7.97
C LYS A 79 8.01 4.57 -8.99
N SER A 80 7.30 3.50 -8.65
CA SER A 80 7.31 2.26 -9.41
C SER A 80 7.05 2.50 -10.91
N GLY A 81 6.01 3.27 -11.25
CA GLY A 81 5.64 3.60 -12.61
C GLY A 81 4.20 3.21 -12.96
N SER A 82 3.89 3.38 -14.25
CA SER A 82 2.61 3.32 -14.94
C SER A 82 1.92 1.96 -14.91
N GLU A 83 2.53 0.95 -14.30
CA GLU A 83 1.91 -0.32 -13.97
C GLU A 83 1.28 -0.17 -12.59
N PHE A 84 2.10 -0.20 -11.54
CA PHE A 84 1.67 -0.19 -10.14
C PHE A 84 0.72 0.95 -9.81
N ARG A 85 0.96 2.18 -10.30
CA ARG A 85 0.05 3.27 -9.95
C ARG A 85 -1.37 2.95 -10.45
N ARG A 86 -1.51 2.43 -11.67
CA ARG A 86 -2.81 2.12 -12.26
C ARG A 86 -3.43 0.90 -11.58
N GLU A 87 -2.63 -0.08 -11.17
CA GLU A 87 -3.15 -1.20 -10.38
C GLU A 87 -3.82 -0.69 -9.10
N MET A 88 -3.13 0.17 -8.34
CA MET A 88 -3.70 0.75 -7.13
C MET A 88 -5.03 1.45 -7.42
N GLN A 89 -5.18 2.19 -8.52
CA GLN A 89 -6.43 2.88 -8.88
C GLN A 89 -7.63 1.93 -8.90
N ARG A 90 -7.49 0.75 -9.53
CA ARG A 90 -8.61 -0.18 -9.71
C ARG A 90 -9.19 -0.64 -8.37
N ASN A 91 -8.34 -0.78 -7.36
CA ASN A 91 -8.71 -1.41 -6.08
C ASN A 91 -8.60 -0.39 -4.93
N SER A 92 -8.44 0.89 -5.28
CA SER A 92 -8.36 2.06 -4.42
C SER A 92 -9.57 2.18 -3.47
N VAL A 93 -10.70 1.54 -3.80
CA VAL A 93 -11.86 1.49 -2.94
C VAL A 93 -11.51 0.94 -1.57
N ALA A 94 -10.53 0.03 -1.46
CA ALA A 94 -10.17 -0.56 -0.19
C ALA A 94 -9.71 0.53 0.79
N VAL A 95 -8.93 1.48 0.27
CA VAL A 95 -8.42 2.61 1.01
C VAL A 95 -9.53 3.64 1.22
N ARG A 96 -10.25 4.03 0.16
CA ARG A 96 -11.33 5.03 0.23
C ARG A 96 -12.36 4.63 1.28
N ASN A 97 -12.69 3.35 1.35
CA ASN A 97 -13.65 2.80 2.30
C ASN A 97 -13.25 3.11 3.74
N LEU A 98 -11.95 3.09 4.05
CA LEU A 98 -11.39 3.35 5.38
C LEU A 98 -11.36 4.82 5.79
N PHE A 99 -11.75 5.76 4.92
CA PHE A 99 -11.84 7.18 5.25
C PHE A 99 -12.61 7.42 6.55
N HIS A 100 -13.52 6.51 6.94
CA HIS A 100 -14.32 6.61 8.15
C HIS A 100 -14.21 5.35 9.02
N TYR A 101 -13.04 4.70 9.03
CA TYR A 101 -12.77 3.57 9.93
C TYR A 101 -12.87 4.02 11.39
N LYS A 102 -13.29 3.11 12.27
CA LYS A 102 -13.23 3.28 13.72
C LYS A 102 -12.93 1.95 14.42
N GLY A 103 -13.67 0.87 14.15
CA GLY A 103 -13.57 -0.36 14.91
C GLY A 103 -13.87 -0.12 16.40
N HIS A 104 -13.36 -1.01 17.25
CA HIS A 104 -13.32 -0.80 18.70
C HIS A 104 -12.13 0.09 19.03
N PRO A 105 -12.21 0.88 20.13
CA PRO A 105 -11.05 1.57 20.66
C PRO A 105 -10.12 0.57 21.34
N ASP A 106 -9.01 1.10 21.88
CA ASP A 106 -7.84 0.32 22.24
C ASP A 106 -7.45 0.50 23.71
N PRO A 107 -6.75 -0.48 24.32
CA PRO A 107 -6.48 -0.54 25.76
C PRO A 107 -5.56 0.56 26.29
N LEU A 108 -4.73 1.11 25.43
CA LEU A 108 -3.82 2.21 25.72
C LEU A 108 -3.87 3.28 24.65
N LYS A 109 -4.27 2.92 23.44
CA LYS A 109 -4.25 3.83 22.31
C LYS A 109 -5.62 4.49 22.09
N GLY A 110 -6.63 4.11 22.87
CA GLY A 110 -8.01 4.58 22.77
C GLY A 110 -8.45 4.65 21.32
N ASP A 111 -8.69 5.87 20.82
CA ASP A 111 -9.19 6.13 19.48
C ASP A 111 -8.11 6.86 18.66
N ALA A 112 -6.85 6.40 18.75
CA ALA A 112 -5.70 6.99 18.06
C ALA A 112 -5.20 6.10 16.94
N LEU A 113 -5.07 4.79 17.19
CA LEU A 113 -4.63 3.83 16.18
C LEU A 113 -5.66 3.80 15.06
N ASN A 114 -6.95 3.77 15.40
CA ASN A 114 -8.02 3.86 14.41
C ASN A 114 -8.08 5.22 13.71
N LYS A 115 -7.76 6.32 14.39
CA LYS A 115 -7.64 7.64 13.74
C LYS A 115 -6.54 7.60 12.69
N ALA A 116 -5.42 6.96 13.00
CA ALA A 116 -4.37 6.75 12.01
C ALA A 116 -4.88 5.97 10.77
N VAL A 117 -5.98 5.23 10.85
CA VAL A 117 -6.64 4.62 9.69
C VAL A 117 -7.67 5.56 9.05
N ARG A 118 -8.17 6.60 9.73
CA ARG A 118 -9.17 7.54 9.21
C ARG A 118 -8.59 8.74 8.44
N GLU A 119 -7.27 8.94 8.38
CA GLU A 119 -6.65 10.14 7.78
C GLU A 119 -5.66 9.79 6.67
N THR A 120 -4.59 9.05 6.95
CA THR A 120 -3.58 8.56 6.00
C THR A 120 -4.22 7.97 4.72
N ALA A 121 -5.43 7.41 4.80
CA ALA A 121 -6.21 6.93 3.68
C ALA A 121 -6.52 8.06 2.69
N HIS A 122 -6.87 9.26 3.15
CA HIS A 122 -7.11 10.43 2.31
C HIS A 122 -5.85 10.78 1.52
N GLU A 123 -4.70 10.86 2.20
CA GLU A 123 -3.40 11.09 1.57
C GLU A 123 -3.13 10.06 0.48
N THR A 124 -3.44 8.81 0.75
CA THR A 124 -3.22 7.71 -0.18
C THR A 124 -3.89 7.99 -1.52
N ILE A 125 -5.14 8.43 -1.49
CA ILE A 125 -5.91 8.67 -2.71
C ILE A 125 -5.27 9.80 -3.51
N SER A 126 -4.79 10.82 -2.80
CA SER A 126 -4.00 11.90 -3.40
C SER A 126 -2.72 11.44 -4.13
N ALA A 127 -2.26 10.20 -3.93
CA ALA A 127 -1.13 9.61 -4.64
C ALA A 127 -1.59 8.59 -5.69
N ILE A 128 -2.56 7.73 -5.37
CA ILE A 128 -3.14 6.73 -6.28
C ILE A 128 -3.48 7.38 -7.64
N PHE A 129 -4.04 8.59 -7.62
CA PHE A 129 -4.48 9.28 -8.82
C PHE A 129 -3.52 10.41 -9.24
N SER A 130 -2.36 10.51 -8.60
CA SER A 130 -1.35 11.53 -8.92
C SER A 130 -0.83 11.33 -10.34
N GLU A 131 -0.23 12.37 -10.92
CA GLU A 131 0.29 12.37 -12.28
C GLU A 131 1.80 12.68 -12.24
N GLU A 132 2.49 12.53 -13.37
CA GLU A 132 3.92 12.78 -13.55
C GLU A 132 4.17 13.59 -14.84
N ASN A 133 3.12 14.02 -15.51
CA ASN A 133 3.13 15.18 -16.39
C ASN A 133 3.32 16.45 -15.56
N GLY A 134 3.40 17.59 -16.24
CA GLY A 134 2.91 18.87 -15.75
C GLY A 134 1.76 19.27 -16.67
N SER A 135 1.14 20.42 -16.40
CA SER A 135 -0.02 20.92 -17.16
C SER A 135 0.34 21.43 -18.58
N GLY A 136 1.53 21.10 -19.09
CA GLY A 136 2.00 21.45 -20.43
C GLY A 136 1.73 20.30 -21.39
N PRO A 137 2.50 19.20 -21.32
CA PRO A 137 2.29 18.00 -22.12
C PRO A 137 1.14 17.17 -21.54
N SER A 138 0.87 16.02 -22.15
CA SER A 138 -0.21 15.12 -21.73
C SER A 138 -1.58 15.80 -21.75
N SER A 139 -1.75 16.85 -22.54
CA SER A 139 -3.00 17.52 -22.86
C SER A 139 -3.06 17.59 -24.39
N GLY A 140 -4.25 17.56 -24.98
CA GLY A 140 -4.44 17.54 -26.43
C GLY A 140 -5.67 16.74 -26.79
#